data_6TSH
#
_entry.id   6TSH
#
_cell.length_a   1.00
_cell.length_b   1.00
_cell.length_c   1.00
_cell.angle_alpha   90.00
_cell.angle_beta   90.00
_cell.angle_gamma   90.00
#
_symmetry.space_group_name_H-M   'P 1'
#
loop_
_entity.id
_entity.type
_entity.pdbx_description
1 polymer Beta-galactosidase
2 non-polymer 'MAGNESIUM ION'
3 non-polymer (2R,3S,4R,5S)-2-(hydroxymethyl)piperidine-3,4,5-triol
4 water water
#
_entity_poly.entity_id   1
_entity_poly.type   'polypeptide(L)'
_entity_poly.pdbx_seq_one_letter_code
;MGSSHHHHHHSSGLVPRGSHMLEDPVVLQRRDWENPGVTQLNRLAAHPPFASWRNSEEARTDRPSQQLRSLNGEWRFAWF
PAPEAVPESWLECDLPEADTVVVPSNWQMHGYDAPIYTNVTYPITVNPPFVPTENPTGCYSLTFNVDESWLQEGQTRIIF
DGVNSAFHLWCNGRWVGYGQDSRLPSEFDLSAFLRAGENRLAVMVLRWSDGSYLEDQDMWRMSGIFRDVSLLHKPTTQIS
DFHVATRFNDDFSRAVLEAEVQMCGELRDYLRVTVSLWQGETQVASGTAPFGGEIIDERGGYADRVTLRLNVENPKLWSA
EIPNLYRAVVELHTADGTLIEAEACDVGFREVRIENGLLLLNGKPLLIRGVNRHEHHPLHGQVMDEQTMVQDILLMKQNN
FNAVRCSHYPNHPLWYTLCDRYGLYVVDEANIETHGMVPMNRLTDDPRWLPAMSERVTRMVQRDRNHPSVIIWSLGNESG
HGANHDALYRWIKSVDPSRPVQYEGGGADTTATDIICPMYARVDEDQPFPAVPKWSIKKWLSLPGETRPLILCEYAHAMG
NSLGGFAKYWQAFRQYPRLQGGFVWDWVDQSLIKYDENGNPWSAYGGDFGDTPNDRQFCMNGLVFADRTPHPALTEAKHQ
QQFFQFRLSGQTIEVTSEYLFRHSDNELLHWMVALDGKPLASGEVPLDVAPQGKQLIELPELPQPESAGQLWLTVRVVQP
NATAWSEAGHISAWQQWRLAENLSVTLPAASHAIPHLTTSEMDFCIELGNKRWQFNRQSGFLSQMWIGDKKQLLTPLRDQ
FTRAPLDNDIGVSEATRIDPNAWVERWKAAGHYQAEAALLQCTADTLADAVLITTAHAWQHQGKTLFISRKTYRIDGSGQ
MAITVDVEVASDTPHPARIGLNCQLAQVAERVNWLGLGPQENYPDRLTAACFDRWDLPLSDMYTPYVFPSENGLRCGTRE
LNYGPHQWRGDFQFNISRYSQQQLMETSHRHLLHAEEGTWLNIDGFHMGIGGDDSWSPSVSAEFQLSAGRYHYQLVWCQK
;
_entity_poly.pdbx_strand_id   A,B,C,D
#
# COMPACT_ATOMS: atom_id res chain seq x y z
N VAL A 26 -19.29 -56.02 11.56
CA VAL A 26 -18.39 -55.13 10.74
C VAL A 26 -18.56 -53.67 11.18
N VAL A 27 -19.79 -53.31 11.57
CA VAL A 27 -20.15 -51.94 11.94
C VAL A 27 -19.63 -51.63 13.35
N LEU A 28 -19.82 -52.54 14.31
CA LEU A 28 -19.28 -52.31 15.66
C LEU A 28 -17.78 -52.66 15.72
N GLN A 29 -17.26 -53.23 14.63
CA GLN A 29 -15.83 -53.56 14.52
C GLN A 29 -15.01 -52.33 14.10
N ARG A 30 -15.52 -51.52 13.15
CA ARG A 30 -14.79 -50.32 12.72
C ARG A 30 -14.94 -49.16 13.71
N ARG A 31 -16.10 -49.01 14.37
CA ARG A 31 -16.33 -47.86 15.32
C ARG A 31 -15.96 -46.54 14.62
N ASP A 32 -16.67 -46.22 13.54
CA ASP A 32 -16.45 -45.00 12.77
C ASP A 32 -16.77 -43.72 13.55
N TRP A 33 -17.55 -43.83 14.63
CA TRP A 33 -17.92 -42.68 15.44
C TRP A 33 -16.81 -42.29 16.42
N GLU A 34 -15.69 -43.01 16.45
CA GLU A 34 -14.55 -42.65 17.34
C GLU A 34 -13.28 -42.42 16.53
N ASN A 35 -13.41 -41.69 15.42
CA ASN A 35 -12.36 -41.61 14.41
C ASN A 35 -12.54 -40.30 13.64
N PRO A 36 -11.77 -39.27 13.95
CA PRO A 36 -12.01 -37.99 13.25
C PRO A 36 -11.67 -38.00 11.75
N GLY A 37 -10.98 -39.03 11.25
CA GLY A 37 -10.66 -39.12 9.82
C GLY A 37 -11.82 -39.70 8.99
N VAL A 38 -12.86 -40.26 9.61
CA VAL A 38 -14.03 -40.75 8.88
C VAL A 38 -15.24 -39.90 9.27
N THR A 39 -15.66 -39.00 8.40
CA THR A 39 -16.82 -38.16 8.70
C THR A 39 -18.05 -38.64 7.94
N GLN A 40 -17.90 -39.57 6.98
CA GLN A 40 -19.01 -40.10 6.18
C GLN A 40 -18.58 -41.35 5.40
N LEU A 41 -19.51 -42.22 5.04
CA LEU A 41 -19.26 -43.27 4.05
C LEU A 41 -20.43 -43.27 3.06
N ASN A 42 -20.15 -43.15 1.77
CA ASN A 42 -21.13 -43.24 0.65
C ASN A 42 -22.12 -42.08 0.61
N ARG A 43 -21.75 -40.94 1.15
CA ARG A 43 -22.62 -39.79 1.17
C ARG A 43 -22.43 -39.02 -0.14
N LEU A 44 -23.48 -38.50 -0.76
CA LEU A 44 -23.34 -37.77 -2.06
C LEU A 44 -22.85 -36.34 -1.80
N ALA A 45 -22.32 -35.67 -2.84
CA ALA A 45 -21.84 -34.26 -2.75
C ALA A 45 -22.95 -33.30 -2.26
N ALA A 46 -22.53 -32.18 -1.64
CA ALA A 46 -23.45 -31.14 -1.17
C ALA A 46 -23.83 -30.24 -2.37
N HIS A 47 -25.01 -29.61 -2.32
CA HIS A 47 -25.52 -28.78 -3.44
C HIS A 47 -26.64 -27.88 -2.91
N PRO A 48 -27.04 -26.84 -3.67
CA PRO A 48 -28.22 -26.02 -3.29
C PRO A 48 -29.50 -26.87 -3.32
N PRO A 49 -30.59 -26.40 -2.67
CA PRO A 49 -31.84 -27.22 -2.59
C PRO A 49 -32.46 -27.50 -3.97
N PHE A 50 -32.86 -28.76 -4.21
CA PHE A 50 -33.40 -29.23 -5.50
C PHE A 50 -34.79 -29.86 -5.29
N ALA A 51 -35.66 -29.75 -6.30
CA ALA A 51 -36.99 -30.37 -6.23
C ALA A 51 -37.26 -31.25 -7.46
N SER A 52 -36.39 -31.16 -8.48
CA SER A 52 -36.49 -31.93 -9.72
C SER A 52 -37.90 -31.81 -10.34
N TRP A 53 -38.28 -30.62 -10.78
CA TRP A 53 -39.56 -30.43 -11.47
C TRP A 53 -39.47 -31.00 -12.89
N ARG A 54 -40.58 -31.44 -13.47
CA ARG A 54 -40.56 -32.01 -14.85
C ARG A 54 -41.39 -31.12 -15.77
N ASN A 55 -41.57 -29.87 -15.32
CA ASN A 55 -42.44 -28.88 -15.95
C ASN A 55 -41.99 -27.49 -15.50
N SER A 56 -41.61 -26.63 -16.45
CA SER A 56 -41.03 -25.28 -16.19
C SER A 56 -42.01 -24.37 -15.44
N GLU A 57 -43.28 -24.39 -15.82
CA GLU A 57 -44.31 -23.58 -15.15
C GLU A 57 -44.39 -23.93 -13.65
N GLU A 58 -44.39 -25.21 -13.32
CA GLU A 58 -44.39 -25.66 -11.93
C GLU A 58 -43.16 -25.06 -11.20
N ALA A 59 -42.00 -25.08 -11.86
CA ALA A 59 -40.75 -24.60 -11.25
C ALA A 59 -40.83 -23.09 -11.02
N ARG A 60 -41.37 -22.35 -11.98
CA ARG A 60 -41.47 -20.88 -11.93
C ARG A 60 -42.36 -20.46 -10.75
N THR A 61 -43.51 -21.12 -10.59
CA THR A 61 -44.51 -20.69 -9.58
C THR A 61 -44.25 -21.35 -8.22
N ASP A 62 -43.20 -22.19 -8.14
CA ASP A 62 -42.78 -22.84 -6.88
C ASP A 62 -43.84 -23.81 -6.30
N ARG A 63 -44.59 -24.47 -7.18
CA ARG A 63 -45.58 -25.47 -6.77
C ARG A 63 -44.87 -26.72 -6.26
N PRO A 64 -45.54 -27.54 -5.41
CA PRO A 64 -44.97 -28.84 -4.95
C PRO A 64 -44.63 -29.80 -6.10
N SER A 65 -43.50 -30.47 -5.95
CA SER A 65 -42.97 -31.38 -6.96
C SER A 65 -43.43 -32.82 -6.64
N GLN A 66 -43.92 -33.56 -7.63
CA GLN A 66 -44.22 -35.01 -7.47
C GLN A 66 -42.93 -35.82 -7.25
N GLN A 67 -41.77 -35.27 -7.60
CA GLN A 67 -40.54 -36.04 -7.55
C GLN A 67 -39.89 -35.93 -6.16
N LEU A 68 -40.41 -35.04 -5.31
CA LEU A 68 -39.89 -34.82 -3.95
C LEU A 68 -40.96 -35.26 -2.95
N ARG A 69 -40.70 -36.35 -2.26
CA ARG A 69 -41.68 -36.97 -1.38
C ARG A 69 -41.19 -36.91 0.07
N SER A 70 -42.01 -36.38 0.99
CA SER A 70 -41.69 -36.30 2.44
C SER A 70 -41.92 -37.65 3.15
N LEU A 71 -41.02 -38.05 4.05
CA LEU A 71 -41.19 -39.28 4.91
C LEU A 71 -41.45 -38.90 6.38
N ASN A 72 -41.72 -37.63 6.65
CA ASN A 72 -42.18 -37.18 7.97
C ASN A 72 -43.49 -37.90 8.33
N GLY A 73 -43.67 -38.15 9.61
CA GLY A 73 -44.84 -38.85 10.13
C GLY A 73 -44.46 -39.82 11.23
N GLU A 74 -45.13 -40.96 11.29
CA GLU A 74 -44.96 -41.95 12.36
C GLU A 74 -43.92 -43.00 11.97
N TRP A 75 -42.87 -43.10 12.78
CA TRP A 75 -41.84 -44.13 12.60
C TRP A 75 -41.85 -45.01 13.84
N ARG A 76 -41.17 -46.14 13.78
CA ARG A 76 -41.01 -46.99 14.95
C ARG A 76 -39.70 -46.59 15.63
N PHE A 77 -39.60 -46.72 16.96
CA PHE A 77 -38.42 -46.26 17.70
C PHE A 77 -38.18 -47.13 18.94
N ALA A 78 -36.93 -47.54 19.14
CA ALA A 78 -36.52 -48.18 20.37
C ALA A 78 -35.21 -47.53 20.85
N TRP A 79 -35.03 -47.45 22.17
CA TRP A 79 -33.87 -46.83 22.82
C TRP A 79 -32.98 -47.92 23.42
N PHE A 80 -31.66 -47.76 23.29
CA PHE A 80 -30.71 -48.71 23.87
C PHE A 80 -29.56 -47.95 24.56
N PRO A 81 -29.00 -48.55 25.62
CA PRO A 81 -27.95 -47.82 26.37
C PRO A 81 -26.59 -47.71 25.63
N ALA A 82 -26.34 -48.57 24.64
CA ALA A 82 -25.08 -48.59 23.85
C ALA A 82 -25.34 -49.23 22.49
N PRO A 83 -24.45 -49.00 21.50
CA PRO A 83 -24.64 -49.64 20.18
C PRO A 83 -24.46 -51.18 20.18
N GLU A 84 -23.75 -51.74 21.15
CA GLU A 84 -23.51 -53.20 21.26
C GLU A 84 -24.74 -53.93 21.82
N ALA A 85 -25.74 -53.20 22.29
CA ALA A 85 -26.92 -53.82 22.90
C ALA A 85 -28.06 -53.97 21.89
N VAL A 86 -27.88 -53.47 20.68
CA VAL A 86 -28.91 -53.56 19.63
C VAL A 86 -28.92 -55.00 19.09
N PRO A 87 -30.08 -55.70 19.14
CA PRO A 87 -30.20 -57.06 18.57
C PRO A 87 -30.00 -57.06 17.05
N GLU A 88 -29.41 -58.14 16.52
CA GLU A 88 -29.16 -58.32 15.07
C GLU A 88 -30.49 -58.35 14.29
N SER A 89 -31.55 -58.91 14.88
CA SER A 89 -32.86 -59.07 14.20
C SER A 89 -33.43 -57.72 13.72
N TRP A 90 -33.05 -56.62 14.39
CA TRP A 90 -33.63 -55.30 14.13
C TRP A 90 -33.40 -54.86 12.68
N LEU A 91 -32.27 -55.25 12.10
CA LEU A 91 -31.94 -55.01 10.67
C LEU A 91 -32.99 -55.67 9.76
N GLU A 92 -33.42 -56.89 10.11
CA GLU A 92 -34.34 -57.63 9.25
C GLU A 92 -35.76 -57.10 9.40
N CYS A 93 -36.25 -57.00 10.63
CA CYS A 93 -37.65 -56.67 10.86
C CYS A 93 -37.83 -55.91 12.19
N ASP A 94 -39.04 -55.38 12.37
CA ASP A 94 -39.45 -54.63 13.55
C ASP A 94 -39.29 -55.35 14.87
N LEU A 95 -38.84 -54.60 15.89
CA LEU A 95 -38.81 -55.09 17.28
C LEU A 95 -40.22 -54.97 17.89
N PRO A 96 -40.65 -56.00 18.65
CA PRO A 96 -41.98 -55.98 19.31
C PRO A 96 -42.14 -54.86 20.36
N GLU A 97 -41.06 -54.52 21.06
CA GLU A 97 -41.08 -53.55 22.18
C GLU A 97 -40.83 -52.10 21.70
N ALA A 98 -40.74 -51.86 20.39
CA ALA A 98 -40.64 -50.49 19.85
C ALA A 98 -42.01 -49.77 19.91
N ASP A 99 -41.93 -48.46 20.04
CA ASP A 99 -43.06 -47.58 20.12
C ASP A 99 -43.22 -46.82 18.81
N THR A 100 -44.37 -46.22 18.61
CA THR A 100 -44.61 -45.32 17.48
C THR A 100 -44.32 -43.89 17.94
N VAL A 101 -43.50 -43.17 17.18
CA VAL A 101 -43.13 -41.78 17.53
C VAL A 101 -43.16 -40.92 16.25
N VAL A 102 -43.32 -39.63 16.43
CA VAL A 102 -43.35 -38.66 15.31
C VAL A 102 -41.90 -38.29 14.93
N VAL A 103 -41.56 -38.37 13.66
CA VAL A 103 -40.33 -37.80 13.11
C VAL A 103 -40.72 -36.58 12.28
N PRO A 104 -40.05 -35.43 12.38
CA PRO A 104 -38.85 -35.19 13.23
C PRO A 104 -39.13 -34.94 14.72
N SER A 105 -38.18 -35.36 15.57
CA SER A 105 -38.25 -35.11 17.02
C SER A 105 -36.88 -35.30 17.65
N ASN A 106 -36.74 -34.89 18.91
CA ASN A 106 -35.59 -35.25 19.77
C ASN A 106 -36.07 -36.32 20.74
N TRP A 107 -35.28 -37.35 21.02
CA TRP A 107 -35.88 -38.42 21.83
C TRP A 107 -35.97 -38.02 23.33
N GLN A 108 -35.21 -37.01 23.78
CA GLN A 108 -35.25 -36.54 25.18
C GLN A 108 -36.61 -35.87 25.46
N MET A 109 -37.27 -35.35 24.44
CA MET A 109 -38.57 -34.70 24.61
C MET A 109 -39.69 -35.75 24.76
N HIS A 110 -39.40 -37.03 24.52
CA HIS A 110 -40.43 -38.07 24.71
C HIS A 110 -40.16 -38.88 25.98
N GLY A 111 -39.08 -38.54 26.69
CA GLY A 111 -38.80 -39.12 28.00
C GLY A 111 -37.93 -40.36 27.96
N TYR A 112 -37.05 -40.54 26.95
CA TYR A 112 -36.21 -41.75 26.92
C TYR A 112 -34.90 -41.56 27.69
N ASP A 113 -34.37 -40.34 27.71
CA ASP A 113 -33.31 -39.96 28.68
C ASP A 113 -33.32 -38.45 28.87
N ALA A 114 -32.44 -37.93 29.71
CA ALA A 114 -32.56 -36.52 30.11
C ALA A 114 -31.86 -35.61 29.10
N PRO A 115 -32.45 -34.44 28.81
CA PRO A 115 -31.69 -33.37 28.13
C PRO A 115 -30.60 -32.85 29.10
N ILE A 116 -29.45 -32.43 28.59
CA ILE A 116 -28.36 -31.96 29.47
C ILE A 116 -28.09 -30.47 29.16
N TYR A 117 -28.14 -29.58 30.14
CA TYR A 117 -27.73 -28.20 29.84
C TYR A 117 -26.35 -27.92 30.44
N THR A 118 -25.34 -27.76 29.60
CA THR A 118 -23.98 -27.40 30.05
C THR A 118 -23.46 -26.27 29.16
N ASN A 119 -22.75 -25.30 29.74
CA ASN A 119 -22.25 -24.16 28.97
C ASN A 119 -20.90 -24.55 28.34
N VAL A 120 -19.83 -24.63 29.14
CA VAL A 120 -18.46 -24.77 28.64
C VAL A 120 -18.01 -26.23 28.75
N THR A 121 -18.05 -26.82 29.95
CA THR A 121 -17.60 -28.19 30.19
C THR A 121 -18.31 -29.17 29.23
N TYR A 122 -17.54 -30.00 28.50
CA TYR A 122 -18.15 -31.06 27.62
C TYR A 122 -19.00 -32.01 28.47
N PRO A 123 -20.14 -32.46 27.92
CA PRO A 123 -21.04 -33.37 28.71
C PRO A 123 -20.52 -34.82 28.78
N ILE A 124 -19.28 -35.06 28.34
CA ILE A 124 -18.60 -36.40 28.36
C ILE A 124 -17.15 -36.20 28.84
N THR A 125 -16.44 -37.26 29.23
CA THR A 125 -14.99 -37.15 29.58
C THR A 125 -14.19 -36.63 28.36
N VAL A 126 -13.34 -35.61 28.54
CA VAL A 126 -12.53 -35.07 27.43
C VAL A 126 -11.35 -36.02 27.16
N ASN A 127 -11.49 -36.87 26.14
CA ASN A 127 -10.42 -37.80 25.77
C ASN A 127 -10.41 -37.97 24.24
N PRO A 128 -10.17 -36.88 23.49
CA PRO A 128 -10.39 -36.99 22.04
C PRO A 128 -9.44 -38.02 21.41
N PRO A 129 -9.92 -38.81 20.44
CA PRO A 129 -11.31 -38.73 19.88
C PRO A 129 -12.31 -39.75 20.46
N PHE A 130 -12.06 -40.26 21.66
CA PHE A 130 -12.87 -41.34 22.19
C PHE A 130 -14.13 -40.79 22.85
N VAL A 131 -15.16 -41.62 22.89
CA VAL A 131 -16.37 -41.27 23.58
C VAL A 131 -16.70 -42.41 24.55
N PRO A 132 -17.60 -42.17 25.54
CA PRO A 132 -17.89 -43.23 26.54
C PRO A 132 -18.48 -44.49 25.89
N THR A 133 -18.34 -45.65 26.53
CA THR A 133 -18.94 -46.91 26.00
C THR A 133 -20.46 -46.93 26.23
N GLU A 134 -20.91 -46.28 27.30
CA GLU A 134 -22.31 -45.98 27.56
C GLU A 134 -22.76 -44.82 26.66
N ASN A 135 -23.16 -45.13 25.42
CA ASN A 135 -23.43 -44.15 24.35
C ASN A 135 -24.89 -44.37 23.89
N PRO A 136 -25.85 -43.71 24.52
CA PRO A 136 -27.28 -43.95 24.23
C PRO A 136 -27.54 -43.97 22.71
N THR A 137 -28.42 -44.86 22.27
CA THR A 137 -28.57 -45.21 20.87
C THR A 137 -30.07 -45.23 20.52
N GLY A 138 -30.47 -44.50 19.49
CA GLY A 138 -31.87 -44.54 19.11
C GLY A 138 -32.03 -45.31 17.82
N CYS A 139 -32.89 -46.32 17.80
CA CYS A 139 -33.13 -47.10 16.56
C CYS A 139 -34.49 -46.72 15.96
N TYR A 140 -34.43 -46.06 14.81
CA TYR A 140 -35.64 -45.68 14.11
C TYR A 140 -35.86 -46.62 12.93
N SER A 141 -37.12 -46.80 12.52
CA SER A 141 -37.41 -47.58 11.30
C SER A 141 -38.73 -47.17 10.68
N LEU A 142 -38.81 -47.31 9.37
CA LEU A 142 -40.01 -46.95 8.63
C LEU A 142 -40.25 -48.01 7.55
N THR A 143 -41.51 -48.41 7.39
CA THR A 143 -41.95 -49.22 6.26
C THR A 143 -42.70 -48.29 5.29
N PHE A 144 -42.33 -48.30 4.00
CA PHE A 144 -42.94 -47.36 3.02
C PHE A 144 -43.07 -48.03 1.64
N ASN A 145 -43.95 -47.48 0.81
CA ASN A 145 -44.17 -47.96 -0.56
C ASN A 145 -43.42 -47.06 -1.56
N VAL A 146 -42.72 -47.65 -2.53
CA VAL A 146 -42.18 -46.87 -3.66
C VAL A 146 -42.95 -47.25 -4.93
N ASP A 147 -43.39 -46.24 -5.67
CA ASP A 147 -44.03 -46.41 -6.99
C ASP A 147 -43.10 -47.12 -8.00
N GLU A 148 -43.67 -47.97 -8.84
CA GLU A 148 -42.94 -48.79 -9.83
C GLU A 148 -42.17 -47.90 -10.83
N SER A 149 -42.71 -46.73 -11.20
CA SER A 149 -42.06 -45.83 -12.17
C SER A 149 -40.72 -45.28 -11.64
N TRP A 150 -40.51 -45.32 -10.33
CA TRP A 150 -39.29 -44.78 -9.71
C TRP A 150 -38.11 -45.76 -9.85
N LEU A 151 -38.40 -47.03 -10.15
CA LEU A 151 -37.37 -48.06 -10.18
C LEU A 151 -36.98 -48.44 -11.61
N GLN A 152 -37.82 -48.09 -12.58
CA GLN A 152 -37.57 -48.37 -13.99
C GLN A 152 -36.38 -47.53 -14.51
N GLU A 153 -36.39 -46.23 -14.22
CA GLU A 153 -35.35 -45.32 -14.70
C GLU A 153 -35.05 -44.26 -13.64
N GLY A 154 -33.85 -43.70 -13.72
CA GLY A 154 -33.45 -42.56 -12.89
C GLY A 154 -32.81 -42.96 -11.57
N GLN A 155 -32.50 -41.95 -10.78
CA GLN A 155 -31.82 -42.13 -9.51
C GLN A 155 -32.79 -41.78 -8.37
N THR A 156 -32.86 -42.62 -7.33
CA THR A 156 -33.62 -42.27 -6.12
C THR A 156 -32.68 -42.02 -4.94
N ARG A 157 -32.82 -40.88 -4.28
CA ARG A 157 -31.94 -40.60 -3.12
C ARG A 157 -32.77 -40.31 -1.86
N ILE A 158 -32.26 -40.69 -0.70
CA ILE A 158 -32.87 -40.26 0.58
C ILE A 158 -32.09 -39.07 1.15
N ILE A 159 -32.79 -38.12 1.75
CA ILE A 159 -32.15 -36.92 2.31
C ILE A 159 -32.55 -36.78 3.78
N PHE A 160 -31.57 -36.80 4.67
CA PHE A 160 -31.82 -36.45 6.09
C PHE A 160 -31.39 -35.00 6.30
N ASP A 161 -32.30 -34.10 6.61
CA ASP A 161 -31.89 -32.71 6.80
C ASP A 161 -31.06 -32.43 8.08
N GLY A 162 -31.15 -33.27 9.11
CA GLY A 162 -30.30 -33.13 10.29
C GLY A 162 -30.49 -34.30 11.23
N VAL A 163 -29.38 -34.92 11.66
CA VAL A 163 -29.44 -36.04 12.59
C VAL A 163 -28.37 -35.83 13.64
N ASN A 164 -28.70 -36.00 14.92
CA ASN A 164 -27.76 -35.62 15.96
C ASN A 164 -27.38 -36.86 16.81
N SER A 165 -26.12 -37.31 16.91
CA SER A 165 -24.94 -36.65 16.30
C SER A 165 -24.33 -37.44 15.12
N ALA A 166 -24.54 -38.75 15.04
CA ALA A 166 -23.94 -39.60 13.98
C ALA A 166 -24.88 -40.77 13.73
N PHE A 167 -24.85 -41.39 12.54
CA PHE A 167 -25.80 -42.50 12.31
C PHE A 167 -25.31 -43.46 11.22
N HIS A 168 -25.75 -44.72 11.28
CA HIS A 168 -25.65 -45.68 10.17
C HIS A 168 -27.04 -45.88 9.57
N LEU A 169 -27.14 -46.15 8.28
CA LEU A 169 -28.40 -46.35 7.59
C LEU A 169 -28.41 -47.73 6.89
N TRP A 170 -29.51 -48.46 6.99
CA TRP A 170 -29.71 -49.76 6.27
C TRP A 170 -30.99 -49.61 5.46
N CYS A 171 -31.00 -50.21 4.27
CA CYS A 171 -32.24 -50.31 3.52
C CYS A 171 -32.44 -51.79 3.14
N ASN A 172 -33.62 -52.32 3.42
CA ASN A 172 -33.96 -53.77 3.19
C ASN A 172 -32.89 -54.71 3.75
N GLY A 173 -32.30 -54.36 4.89
CA GLY A 173 -31.32 -55.23 5.54
C GLY A 173 -29.89 -54.95 5.11
N ARG A 174 -29.66 -54.12 4.10
CA ARG A 174 -28.31 -53.95 3.56
C ARG A 174 -27.75 -52.57 3.93
N TRP A 175 -26.48 -52.52 4.32
CA TRP A 175 -25.91 -51.31 4.82
C TRP A 175 -25.71 -50.29 3.69
N VAL A 176 -26.12 -49.05 3.93
CA VAL A 176 -26.06 -48.05 2.87
C VAL A 176 -24.91 -47.09 3.13
N GLY A 177 -24.79 -46.55 4.35
CA GLY A 177 -23.75 -45.54 4.62
C GLY A 177 -23.79 -45.01 6.04
N TYR A 178 -22.97 -44.01 6.31
CA TYR A 178 -22.72 -43.43 7.61
C TYR A 178 -22.61 -41.90 7.45
N GLY A 179 -23.14 -41.09 8.37
CA GLY A 179 -22.83 -39.63 8.35
C GLY A 179 -22.60 -39.03 9.74
N GLN A 180 -21.89 -37.90 9.81
CA GLN A 180 -21.71 -37.03 11.02
C GLN A 180 -22.05 -35.56 10.67
N ASP A 181 -21.78 -34.58 11.56
CA ASP A 181 -22.30 -33.12 11.47
C ASP A 181 -23.85 -32.99 11.53
N SER A 182 -24.36 -32.63 12.71
CA SER A 182 -25.79 -32.63 13.04
C SER A 182 -26.59 -31.59 12.23
N ARG A 183 -25.95 -30.66 11.54
CA ARG A 183 -26.72 -29.45 11.19
C ARG A 183 -26.79 -29.26 9.68
N LEU A 184 -26.26 -30.19 8.90
CA LEU A 184 -26.32 -30.08 7.45
C LEU A 184 -26.91 -31.38 6.91
N PRO A 185 -27.57 -31.34 5.74
CA PRO A 185 -28.20 -32.53 5.16
C PRO A 185 -27.19 -33.62 4.79
N SER A 186 -27.56 -34.89 4.97
CA SER A 186 -26.81 -36.04 4.48
C SER A 186 -27.65 -36.76 3.42
N GLU A 187 -27.10 -37.04 2.22
CA GLU A 187 -27.87 -37.71 1.15
C GLU A 187 -27.18 -39.01 0.72
N PHE A 188 -27.96 -40.04 0.44
CA PHE A 188 -27.48 -41.37 0.03
C PHE A 188 -28.31 -41.86 -1.15
N ASP A 189 -27.62 -42.44 -2.13
CA ASP A 189 -28.27 -43.10 -3.27
C ASP A 189 -28.93 -44.41 -2.86
N LEU A 190 -30.24 -44.56 -3.10
CA LEU A 190 -30.94 -45.81 -2.73
C LEU A 190 -31.38 -46.62 -3.96
N SER A 191 -30.91 -46.29 -5.17
CA SER A 191 -31.46 -46.91 -6.41
C SER A 191 -31.25 -48.43 -6.41
N ALA A 192 -30.06 -48.86 -5.99
CA ALA A 192 -29.66 -50.28 -5.95
C ALA A 192 -30.24 -51.04 -4.73
N PHE A 193 -31.05 -50.43 -3.88
CA PHE A 193 -31.47 -51.09 -2.62
C PHE A 193 -32.98 -51.23 -2.57
N LEU A 194 -33.71 -50.43 -3.34
CA LEU A 194 -35.18 -50.40 -3.27
C LEU A 194 -35.74 -51.49 -4.19
N ARG A 195 -36.92 -51.98 -3.82
CA ARG A 195 -37.64 -53.01 -4.55
C ARG A 195 -39.09 -52.53 -4.68
N ALA A 196 -39.87 -53.14 -5.57
CA ALA A 196 -41.28 -52.75 -5.75
C ALA A 196 -42.11 -53.32 -4.59
N GLY A 197 -43.05 -52.52 -4.10
CA GLY A 197 -43.86 -52.90 -2.93
C GLY A 197 -43.34 -52.26 -1.66
N GLU A 198 -43.16 -53.08 -0.61
CA GLU A 198 -42.80 -52.64 0.74
C GLU A 198 -41.28 -52.57 0.88
N ASN A 199 -40.81 -51.48 1.47
CA ASN A 199 -39.40 -51.30 1.79
C ASN A 199 -39.27 -50.97 3.28
N ARG A 200 -38.12 -51.27 3.87
CA ARG A 200 -37.89 -50.87 5.26
C ARG A 200 -36.55 -50.14 5.36
N LEU A 201 -36.57 -48.94 5.94
CA LEU A 201 -35.34 -48.23 6.33
C LEU A 201 -35.06 -48.49 7.81
N ALA A 202 -33.80 -48.64 8.16
CA ALA A 202 -33.40 -48.69 9.56
C ALA A 202 -32.31 -47.62 9.78
N VAL A 203 -32.41 -46.79 10.80
CA VAL A 203 -31.39 -45.74 11.07
C VAL A 203 -30.94 -45.88 12.52
N MET A 204 -29.67 -46.12 12.79
CA MET A 204 -29.20 -46.21 14.17
C MET A 204 -28.49 -44.90 14.53
N VAL A 205 -28.99 -44.13 15.50
CA VAL A 205 -28.43 -42.78 15.78
C VAL A 205 -27.65 -42.81 17.10
N LEU A 206 -26.42 -42.37 17.12
CA LEU A 206 -25.64 -42.30 18.36
C LEU A 206 -25.71 -40.90 18.96
N ARG A 207 -25.81 -40.81 20.27
CA ARG A 207 -25.77 -39.52 20.96
C ARG A 207 -24.37 -38.89 20.85
N TRP A 208 -23.30 -39.66 21.11
CA TRP A 208 -21.95 -39.09 21.13
C TRP A 208 -21.15 -39.64 19.95
N SER A 209 -20.27 -38.82 19.41
CA SER A 209 -19.31 -39.25 18.40
C SER A 209 -18.11 -38.32 18.47
N ASP A 210 -17.04 -38.62 17.75
CA ASP A 210 -15.95 -37.69 17.65
C ASP A 210 -16.39 -36.32 17.05
N GLY A 211 -17.53 -36.27 16.37
CA GLY A 211 -18.10 -34.99 15.94
C GLY A 211 -18.53 -34.11 17.10
N SER A 212 -18.85 -34.72 18.26
CA SER A 212 -19.28 -34.01 19.49
C SER A 212 -18.19 -33.06 20.00
N TYR A 213 -16.91 -33.38 19.77
CA TYR A 213 -15.80 -32.49 20.18
C TYR A 213 -15.89 -31.14 19.47
N LEU A 214 -16.59 -31.10 18.33
CA LEU A 214 -16.68 -29.86 17.56
C LEU A 214 -18.02 -29.16 17.81
N GLU A 215 -18.83 -29.65 18.73
CA GLU A 215 -20.21 -29.16 18.88
C GLU A 215 -20.44 -28.78 20.35
N ASP A 216 -19.58 -27.97 20.92
CA ASP A 216 -19.70 -27.61 22.34
C ASP A 216 -20.40 -26.26 22.57
N GLN A 217 -21.44 -25.94 21.80
CA GLN A 217 -22.21 -24.67 21.95
C GLN A 217 -22.94 -24.66 23.30
N ASP A 218 -23.15 -23.50 23.87
CA ASP A 218 -23.88 -23.29 25.13
C ASP A 218 -25.39 -23.41 24.90
N MET A 219 -25.93 -24.62 25.06
CA MET A 219 -27.32 -24.94 24.70
C MET A 219 -27.66 -26.34 25.25
N TRP A 220 -28.94 -26.69 25.29
CA TRP A 220 -29.37 -28.06 25.64
C TRP A 220 -28.68 -29.07 24.71
N ARG A 221 -28.15 -30.15 25.28
CA ARG A 221 -27.57 -31.21 24.41
C ARG A 221 -28.64 -32.29 24.22
N MET A 222 -29.15 -32.41 23.01
CA MET A 222 -30.26 -33.34 22.70
C MET A 222 -29.87 -34.23 21.51
N SER A 223 -30.70 -35.18 21.10
CA SER A 223 -30.30 -36.06 19.98
C SER A 223 -31.51 -36.59 19.21
N GLY A 224 -31.29 -37.15 18.01
CA GLY A 224 -32.34 -37.86 17.25
C GLY A 224 -32.48 -37.34 15.83
N ILE A 225 -33.54 -37.73 15.13
CA ILE A 225 -33.75 -37.24 13.79
C ILE A 225 -34.63 -35.99 13.89
N PHE A 226 -34.02 -34.80 13.94
CA PHE A 226 -34.75 -33.60 14.38
C PHE A 226 -35.05 -32.65 13.22
N ARG A 227 -34.68 -32.96 11.99
CA ARG A 227 -35.15 -32.16 10.82
C ARG A 227 -35.76 -33.14 9.81
N ASP A 228 -36.39 -32.64 8.75
CA ASP A 228 -37.17 -33.46 7.81
C ASP A 228 -36.41 -34.61 7.12
N VAL A 229 -37.16 -35.63 6.68
CA VAL A 229 -36.60 -36.73 5.89
C VAL A 229 -37.35 -36.80 4.56
N SER A 230 -36.64 -36.84 3.41
CA SER A 230 -37.32 -36.87 2.07
C SER A 230 -36.72 -37.95 1.15
N LEU A 231 -37.50 -38.35 0.14
CA LEU A 231 -36.98 -39.05 -1.05
C LEU A 231 -36.98 -38.10 -2.25
N LEU A 232 -35.95 -38.15 -3.09
CA LEU A 232 -35.93 -37.30 -4.29
C LEU A 232 -35.63 -38.18 -5.51
N HIS A 233 -36.43 -38.04 -6.55
CA HIS A 233 -36.23 -38.80 -7.79
C HIS A 233 -35.62 -37.89 -8.86
N LYS A 234 -34.44 -38.23 -9.36
CA LYS A 234 -33.87 -37.44 -10.47
C LYS A 234 -33.68 -38.34 -11.70
N PRO A 235 -33.68 -37.75 -12.91
CA PRO A 235 -33.30 -38.56 -14.08
C PRO A 235 -31.78 -38.86 -14.07
N THR A 236 -31.37 -39.86 -14.86
CA THR A 236 -29.97 -40.31 -14.84
C THR A 236 -29.03 -39.21 -15.35
N THR A 237 -29.47 -38.45 -16.37
CA THR A 237 -28.81 -37.24 -16.84
C THR A 237 -29.49 -36.04 -16.15
N GLN A 238 -28.75 -35.32 -15.31
CA GLN A 238 -29.39 -34.43 -14.33
C GLN A 238 -28.57 -33.14 -14.16
N ILE A 239 -29.18 -32.08 -13.64
CA ILE A 239 -28.44 -30.91 -13.14
C ILE A 239 -27.87 -31.29 -11.77
N SER A 240 -26.56 -31.18 -11.59
CA SER A 240 -25.99 -31.65 -10.31
C SER A 240 -25.62 -30.49 -9.38
N ASP A 241 -25.46 -29.29 -9.93
CA ASP A 241 -25.14 -28.09 -9.17
C ASP A 241 -25.42 -26.85 -10.03
N PHE A 242 -25.78 -25.72 -9.42
CA PHE A 242 -25.78 -24.45 -10.15
C PHE A 242 -25.50 -23.27 -9.20
N HIS A 243 -24.83 -22.24 -9.69
CA HIS A 243 -24.49 -21.08 -8.88
C HIS A 243 -24.94 -19.84 -9.62
N VAL A 244 -25.39 -18.87 -8.85
CA VAL A 244 -25.86 -17.59 -9.36
C VAL A 244 -25.00 -16.46 -8.77
N ALA A 245 -24.61 -15.50 -9.60
CA ALA A 245 -23.76 -14.35 -9.24
C ALA A 245 -24.25 -13.11 -10.00
N THR A 246 -24.11 -11.95 -9.38
CA THR A 246 -24.61 -10.70 -9.93
C THR A 246 -23.48 -9.66 -9.86
N ARG A 247 -23.18 -9.03 -10.98
CA ARG A 247 -22.12 -8.02 -11.09
C ARG A 247 -22.77 -6.70 -11.53
N PHE A 248 -22.28 -5.53 -11.09
CA PHE A 248 -22.98 -4.25 -11.36
C PHE A 248 -22.04 -3.20 -11.98
N ASN A 249 -22.63 -2.19 -12.64
CA ASN A 249 -21.91 -0.97 -13.03
C ASN A 249 -21.82 -0.03 -11.80
N ASP A 250 -21.02 1.04 -11.90
CA ASP A 250 -20.76 1.99 -10.79
C ASP A 250 -22.00 2.57 -10.07
N ASP A 251 -23.14 2.66 -10.76
CA ASP A 251 -24.33 3.26 -10.19
C ASP A 251 -25.54 2.31 -10.07
N PHE A 252 -25.31 1.00 -10.27
CA PHE A 252 -26.33 -0.05 -10.04
C PHE A 252 -27.50 0.12 -11.03
N SER A 253 -27.24 0.68 -12.22
CA SER A 253 -28.28 0.81 -13.24
C SER A 253 -28.21 -0.33 -14.28
N ARG A 254 -27.10 -1.05 -14.35
CA ARG A 254 -27.01 -2.25 -15.21
C ARG A 254 -26.43 -3.41 -14.39
N ALA A 255 -27.02 -4.59 -14.52
CA ALA A 255 -26.47 -5.81 -13.88
C ALA A 255 -26.21 -6.90 -14.93
N VAL A 256 -25.29 -7.80 -14.61
CA VAL A 256 -25.13 -9.07 -15.32
C VAL A 256 -25.43 -10.21 -14.34
N LEU A 257 -26.42 -11.05 -14.65
CA LEU A 257 -26.60 -12.30 -13.91
C LEU A 257 -25.74 -13.39 -14.58
N GLU A 258 -24.83 -13.97 -13.82
CA GLU A 258 -23.97 -15.06 -14.31
C GLU A 258 -24.41 -16.36 -13.65
N ALA A 259 -24.85 -17.33 -14.43
CA ALA A 259 -25.25 -18.64 -13.90
C ALA A 259 -24.26 -19.69 -14.39
N GLU A 260 -23.73 -20.48 -13.47
CA GLU A 260 -22.92 -21.61 -13.84
C GLU A 260 -23.72 -22.88 -13.55
N VAL A 261 -23.81 -23.80 -14.52
CA VAL A 261 -24.60 -25.02 -14.34
C VAL A 261 -23.69 -26.22 -14.58
N GLN A 262 -23.82 -27.27 -13.75
CA GLN A 262 -23.04 -28.50 -13.94
C GLN A 262 -23.99 -29.68 -14.07
N MET A 263 -23.65 -30.65 -14.89
CA MET A 263 -24.49 -31.82 -15.06
C MET A 263 -23.71 -33.11 -14.70
N CYS A 264 -24.45 -34.18 -14.43
CA CYS A 264 -23.93 -35.54 -14.24
C CYS A 264 -24.67 -36.47 -15.21
N GLY A 265 -24.07 -37.61 -15.52
CA GLY A 265 -24.61 -38.53 -16.53
C GLY A 265 -23.90 -38.39 -17.87
N GLU A 266 -24.50 -38.92 -18.92
CA GLU A 266 -23.85 -39.08 -20.22
C GLU A 266 -24.01 -37.81 -21.06
N LEU A 267 -22.89 -37.25 -21.51
CA LEU A 267 -22.89 -36.06 -22.35
C LEU A 267 -23.27 -36.44 -23.79
N ARG A 268 -24.23 -35.70 -24.34
CA ARG A 268 -24.66 -35.86 -25.72
C ARG A 268 -24.62 -34.49 -26.40
N ASP A 269 -24.51 -34.47 -27.73
CA ASP A 269 -24.45 -33.22 -28.49
C ASP A 269 -25.76 -32.42 -28.46
N TYR A 270 -26.88 -33.12 -28.29
CA TYR A 270 -28.20 -32.47 -28.35
C TYR A 270 -28.62 -31.84 -27.01
N LEU A 271 -27.88 -32.02 -25.90
CA LEU A 271 -28.27 -31.43 -24.59
C LEU A 271 -28.05 -29.91 -24.63
N ARG A 272 -28.96 -29.18 -23.99
CA ARG A 272 -28.91 -27.72 -23.87
C ARG A 272 -29.38 -27.30 -22.46
N VAL A 273 -28.90 -26.14 -22.01
CA VAL A 273 -29.36 -25.52 -20.78
C VAL A 273 -29.94 -24.14 -21.12
N THR A 274 -31.11 -23.85 -20.58
CA THR A 274 -31.71 -22.52 -20.66
C THR A 274 -31.85 -21.94 -19.25
N VAL A 275 -31.47 -20.69 -19.06
CA VAL A 275 -31.76 -19.98 -17.81
C VAL A 275 -32.67 -18.80 -18.15
N SER A 276 -33.82 -18.72 -17.52
CA SER A 276 -34.70 -17.55 -17.70
C SER A 276 -34.90 -16.85 -16.37
N LEU A 277 -35.13 -15.54 -16.43
CA LEU A 277 -35.30 -14.75 -15.22
C LEU A 277 -36.67 -14.08 -15.24
N TRP A 278 -37.44 -14.26 -14.18
CA TRP A 278 -38.82 -13.80 -14.15
C TRP A 278 -39.00 -12.76 -13.05
N GLN A 279 -39.77 -11.72 -13.31
CA GLN A 279 -40.24 -10.81 -12.27
C GLN A 279 -41.76 -10.90 -12.23
N GLY A 280 -42.28 -11.64 -11.27
CA GLY A 280 -43.68 -12.00 -11.26
C GLY A 280 -44.03 -12.89 -12.44
N GLU A 281 -44.74 -12.32 -13.41
CA GLU A 281 -45.29 -13.08 -14.55
C GLU A 281 -44.56 -12.70 -15.84
N THR A 282 -43.69 -11.70 -15.74
CA THR A 282 -43.00 -11.15 -16.89
C THR A 282 -41.59 -11.78 -16.99
N GLN A 283 -41.28 -12.39 -18.14
CA GLN A 283 -39.88 -12.77 -18.39
C GLN A 283 -39.06 -11.52 -18.73
N VAL A 284 -37.90 -11.42 -18.11
CA VAL A 284 -37.09 -10.21 -18.07
C VAL A 284 -35.76 -10.46 -18.80
N ALA A 285 -35.28 -11.72 -18.80
CA ALA A 285 -34.02 -12.11 -19.47
C ALA A 285 -34.06 -13.62 -19.71
N SER A 286 -33.21 -14.09 -20.64
CA SER A 286 -33.15 -15.51 -21.05
C SER A 286 -31.87 -15.77 -21.84
N GLY A 287 -31.32 -16.96 -21.68
CA GLY A 287 -30.11 -17.42 -22.41
C GLY A 287 -30.12 -18.93 -22.56
N THR A 288 -29.51 -19.43 -23.63
CA THR A 288 -29.44 -20.88 -23.95
C THR A 288 -28.01 -21.19 -24.37
N ALA A 289 -27.54 -22.40 -24.12
CA ALA A 289 -26.19 -22.81 -24.60
C ALA A 289 -26.08 -24.33 -24.57
N PRO A 290 -25.18 -24.92 -25.40
CA PRO A 290 -24.73 -26.34 -25.20
C PRO A 290 -23.69 -26.44 -24.06
N PHE A 291 -23.42 -27.64 -23.57
CA PHE A 291 -22.35 -27.84 -22.57
C PHE A 291 -20.97 -27.61 -23.18
N GLY A 292 -20.05 -27.15 -22.34
CA GLY A 292 -18.65 -26.89 -22.70
C GLY A 292 -18.18 -25.53 -22.20
N GLY A 293 -17.46 -25.54 -21.05
CA GLY A 293 -16.78 -24.34 -20.51
C GLY A 293 -15.66 -23.84 -21.43
N GLU A 294 -15.23 -22.59 -21.17
CA GLU A 294 -13.99 -22.01 -21.75
C GLU A 294 -12.77 -22.80 -21.25
N ILE A 295 -11.67 -22.73 -22.01
CA ILE A 295 -10.39 -23.32 -21.63
C ILE A 295 -9.95 -22.73 -20.28
N ILE A 296 -9.52 -23.61 -19.38
CA ILE A 296 -9.21 -23.28 -17.99
C ILE A 296 -7.68 -23.41 -17.82
N ASP A 297 -7.08 -24.41 -18.46
CA ASP A 297 -5.65 -24.71 -18.36
C ASP A 297 -5.12 -25.53 -19.54
N GLU A 298 -3.92 -26.09 -19.40
CA GLU A 298 -3.19 -26.82 -20.48
C GLU A 298 -3.96 -28.09 -20.94
N ARG A 299 -4.85 -28.63 -20.10
CA ARG A 299 -5.57 -29.88 -20.45
C ARG A 299 -6.98 -29.59 -21.03
N GLY A 300 -7.40 -28.33 -21.08
CA GLY A 300 -8.69 -27.96 -21.70
C GLY A 300 -9.62 -27.30 -20.70
N GLY A 301 -10.92 -27.63 -20.77
CA GLY A 301 -11.96 -27.05 -19.88
C GLY A 301 -12.95 -28.11 -19.41
N TYR A 302 -14.02 -27.69 -18.73
CA TYR A 302 -15.03 -28.65 -18.23
C TYR A 302 -16.09 -28.91 -19.31
N ALA A 303 -16.12 -30.15 -19.81
CA ALA A 303 -17.07 -30.54 -20.86
C ALA A 303 -18.50 -30.59 -20.30
N ASP A 304 -18.64 -30.79 -18.99
CA ASP A 304 -19.92 -31.00 -18.31
C ASP A 304 -20.38 -29.75 -17.54
N ARG A 305 -20.02 -28.55 -18.02
CA ARG A 305 -20.39 -27.30 -17.36
C ARG A 305 -20.69 -26.27 -18.42
N VAL A 306 -21.46 -25.25 -18.06
CA VAL A 306 -21.75 -24.17 -18.98
C VAL A 306 -22.05 -22.91 -18.16
N THR A 307 -21.60 -21.75 -18.63
CA THR A 307 -21.90 -20.46 -18.01
C THR A 307 -22.78 -19.60 -18.93
N LEU A 308 -23.97 -19.21 -18.45
CA LEU A 308 -24.82 -18.21 -19.15
C LEU A 308 -24.61 -16.82 -18.52
N ARG A 309 -24.56 -15.76 -19.35
CA ARG A 309 -24.58 -14.36 -18.88
C ARG A 309 -25.83 -13.65 -19.40
N LEU A 310 -26.64 -13.12 -18.48
CA LEU A 310 -27.90 -12.46 -18.80
C LEU A 310 -27.78 -10.98 -18.41
N ASN A 311 -28.09 -10.06 -19.33
CA ASN A 311 -28.07 -8.60 -19.01
C ASN A 311 -29.43 -8.16 -18.47
N VAL A 312 -29.41 -7.32 -17.44
CA VAL A 312 -30.64 -6.81 -16.84
C VAL A 312 -30.47 -5.30 -16.70
N GLU A 313 -31.40 -4.52 -17.26
CA GLU A 313 -31.36 -3.04 -17.19
C GLU A 313 -32.24 -2.57 -16.03
N ASN A 314 -31.72 -1.64 -15.21
CA ASN A 314 -32.48 -1.05 -14.06
C ASN A 314 -33.05 -2.18 -13.18
N PRO A 315 -32.20 -3.12 -12.72
CA PRO A 315 -32.76 -4.20 -11.85
C PRO A 315 -33.29 -3.61 -10.53
N LYS A 316 -34.33 -4.20 -9.97
CA LYS A 316 -34.78 -3.77 -8.65
C LYS A 316 -33.87 -4.43 -7.62
N LEU A 317 -33.25 -3.64 -6.75
CA LEU A 317 -32.21 -4.12 -5.87
C LEU A 317 -32.82 -4.75 -4.60
N TRP A 318 -32.23 -5.85 -4.11
CA TRP A 318 -32.68 -6.48 -2.85
C TRP A 318 -32.05 -5.73 -1.67
N SER A 319 -32.80 -5.47 -0.61
CA SER A 319 -32.20 -5.06 0.69
C SER A 319 -33.16 -5.49 1.81
N ALA A 320 -32.78 -5.33 3.08
CA ALA A 320 -33.73 -5.68 4.16
C ALA A 320 -34.91 -4.70 4.20
N GLU A 321 -34.72 -3.44 3.83
CA GLU A 321 -35.79 -2.44 3.73
C GLU A 321 -36.78 -2.82 2.61
N ILE A 322 -36.30 -3.19 1.41
CA ILE A 322 -37.19 -3.52 0.25
C ILE A 322 -36.71 -4.82 -0.39
N PRO A 323 -37.28 -5.94 0.04
CA PRO A 323 -36.73 -7.22 -0.44
C PRO A 323 -37.24 -7.67 -1.82
N ASN A 324 -36.87 -6.96 -2.89
CA ASN A 324 -37.27 -7.29 -4.28
C ASN A 324 -36.62 -8.60 -4.74
N LEU A 325 -37.41 -9.59 -5.17
CA LEU A 325 -36.84 -10.88 -5.63
C LEU A 325 -37.21 -11.12 -7.10
N TYR A 326 -36.33 -11.82 -7.80
CA TYR A 326 -36.66 -12.36 -9.12
C TYR A 326 -36.70 -13.88 -9.00
N ARG A 327 -37.18 -14.58 -10.02
CA ARG A 327 -37.18 -16.02 -10.01
C ARG A 327 -36.30 -16.51 -11.17
N ALA A 328 -35.27 -17.32 -10.89
CA ALA A 328 -34.43 -17.88 -11.97
C ALA A 328 -34.86 -19.32 -12.21
N VAL A 329 -35.15 -19.67 -13.47
CA VAL A 329 -35.50 -21.08 -13.76
C VAL A 329 -34.37 -21.66 -14.63
N VAL A 330 -33.87 -22.84 -14.26
CA VAL A 330 -32.79 -23.48 -15.01
C VAL A 330 -33.34 -24.76 -15.64
N GLU A 331 -33.38 -24.84 -16.97
CA GLU A 331 -33.97 -26.05 -17.60
C GLU A 331 -32.87 -26.87 -18.32
N LEU A 332 -32.84 -28.17 -18.10
CA LEU A 332 -32.03 -29.07 -18.92
C LEU A 332 -32.97 -29.68 -19.97
N HIS A 333 -32.67 -29.50 -21.26
CA HIS A 333 -33.59 -29.97 -22.32
C HIS A 333 -32.80 -30.41 -23.56
N THR A 334 -33.50 -30.99 -24.55
CA THR A 334 -32.85 -31.41 -25.82
C THR A 334 -32.94 -30.26 -26.83
N ALA A 335 -32.22 -30.37 -27.95
CA ALA A 335 -32.21 -29.29 -28.98
C ALA A 335 -33.61 -29.12 -29.61
N ASP A 336 -34.33 -30.22 -29.83
CA ASP A 336 -35.74 -30.18 -30.28
C ASP A 336 -36.76 -29.64 -29.24
N GLY A 337 -36.38 -29.57 -27.97
CA GLY A 337 -37.13 -28.80 -26.94
C GLY A 337 -37.91 -29.68 -25.97
N THR A 338 -37.52 -30.96 -25.82
CA THR A 338 -38.09 -31.85 -24.80
C THR A 338 -37.40 -31.58 -23.45
N LEU A 339 -38.18 -31.24 -22.42
CA LEU A 339 -37.63 -30.91 -21.10
C LEU A 339 -37.20 -32.18 -20.33
N ILE A 340 -36.00 -32.16 -19.78
CA ILE A 340 -35.50 -33.28 -19.01
C ILE A 340 -35.72 -33.00 -17.51
N GLU A 341 -35.22 -31.88 -17.00
CA GLU A 341 -35.63 -31.43 -15.65
C GLU A 341 -35.42 -29.92 -15.46
N ALA A 342 -36.14 -29.34 -14.50
CA ALA A 342 -35.96 -27.92 -14.19
C ALA A 342 -35.59 -27.78 -12.70
N GLU A 343 -34.86 -26.73 -12.38
CA GLU A 343 -34.58 -26.35 -11.01
C GLU A 343 -34.73 -24.83 -10.95
N ALA A 344 -34.87 -24.27 -9.76
CA ALA A 344 -35.18 -22.86 -9.67
C ALA A 344 -34.70 -22.33 -8.32
N CYS A 345 -34.42 -21.03 -8.26
CA CYS A 345 -34.24 -20.37 -6.97
C CYS A 345 -34.71 -18.92 -7.05
N ASP A 346 -34.86 -18.26 -5.89
CA ASP A 346 -35.11 -16.82 -5.78
C ASP A 346 -33.81 -16.09 -5.86
N VAL A 347 -33.78 -14.98 -6.60
CA VAL A 347 -32.53 -14.24 -6.85
C VAL A 347 -32.77 -12.82 -6.33
N GLY A 348 -31.81 -12.27 -5.60
CA GLY A 348 -31.84 -10.87 -5.25
C GLY A 348 -30.61 -10.21 -5.81
N PHE A 349 -30.76 -9.02 -6.38
CA PHE A 349 -29.63 -8.33 -6.86
C PHE A 349 -29.11 -7.44 -5.72
N ARG A 350 -27.93 -7.74 -5.21
CA ARG A 350 -27.29 -6.85 -4.23
C ARG A 350 -25.78 -7.09 -4.24
N GLU A 351 -25.02 -6.09 -3.86
CA GLU A 351 -23.57 -6.24 -3.79
C GLU A 351 -23.12 -5.97 -2.35
N VAL A 352 -22.40 -6.91 -1.75
CA VAL A 352 -21.86 -6.69 -0.40
C VAL A 352 -20.35 -6.46 -0.53
N ARG A 353 -19.80 -5.39 0.02
CA ARG A 353 -18.32 -5.32 -0.03
C ARG A 353 -17.72 -4.43 1.07
N ILE A 354 -16.44 -4.67 1.35
CA ILE A 354 -15.71 -3.80 2.23
C ILE A 354 -14.82 -2.86 1.40
N GLU A 355 -15.06 -1.58 1.56
CA GLU A 355 -14.36 -0.56 0.81
C GLU A 355 -13.95 0.55 1.78
N ASN A 356 -12.64 0.79 1.87
CA ASN A 356 -12.07 1.85 2.67
C ASN A 356 -12.57 1.74 4.13
N GLY A 357 -12.51 0.54 4.69
CA GLY A 357 -12.84 0.32 6.11
C GLY A 357 -14.33 0.26 6.40
N LEU A 358 -15.24 0.36 5.42
CA LEU A 358 -16.71 0.33 5.68
C LEU A 358 -17.34 -0.89 4.99
N LEU A 359 -18.32 -1.52 5.62
CA LEU A 359 -19.12 -2.57 4.95
C LEU A 359 -20.29 -1.93 4.20
N LEU A 360 -20.30 -2.04 2.87
CA LEU A 360 -21.34 -1.38 2.04
C LEU A 360 -22.31 -2.43 1.50
N LEU A 361 -23.60 -2.15 1.52
CA LEU A 361 -24.57 -2.86 0.68
C LEU A 361 -25.07 -1.93 -0.42
N ASN A 362 -25.02 -2.35 -1.70
CA ASN A 362 -25.48 -1.55 -2.84
C ASN A 362 -24.90 -0.12 -2.75
N GLY A 363 -23.60 0.00 -2.43
CA GLY A 363 -22.95 1.31 -2.35
C GLY A 363 -23.21 2.10 -1.06
N LYS A 364 -24.06 1.67 -0.13
CA LYS A 364 -24.30 2.49 1.10
C LYS A 364 -23.79 1.76 2.36
N PRO A 365 -23.28 2.50 3.37
CA PRO A 365 -22.78 1.88 4.64
C PRO A 365 -23.90 1.29 5.51
N LEU A 366 -23.86 0.00 5.81
CA LEU A 366 -24.88 -0.65 6.66
C LEU A 366 -24.79 -0.17 8.12
N LEU A 367 -25.93 -0.13 8.80
CA LEU A 367 -25.96 -0.10 10.27
C LEU A 367 -26.75 -1.34 10.75
N ILE A 368 -26.04 -2.33 11.30
CA ILE A 368 -26.62 -3.64 11.66
C ILE A 368 -27.41 -3.51 12.97
N ARG A 369 -28.71 -3.78 12.91
CA ARG A 369 -29.56 -3.89 14.10
C ARG A 369 -29.85 -5.39 14.27
N GLY A 370 -28.93 -6.14 14.86
CA GLY A 370 -28.97 -7.56 14.77
C GLY A 370 -29.29 -8.24 16.08
N VAL A 371 -29.69 -9.50 16.01
CA VAL A 371 -29.81 -10.33 17.19
C VAL A 371 -29.27 -11.74 16.89
N ASN A 372 -28.74 -12.41 17.90
CA ASN A 372 -28.37 -13.84 17.79
C ASN A 372 -29.64 -14.69 18.01
N ARG A 373 -29.87 -15.68 17.17
CA ARG A 373 -31.03 -16.55 17.39
C ARG A 373 -30.63 -18.04 17.35
N HIS A 374 -30.97 -18.80 18.40
CA HIS A 374 -30.91 -20.30 18.44
C HIS A 374 -32.23 -20.88 17.94
N GLU A 375 -32.19 -22.09 17.37
CA GLU A 375 -33.42 -22.84 17.01
C GLU A 375 -33.98 -23.55 18.26
N HIS A 376 -34.98 -22.97 18.92
CA HIS A 376 -35.41 -23.53 20.22
C HIS A 376 -36.92 -23.43 20.34
N HIS A 377 -37.53 -24.49 20.81
CA HIS A 377 -38.96 -24.51 21.07
C HIS A 377 -39.19 -25.17 22.43
N PRO A 378 -39.96 -24.54 23.33
CA PRO A 378 -40.08 -25.12 24.69
C PRO A 378 -40.77 -26.50 24.73
N LEU A 379 -41.60 -26.85 23.75
CA LEU A 379 -42.23 -28.22 23.74
C LEU A 379 -41.45 -29.20 22.85
N HIS A 380 -40.92 -28.73 21.72
CA HIS A 380 -40.39 -29.63 20.70
C HIS A 380 -38.85 -29.64 20.70
N GLY A 381 -38.21 -28.90 21.59
CA GLY A 381 -36.76 -28.92 21.71
C GLY A 381 -36.13 -28.23 20.51
N GLN A 382 -35.37 -28.95 19.72
CA GLN A 382 -34.64 -28.29 18.65
C GLN A 382 -35.33 -28.51 17.30
N VAL A 383 -36.59 -28.95 17.31
CA VAL A 383 -37.39 -29.11 16.08
C VAL A 383 -38.04 -27.76 15.71
N MET A 384 -37.72 -27.23 14.52
CA MET A 384 -38.26 -25.94 14.02
C MET A 384 -39.38 -26.19 13.01
N ASP A 385 -40.41 -25.37 13.04
CA ASP A 385 -41.49 -25.45 12.03
C ASP A 385 -41.74 -24.07 11.39
N GLU A 386 -42.48 -24.03 10.28
CA GLU A 386 -42.73 -22.77 9.54
C GLU A 386 -43.38 -21.71 10.44
N GLN A 387 -44.35 -22.13 11.25
CA GLN A 387 -45.19 -21.22 12.04
C GLN A 387 -44.33 -20.46 13.06
N THR A 388 -43.42 -21.16 13.72
CA THR A 388 -42.54 -20.54 14.70
C THR A 388 -41.51 -19.63 14.01
N MET A 389 -40.98 -20.05 12.87
CA MET A 389 -40.03 -19.22 12.13
C MET A 389 -40.72 -17.91 11.76
N VAL A 390 -41.95 -17.96 11.23
CA VAL A 390 -42.67 -16.75 10.78
C VAL A 390 -42.98 -15.84 11.99
N GLN A 391 -43.39 -16.43 13.11
CA GLN A 391 -43.65 -15.66 14.31
C GLN A 391 -42.38 -14.89 14.75
N ASP A 392 -41.21 -15.54 14.78
CA ASP A 392 -39.94 -14.86 15.11
C ASP A 392 -39.60 -13.69 14.18
N ILE A 393 -39.78 -13.88 12.87
CA ILE A 393 -39.37 -12.88 11.90
C ILE A 393 -40.26 -11.64 12.03
N LEU A 394 -41.58 -11.83 12.18
CA LEU A 394 -42.51 -10.71 12.37
C LEU A 394 -42.14 -9.93 13.63
N LEU A 395 -41.95 -10.61 14.77
CA LEU A 395 -41.59 -9.92 16.01
C LEU A 395 -40.26 -9.18 15.87
N MET A 396 -39.28 -9.79 15.20
CA MET A 396 -37.99 -9.12 15.00
C MET A 396 -38.18 -7.81 14.22
N LYS A 397 -38.88 -7.84 13.09
CA LYS A 397 -39.04 -6.66 12.25
C LYS A 397 -39.92 -5.59 12.93
N GLN A 398 -40.90 -6.01 13.73
CA GLN A 398 -41.79 -5.09 14.45
C GLN A 398 -41.02 -4.37 15.56
N ASN A 399 -39.82 -4.83 15.90
CA ASN A 399 -39.04 -4.26 16.94
C ASN A 399 -37.78 -3.62 16.36
N ASN A 400 -37.80 -3.33 15.07
CA ASN A 400 -36.72 -2.58 14.41
C ASN A 400 -35.43 -3.43 14.32
N PHE A 401 -35.48 -4.77 14.27
CA PHE A 401 -34.26 -5.54 13.88
C PHE A 401 -34.16 -5.66 12.35
N ASN A 402 -32.97 -5.59 11.78
CA ASN A 402 -32.78 -5.84 10.32
C ASN A 402 -31.85 -7.04 10.11
N ALA A 403 -31.35 -7.71 11.14
CA ALA A 403 -30.26 -8.71 10.90
C ALA A 403 -30.32 -9.82 11.93
N VAL A 404 -29.94 -11.02 11.53
CA VAL A 404 -29.90 -12.13 12.47
C VAL A 404 -28.61 -12.95 12.30
N ARG A 405 -28.02 -13.38 13.41
CA ARG A 405 -26.82 -14.23 13.40
C ARG A 405 -27.26 -15.66 13.74
N CYS A 406 -26.90 -16.62 12.91
CA CYS A 406 -27.28 -18.05 13.12
C CYS A 406 -26.40 -18.67 14.22
N SER A 407 -26.63 -18.37 15.48
CA SER A 407 -25.74 -18.86 16.53
C SER A 407 -26.08 -20.34 16.86
N HIS A 408 -25.16 -21.29 16.74
CA HIS A 408 -23.86 -21.16 16.05
C HIS A 408 -23.75 -22.36 15.09
N TYR A 409 -24.60 -22.42 14.07
CA TYR A 409 -24.66 -23.61 13.17
C TYR A 409 -25.58 -23.24 12.01
N PRO A 410 -25.50 -23.98 10.91
CA PRO A 410 -26.48 -23.69 9.81
C PRO A 410 -27.93 -24.00 10.21
N ASN A 411 -28.85 -23.18 9.76
CA ASN A 411 -30.26 -23.34 10.15
C ASN A 411 -30.95 -24.33 9.22
N HIS A 412 -32.17 -24.67 9.60
CA HIS A 412 -33.15 -25.30 8.77
C HIS A 412 -33.22 -24.57 7.42
N PRO A 413 -33.21 -25.27 6.29
CA PRO A 413 -33.20 -24.59 4.96
C PRO A 413 -34.32 -23.57 4.67
N LEU A 414 -35.52 -23.74 5.23
CA LEU A 414 -36.64 -22.78 5.10
C LEU A 414 -36.32 -21.41 5.72
N TRP A 415 -35.50 -21.35 6.77
CA TRP A 415 -35.16 -20.09 7.41
C TRP A 415 -34.63 -19.06 6.39
N TYR A 416 -33.75 -19.46 5.46
CA TYR A 416 -33.06 -18.55 4.52
C TYR A 416 -34.06 -18.02 3.47
N THR A 417 -35.05 -18.84 3.11
CA THR A 417 -36.09 -18.46 2.17
C THR A 417 -36.94 -17.35 2.78
N LEU A 418 -37.34 -17.50 4.06
CA LEU A 418 -38.17 -16.50 4.74
C LEU A 418 -37.38 -15.20 4.97
N CYS A 419 -36.09 -15.29 5.27
CA CYS A 419 -35.28 -14.05 5.38
C CYS A 419 -35.12 -13.37 4.01
N ASP A 420 -35.04 -14.12 2.90
CA ASP A 420 -35.08 -13.55 1.51
C ASP A 420 -36.40 -12.76 1.25
N ARG A 421 -37.55 -13.33 1.65
CA ARG A 421 -38.87 -12.77 1.31
C ARG A 421 -39.25 -11.59 2.20
N TYR A 422 -38.97 -11.65 3.49
CA TYR A 422 -39.37 -10.59 4.43
C TYR A 422 -38.28 -9.51 4.56
N GLY A 423 -37.02 -9.88 4.31
CA GLY A 423 -35.92 -8.92 4.36
C GLY A 423 -35.22 -8.92 5.72
N LEU A 424 -34.32 -9.85 5.96
CA LEU A 424 -33.33 -9.72 7.06
C LEU A 424 -31.96 -10.07 6.49
N TYR A 425 -30.91 -9.41 6.93
CA TYR A 425 -29.56 -9.85 6.63
C TYR A 425 -29.21 -11.06 7.51
N VAL A 426 -28.51 -12.05 6.96
CA VAL A 426 -28.18 -13.25 7.73
C VAL A 426 -26.65 -13.38 7.83
N VAL A 427 -26.15 -13.69 9.01
CA VAL A 427 -24.76 -14.23 9.12
C VAL A 427 -24.86 -15.74 9.28
N ASP A 428 -24.31 -16.49 8.32
CA ASP A 428 -24.42 -17.96 8.30
C ASP A 428 -23.15 -18.62 8.91
N GLU A 429 -23.31 -19.49 9.88
CA GLU A 429 -22.15 -19.86 10.73
C GLU A 429 -21.86 -21.37 10.62
N ALA A 430 -20.61 -21.78 10.43
CA ALA A 430 -20.22 -23.22 10.42
C ALA A 430 -20.43 -23.86 11.80
N ASN A 431 -20.86 -25.12 11.83
CA ASN A 431 -21.10 -25.85 13.11
C ASN A 431 -19.75 -26.27 13.72
N ILE A 432 -18.93 -25.32 14.21
CA ILE A 432 -17.65 -25.67 14.88
C ILE A 432 -17.51 -24.82 16.14
N GLU A 433 -17.48 -25.48 17.30
CA GLU A 433 -17.19 -24.81 18.57
C GLU A 433 -16.50 -25.81 19.49
N THR A 434 -15.32 -25.48 20.01
CA THR A 434 -14.54 -26.38 20.84
C THR A 434 -14.20 -25.70 22.17
N HIS A 435 -15.16 -24.97 22.73
CA HIS A 435 -14.96 -24.10 23.88
C HIS A 435 -14.37 -24.88 25.07
N GLY A 436 -14.80 -26.11 25.29
CA GLY A 436 -14.38 -26.89 26.45
C GLY A 436 -12.94 -27.40 26.39
N MET A 437 -12.21 -27.23 25.28
CA MET A 437 -10.80 -27.70 25.20
C MET A 437 -9.86 -26.78 26.00
N VAL A 438 -8.71 -27.29 26.44
CA VAL A 438 -7.67 -26.48 27.14
C VAL A 438 -6.33 -26.67 26.41
N PRO A 439 -5.74 -25.64 25.81
CA PRO A 439 -6.36 -24.33 25.55
C PRO A 439 -7.44 -24.48 24.46
N MET A 440 -8.08 -23.39 24.12
CA MET A 440 -9.28 -23.44 23.28
C MET A 440 -8.91 -23.93 21.86
N ASN A 441 -7.65 -23.76 21.45
CA ASN A 441 -7.29 -24.11 20.07
C ASN A 441 -6.58 -25.47 20.02
N ARG A 442 -6.75 -26.34 21.01
CA ARG A 442 -6.06 -27.63 20.96
C ARG A 442 -6.44 -28.41 19.68
N LEU A 443 -7.68 -28.37 19.23
CA LEU A 443 -8.07 -29.16 18.01
C LEU A 443 -7.87 -28.30 16.77
N THR A 444 -8.11 -27.00 16.84
CA THR A 444 -8.17 -26.20 15.61
C THR A 444 -6.76 -25.81 15.16
N ASP A 445 -5.76 -26.13 15.97
CA ASP A 445 -4.36 -25.92 15.60
C ASP A 445 -3.68 -27.26 15.23
N ASP A 446 -4.46 -28.33 15.19
CA ASP A 446 -3.94 -29.66 14.93
C ASP A 446 -4.35 -30.12 13.51
N PRO A 447 -3.37 -30.41 12.63
CA PRO A 447 -3.69 -30.81 11.24
C PRO A 447 -4.52 -32.11 11.07
N ARG A 448 -4.59 -32.96 12.08
CA ARG A 448 -5.39 -34.18 11.97
C ARG A 448 -6.89 -33.86 12.06
N TRP A 449 -7.26 -32.69 12.58
CA TRP A 449 -8.69 -32.32 12.66
C TRP A 449 -9.06 -31.39 11.49
N LEU A 450 -8.09 -31.02 10.65
CA LEU A 450 -8.39 -30.16 9.46
C LEU A 450 -9.42 -30.83 8.52
N PRO A 451 -9.35 -32.17 8.29
CA PRO A 451 -10.45 -32.81 7.48
C PRO A 451 -11.86 -32.62 8.05
N ALA A 452 -12.09 -32.97 9.32
CA ALA A 452 -13.38 -32.79 9.99
C ALA A 452 -13.85 -31.31 9.92
N MET A 453 -12.98 -30.35 10.18
CA MET A 453 -13.39 -28.94 10.16
C MET A 453 -13.72 -28.49 8.74
N SER A 454 -12.96 -28.93 7.75
CA SER A 454 -13.21 -28.51 6.39
C SER A 454 -14.58 -28.99 5.89
N GLU A 455 -15.01 -30.19 6.24
CA GLU A 455 -16.37 -30.65 5.85
C GLU A 455 -17.45 -29.71 6.41
N ARG A 456 -17.26 -29.18 7.61
CA ARG A 456 -18.28 -28.34 8.22
C ARG A 456 -18.39 -27.00 7.51
N VAL A 457 -17.29 -26.45 7.03
CA VAL A 457 -17.32 -25.16 6.33
C VAL A 457 -17.72 -25.37 4.86
N THR A 458 -17.08 -26.31 4.15
CA THR A 458 -17.27 -26.40 2.67
C THR A 458 -18.71 -26.80 2.34
N ARG A 459 -19.32 -27.67 3.15
CA ARG A 459 -20.65 -28.14 2.82
C ARG A 459 -21.70 -27.06 3.11
N MET A 460 -21.40 -26.13 4.03
CA MET A 460 -22.32 -25.08 4.34
C MET A 460 -22.35 -24.08 3.18
N VAL A 461 -21.16 -23.68 2.68
CA VAL A 461 -21.03 -22.74 1.56
C VAL A 461 -21.69 -23.35 0.30
N GLN A 462 -21.45 -24.63 0.02
CA GLN A 462 -22.06 -25.27 -1.14
C GLN A 462 -23.59 -25.34 -1.00
N ARG A 463 -24.15 -25.44 0.19
CA ARG A 463 -25.62 -25.48 0.32
C ARG A 463 -26.24 -24.07 0.16
N ASP A 464 -25.59 -23.00 0.70
CA ASP A 464 -26.30 -21.72 0.97
C ASP A 464 -25.88 -20.54 0.10
N ARG A 465 -24.93 -20.74 -0.82
CA ARG A 465 -24.29 -19.65 -1.55
C ARG A 465 -25.28 -18.90 -2.47
N ASN A 466 -26.47 -19.45 -2.77
CA ASN A 466 -27.37 -18.76 -3.73
C ASN A 466 -28.36 -17.81 -3.03
N HIS A 467 -28.50 -17.86 -1.70
CA HIS A 467 -29.50 -17.05 -0.97
C HIS A 467 -29.08 -15.57 -0.89
N PRO A 468 -29.91 -14.61 -1.38
CA PRO A 468 -29.51 -13.17 -1.27
C PRO A 468 -29.41 -12.68 0.19
N SER A 469 -30.19 -13.27 1.10
CA SER A 469 -30.22 -12.82 2.50
C SER A 469 -28.90 -13.11 3.21
N VAL A 470 -28.15 -14.16 2.83
CA VAL A 470 -26.85 -14.41 3.47
C VAL A 470 -25.84 -13.36 2.99
N ILE A 471 -25.32 -12.52 3.89
CA ILE A 471 -24.39 -11.47 3.43
C ILE A 471 -22.98 -11.68 4.01
N ILE A 472 -22.80 -12.52 5.04
CA ILE A 472 -21.50 -12.76 5.70
C ILE A 472 -21.43 -14.24 6.09
N TRP A 473 -20.26 -14.86 5.87
CA TRP A 473 -19.96 -16.23 6.33
C TRP A 473 -19.21 -16.17 7.67
N SER A 474 -19.47 -17.10 8.60
CA SER A 474 -18.68 -17.14 9.83
C SER A 474 -18.01 -18.50 10.00
N LEU A 475 -16.77 -18.51 10.56
CA LEU A 475 -16.03 -19.79 10.62
C LEU A 475 -16.43 -20.62 11.85
N GLY A 476 -17.33 -20.17 12.68
CA GLY A 476 -17.67 -20.90 13.90
C GLY A 476 -17.59 -19.98 15.09
N ASN A 477 -17.41 -20.55 16.27
CA ASN A 477 -17.54 -19.76 17.47
C ASN A 477 -16.55 -20.31 18.52
N GLU A 478 -15.85 -19.45 19.25
CA GLU A 478 -15.11 -19.87 20.48
C GLU A 478 -14.30 -21.16 20.24
N SER A 479 -13.31 -21.09 19.35
CA SER A 479 -12.42 -22.23 19.10
C SER A 479 -10.96 -21.76 19.08
N GLY A 480 -10.66 -20.64 19.74
CA GLY A 480 -9.32 -20.07 19.72
C GLY A 480 -8.92 -19.73 18.30
N HIS A 481 -7.65 -19.60 18.04
CA HIS A 481 -7.23 -19.29 16.71
C HIS A 481 -6.15 -20.28 16.29
N GLY A 482 -6.44 -21.16 15.35
CA GLY A 482 -5.40 -22.11 14.90
C GLY A 482 -5.17 -22.00 13.40
N ALA A 483 -4.18 -22.72 12.89
CA ALA A 483 -3.85 -22.63 11.46
C ALA A 483 -5.01 -23.21 10.63
N ASN A 484 -5.87 -24.07 11.18
CA ASN A 484 -6.99 -24.61 10.38
C ASN A 484 -7.97 -23.48 10.02
N HIS A 485 -8.14 -22.48 10.89
CA HIS A 485 -8.99 -21.31 10.64
C HIS A 485 -8.47 -20.49 9.46
N ASP A 486 -7.16 -20.16 9.44
CA ASP A 486 -6.60 -19.39 8.29
C ASP A 486 -6.76 -20.11 6.94
N ALA A 487 -6.61 -21.44 6.92
CA ALA A 487 -6.76 -22.20 5.72
C ALA A 487 -8.23 -22.13 5.23
N LEU A 488 -9.19 -22.27 6.13
CA LEU A 488 -10.60 -22.27 5.71
C LEU A 488 -11.09 -20.87 5.35
N TYR A 489 -10.55 -19.86 6.01
CA TYR A 489 -10.81 -18.49 5.65
C TYR A 489 -10.45 -18.29 4.17
N ARG A 490 -9.25 -18.74 3.79
CA ARG A 490 -8.75 -18.57 2.45
C ARG A 490 -9.54 -19.43 1.44
N TRP A 491 -9.98 -20.62 1.83
CA TRP A 491 -10.82 -21.47 0.97
C TRP A 491 -12.09 -20.71 0.56
N ILE A 492 -12.81 -20.09 1.50
CA ILE A 492 -14.04 -19.33 1.19
C ILE A 492 -13.73 -18.10 0.33
N LYS A 493 -12.69 -17.33 0.62
CA LYS A 493 -12.41 -16.12 -0.17
C LYS A 493 -12.16 -16.51 -1.63
N SER A 494 -11.75 -17.75 -1.86
CA SER A 494 -11.38 -18.17 -3.19
C SER A 494 -12.58 -18.77 -3.93
N VAL A 495 -13.45 -19.56 -3.26
CA VAL A 495 -14.60 -20.09 -3.97
C VAL A 495 -15.77 -19.09 -3.99
N ASP A 496 -15.86 -18.16 -3.04
CA ASP A 496 -16.97 -17.19 -3.00
C ASP A 496 -16.52 -15.78 -2.66
N PRO A 497 -15.90 -15.08 -3.62
CA PRO A 497 -15.40 -13.69 -3.35
C PRO A 497 -16.49 -12.65 -3.08
N SER A 498 -17.76 -13.05 -3.09
CA SER A 498 -18.80 -12.06 -3.06
C SER A 498 -19.25 -11.74 -1.63
N ARG A 499 -18.80 -12.46 -0.59
CA ARG A 499 -19.23 -12.15 0.79
C ARG A 499 -18.00 -12.06 1.70
N PRO A 500 -17.97 -11.11 2.64
CA PRO A 500 -16.93 -11.12 3.68
C PRO A 500 -16.99 -12.34 4.59
N VAL A 501 -15.85 -12.65 5.23
CA VAL A 501 -15.77 -13.73 6.19
C VAL A 501 -15.47 -13.14 7.56
N GLN A 502 -16.13 -13.60 8.61
CA GLN A 502 -15.77 -13.14 9.94
C GLN A 502 -15.52 -14.33 10.90
N TYR A 503 -14.72 -14.08 11.91
CA TYR A 503 -14.43 -15.08 12.93
C TYR A 503 -14.02 -14.37 14.23
N GLU A 504 -14.66 -14.66 15.34
CA GLU A 504 -14.37 -13.92 16.58
C GLU A 504 -13.19 -14.55 17.34
N GLY A 505 -12.97 -15.84 17.24
CA GLY A 505 -11.99 -16.51 18.13
C GLY A 505 -10.62 -15.87 18.10
N GLY A 506 -9.85 -16.11 19.17
CA GLY A 506 -8.45 -15.74 19.21
C GLY A 506 -8.25 -14.24 19.35
N GLY A 507 -9.24 -13.52 19.88
CA GLY A 507 -9.06 -12.10 20.18
C GLY A 507 -9.67 -11.17 19.14
N ALA A 508 -10.47 -11.70 18.21
CA ALA A 508 -11.49 -10.90 17.45
C ALA A 508 -10.90 -10.09 16.30
N ASP A 509 -9.58 -10.05 16.13
CA ASP A 509 -8.97 -9.25 15.07
C ASP A 509 -7.76 -9.99 14.39
N THR A 510 -7.83 -11.32 14.36
CA THR A 510 -6.79 -12.18 13.74
C THR A 510 -6.82 -12.06 12.20
N THR A 511 -6.01 -12.86 11.53
CA THR A 511 -5.92 -12.84 10.06
C THR A 511 -7.03 -13.67 9.43
N ALA A 512 -7.85 -14.33 10.23
CA ALA A 512 -8.97 -15.10 9.71
C ALA A 512 -10.29 -14.27 9.72
N THR A 513 -10.27 -12.94 9.75
CA THR A 513 -11.54 -12.17 9.78
C THR A 513 -11.41 -10.93 8.90
N ASP A 514 -12.45 -10.59 8.13
CA ASP A 514 -12.45 -9.34 7.36
C ASP A 514 -13.03 -8.18 8.23
N ILE A 515 -13.65 -8.49 9.36
CA ILE A 515 -14.38 -7.53 10.17
C ILE A 515 -13.86 -7.70 11.61
N ILE A 516 -13.58 -6.66 12.37
CA ILE A 516 -13.23 -6.87 13.78
C ILE A 516 -14.54 -7.22 14.51
N CYS A 517 -14.63 -8.35 15.19
CA CYS A 517 -15.96 -8.69 15.66
C CYS A 517 -15.92 -9.18 17.11
N PRO A 518 -15.68 -8.27 18.06
CA PRO A 518 -15.49 -8.63 19.46
C PRO A 518 -16.79 -9.17 20.09
N MET A 519 -16.69 -9.86 21.22
CA MET A 519 -17.91 -10.14 21.92
C MET A 519 -17.89 -9.45 23.29
N TYR A 520 -18.92 -8.67 23.58
CA TYR A 520 -19.05 -7.95 24.88
C TYR A 520 -17.94 -6.93 25.12
N ALA A 521 -17.36 -6.33 24.09
CA ALA A 521 -16.49 -5.20 24.36
C ALA A 521 -17.34 -4.01 24.80
N ARG A 522 -16.82 -3.19 25.72
CA ARG A 522 -17.59 -2.03 26.23
C ARG A 522 -17.33 -0.80 25.38
N VAL A 523 -18.14 0.24 25.60
CA VAL A 523 -18.08 1.44 24.78
C VAL A 523 -16.84 2.26 25.15
N ASP A 524 -16.65 2.51 26.45
CA ASP A 524 -15.56 3.39 26.94
C ASP A 524 -14.47 2.71 27.79
N GLU A 525 -14.75 1.53 28.34
CA GLU A 525 -13.85 0.91 29.33
C GLU A 525 -13.04 -0.25 28.68
N ASP A 526 -11.72 -0.28 28.90
CA ASP A 526 -10.90 -1.43 28.45
C ASP A 526 -10.98 -2.62 29.44
N GLN A 527 -10.83 -3.84 28.93
CA GLN A 527 -10.75 -5.06 29.78
C GLN A 527 -9.47 -5.80 29.37
N PRO A 528 -8.30 -5.43 29.94
CA PRO A 528 -6.96 -5.86 29.43
C PRO A 528 -6.49 -7.28 29.84
N PHE A 529 -7.30 -8.30 29.53
CA PHE A 529 -6.95 -9.73 29.70
C PHE A 529 -5.66 -10.08 28.94
N PRO A 530 -4.80 -10.95 29.53
CA PRO A 530 -3.56 -11.48 28.85
C PRO A 530 -3.89 -12.23 27.53
N ALA A 531 -3.16 -11.91 26.46
CA ALA A 531 -3.23 -12.60 25.14
C ALA A 531 -4.45 -12.16 24.31
N VAL A 532 -5.63 -12.06 24.93
CA VAL A 532 -6.87 -11.75 24.19
C VAL A 532 -7.60 -10.55 24.86
N PRO A 533 -6.97 -9.34 24.91
CA PRO A 533 -7.64 -8.14 25.55
C PRO A 533 -8.97 -7.74 24.87
N LYS A 534 -9.92 -7.21 25.61
CA LYS A 534 -11.11 -6.63 24.97
C LYS A 534 -11.02 -5.11 25.10
N TRP A 535 -10.42 -4.46 24.12
CA TRP A 535 -10.37 -3.00 24.10
C TRP A 535 -11.78 -2.42 24.12
N SER A 536 -11.95 -1.20 24.57
CA SER A 536 -13.22 -0.58 24.36
C SER A 536 -13.41 -0.36 22.84
N ILE A 537 -14.64 -0.27 22.37
CA ILE A 537 -14.82 -0.32 20.90
C ILE A 537 -14.28 0.93 20.19
N LYS A 538 -14.39 2.11 20.81
CA LYS A 538 -13.86 3.36 20.22
C LYS A 538 -12.33 3.31 20.12
N LYS A 539 -11.65 2.77 21.12
CA LYS A 539 -10.21 2.65 21.10
C LYS A 539 -9.73 1.62 20.05
N TRP A 540 -10.39 0.45 19.98
CA TRP A 540 -10.04 -0.63 19.04
C TRP A 540 -9.95 -0.10 17.60
N LEU A 541 -10.86 0.78 17.20
CA LEU A 541 -10.87 1.22 15.79
C LEU A 541 -9.55 1.87 15.41
N SER A 542 -8.86 2.43 16.38
CA SER A 542 -7.79 3.35 16.06
C SER A 542 -6.42 2.81 16.50
N LEU A 543 -6.33 1.54 16.90
CA LEU A 543 -5.04 0.93 17.20
C LEU A 543 -4.12 1.06 15.98
N PRO A 544 -2.80 1.32 16.19
CA PRO A 544 -1.86 1.57 15.03
C PRO A 544 -1.97 0.40 14.04
N GLY A 545 -2.18 0.72 12.76
CA GLY A 545 -2.32 -0.31 11.70
C GLY A 545 -3.76 -0.73 11.37
N GLU A 546 -4.74 -0.52 12.27
CA GLU A 546 -6.11 -1.09 12.13
C GLU A 546 -6.95 -0.33 11.08
N THR A 547 -7.61 -1.03 10.16
CA THR A 547 -8.38 -0.36 9.08
C THR A 547 -9.76 -1.01 8.86
N ARG A 548 -10.04 -2.17 9.46
CA ARG A 548 -11.28 -2.93 9.20
C ARG A 548 -12.47 -2.23 9.87
N PRO A 549 -13.71 -2.49 9.41
CA PRO A 549 -14.88 -2.04 10.23
C PRO A 549 -15.11 -2.93 11.47
N LEU A 550 -15.84 -2.44 12.48
CA LEU A 550 -16.07 -3.22 13.72
C LEU A 550 -17.57 -3.49 13.87
N ILE A 551 -17.99 -4.74 13.95
CA ILE A 551 -19.39 -5.10 14.24
C ILE A 551 -19.38 -6.11 15.37
N LEU A 552 -20.03 -5.87 16.49
CA LEU A 552 -19.99 -6.81 17.60
C LEU A 552 -20.76 -8.09 17.26
N CYS A 553 -20.11 -9.24 17.37
CA CYS A 553 -20.88 -10.45 17.05
C CYS A 553 -21.80 -10.79 18.21
N GLU A 554 -21.51 -10.32 19.44
CA GLU A 554 -22.44 -10.45 20.59
C GLU A 554 -22.26 -9.24 21.48
N TYR A 555 -23.34 -8.56 21.88
CA TYR A 555 -23.19 -7.51 22.88
C TYR A 555 -24.48 -7.45 23.71
N ALA A 556 -24.43 -6.75 24.84
CA ALA A 556 -25.62 -6.46 25.63
C ALA A 556 -26.32 -7.76 26.07
N HIS A 557 -25.74 -8.52 27.00
CA HIS A 557 -26.25 -9.82 27.40
C HIS A 557 -27.64 -9.72 28.04
N ALA A 558 -28.66 -10.28 27.43
CA ALA A 558 -30.05 -9.99 27.89
C ALA A 558 -30.52 -10.97 28.97
N MET A 559 -29.69 -11.34 29.93
CA MET A 559 -30.07 -12.37 30.91
C MET A 559 -30.96 -11.78 32.00
N GLY A 560 -32.24 -12.14 32.01
CA GLY A 560 -33.18 -11.69 33.06
C GLY A 560 -33.53 -10.23 32.92
N ASN A 561 -33.47 -9.49 34.03
CA ASN A 561 -33.75 -8.07 34.09
C ASN A 561 -32.45 -7.34 33.71
N SER A 562 -32.29 -6.96 32.44
CA SER A 562 -30.96 -6.60 31.89
C SER A 562 -31.11 -5.51 30.80
N LEU A 563 -30.07 -5.32 29.98
CA LEU A 563 -29.97 -4.24 28.93
C LEU A 563 -29.78 -2.84 29.51
N GLY A 564 -29.26 -2.70 30.74
CA GLY A 564 -28.86 -1.38 31.22
C GLY A 564 -27.67 -0.87 30.42
N GLY A 565 -27.63 0.42 30.11
CA GLY A 565 -26.50 0.93 29.32
C GLY A 565 -26.65 0.71 27.82
N PHE A 566 -27.81 0.25 27.34
CA PHE A 566 -28.00 -0.09 25.92
C PHE A 566 -27.87 1.16 25.05
N ALA A 567 -28.42 2.30 25.52
CA ALA A 567 -28.40 3.58 24.84
C ALA A 567 -26.97 4.06 24.54
N LYS A 568 -26.02 3.69 25.37
CA LYS A 568 -24.64 4.13 25.20
C LYS A 568 -24.01 3.45 23.97
N TYR A 569 -24.35 2.20 23.66
CA TYR A 569 -23.89 1.55 22.41
C TYR A 569 -24.48 2.28 21.18
N TRP A 570 -25.79 2.58 21.22
CA TRP A 570 -26.47 3.17 20.09
C TRP A 570 -25.98 4.61 19.84
N GLN A 571 -25.65 5.36 20.89
CA GLN A 571 -25.02 6.68 20.73
C GLN A 571 -23.68 6.54 19.99
N ALA A 572 -22.76 5.66 20.44
CA ALA A 572 -21.50 5.36 19.71
C ALA A 572 -21.77 4.88 18.28
N PHE A 573 -22.62 3.88 18.05
CA PHE A 573 -22.86 3.36 16.67
C PHE A 573 -23.21 4.52 15.73
N ARG A 574 -24.01 5.48 16.18
CA ARG A 574 -24.43 6.60 15.30
C ARG A 574 -23.32 7.64 15.14
N GLN A 575 -22.45 7.84 16.12
CA GLN A 575 -21.43 8.87 15.98
C GLN A 575 -20.23 8.40 15.13
N TYR A 576 -19.80 7.13 15.20
CA TYR A 576 -18.54 6.70 14.57
C TYR A 576 -18.84 5.95 13.26
N PRO A 577 -18.30 6.39 12.13
CA PRO A 577 -18.65 5.67 10.85
C PRO A 577 -18.26 4.19 10.81
N ARG A 578 -17.11 3.81 11.36
CA ARG A 578 -16.62 2.44 11.27
C ARG A 578 -17.19 1.54 12.39
N LEU A 579 -17.97 2.06 13.35
CA LEU A 579 -18.77 1.20 14.26
C LEU A 579 -20.11 0.91 13.56
N GLN A 580 -20.30 -0.29 13.04
CA GLN A 580 -21.50 -0.46 12.19
C GLN A 580 -22.55 -1.34 12.90
N GLY A 581 -22.58 -1.41 14.23
CA GLY A 581 -23.69 -2.04 14.96
C GLY A 581 -23.26 -3.37 15.57
N GLY A 582 -24.20 -4.31 15.73
CA GLY A 582 -23.87 -5.57 16.37
C GLY A 582 -25.10 -6.45 16.52
N PHE A 583 -24.93 -7.64 17.10
CA PHE A 583 -25.97 -8.62 17.32
C PHE A 583 -26.20 -8.80 18.83
N VAL A 584 -27.36 -8.46 19.36
CA VAL A 584 -27.67 -8.67 20.79
C VAL A 584 -27.59 -10.17 21.14
N TRP A 585 -27.15 -10.52 22.36
CA TRP A 585 -27.28 -11.89 22.85
C TRP A 585 -28.43 -11.97 23.89
N ASP A 586 -29.58 -12.62 23.65
CA ASP A 586 -29.94 -13.20 22.37
C ASP A 586 -31.46 -13.16 22.23
N TRP A 587 -32.05 -13.78 21.21
CA TRP A 587 -33.51 -13.67 20.89
C TRP A 587 -34.41 -14.33 21.94
N VAL A 588 -34.29 -15.62 22.17
CA VAL A 588 -35.33 -16.36 22.90
C VAL A 588 -34.69 -17.13 24.07
N ASP A 589 -35.30 -17.10 25.26
CA ASP A 589 -34.88 -17.92 26.41
C ASP A 589 -34.92 -19.43 26.06
N GLN A 590 -33.86 -20.18 26.34
CA GLN A 590 -33.92 -21.60 26.08
C GLN A 590 -34.49 -22.33 27.32
N SER A 591 -35.74 -22.14 27.67
CA SER A 591 -36.29 -22.92 28.80
C SER A 591 -37.17 -24.07 28.26
N LEU A 592 -37.39 -25.11 29.05
CA LEU A 592 -38.22 -26.24 28.58
C LEU A 592 -39.47 -26.36 29.47
N ILE A 593 -40.51 -27.04 29.03
CA ILE A 593 -41.72 -27.22 29.86
C ILE A 593 -41.68 -28.55 30.63
N LYS A 594 -41.92 -28.50 31.95
CA LYS A 594 -42.19 -29.69 32.78
C LYS A 594 -43.63 -29.63 33.30
N TYR A 595 -44.14 -30.73 33.83
CA TYR A 595 -45.53 -30.76 34.39
C TYR A 595 -45.45 -31.05 35.89
N ASP A 596 -46.26 -30.37 36.71
CA ASP A 596 -46.35 -30.78 38.13
C ASP A 596 -47.34 -31.97 38.35
N GLU A 597 -47.74 -32.23 39.60
CA GLU A 597 -48.64 -33.37 39.96
C GLU A 597 -50.05 -33.17 39.39
N ASN A 598 -50.52 -31.92 39.36
CA ASN A 598 -51.85 -31.57 38.84
C ASN A 598 -51.81 -31.36 37.31
N GLY A 599 -50.64 -31.57 36.69
CA GLY A 599 -50.49 -31.47 35.23
C GLY A 599 -50.36 -30.02 34.77
N ASN A 600 -50.03 -29.10 35.69
CA ASN A 600 -49.80 -27.69 35.35
C ASN A 600 -48.38 -27.52 34.79
N PRO A 601 -48.28 -26.86 33.63
CA PRO A 601 -46.95 -26.68 33.00
C PRO A 601 -46.11 -25.63 33.75
N TRP A 602 -44.80 -25.82 33.86
CA TRP A 602 -43.92 -24.77 34.37
C TRP A 602 -42.60 -24.75 33.58
N SER A 603 -41.95 -23.57 33.52
CA SER A 603 -40.70 -23.37 32.75
C SER A 603 -39.48 -23.87 33.53
N ALA A 604 -38.69 -24.73 32.92
CA ALA A 604 -37.55 -25.39 33.59
C ALA A 604 -36.23 -24.94 32.98
N TYR A 605 -35.14 -24.99 33.74
CA TYR A 605 -33.83 -24.67 33.23
C TYR A 605 -32.82 -25.74 33.63
N GLY A 606 -31.52 -25.51 33.41
CA GLY A 606 -30.50 -26.55 33.67
C GLY A 606 -30.59 -27.14 35.08
N GLY A 607 -30.52 -28.46 35.17
CA GLY A 607 -30.56 -29.15 36.48
C GLY A 607 -31.95 -29.70 36.79
N ASP A 608 -32.99 -29.23 36.10
CA ASP A 608 -34.37 -29.65 36.39
C ASP A 608 -34.76 -31.03 35.82
N PHE A 609 -33.81 -31.71 35.16
CA PHE A 609 -34.08 -33.02 34.57
C PHE A 609 -33.15 -34.06 35.20
N GLY A 610 -32.50 -33.70 36.29
CA GLY A 610 -31.49 -34.58 36.94
C GLY A 610 -30.17 -34.60 36.18
N ASP A 611 -30.04 -33.75 35.16
CA ASP A 611 -28.78 -33.55 34.41
C ASP A 611 -27.69 -32.93 35.31
N THR A 612 -26.48 -33.48 35.25
CA THR A 612 -25.41 -33.11 36.19
C THR A 612 -24.04 -33.51 35.61
N PRO A 613 -23.02 -32.65 35.72
CA PRO A 613 -23.14 -31.22 36.12
C PRO A 613 -23.95 -30.39 35.10
N ASN A 614 -24.37 -29.20 35.49
CA ASN A 614 -25.22 -28.38 34.64
C ASN A 614 -24.93 -26.91 34.94
N ASP A 615 -25.43 -26.00 34.12
CA ASP A 615 -25.18 -24.59 34.38
C ASP A 615 -26.41 -23.75 34.71
N ARG A 616 -27.44 -24.38 35.28
CA ARG A 616 -28.52 -23.67 35.99
C ARG A 616 -29.26 -22.70 35.07
N GLN A 617 -29.55 -21.47 35.50
CA GLN A 617 -30.39 -20.55 34.68
C GLN A 617 -29.60 -19.93 33.53
N PHE A 618 -28.31 -20.22 33.39
CA PHE A 618 -27.49 -19.54 32.38
C PHE A 618 -27.98 -19.80 30.94
N CYS A 619 -29.00 -20.66 30.76
CA CYS A 619 -29.51 -20.95 29.40
C CYS A 619 -30.61 -19.94 29.02
N MET A 620 -30.98 -19.03 29.92
CA MET A 620 -32.07 -18.08 29.61
C MET A 620 -31.56 -16.66 29.42
N ASN A 621 -31.44 -16.25 28.18
CA ASN A 621 -30.73 -15.03 27.90
C ASN A 621 -31.55 -14.19 26.92
N GLY A 622 -32.83 -14.52 26.70
CA GLY A 622 -33.53 -13.92 25.58
C GLY A 622 -34.18 -12.59 25.87
N LEU A 623 -34.51 -11.83 24.81
CA LEU A 623 -35.45 -10.68 24.84
C LEU A 623 -36.92 -11.14 24.92
N VAL A 624 -37.22 -12.39 24.58
CA VAL A 624 -38.62 -12.89 24.63
C VAL A 624 -38.61 -14.17 25.45
N PHE A 625 -39.73 -14.51 26.07
CA PHE A 625 -39.88 -15.79 26.80
C PHE A 625 -39.95 -16.92 25.77
N ALA A 626 -39.71 -18.15 26.19
CA ALA A 626 -39.70 -19.28 25.26
C ALA A 626 -41.05 -19.39 24.49
N ASP A 627 -42.16 -18.90 25.05
CA ASP A 627 -43.43 -18.86 24.29
C ASP A 627 -43.63 -17.64 23.34
N ARG A 628 -42.63 -16.77 23.27
CA ARG A 628 -42.54 -15.60 22.35
C ARG A 628 -43.28 -14.36 22.89
N THR A 629 -43.61 -14.37 24.19
CA THR A 629 -44.04 -13.17 24.90
C THR A 629 -42.79 -12.31 25.19
N PRO A 630 -42.88 -10.98 24.99
CA PRO A 630 -41.72 -10.05 25.23
C PRO A 630 -41.33 -9.82 26.70
N HIS A 631 -40.04 -9.76 26.97
CA HIS A 631 -39.53 -9.14 28.19
C HIS A 631 -39.63 -7.61 28.05
N PRO A 632 -39.66 -6.87 29.16
CA PRO A 632 -39.65 -5.38 29.10
C PRO A 632 -38.44 -4.79 28.36
N ALA A 633 -37.29 -5.45 28.38
CA ALA A 633 -36.09 -4.96 27.65
C ALA A 633 -36.34 -4.84 26.14
N LEU A 634 -37.24 -5.66 25.56
CA LEU A 634 -37.49 -5.61 24.10
C LEU A 634 -37.92 -4.20 23.68
N THR A 635 -38.69 -3.46 24.50
CA THR A 635 -39.12 -2.10 24.12
C THR A 635 -37.90 -1.15 24.10
N GLU A 636 -36.99 -1.27 25.06
CA GLU A 636 -35.76 -0.48 25.04
C GLU A 636 -35.00 -0.67 23.70
N ALA A 637 -34.82 -1.93 23.26
CA ALA A 637 -34.17 -2.22 21.95
C ALA A 637 -34.95 -1.56 20.79
N LYS A 638 -36.26 -1.70 20.76
CA LYS A 638 -37.05 -1.09 19.70
C LYS A 638 -36.75 0.39 19.60
N HIS A 639 -36.77 1.13 20.73
CA HIS A 639 -36.59 2.57 20.74
C HIS A 639 -35.17 2.95 20.31
N GLN A 640 -34.12 2.24 20.75
CA GLN A 640 -32.75 2.66 20.40
C GLN A 640 -32.46 2.36 18.93
N GLN A 641 -33.14 1.36 18.38
CA GLN A 641 -32.90 0.93 17.02
C GLN A 641 -33.82 1.65 16.02
N GLN A 642 -34.69 2.57 16.41
CA GLN A 642 -35.66 3.26 15.49
C GLN A 642 -34.97 3.81 14.23
N PHE A 643 -35.71 3.87 13.13
CA PHE A 643 -35.17 4.40 11.86
C PHE A 643 -35.42 5.90 11.68
N PHE A 644 -36.06 6.58 12.63
CA PHE A 644 -36.22 8.06 12.57
C PHE A 644 -35.55 8.64 13.81
N GLN A 645 -34.69 9.63 13.65
CA GLN A 645 -34.14 10.37 14.79
C GLN A 645 -34.79 11.76 14.83
N PHE A 646 -34.94 12.35 16.01
CA PHE A 646 -35.68 13.62 16.13
C PHE A 646 -34.85 14.69 16.85
N ARG A 647 -34.98 15.96 16.49
CA ARG A 647 -34.40 17.02 17.33
C ARG A 647 -35.45 18.12 17.51
N LEU A 648 -35.42 18.78 18.66
CA LEU A 648 -36.35 19.89 18.89
C LEU A 648 -35.54 21.18 19.02
N SER A 649 -35.96 22.19 18.27
CA SER A 649 -35.40 23.53 18.39
C SER A 649 -36.57 24.52 18.38
N GLY A 650 -36.93 25.06 19.54
CA GLY A 650 -38.07 25.98 19.67
C GLY A 650 -39.41 25.29 19.41
N GLN A 651 -40.01 25.64 18.27
CA GLN A 651 -41.32 25.10 17.85
C GLN A 651 -41.12 24.08 16.72
N THR A 652 -39.86 23.88 16.33
CA THR A 652 -39.52 23.10 15.14
C THR A 652 -39.00 21.73 15.57
N ILE A 653 -39.54 20.69 14.96
CA ILE A 653 -38.99 19.33 15.02
C ILE A 653 -38.22 19.09 13.72
N GLU A 654 -36.98 18.67 13.81
CA GLU A 654 -36.27 18.10 12.65
C GLU A 654 -36.38 16.56 12.66
N VAL A 655 -36.91 15.96 11.60
CA VAL A 655 -36.95 14.50 11.48
C VAL A 655 -35.85 14.05 10.51
N THR A 656 -35.00 13.13 10.92
CA THR A 656 -33.92 12.59 10.07
C THR A 656 -34.23 11.12 9.78
N SER A 657 -34.15 10.71 8.52
CA SER A 657 -34.39 9.32 8.14
C SER A 657 -33.09 8.50 8.25
N GLU A 658 -33.17 7.30 8.81
CA GLU A 658 -31.96 6.43 8.81
C GLU A 658 -32.14 5.27 7.83
N TYR A 659 -33.13 5.35 6.94
CA TYR A 659 -33.26 4.40 5.83
C TYR A 659 -32.18 4.68 4.79
N LEU A 660 -31.73 3.65 4.09
CA LEU A 660 -30.69 3.88 3.09
C LEU A 660 -31.29 3.86 1.69
N PHE A 661 -32.45 3.23 1.50
CA PHE A 661 -32.96 2.96 0.17
C PHE A 661 -34.42 3.44 0.00
N ARG A 662 -35.27 3.35 1.01
CA ARG A 662 -36.68 3.68 0.78
C ARG A 662 -36.99 5.14 1.14
N HIS A 663 -37.96 5.70 0.42
CA HIS A 663 -38.58 6.98 0.75
C HIS A 663 -39.63 6.69 1.83
N SER A 664 -39.93 7.64 2.73
CA SER A 664 -40.92 7.37 3.80
C SER A 664 -42.37 7.49 3.28
N ASP A 665 -42.83 6.47 2.55
CA ASP A 665 -44.15 6.52 1.91
C ASP A 665 -45.32 5.86 2.67
N ASN A 666 -45.07 5.38 3.89
CA ASN A 666 -46.11 4.74 4.71
C ASN A 666 -45.93 5.22 6.16
N GLU A 667 -45.91 6.54 6.36
CA GLU A 667 -45.47 7.12 7.64
C GLU A 667 -46.24 8.41 7.90
N LEU A 668 -46.85 8.51 9.07
CA LEU A 668 -47.32 9.83 9.48
C LEU A 668 -47.01 10.12 10.96
N LEU A 669 -46.71 11.38 11.21
CA LEU A 669 -46.27 11.83 12.53
C LEU A 669 -47.46 12.35 13.35
N HIS A 670 -47.71 11.76 14.52
CA HIS A 670 -48.69 12.25 15.49
C HIS A 670 -47.94 13.01 16.61
N TRP A 671 -48.34 14.23 16.93
CA TRP A 671 -47.76 14.94 18.07
C TRP A 671 -48.84 15.26 19.08
N MET A 672 -48.47 15.33 20.36
CA MET A 672 -49.39 15.68 21.43
C MET A 672 -48.63 16.54 22.47
N VAL A 673 -49.29 17.57 23.00
CA VAL A 673 -48.75 18.37 24.11
C VAL A 673 -49.63 18.14 25.36
N ALA A 674 -49.04 17.74 26.48
CA ALA A 674 -49.85 17.42 27.67
C ALA A 674 -49.29 18.15 28.90
N LEU A 675 -50.15 18.45 29.86
CA LEU A 675 -49.73 19.12 31.12
C LEU A 675 -50.00 18.16 32.26
N ASP A 676 -48.92 17.66 32.88
CA ASP A 676 -49.00 16.59 33.90
C ASP A 676 -50.11 15.54 33.64
N GLY A 677 -50.08 14.95 32.44
CA GLY A 677 -51.02 13.89 32.06
C GLY A 677 -52.21 14.39 31.24
N LYS A 678 -52.71 15.59 31.52
CA LYS A 678 -53.91 16.15 30.83
C LYS A 678 -53.52 16.66 29.42
N PRO A 679 -54.15 16.12 28.36
CA PRO A 679 -54.00 16.57 26.94
C PRO A 679 -54.45 18.02 26.71
N LEU A 680 -53.70 18.77 25.90
CA LEU A 680 -53.96 20.19 25.67
C LEU A 680 -54.11 20.48 24.17
N ALA A 681 -53.25 19.87 23.37
CA ALA A 681 -53.22 20.08 21.90
C ALA A 681 -52.67 18.80 21.27
N SER A 682 -52.94 18.64 19.97
CA SER A 682 -52.70 17.42 19.23
C SER A 682 -52.68 17.77 17.74
N GLY A 683 -52.27 16.82 16.90
CA GLY A 683 -52.10 17.09 15.47
C GLY A 683 -51.44 15.93 14.76
N GLU A 684 -51.45 15.98 13.43
CA GLU A 684 -50.73 15.01 12.57
C GLU A 684 -50.20 15.67 11.29
N VAL A 685 -49.11 15.11 10.78
CA VAL A 685 -48.36 15.61 9.64
C VAL A 685 -47.88 14.40 8.85
N PRO A 686 -48.07 14.37 7.52
CA PRO A 686 -47.46 13.25 6.74
C PRO A 686 -45.93 13.40 6.70
N LEU A 687 -45.20 12.29 6.71
CA LEU A 687 -43.74 12.36 6.59
C LEU A 687 -43.35 12.19 5.12
N ASP A 688 -42.52 13.09 4.64
CA ASP A 688 -42.05 13.06 3.27
C ASP A 688 -40.53 13.30 3.29
N VAL A 689 -39.77 12.26 3.62
CA VAL A 689 -38.33 12.41 3.88
C VAL A 689 -37.58 11.36 3.05
N ALA A 690 -36.62 11.82 2.27
CA ALA A 690 -35.79 10.96 1.42
C ALA A 690 -34.83 10.14 2.30
N PRO A 691 -34.33 8.99 1.78
CA PRO A 691 -33.32 8.17 2.51
C PRO A 691 -32.12 9.04 2.90
N GLN A 692 -31.84 9.08 4.20
CA GLN A 692 -30.73 9.86 4.81
C GLN A 692 -31.01 11.37 4.81
N GLY A 693 -32.25 11.79 4.57
CA GLY A 693 -32.58 13.23 4.50
C GLY A 693 -33.28 13.75 5.75
N LYS A 694 -33.63 15.05 5.72
CA LYS A 694 -34.30 15.74 6.84
C LYS A 694 -35.66 16.30 6.38
N GLN A 695 -36.53 16.55 7.35
CA GLN A 695 -37.77 17.29 7.16
C GLN A 695 -37.95 18.19 8.40
N LEU A 696 -38.35 19.44 8.19
CA LEU A 696 -38.64 20.35 9.31
C LEU A 696 -40.15 20.47 9.48
N ILE A 697 -40.64 20.11 10.66
CA ILE A 697 -42.05 20.24 10.97
C ILE A 697 -42.21 21.38 11.99
N GLU A 698 -42.87 22.46 11.56
CA GLU A 698 -43.18 23.57 12.44
C GLU A 698 -44.49 23.25 13.18
N LEU A 699 -44.49 23.44 14.50
CA LEU A 699 -45.72 23.22 15.27
C LEU A 699 -46.52 24.53 15.34
N PRO A 700 -47.87 24.43 15.41
CA PRO A 700 -48.80 25.54 15.72
C PRO A 700 -48.37 26.35 16.96
N GLU A 701 -48.94 27.54 17.14
CA GLU A 701 -48.78 28.27 18.40
C GLU A 701 -49.35 27.40 19.53
N LEU A 702 -48.47 26.98 20.44
CA LEU A 702 -48.83 26.07 21.53
C LEU A 702 -49.54 26.87 22.63
N PRO A 703 -50.46 26.22 23.38
CA PRO A 703 -51.24 26.99 24.37
C PRO A 703 -50.41 27.35 25.61
N GLN A 704 -50.67 28.55 26.16
CA GLN A 704 -50.15 28.95 27.46
C GLN A 704 -51.21 28.60 28.52
N PRO A 705 -50.92 27.61 29.37
CA PRO A 705 -51.89 27.28 30.42
C PRO A 705 -51.71 28.20 31.64
N GLU A 706 -52.78 28.34 32.42
CA GLU A 706 -52.74 29.16 33.63
C GLU A 706 -52.00 28.39 34.74
N SER A 707 -52.42 27.14 34.94
CA SER A 707 -52.04 26.32 36.10
C SER A 707 -50.54 25.96 36.08
N ALA A 708 -50.07 25.57 37.27
CA ALA A 708 -48.72 25.11 37.49
C ALA A 708 -48.52 23.75 36.82
N GLY A 709 -47.27 23.45 36.50
CA GLY A 709 -46.87 22.11 36.06
C GLY A 709 -45.93 22.16 34.88
N GLN A 710 -45.40 21.00 34.52
CA GLN A 710 -44.48 20.84 33.41
C GLN A 710 -45.28 20.45 32.14
N LEU A 711 -45.06 21.15 31.02
CA LEU A 711 -45.57 20.72 29.70
C LEU A 711 -44.64 19.67 29.07
N TRP A 712 -45.25 18.69 28.40
CA TRP A 712 -44.50 17.63 27.73
C TRP A 712 -44.91 17.51 26.26
N LEU A 713 -43.96 17.42 25.34
CA LEU A 713 -44.36 17.16 23.92
C LEU A 713 -43.95 15.73 23.54
N THR A 714 -44.86 14.98 22.92
CA THR A 714 -44.58 13.59 22.50
C THR A 714 -44.89 13.47 21.01
N VAL A 715 -43.94 12.96 20.21
CA VAL A 715 -44.20 12.64 18.80
C VAL A 715 -44.15 11.11 18.62
N ARG A 716 -44.96 10.56 17.72
CA ARG A 716 -44.88 9.14 17.36
C ARG A 716 -45.09 8.98 15.85
N VAL A 717 -44.30 8.13 15.21
CA VAL A 717 -44.44 7.80 13.78
C VAL A 717 -45.33 6.55 13.66
N VAL A 718 -46.41 6.66 12.92
CA VAL A 718 -47.41 5.57 12.78
C VAL A 718 -47.37 5.09 11.32
N GLN A 719 -47.41 3.78 11.10
CA GLN A 719 -47.60 3.25 9.72
C GLN A 719 -49.11 3.06 9.47
N PRO A 720 -49.73 3.96 8.69
CA PRO A 720 -51.19 3.85 8.45
C PRO A 720 -51.63 2.60 7.66
N ASN A 721 -50.85 2.10 6.68
CA ASN A 721 -51.24 0.85 5.94
C ASN A 721 -50.46 -0.38 6.46
N ALA A 722 -51.13 -1.54 6.48
CA ALA A 722 -50.50 -2.86 6.72
C ALA A 722 -49.37 -3.13 5.71
N THR A 723 -48.38 -3.88 6.16
CA THR A 723 -47.28 -4.42 5.33
C THR A 723 -47.34 -5.96 5.42
N ALA A 724 -46.36 -6.64 4.82
CA ALA A 724 -46.24 -8.10 4.93
C ALA A 724 -45.90 -8.51 6.38
N TRP A 725 -45.34 -7.57 7.15
CA TRP A 725 -44.81 -7.86 8.47
C TRP A 725 -45.51 -7.05 9.58
N SER A 726 -46.46 -6.20 9.29
CA SER A 726 -47.10 -5.40 10.37
C SER A 726 -48.56 -5.07 10.03
N GLU A 727 -49.34 -4.88 11.09
CA GLU A 727 -50.72 -4.39 11.06
C GLU A 727 -50.75 -2.90 10.72
N ALA A 728 -51.94 -2.43 10.32
CA ALA A 728 -52.23 -0.99 10.18
C ALA A 728 -52.21 -0.36 11.58
N GLY A 729 -51.55 0.80 11.71
CA GLY A 729 -51.47 1.50 12.98
C GLY A 729 -50.17 1.22 13.76
N HIS A 730 -49.30 0.39 13.21
CA HIS A 730 -48.06 0.01 13.86
C HIS A 730 -47.23 1.26 14.18
N ILE A 731 -46.76 1.38 15.43
CA ILE A 731 -45.92 2.51 15.85
C ILE A 731 -44.45 2.12 15.65
N SER A 732 -43.72 2.87 14.85
CA SER A 732 -42.38 2.45 14.53
C SER A 732 -41.27 3.25 15.26
N ALA A 733 -41.57 4.44 15.81
CA ALA A 733 -40.57 5.40 16.38
C ALA A 733 -41.31 6.38 17.29
N TRP A 734 -40.66 6.92 18.32
CA TRP A 734 -41.28 7.93 19.18
C TRP A 734 -40.20 8.70 19.92
N GLN A 735 -40.57 9.83 20.54
CA GLN A 735 -39.61 10.66 21.30
C GLN A 735 -40.40 11.66 22.14
N GLN A 736 -39.91 12.02 23.33
CA GLN A 736 -40.59 12.96 24.24
C GLN A 736 -39.62 14.06 24.69
N TRP A 737 -40.09 15.31 24.84
CA TRP A 737 -39.26 16.44 25.38
C TRP A 737 -40.07 17.21 26.42
N ARG A 738 -39.39 17.84 27.38
CA ARG A 738 -39.99 18.89 28.27
C ARG A 738 -40.08 20.22 27.50
N LEU A 739 -41.23 20.89 27.57
CA LEU A 739 -41.35 22.27 27.07
C LEU A 739 -41.32 23.24 28.26
N ALA A 740 -42.17 24.26 28.32
CA ALA A 740 -42.17 25.25 29.42
C ALA A 740 -42.66 24.63 30.73
N GLU A 741 -42.06 25.04 31.85
CA GLU A 741 -42.54 24.70 33.20
C GLU A 741 -43.00 25.97 33.92
N ASN A 742 -44.12 25.89 34.61
CA ASN A 742 -44.57 26.92 35.56
C ASN A 742 -44.47 26.37 36.97
N LEU A 743 -43.58 26.93 37.81
CA LEU A 743 -43.46 26.51 39.23
C LEU A 743 -44.67 27.02 40.02
N SER A 744 -45.06 26.21 41.01
CA SER A 744 -46.23 26.45 41.87
C SER A 744 -45.87 27.37 43.04
N VAL A 745 -46.43 28.59 43.04
CA VAL A 745 -46.18 29.59 44.10
C VAL A 745 -47.39 29.69 45.05
N THR A 746 -48.30 28.73 45.02
CA THR A 746 -49.51 28.81 45.88
C THR A 746 -49.27 28.00 47.16
N LEU A 747 -49.40 28.70 48.30
CA LEU A 747 -49.28 28.09 49.63
C LEU A 747 -50.55 27.26 49.92
N PRO A 748 -50.40 26.11 50.62
CA PRO A 748 -51.53 25.24 50.99
C PRO A 748 -52.55 25.98 51.89
N ALA A 749 -53.84 25.67 51.69
CA ALA A 749 -54.95 26.33 52.39
C ALA A 749 -54.93 25.95 53.89
N ALA A 750 -55.01 26.96 54.75
CA ALA A 750 -54.92 26.80 56.20
C ALA A 750 -56.19 26.13 56.74
N SER A 751 -56.02 24.97 57.35
CA SER A 751 -57.13 24.21 57.94
C SER A 751 -57.30 24.61 59.41
N HIS A 752 -58.51 24.36 59.93
CA HIS A 752 -58.93 24.79 61.26
C HIS A 752 -58.66 23.70 62.31
N ALA A 753 -58.61 22.45 61.85
CA ALA A 753 -58.35 21.29 62.72
C ALA A 753 -56.85 21.21 63.06
N ILE A 754 -56.57 20.84 64.31
CA ILE A 754 -55.19 20.61 64.78
C ILE A 754 -55.07 19.14 65.19
N PRO A 755 -54.05 18.42 64.67
CA PRO A 755 -53.78 17.02 65.06
C PRO A 755 -53.42 16.95 66.55
N HIS A 756 -53.90 15.91 67.24
CA HIS A 756 -53.70 15.79 68.69
C HIS A 756 -52.67 14.70 69.00
N LEU A 757 -51.69 14.99 69.86
CA LEU A 757 -50.63 14.02 70.24
C LEU A 757 -50.90 13.41 71.63
N THR A 758 -50.77 12.08 71.70
CA THR A 758 -50.87 11.32 72.94
C THR A 758 -49.55 10.57 73.15
N THR A 759 -49.01 10.68 74.35
CA THR A 759 -47.74 10.03 74.71
C THR A 759 -48.03 8.93 75.74
N SER A 760 -47.69 7.70 75.37
CA SER A 760 -47.58 6.61 76.34
C SER A 760 -46.10 6.26 76.48
N GLU A 761 -45.79 5.19 77.22
CA GLU A 761 -44.42 4.74 77.37
C GLU A 761 -43.95 4.07 76.08
N MET A 762 -44.87 3.36 75.42
CA MET A 762 -44.58 2.49 74.28
C MET A 762 -44.73 3.25 72.95
N ASP A 763 -45.62 4.25 72.90
CA ASP A 763 -46.06 4.87 71.64
C ASP A 763 -46.24 6.38 71.62
N PHE A 764 -46.08 6.98 70.44
CA PHE A 764 -46.70 8.27 70.14
C PHE A 764 -47.92 7.98 69.25
N CYS A 765 -49.07 8.54 69.61
CA CYS A 765 -50.27 8.42 68.78
C CYS A 765 -50.77 9.82 68.39
N ILE A 766 -51.06 10.00 67.11
CA ILE A 766 -51.64 11.24 66.59
C ILE A 766 -53.04 10.92 66.06
N GLU A 767 -54.04 11.73 66.41
CA GLU A 767 -55.40 11.58 65.90
C GLU A 767 -55.79 12.88 65.17
N LEU A 768 -56.51 12.75 64.06
CA LEU A 768 -57.14 13.88 63.36
C LEU A 768 -58.41 13.38 62.65
N GLY A 769 -59.57 13.66 63.24
CA GLY A 769 -60.84 13.13 62.71
C GLY A 769 -60.92 11.62 62.92
N ASN A 770 -61.07 10.89 61.82
CA ASN A 770 -61.16 9.42 61.88
C ASN A 770 -59.77 8.78 61.64
N LYS A 771 -58.78 9.59 61.27
CA LYS A 771 -57.43 9.12 60.96
C LYS A 771 -56.58 9.03 62.24
N ARG A 772 -55.73 8.02 62.31
CA ARG A 772 -54.85 7.81 63.48
C ARG A 772 -53.51 7.24 63.00
N TRP A 773 -52.40 7.74 63.53
CA TRP A 773 -51.06 7.20 63.26
C TRP A 773 -50.43 6.76 64.58
N GLN A 774 -49.71 5.65 64.58
CA GLN A 774 -49.00 5.21 65.79
C GLN A 774 -47.52 4.94 65.49
N PHE A 775 -46.63 5.54 66.29
CA PHE A 775 -45.18 5.36 66.17
C PHE A 775 -44.66 4.59 67.39
N ASN A 776 -43.95 3.50 67.15
CA ASN A 776 -43.43 2.65 68.23
C ASN A 776 -42.16 3.30 68.80
N ARG A 777 -42.12 3.53 70.11
CA ARG A 777 -40.99 4.29 70.72
C ARG A 777 -39.75 3.42 70.92
N GLN A 778 -39.86 2.09 70.78
CA GLN A 778 -38.71 1.20 70.93
C GLN A 778 -38.02 0.95 69.58
N SER A 779 -38.80 0.73 68.51
CA SER A 779 -38.22 0.51 67.18
C SER A 779 -38.00 1.84 66.45
N GLY A 780 -38.86 2.84 66.73
CA GLY A 780 -38.72 4.18 66.15
C GLY A 780 -39.31 4.28 64.75
N PHE A 781 -40.26 3.40 64.41
CA PHE A 781 -40.90 3.42 63.09
C PHE A 781 -42.41 3.67 63.23
N LEU A 782 -43.04 4.16 62.16
CA LEU A 782 -44.49 4.14 62.03
C LEU A 782 -44.96 2.68 61.98
N SER A 783 -45.73 2.26 62.99
CA SER A 783 -46.10 0.86 63.11
C SER A 783 -47.54 0.58 62.68
N GLN A 784 -48.45 1.56 62.73
CA GLN A 784 -49.85 1.35 62.31
C GLN A 784 -50.52 2.67 61.91
N MET A 785 -51.52 2.61 61.03
CA MET A 785 -52.38 3.72 60.60
C MET A 785 -53.82 3.21 60.55
N TRP A 786 -54.78 4.04 61.00
CA TRP A 786 -56.19 3.65 60.96
C TRP A 786 -56.97 4.67 60.14
N ILE A 787 -57.80 4.19 59.21
CA ILE A 787 -58.88 5.01 58.65
C ILE A 787 -60.19 4.43 59.18
N GLY A 788 -60.91 5.22 59.97
CA GLY A 788 -61.98 4.67 60.78
C GLY A 788 -61.38 3.73 61.81
N ASP A 789 -61.81 2.47 61.77
CA ASP A 789 -61.26 1.43 62.65
C ASP A 789 -60.58 0.30 61.84
N LYS A 790 -60.27 0.61 60.58
CA LYS A 790 -59.63 -0.31 59.66
C LYS A 790 -58.11 -0.06 59.66
N LYS A 791 -57.34 -1.02 60.18
CA LYS A 791 -55.85 -0.99 60.11
C LYS A 791 -55.37 -0.93 58.64
N GLN A 792 -54.31 -0.18 58.38
CA GLN A 792 -53.82 0.00 56.99
C GLN A 792 -52.51 -0.77 56.74
N LEU A 793 -51.76 -1.17 57.78
CA LEU A 793 -50.43 -1.80 57.57
C LEU A 793 -50.38 -3.21 58.18
N LEU A 794 -49.63 -4.11 57.54
CA LEU A 794 -49.30 -5.43 58.14
C LEU A 794 -47.86 -5.46 58.66
N THR A 795 -46.99 -4.63 58.09
CA THR A 795 -45.56 -4.49 58.49
C THR A 795 -45.30 -2.99 58.67
N PRO A 796 -44.52 -2.58 59.69
CA PRO A 796 -44.11 -1.14 59.83
C PRO A 796 -43.41 -0.54 58.59
N LEU A 797 -43.43 0.79 58.45
CA LEU A 797 -42.69 1.49 57.38
C LEU A 797 -41.20 1.64 57.80
N ARG A 798 -40.28 0.98 57.10
CA ARG A 798 -38.84 0.92 57.53
C ARG A 798 -37.93 1.22 56.34
N ASP A 799 -36.71 1.69 56.60
CA ASP A 799 -35.70 1.82 55.55
C ASP A 799 -35.29 0.51 54.89
N GLN A 800 -34.98 0.59 53.60
CA GLN A 800 -34.50 -0.57 52.89
C GLN A 800 -33.26 -0.15 52.07
N PHE A 801 -32.21 -0.97 52.13
CA PHE A 801 -31.01 -0.66 51.37
C PHE A 801 -30.64 -1.80 50.43
N THR A 802 -31.46 -2.85 50.31
CA THR A 802 -31.09 -4.06 49.53
C THR A 802 -32.11 -4.36 48.44
N ARG A 803 -31.74 -5.18 47.45
CA ARG A 803 -32.73 -5.69 46.49
C ARG A 803 -32.55 -7.20 46.34
N ALA A 804 -33.62 -7.93 46.00
CA ALA A 804 -33.44 -9.34 45.59
C ALA A 804 -32.53 -9.34 44.36
N PRO A 805 -31.36 -9.97 44.44
CA PRO A 805 -30.35 -9.74 43.39
C PRO A 805 -30.79 -10.18 41.99
N LEU A 806 -30.40 -9.39 40.97
CA LEU A 806 -30.64 -9.74 39.54
C LEU A 806 -29.55 -10.70 39.06
N ASP A 807 -29.78 -11.40 37.95
CA ASP A 807 -28.70 -12.20 37.33
C ASP A 807 -27.38 -11.44 37.11
N ASN A 808 -27.46 -10.18 36.65
CA ASN A 808 -26.25 -9.34 36.50
C ASN A 808 -25.56 -9.10 37.86
N ASP A 809 -26.32 -9.03 38.98
CA ASP A 809 -25.70 -8.86 40.32
C ASP A 809 -24.98 -10.14 40.75
N ILE A 810 -25.49 -11.31 40.35
CA ILE A 810 -25.00 -12.63 40.83
C ILE A 810 -23.67 -12.97 40.12
N GLY A 811 -23.60 -12.71 38.82
CA GLY A 811 -22.31 -12.62 38.11
C GLY A 811 -21.63 -13.96 37.93
N VAL A 812 -22.40 -14.98 37.54
CA VAL A 812 -21.91 -16.37 37.39
C VAL A 812 -22.22 -16.86 35.96
N SER A 813 -21.22 -17.37 35.23
CA SER A 813 -21.48 -18.03 33.90
C SER A 813 -21.33 -19.55 34.00
N GLU A 814 -20.45 -19.99 34.90
CA GLU A 814 -20.24 -21.41 35.19
C GLU A 814 -20.57 -21.65 36.66
N ALA A 815 -21.45 -22.62 36.92
CA ALA A 815 -22.01 -22.90 38.26
C ALA A 815 -20.90 -23.25 39.29
N THR A 816 -19.73 -23.71 38.83
CA THR A 816 -18.63 -24.18 39.71
C THR A 816 -17.70 -23.02 40.13
N ARG A 817 -17.86 -21.84 39.53
CA ARG A 817 -16.89 -20.74 39.64
C ARG A 817 -17.57 -19.48 40.20
N ILE A 818 -17.12 -19.06 41.39
CA ILE A 818 -17.66 -17.89 42.12
C ILE A 818 -16.68 -16.73 41.96
N ASP A 819 -17.21 -15.57 41.55
CA ASP A 819 -16.45 -14.32 41.41
C ASP A 819 -16.66 -13.47 42.69
N PRO A 820 -15.58 -13.24 43.48
CA PRO A 820 -15.72 -12.41 44.72
C PRO A 820 -15.87 -10.90 44.44
N ASN A 821 -15.81 -10.49 43.17
CA ASN A 821 -16.05 -9.10 42.77
C ASN A 821 -17.51 -8.82 42.37
N ALA A 822 -18.33 -9.86 42.18
CA ALA A 822 -19.75 -9.69 41.86
C ALA A 822 -20.44 -8.85 42.95
N TRP A 823 -21.40 -7.99 42.56
CA TRP A 823 -22.14 -7.18 43.53
C TRP A 823 -22.71 -8.02 44.68
N VAL A 824 -23.33 -9.17 44.39
CA VAL A 824 -24.05 -9.90 45.44
C VAL A 824 -23.04 -10.44 46.47
N GLU A 825 -21.84 -10.81 46.03
CA GLU A 825 -20.79 -11.32 46.94
C GLU A 825 -20.33 -10.19 47.85
N ARG A 826 -20.00 -9.03 47.27
CA ARG A 826 -19.62 -7.83 48.04
C ARG A 826 -20.71 -7.43 49.05
N TRP A 827 -22.01 -7.47 48.68
CA TRP A 827 -23.12 -7.07 49.60
C TRP A 827 -23.26 -8.10 50.73
N LYS A 828 -23.13 -9.40 50.47
CA LYS A 828 -23.25 -10.42 51.56
C LYS A 828 -22.06 -10.31 52.53
N ALA A 829 -20.84 -10.16 51.99
CA ALA A 829 -19.62 -10.06 52.81
C ALA A 829 -19.66 -8.83 53.74
N ALA A 830 -20.23 -7.71 53.27
CA ALA A 830 -20.29 -6.46 54.02
C ALA A 830 -21.44 -6.48 55.03
N GLY A 831 -22.33 -7.45 54.91
CA GLY A 831 -23.44 -7.61 55.84
C GLY A 831 -24.63 -6.73 55.53
N HIS A 832 -24.85 -6.31 54.27
CA HIS A 832 -26.06 -5.50 53.88
C HIS A 832 -27.37 -6.30 54.08
N TYR A 833 -27.36 -7.62 53.87
CA TYR A 833 -28.61 -8.42 54.03
C TYR A 833 -28.89 -8.74 55.51
N GLN A 834 -27.90 -8.62 56.39
CA GLN A 834 -28.06 -9.02 57.80
C GLN A 834 -28.10 -7.79 58.72
N ALA A 835 -27.83 -6.58 58.21
CA ALA A 835 -27.67 -5.36 59.02
C ALA A 835 -28.90 -5.11 59.89
N GLU A 836 -28.65 -4.79 61.17
CA GLU A 836 -29.69 -4.55 62.20
C GLU A 836 -29.81 -3.05 62.50
N ALA A 837 -31.05 -2.55 62.54
CA ALA A 837 -31.28 -1.13 62.89
C ALA A 837 -31.29 -0.95 64.42
N ALA A 838 -30.47 -0.02 64.89
CA ALA A 838 -30.42 0.46 66.28
C ALA A 838 -30.98 1.89 66.33
N LEU A 839 -31.82 2.16 67.33
CA LEU A 839 -32.47 3.46 67.48
C LEU A 839 -31.52 4.42 68.21
N LEU A 840 -31.33 5.62 67.65
CA LEU A 840 -30.52 6.64 68.32
C LEU A 840 -31.42 7.69 69.00
N GLN A 841 -32.53 8.04 68.37
CA GLN A 841 -33.35 9.17 68.80
C GLN A 841 -34.79 8.98 68.29
N CYS A 842 -35.76 9.19 69.18
CA CYS A 842 -37.18 9.24 68.79
C CYS A 842 -37.89 10.28 69.67
N THR A 843 -38.30 11.40 69.08
CA THR A 843 -38.89 12.54 69.84
C THR A 843 -40.15 13.08 69.14
N ALA A 844 -41.10 13.59 69.91
CA ALA A 844 -42.34 14.17 69.38
C ALA A 844 -42.54 15.59 69.92
N ASP A 845 -43.05 16.46 69.05
CA ASP A 845 -43.31 17.87 69.38
C ASP A 845 -44.58 18.38 68.71
N THR A 846 -45.37 19.14 69.46
CA THR A 846 -46.53 19.86 68.92
C THR A 846 -46.07 21.24 68.44
N LEU A 847 -46.37 21.56 67.17
CA LEU A 847 -46.25 22.93 66.64
C LEU A 847 -47.64 23.59 66.69
N ALA A 848 -47.79 24.70 65.97
CA ALA A 848 -49.03 25.48 65.96
C ALA A 848 -50.15 24.70 65.25
N ASP A 849 -49.81 24.07 64.13
CA ASP A 849 -50.79 23.45 63.23
C ASP A 849 -50.41 22.01 62.78
N ALA A 850 -49.43 21.40 63.47
CA ALA A 850 -48.83 20.13 63.05
C ALA A 850 -48.24 19.39 64.25
N VAL A 851 -48.05 18.08 64.10
CA VAL A 851 -47.21 17.32 65.05
C VAL A 851 -45.94 16.92 64.29
N LEU A 852 -44.78 17.08 64.93
CA LEU A 852 -43.48 16.74 64.30
C LEU A 852 -42.80 15.58 65.04
N ILE A 853 -42.54 14.48 64.34
CA ILE A 853 -41.83 13.31 64.93
C ILE A 853 -40.41 13.26 64.34
N THR A 854 -39.40 13.07 65.19
CA THR A 854 -38.00 13.06 64.72
C THR A 854 -37.36 11.72 65.12
N THR A 855 -36.77 11.02 64.17
CA THR A 855 -36.13 9.72 64.48
C THR A 855 -34.72 9.66 63.87
N ALA A 856 -33.85 8.83 64.44
CA ALA A 856 -32.55 8.51 63.82
C ALA A 856 -32.19 7.04 64.10
N HIS A 857 -31.67 6.35 63.09
CA HIS A 857 -31.32 4.92 63.24
C HIS A 857 -29.92 4.68 62.68
N ALA A 858 -29.20 3.69 63.19
CA ALA A 858 -27.89 3.29 62.62
C ALA A 858 -27.94 1.79 62.26
N TRP A 859 -27.53 1.42 61.05
CA TRP A 859 -27.49 0.01 60.63
C TRP A 859 -26.07 -0.51 60.81
N GLN A 860 -25.95 -1.58 61.58
CA GLN A 860 -24.63 -2.07 62.01
C GLN A 860 -24.49 -3.56 61.74
N HIS A 861 -23.26 -3.96 61.47
CA HIS A 861 -22.92 -5.35 61.26
C HIS A 861 -21.55 -5.62 61.88
N GLN A 862 -21.54 -6.30 63.03
CA GLN A 862 -20.31 -6.69 63.76
C GLN A 862 -19.45 -5.46 64.05
N GLY A 863 -20.04 -4.45 64.72
CA GLY A 863 -19.27 -3.28 65.19
C GLY A 863 -19.29 -2.10 64.22
N LYS A 864 -19.17 -2.40 62.92
CA LYS A 864 -19.09 -1.39 61.84
C LYS A 864 -20.48 -0.79 61.58
N THR A 865 -20.59 0.54 61.48
CA THR A 865 -21.84 1.23 61.07
C THR A 865 -21.85 1.42 59.55
N LEU A 866 -22.90 0.92 58.88
CA LEU A 866 -22.97 0.95 57.41
C LEU A 866 -23.73 2.20 56.95
N PHE A 867 -24.89 2.45 57.55
CA PHE A 867 -25.76 3.53 57.12
C PHE A 867 -26.32 4.21 58.35
N ILE A 868 -26.62 5.51 58.24
CA ILE A 868 -27.38 6.24 59.24
C ILE A 868 -28.54 6.91 58.53
N SER A 869 -29.69 6.96 59.18
CA SER A 869 -30.86 7.54 58.56
C SER A 869 -31.53 8.50 59.56
N ARG A 870 -31.69 9.77 59.19
CA ARG A 870 -32.40 10.76 60.03
C ARG A 870 -33.73 11.11 59.36
N LYS A 871 -34.83 11.08 60.10
CA LYS A 871 -36.16 11.28 59.48
C LYS A 871 -37.00 12.27 60.27
N THR A 872 -37.83 13.04 59.56
CA THR A 872 -38.91 13.80 60.19
C THR A 872 -40.24 13.41 59.55
N TYR A 873 -41.26 13.28 60.38
CA TYR A 873 -42.64 13.11 59.94
C TYR A 873 -43.44 14.32 60.41
N ARG A 874 -44.04 15.05 59.47
CA ARG A 874 -44.84 16.19 59.85
C ARG A 874 -46.31 15.93 59.44
N ILE A 875 -47.17 15.75 60.43
CA ILE A 875 -48.59 15.49 60.20
C ILE A 875 -49.37 16.78 60.45
N ASP A 876 -49.95 17.36 59.40
CA ASP A 876 -50.72 18.61 59.54
C ASP A 876 -52.26 18.42 59.54
N GLY A 877 -52.99 19.53 59.61
CA GLY A 877 -54.46 19.52 59.76
C GLY A 877 -55.21 19.03 58.54
N SER A 878 -54.57 19.06 57.37
CA SER A 878 -55.16 18.57 56.12
C SER A 878 -55.12 17.04 56.04
N GLY A 879 -54.42 16.38 56.97
CA GLY A 879 -54.30 14.91 56.99
C GLY A 879 -53.00 14.40 56.36
N GLN A 880 -52.29 15.24 55.63
CA GLN A 880 -51.12 14.80 54.87
C GLN A 880 -49.93 14.56 55.82
N MET A 881 -49.22 13.48 55.59
CA MET A 881 -48.01 13.21 56.35
C MET A 881 -46.78 13.42 55.44
N ALA A 882 -45.99 14.43 55.76
CA ALA A 882 -44.79 14.73 54.97
C ALA A 882 -43.59 13.99 55.59
N ILE A 883 -42.87 13.22 54.79
CA ILE A 883 -41.75 12.46 55.33
C ILE A 883 -40.49 13.04 54.69
N THR A 884 -39.49 13.37 55.50
CA THR A 884 -38.21 13.86 54.97
C THR A 884 -37.12 12.87 55.42
N VAL A 885 -36.22 12.46 54.53
CA VAL A 885 -35.25 11.43 54.87
C VAL A 885 -33.85 11.92 54.51
N ASP A 886 -32.89 11.80 55.44
CA ASP A 886 -31.47 12.06 55.12
C ASP A 886 -30.63 10.86 55.48
N VAL A 887 -29.88 10.35 54.52
CA VAL A 887 -29.14 9.09 54.76
C VAL A 887 -27.65 9.36 54.57
N GLU A 888 -26.81 8.76 55.43
CA GLU A 888 -25.33 8.76 55.21
C GLU A 888 -24.85 7.31 55.00
N VAL A 889 -23.96 7.11 54.04
CA VAL A 889 -23.48 5.77 53.71
C VAL A 889 -21.95 5.74 53.92
N ALA A 890 -21.42 4.83 54.74
CA ALA A 890 -19.94 4.72 54.95
C ALA A 890 -19.19 4.59 53.63
N SER A 891 -18.12 5.35 53.43
CA SER A 891 -17.45 5.44 52.10
C SER A 891 -16.76 4.12 51.70
N ASP A 892 -16.44 3.26 52.67
CA ASP A 892 -15.77 1.98 52.38
C ASP A 892 -16.66 0.71 52.41
N THR A 893 -17.96 0.87 52.65
CA THR A 893 -18.94 -0.19 52.35
C THR A 893 -19.18 -0.19 50.83
N PRO A 894 -19.41 -1.38 50.21
CA PRO A 894 -19.87 -1.41 48.79
C PRO A 894 -21.13 -0.54 48.61
N HIS A 895 -21.22 0.22 47.51
CA HIS A 895 -22.37 1.11 47.33
C HIS A 895 -23.67 0.30 47.43
N PRO A 896 -24.69 0.81 48.14
CA PRO A 896 -25.95 0.04 48.29
C PRO A 896 -26.77 -0.10 46.99
N ALA A 897 -27.66 -1.09 46.92
CA ALA A 897 -28.51 -1.29 45.73
C ALA A 897 -29.64 -0.25 45.68
N ARG A 898 -30.09 0.31 46.80
CA ARG A 898 -31.16 1.32 46.77
C ARG A 898 -31.19 2.07 48.11
N ILE A 899 -31.86 3.22 48.15
CA ILE A 899 -32.12 3.96 49.37
C ILE A 899 -33.60 4.28 49.38
N GLY A 900 -34.40 3.54 50.17
CA GLY A 900 -35.82 3.86 50.21
C GLY A 900 -36.51 3.29 51.42
N LEU A 901 -37.84 3.20 51.32
CA LEU A 901 -38.72 2.71 52.38
C LEU A 901 -39.49 1.51 51.83
N ASN A 902 -39.86 0.59 52.71
CA ASN A 902 -40.83 -0.39 52.31
C ASN A 902 -41.85 -0.61 53.42
N CYS A 903 -43.03 -1.08 53.04
CA CYS A 903 -44.00 -1.63 53.99
C CYS A 903 -44.96 -2.61 53.28
N GLN A 904 -45.69 -3.36 54.09
CA GLN A 904 -46.75 -4.24 53.60
C GLN A 904 -48.10 -3.62 53.99
N LEU A 905 -48.81 -3.12 52.98
CA LEU A 905 -50.16 -2.55 53.11
C LEU A 905 -51.14 -3.70 53.37
N ALA A 906 -52.25 -3.40 54.05
CA ALA A 906 -53.21 -4.43 54.45
C ALA A 906 -54.15 -4.77 53.28
N GLN A 907 -54.38 -3.82 52.38
CA GLN A 907 -55.41 -4.01 51.37
C GLN A 907 -54.80 -4.41 50.01
N VAL A 908 -55.59 -5.18 49.26
CA VAL A 908 -55.31 -5.55 47.88
C VAL A 908 -56.33 -4.85 46.97
N ALA A 909 -55.84 -4.09 45.99
CA ALA A 909 -56.71 -3.40 45.04
C ALA A 909 -56.47 -3.95 43.62
N GLU A 910 -57.37 -3.64 42.69
CA GLU A 910 -57.27 -4.21 41.33
C GLU A 910 -56.36 -3.35 40.44
N ARG A 911 -56.29 -2.02 40.66
CA ARG A 911 -55.62 -1.12 39.73
C ARG A 911 -54.50 -0.36 40.44
N VAL A 912 -53.54 0.09 39.65
CA VAL A 912 -52.48 0.97 40.10
C VAL A 912 -52.47 2.13 39.10
N ASN A 913 -52.40 3.35 39.59
CA ASN A 913 -52.47 4.52 38.73
C ASN A 913 -51.29 5.43 39.09
N TRP A 914 -50.50 5.89 38.13
CA TRP A 914 -49.36 6.69 38.54
C TRP A 914 -49.06 7.77 37.51
N LEU A 915 -48.43 8.84 37.95
CA LEU A 915 -47.97 9.85 37.04
C LEU A 915 -46.44 9.78 36.95
N GLY A 916 -45.89 9.32 35.84
CA GLY A 916 -44.46 9.09 35.79
C GLY A 916 -44.07 8.29 34.56
N LEU A 917 -42.84 7.77 34.52
CA LEU A 917 -42.37 7.06 33.31
C LEU A 917 -43.07 5.70 33.18
N GLY A 918 -43.51 5.34 31.96
CA GLY A 918 -44.17 4.04 31.79
C GLY A 918 -44.53 3.80 30.34
N PRO A 919 -45.40 2.81 30.08
CA PRO A 919 -46.06 2.00 31.12
C PRO A 919 -45.26 0.76 31.56
N GLN A 920 -44.20 0.39 30.87
CA GLN A 920 -43.47 -0.86 31.26
C GLN A 920 -42.41 -0.58 32.34
N GLU A 921 -41.95 -1.65 32.98
CA GLU A 921 -40.81 -1.68 33.95
C GLU A 921 -39.65 -0.84 33.38
N ASN A 922 -39.06 0.05 34.17
CA ASN A 922 -37.94 0.87 33.70
C ASN A 922 -36.98 1.14 34.87
N TYR A 923 -35.68 1.24 34.61
CA TYR A 923 -34.63 1.35 35.64
C TYR A 923 -33.74 2.53 35.26
N PRO A 924 -33.00 3.12 36.21
CA PRO A 924 -32.20 4.33 35.87
C PRO A 924 -31.28 4.18 34.65
N ASP A 925 -30.69 3.00 34.42
CA ASP A 925 -29.96 2.83 33.17
C ASP A 925 -30.73 2.13 32.02
N ARG A 926 -32.06 1.97 32.18
CA ARG A 926 -32.89 1.50 31.06
C ARG A 926 -34.23 2.24 31.11
N LEU A 927 -34.22 3.55 30.85
CA LEU A 927 -35.51 4.29 30.87
C LEU A 927 -35.68 5.20 29.64
N THR A 928 -34.86 5.10 28.60
CA THR A 928 -35.03 6.01 27.41
C THR A 928 -36.34 5.67 26.65
N ALA A 929 -36.75 4.40 26.61
CA ALA A 929 -38.01 3.99 25.89
C ALA A 929 -39.27 4.44 26.63
N ALA A 930 -39.20 4.64 27.94
CA ALA A 930 -40.39 4.92 28.74
C ALA A 930 -40.78 6.40 28.52
N CYS A 931 -42.06 6.74 28.66
CA CYS A 931 -42.56 8.13 28.46
C CYS A 931 -43.29 8.60 29.71
N PHE A 932 -43.11 9.86 30.07
CA PHE A 932 -43.84 10.48 31.16
C PHE A 932 -45.30 10.65 30.75
N ASP A 933 -46.23 10.16 31.54
CA ASP A 933 -47.65 10.38 31.30
C ASP A 933 -48.47 9.85 32.47
N ARG A 934 -49.80 9.82 32.38
CA ARG A 934 -50.62 9.20 33.40
C ARG A 934 -50.95 7.76 32.96
N TRP A 935 -50.54 6.76 33.76
CA TRP A 935 -50.66 5.35 33.38
C TRP A 935 -51.59 4.64 34.36
N ASP A 936 -52.30 3.62 33.90
CA ASP A 936 -53.23 2.90 34.76
C ASP A 936 -53.27 1.42 34.36
N LEU A 937 -52.81 0.55 35.23
CA LEU A 937 -52.66 -0.88 34.89
C LEU A 937 -53.23 -1.74 36.02
N PRO A 938 -53.67 -2.97 35.71
CA PRO A 938 -54.01 -3.92 36.78
C PRO A 938 -52.78 -4.30 37.61
N LEU A 939 -52.96 -4.62 38.90
CA LEU A 939 -51.83 -4.96 39.78
C LEU A 939 -50.92 -6.03 39.14
N SER A 940 -51.48 -7.06 38.50
CA SER A 940 -50.70 -8.18 37.91
C SER A 940 -49.70 -7.72 36.84
N ASP A 941 -49.94 -6.60 36.17
CA ASP A 941 -48.98 -6.05 35.18
C ASP A 941 -47.79 -5.30 35.78
N MET A 942 -47.77 -5.13 37.10
CA MET A 942 -46.71 -4.39 37.76
C MET A 942 -45.66 -5.38 38.30
N TYR A 943 -45.82 -6.65 37.94
CA TYR A 943 -44.90 -7.74 38.27
C TYR A 943 -44.39 -8.33 36.95
N THR A 944 -43.08 -8.43 36.78
CA THR A 944 -42.54 -9.10 35.57
C THR A 944 -42.17 -10.53 35.96
N PRO A 945 -42.81 -11.51 35.30
CA PRO A 945 -42.61 -12.89 35.80
C PRO A 945 -41.33 -13.56 35.24
N TYR A 946 -40.16 -13.04 35.57
CA TYR A 946 -38.90 -13.67 35.12
C TYR A 946 -38.85 -15.09 35.69
N VAL A 947 -38.32 -16.05 34.94
CA VAL A 947 -38.38 -17.47 35.35
C VAL A 947 -37.50 -17.68 36.60
N PHE A 948 -36.33 -17.06 36.62
CA PHE A 948 -35.53 -16.95 37.84
C PHE A 948 -35.92 -15.65 38.59
N PRO A 949 -36.65 -15.72 39.70
CA PRO A 949 -37.19 -14.48 40.37
C PRO A 949 -36.10 -13.51 40.87
N SER A 950 -36.35 -12.21 40.69
CA SER A 950 -35.45 -11.17 41.16
C SER A 950 -36.25 -9.89 41.39
N GLU A 951 -35.57 -8.83 41.83
CA GLU A 951 -36.11 -7.47 41.81
C GLU A 951 -36.70 -7.23 40.40
N ASN A 952 -37.87 -6.63 40.32
CA ASN A 952 -38.54 -6.48 39.05
C ASN A 952 -39.68 -5.45 39.22
N GLY A 953 -40.12 -4.85 38.11
CA GLY A 953 -41.34 -4.06 38.09
C GLY A 953 -41.15 -2.61 38.52
N LEU A 954 -39.90 -2.11 38.69
CA LEU A 954 -39.65 -0.70 39.04
C LEU A 954 -40.23 0.27 38.01
N ARG A 955 -40.75 1.39 38.48
CA ARG A 955 -41.07 2.55 37.61
C ARG A 955 -40.36 3.79 38.13
N CYS A 956 -39.53 4.42 37.30
CA CYS A 956 -38.76 5.61 37.70
C CYS A 956 -39.53 6.91 37.37
N GLY A 957 -38.94 8.03 37.81
CA GLY A 957 -39.38 9.41 37.50
C GLY A 957 -40.82 9.66 37.91
N THR A 958 -41.27 9.09 39.01
CA THR A 958 -42.69 9.13 39.34
C THR A 958 -42.98 10.33 40.26
N ARG A 959 -44.09 11.03 40.01
CA ARG A 959 -44.46 12.22 40.81
C ARG A 959 -45.68 11.93 41.69
N GLU A 960 -46.53 10.99 41.30
CA GLU A 960 -47.74 10.68 42.08
C GLU A 960 -48.11 9.21 41.88
N LEU A 961 -48.48 8.52 42.95
CA LEU A 961 -48.85 7.12 42.89
C LEU A 961 -50.17 6.96 43.65
N ASN A 962 -51.16 6.32 43.05
CA ASN A 962 -52.45 6.11 43.71
C ASN A 962 -52.73 4.60 43.81
N TYR A 963 -53.06 4.11 44.99
CA TYR A 963 -53.35 2.70 45.12
C TYR A 963 -54.38 2.51 46.24
N GLY A 964 -55.60 2.08 45.90
CA GLY A 964 -56.71 2.10 46.89
C GLY A 964 -56.96 3.52 47.39
N PRO A 965 -57.14 3.70 48.71
CA PRO A 965 -57.32 5.09 49.20
C PRO A 965 -56.03 5.92 49.32
N HIS A 966 -54.85 5.34 49.13
CA HIS A 966 -53.59 6.05 49.42
C HIS A 966 -53.10 6.82 48.21
N GLN A 967 -52.49 7.98 48.46
CA GLN A 967 -51.74 8.68 47.45
C GLN A 967 -50.35 9.09 48.00
N TRP A 968 -49.30 8.82 47.22
CA TRP A 968 -47.93 9.26 47.56
C TRP A 968 -47.49 10.29 46.52
N ARG A 969 -46.90 11.39 46.97
CA ARG A 969 -46.40 12.39 46.03
C ARG A 969 -44.91 12.64 46.33
N GLY A 970 -44.15 13.02 45.33
CA GLY A 970 -42.74 13.29 45.54
C GLY A 970 -41.98 13.32 44.23
N ASP A 971 -40.81 12.68 44.24
CA ASP A 971 -40.00 12.46 43.04
C ASP A 971 -39.23 11.12 43.24
N PHE A 972 -39.83 9.98 42.89
CA PHE A 972 -39.37 8.73 43.46
C PHE A 972 -39.46 7.60 42.42
N GLN A 973 -38.88 6.45 42.71
CA GLN A 973 -39.10 5.22 41.95
C GLN A 973 -39.87 4.27 42.86
N PHE A 974 -40.73 3.40 42.32
CA PHE A 974 -41.52 2.50 43.18
C PHE A 974 -41.64 1.13 42.52
N ASN A 975 -41.93 0.12 43.33
CA ASN A 975 -42.51 -1.09 42.78
C ASN A 975 -43.57 -1.62 43.75
N ILE A 976 -44.54 -2.33 43.21
CA ILE A 976 -45.68 -2.73 44.03
C ILE A 976 -46.09 -4.13 43.61
N SER A 977 -46.30 -5.04 44.54
CA SER A 977 -46.56 -6.42 44.17
C SER A 977 -47.00 -7.23 45.39
N ARG A 978 -47.33 -8.49 45.15
CA ARG A 978 -47.74 -9.42 46.19
C ARG A 978 -46.53 -10.24 46.69
N TYR A 979 -45.30 -9.99 46.20
CA TYR A 979 -44.14 -10.78 46.66
C TYR A 979 -43.13 -9.89 47.39
N SER A 980 -42.67 -10.29 48.57
CA SER A 980 -41.63 -9.50 49.27
C SER A 980 -40.26 -9.70 48.60
N GLN A 981 -39.30 -8.80 48.89
CA GLN A 981 -37.92 -8.92 48.41
C GLN A 981 -37.30 -10.20 48.97
N GLN A 982 -37.60 -10.53 50.22
CA GLN A 982 -37.11 -11.76 50.85
C GLN A 982 -37.63 -13.02 50.12
N GLN A 983 -38.92 -13.06 49.77
CA GLN A 983 -39.44 -14.19 49.01
C GLN A 983 -38.77 -14.32 47.64
N LEU A 984 -38.63 -13.20 46.88
CA LEU A 984 -38.03 -13.26 45.55
C LEU A 984 -36.58 -13.74 45.63
N MET A 985 -35.86 -13.39 46.69
CA MET A 985 -34.46 -13.79 46.87
C MET A 985 -34.34 -15.30 47.22
N GLU A 986 -35.32 -15.87 47.91
CA GLU A 986 -35.15 -17.26 48.36
C GLU A 986 -35.69 -18.28 47.33
N THR A 987 -36.40 -17.83 46.30
CA THR A 987 -37.16 -18.76 45.45
C THR A 987 -36.45 -18.91 44.09
N SER A 988 -36.17 -20.14 43.69
CA SER A 988 -35.37 -20.39 42.46
C SER A 988 -36.23 -20.42 41.17
N HIS A 989 -37.55 -20.60 41.28
CA HIS A 989 -38.42 -20.74 40.08
C HIS A 989 -39.70 -19.95 40.27
N ARG A 990 -40.17 -19.28 39.22
CA ARG A 990 -41.37 -18.43 39.36
C ARG A 990 -42.60 -19.24 39.77
N HIS A 991 -42.70 -20.53 39.44
CA HIS A 991 -43.95 -21.29 39.72
C HIS A 991 -44.06 -21.57 41.24
N LEU A 992 -42.97 -21.42 41.99
CA LEU A 992 -42.93 -21.71 43.44
C LEU A 992 -43.24 -20.46 44.29
N LEU A 993 -43.46 -19.28 43.66
CA LEU A 993 -43.83 -18.06 44.39
C LEU A 993 -45.31 -18.15 44.80
N HIS A 994 -45.63 -17.75 46.03
CA HIS A 994 -47.04 -17.63 46.46
C HIS A 994 -47.31 -16.18 46.93
N ALA A 995 -48.44 -15.63 46.50
CA ALA A 995 -48.91 -14.30 46.90
C ALA A 995 -49.07 -14.24 48.42
N GLU A 996 -48.48 -13.20 49.01
CA GLU A 996 -48.53 -12.91 50.45
C GLU A 996 -49.81 -12.13 50.76
N GLU A 997 -50.17 -12.01 52.03
CA GLU A 997 -51.31 -11.19 52.47
C GLU A 997 -51.00 -9.71 52.17
N GLY A 998 -51.94 -8.96 51.62
CA GLY A 998 -51.68 -7.54 51.38
C GLY A 998 -50.71 -7.31 50.22
N THR A 999 -50.19 -6.08 50.12
CA THR A 999 -49.35 -5.67 49.01
C THR A 999 -48.03 -5.08 49.53
N TRP A 1000 -46.93 -5.51 48.98
CA TRP A 1000 -45.63 -4.92 49.31
C TRP A 1000 -45.38 -3.67 48.46
N LEU A 1001 -45.05 -2.57 49.12
CA LEU A 1001 -44.70 -1.36 48.41
C LEU A 1001 -43.22 -1.04 48.71
N ASN A 1002 -42.41 -0.83 47.69
CA ASN A 1002 -41.08 -0.30 47.89
C ASN A 1002 -41.04 1.11 47.28
N ILE A 1003 -40.73 2.15 48.05
CA ILE A 1003 -40.64 3.52 47.47
C ILE A 1003 -39.20 4.00 47.61
N ASP A 1004 -38.54 4.32 46.52
CA ASP A 1004 -37.11 4.64 46.60
C ASP A 1004 -36.89 6.09 46.26
N GLY A 1005 -36.04 6.76 47.02
CA GLY A 1005 -35.49 7.98 46.52
C GLY A 1005 -34.42 7.71 45.47
N PHE A 1006 -33.67 6.60 45.57
CA PHE A 1006 -32.51 6.35 44.68
C PHE A 1006 -32.38 4.84 44.44
N HIS A 1007 -31.96 4.46 43.25
CA HIS A 1007 -31.88 3.04 42.89
C HIS A 1007 -30.66 2.84 41.99
N MET A 1008 -29.86 1.81 42.23
CA MET A 1008 -28.66 1.51 41.40
C MET A 1008 -29.08 1.04 39.99
N GLY A 1009 -28.24 1.22 38.97
CA GLY A 1009 -28.49 0.62 37.64
C GLY A 1009 -28.48 -0.91 37.68
N ILE A 1010 -28.77 -1.52 36.54
CA ILE A 1010 -28.94 -2.97 36.46
C ILE A 1010 -27.78 -3.58 35.64
N GLY A 1011 -27.06 -2.79 34.86
CA GLY A 1011 -25.92 -3.32 34.08
C GLY A 1011 -26.36 -4.23 32.93
N GLY A 1012 -25.42 -4.99 32.41
CA GLY A 1012 -25.72 -5.97 31.38
C GLY A 1012 -24.88 -5.83 30.13
N ASP A 1013 -23.74 -5.11 30.21
CA ASP A 1013 -22.67 -5.27 29.20
C ASP A 1013 -22.21 -6.71 29.16
N ASP A 1014 -22.09 -7.37 30.31
CA ASP A 1014 -22.13 -8.82 30.38
C ASP A 1014 -22.75 -9.25 31.71
N SER A 1015 -22.87 -10.55 31.97
CA SER A 1015 -23.54 -11.00 33.20
C SER A 1015 -22.58 -11.80 34.08
N TRP A 1016 -21.27 -11.76 33.88
CA TRP A 1016 -20.36 -12.62 34.65
C TRP A 1016 -19.20 -11.79 35.23
N SER A 1017 -19.36 -10.48 35.23
CA SER A 1017 -18.41 -9.54 35.79
C SER A 1017 -19.18 -8.24 36.06
N PRO A 1018 -18.79 -7.42 37.07
CA PRO A 1018 -19.54 -6.19 37.42
C PRO A 1018 -19.71 -5.28 36.19
N SER A 1019 -20.92 -4.84 35.89
CA SER A 1019 -21.13 -4.16 34.61
C SER A 1019 -21.89 -2.85 34.78
N VAL A 1020 -22.19 -2.45 36.02
CA VAL A 1020 -22.86 -1.16 36.22
C VAL A 1020 -21.81 -0.04 36.09
N SER A 1021 -22.07 0.91 35.22
CA SER A 1021 -21.20 2.08 35.00
C SER A 1021 -21.24 3.02 36.21
N ALA A 1022 -20.13 3.69 36.49
CA ALA A 1022 -19.94 4.57 37.67
C ALA A 1022 -21.03 5.66 37.82
N GLU A 1023 -21.62 6.17 36.75
CA GLU A 1023 -22.72 7.17 36.89
C GLU A 1023 -24.05 6.53 37.35
N PHE A 1024 -24.15 5.21 37.42
CA PHE A 1024 -25.39 4.61 37.93
C PHE A 1024 -25.16 3.92 39.29
N GLN A 1025 -24.00 4.12 39.93
CA GLN A 1025 -23.76 3.57 41.25
C GLN A 1025 -24.16 4.62 42.29
N LEU A 1026 -24.65 4.19 43.47
CA LEU A 1026 -25.01 5.16 44.50
C LEU A 1026 -23.75 5.45 45.33
N SER A 1027 -22.92 6.38 44.83
CA SER A 1027 -21.58 6.60 45.45
C SER A 1027 -21.45 7.99 46.11
N ALA A 1028 -22.53 8.74 46.25
CA ALA A 1028 -22.46 10.15 46.66
C ALA A 1028 -22.13 10.29 48.16
N GLY A 1029 -22.44 9.26 48.98
CA GLY A 1029 -22.14 9.34 50.42
C GLY A 1029 -23.28 9.92 51.24
N ARG A 1030 -23.99 10.93 50.72
CA ARG A 1030 -25.15 11.55 51.42
C ARG A 1030 -26.32 11.70 50.45
N TYR A 1031 -27.53 11.46 50.94
CA TYR A 1031 -28.72 11.37 50.10
C TYR A 1031 -29.91 12.00 50.82
N HIS A 1032 -30.75 12.70 50.09
CA HIS A 1032 -31.91 13.34 50.66
C HIS A 1032 -33.12 13.00 49.78
N TYR A 1033 -34.31 12.77 50.34
CA TYR A 1033 -35.51 12.73 49.49
C TYR A 1033 -36.72 13.00 50.37
N GLN A 1034 -37.86 13.33 49.78
CA GLN A 1034 -39.05 13.56 50.60
C GLN A 1034 -40.31 13.00 49.91
N LEU A 1035 -41.28 12.59 50.73
CA LEU A 1035 -42.55 12.02 50.29
C LEU A 1035 -43.68 12.74 51.02
N VAL A 1036 -44.84 12.80 50.40
CA VAL A 1036 -46.07 13.10 51.12
C VAL A 1036 -46.97 11.86 51.00
N TRP A 1037 -47.50 11.41 52.13
CA TRP A 1037 -48.46 10.32 52.17
C TRP A 1037 -49.81 10.86 52.61
N CYS A 1038 -50.83 10.82 51.75
CA CYS A 1038 -52.18 11.31 52.13
C CYS A 1038 -53.27 10.30 51.71
N GLN A 1039 -54.53 10.57 52.05
CA GLN A 1039 -55.68 9.68 51.73
C GLN A 1039 -56.65 10.39 50.77
N LYS A 1040 -56.53 10.03 49.49
CA LYS A 1040 -57.40 10.52 48.42
C LYS A 1040 -58.69 9.66 48.39
N VAL B 26 15.21 58.19 -5.08
CA VAL B 26 15.22 56.82 -5.71
C VAL B 26 14.53 55.82 -4.77
N VAL B 27 14.68 56.03 -3.46
CA VAL B 27 14.16 55.13 -2.43
C VAL B 27 12.65 55.36 -2.27
N LEU B 28 12.20 56.61 -2.20
CA LEU B 28 10.74 56.86 -2.10
C LEU B 28 10.09 56.77 -3.49
N GLN B 29 10.90 56.62 -4.54
CA GLN B 29 10.41 56.45 -5.92
C GLN B 29 10.03 54.98 -6.18
N ARG B 30 10.84 54.02 -5.72
CA ARG B 30 10.51 52.59 -5.93
C ARG B 30 9.43 52.10 -4.97
N ARG B 31 9.39 52.59 -3.71
CA ARG B 31 8.38 52.10 -2.70
C ARG B 31 8.42 50.56 -2.64
N ASP B 32 9.57 50.01 -2.27
CA ASP B 32 9.77 48.56 -2.15
C ASP B 32 8.91 47.91 -1.06
N TRP B 33 8.41 48.71 -0.11
CA TRP B 33 7.58 48.19 0.97
C TRP B 33 6.13 47.99 0.54
N GLU B 34 5.78 48.29 -0.71
CA GLU B 34 4.39 48.07 -1.21
C GLU B 34 4.40 47.15 -2.43
N ASN B 35 5.19 46.08 -2.36
CA ASN B 35 5.51 45.27 -3.53
C ASN B 35 5.87 43.86 -3.04
N PRO B 36 4.95 42.90 -3.13
CA PRO B 36 5.30 41.58 -2.59
C PRO B 36 6.39 40.82 -3.36
N GLY B 37 6.76 41.28 -4.56
CA GLY B 37 7.83 40.63 -5.33
C GLY B 37 9.24 41.07 -4.89
N VAL B 38 9.37 42.12 -4.06
CA VAL B 38 10.68 42.54 -3.55
C VAL B 38 10.68 42.34 -2.03
N THR B 39 11.35 41.30 -1.56
CA THR B 39 11.42 41.04 -0.12
C THR B 39 12.78 41.46 0.45
N GLN B 40 13.76 41.78 -0.42
CA GLN B 40 15.10 42.18 0.02
C GLN B 40 15.91 42.78 -1.15
N LEU B 41 16.89 43.63 -0.88
CA LEU B 41 17.89 44.00 -1.87
C LEU B 41 19.27 43.89 -1.22
N ASN B 42 20.19 43.13 -1.81
CA ASN B 42 21.61 42.99 -1.41
C ASN B 42 21.78 42.25 -0.07
N ARG B 43 20.83 41.42 0.30
CA ARG B 43 20.91 40.70 1.55
C ARG B 43 21.70 39.42 1.30
N LEU B 44 22.57 38.99 2.21
CA LEU B 44 23.38 37.75 1.99
C LEU B 44 22.53 36.50 2.31
N ALA B 45 22.96 35.33 1.83
CA ALA B 45 22.26 34.03 2.08
C ALA B 45 22.10 33.75 3.59
N ALA B 46 21.09 32.96 3.94
CA ALA B 46 20.83 32.53 5.32
C ALA B 46 21.76 31.34 5.65
N HIS B 47 22.11 31.16 6.93
CA HIS B 47 23.05 30.10 7.36
C HIS B 47 22.89 29.88 8.87
N PRO B 48 23.42 28.77 9.42
CA PRO B 48 23.44 28.57 10.90
C PRO B 48 24.30 29.64 11.57
N PRO B 49 24.14 29.84 12.90
CA PRO B 49 24.90 30.93 13.61
C PRO B 49 26.42 30.72 13.56
N PHE B 50 27.18 31.79 13.25
CA PHE B 50 28.64 31.78 13.07
C PHE B 50 29.29 32.79 14.02
N ALA B 51 30.51 32.49 14.47
CA ALA B 51 31.26 33.42 15.33
C ALA B 51 32.67 33.70 14.75
N SER B 52 33.08 32.92 13.74
CA SER B 52 34.38 33.05 13.08
C SER B 52 35.53 33.07 14.10
N TRP B 53 35.74 31.98 14.81
CA TRP B 53 36.88 31.86 15.74
C TRP B 53 38.18 31.69 14.95
N ARG B 54 39.31 32.12 15.49
CA ARG B 54 40.61 31.98 14.77
C ARG B 54 41.52 31.05 15.56
N ASN B 55 40.89 30.24 16.41
CA ASN B 55 41.54 29.36 17.38
C ASN B 55 40.56 28.24 17.76
N SER B 56 40.93 26.98 17.53
CA SER B 56 40.06 25.80 17.72
C SER B 56 39.65 25.63 19.19
N GLU B 57 40.57 25.82 20.12
CA GLU B 57 40.27 25.73 21.56
C GLU B 57 39.16 26.72 21.95
N GLU B 58 39.24 27.96 21.49
CA GLU B 58 38.20 28.96 21.74
C GLU B 58 36.85 28.43 21.22
N ALA B 59 36.85 27.83 20.03
CA ALA B 59 35.62 27.33 19.39
C ALA B 59 35.04 26.18 20.21
N ARG B 60 35.90 25.27 20.68
CA ARG B 60 35.48 24.08 21.43
C ARG B 60 34.81 24.49 22.75
N THR B 61 35.40 25.45 23.47
CA THR B 61 34.92 25.81 24.82
C THR B 61 33.84 26.90 24.75
N ASP B 62 33.52 27.36 23.53
CA ASP B 62 32.44 28.36 23.29
C ASP B 62 32.73 29.73 23.93
N ARG B 63 34.01 30.11 23.98
CA ARG B 63 34.41 31.42 24.49
C ARG B 63 34.00 32.52 23.51
N PRO B 64 33.84 33.79 23.98
CA PRO B 64 33.55 34.94 23.08
C PRO B 64 34.62 35.13 21.99
N SER B 65 34.15 35.46 20.80
CA SER B 65 34.99 35.64 19.62
C SER B 65 35.35 37.13 19.47
N GLN B 66 36.61 37.45 19.23
CA GLN B 66 37.03 38.84 18.89
C GLN B 66 36.46 39.26 17.52
N GLN B 67 36.06 38.32 16.69
CA GLN B 67 35.63 38.66 15.33
C GLN B 67 34.13 38.98 15.29
N LEU B 68 33.43 38.77 16.40
CA LEU B 68 31.99 39.04 16.50
C LEU B 68 31.79 40.16 17.52
N ARG B 69 31.39 41.31 17.04
CA ARG B 69 31.30 42.51 17.87
C ARG B 69 29.83 42.97 17.96
N SER B 70 29.31 43.15 19.18
CA SER B 70 27.93 43.65 19.42
C SER B 70 27.82 45.18 19.25
N LEU B 71 26.75 45.66 18.60
CA LEU B 71 26.46 47.13 18.48
C LEU B 71 25.25 47.54 19.34
N ASN B 72 24.80 46.66 20.23
CA ASN B 72 23.79 46.99 21.24
C ASN B 72 24.31 48.13 22.13
N GLY B 73 23.39 48.97 22.58
CA GLY B 73 23.71 50.12 23.42
C GLY B 73 22.89 51.32 23.02
N GLU B 74 23.48 52.51 23.09
CA GLU B 74 22.78 53.79 22.86
C GLU B 74 22.91 54.22 21.40
N TRP B 75 21.77 54.37 20.74
CA TRP B 75 21.72 54.87 19.37
C TRP B 75 20.92 56.17 19.38
N ARG B 76 20.98 56.92 18.29
CA ARG B 76 20.16 58.10 18.17
C ARG B 76 18.86 57.71 17.47
N PHE B 77 17.73 58.39 17.76
CA PHE B 77 16.43 57.99 17.22
C PHE B 77 15.53 59.22 17.04
N ALA B 78 14.88 59.30 15.88
CA ALA B 78 13.84 60.28 15.65
C ALA B 78 12.64 59.57 15.00
N TRP B 79 11.42 60.04 15.32
CA TRP B 79 10.16 59.47 14.83
C TRP B 79 9.54 60.42 13.80
N PHE B 80 8.97 59.86 12.73
CA PHE B 80 8.31 60.66 11.70
C PHE B 80 6.98 60.00 11.30
N PRO B 81 5.99 60.82 10.91
CA PRO B 81 4.67 60.24 10.60
C PRO B 81 4.60 59.44 9.28
N ALA B 82 5.55 59.66 8.37
CA ALA B 82 5.62 58.97 7.05
C ALA B 82 7.06 58.98 6.54
N PRO B 83 7.40 58.09 5.57
CA PRO B 83 8.77 58.11 5.02
C PRO B 83 9.12 59.36 4.18
N GLU B 84 8.12 60.08 3.66
CA GLU B 84 8.33 61.30 2.85
C GLU B 84 8.65 62.51 3.72
N ALA B 85 8.52 62.39 5.04
CA ALA B 85 8.75 63.51 5.94
C ALA B 85 10.18 63.51 6.50
N VAL B 86 10.97 62.49 6.18
CA VAL B 86 12.35 62.39 6.66
C VAL B 86 13.22 63.38 5.85
N PRO B 87 13.91 64.33 6.53
CA PRO B 87 14.83 65.26 5.83
C PRO B 87 16.01 64.53 5.16
N GLU B 88 16.48 65.05 4.03
CA GLU B 88 17.61 64.48 3.27
C GLU B 88 18.91 64.54 4.11
N SER B 89 19.07 65.56 4.93
CA SER B 89 20.30 65.77 5.74
C SER B 89 20.60 64.58 6.66
N TRP B 90 19.55 63.82 7.05
CA TRP B 90 19.67 62.75 8.04
C TRP B 90 20.65 61.66 7.57
N LEU B 91 20.71 61.43 6.27
CA LEU B 91 21.67 60.48 5.63
C LEU B 91 23.11 60.94 5.91
N GLU B 92 23.37 62.25 5.84
CA GLU B 92 24.73 62.75 6.01
C GLU B 92 25.13 62.77 7.48
N CYS B 93 24.31 63.37 8.33
CA CYS B 93 24.70 63.58 9.72
C CYS B 93 23.46 63.58 10.64
N ASP B 94 23.73 63.55 11.94
CA ASP B 94 22.73 63.55 13.00
C ASP B 94 21.75 64.71 12.98
N LEU B 95 20.48 64.40 13.26
CA LEU B 95 19.44 65.42 13.47
C LEU B 95 19.57 65.99 14.90
N PRO B 96 19.43 67.32 15.05
CA PRO B 96 19.50 67.98 16.38
C PRO B 96 18.39 67.53 17.36
N GLU B 97 17.19 67.25 16.84
CA GLU B 97 16.00 66.93 17.66
C GLU B 97 15.87 65.41 17.93
N ALA B 98 16.86 64.61 17.54
CA ALA B 98 16.88 63.17 17.89
C ALA B 98 17.27 62.97 19.37
N ASP B 99 16.76 61.89 19.92
CA ASP B 99 16.98 61.48 21.29
C ASP B 99 17.94 60.31 21.33
N THR B 100 18.49 60.03 22.50
CA THR B 100 19.29 58.83 22.73
C THR B 100 18.37 57.74 23.28
N VAL B 101 18.41 56.56 22.67
CA VAL B 101 17.55 55.43 23.09
C VAL B 101 18.39 54.14 23.08
N VAL B 102 17.95 53.16 23.84
CA VAL B 102 18.63 51.85 23.94
C VAL B 102 18.16 50.96 22.77
N VAL B 103 19.08 50.36 22.04
CA VAL B 103 18.79 49.29 21.09
C VAL B 103 19.33 47.99 21.68
N PRO B 104 18.60 46.87 21.67
CA PRO B 104 17.26 46.71 21.05
C PRO B 104 16.08 47.23 21.88
N SER B 105 15.03 47.71 21.18
CA SER B 105 13.79 48.16 21.82
C SER B 105 12.66 48.21 20.80
N ASN B 106 11.44 48.39 21.27
CA ASN B 106 10.27 48.75 20.44
C ASN B 106 9.99 50.24 20.67
N TRP B 107 9.66 51.01 19.64
CA TRP B 107 9.58 52.45 19.94
C TRP B 107 8.26 52.80 20.67
N GLN B 108 7.24 51.94 20.63
CA GLN B 108 5.96 52.16 21.33
C GLN B 108 6.18 52.11 22.85
N MET B 109 7.20 51.39 23.31
CA MET B 109 7.50 51.28 24.73
C MET B 109 8.19 52.55 25.25
N HIS B 110 8.62 53.46 24.36
CA HIS B 110 9.23 54.71 24.82
C HIS B 110 8.28 55.89 24.64
N GLY B 111 7.07 55.62 24.13
CA GLY B 111 6.01 56.61 24.06
C GLY B 111 5.98 57.41 22.77
N TYR B 112 6.46 56.86 21.63
CA TYR B 112 6.42 57.64 20.37
C TYR B 112 5.11 57.46 19.62
N ASP B 113 4.49 56.28 19.72
CA ASP B 113 3.07 56.07 19.33
C ASP B 113 2.50 54.89 20.07
N ALA B 114 1.23 54.58 19.84
CA ALA B 114 0.56 53.59 20.70
C ALA B 114 0.82 52.17 20.19
N PRO B 115 1.01 51.21 21.11
CA PRO B 115 0.92 49.79 20.72
C PRO B 115 -0.55 49.47 20.37
N ILE B 116 -0.80 48.56 19.43
CA ILE B 116 -2.17 48.24 19.01
C ILE B 116 -2.46 46.77 19.35
N TYR B 117 -3.50 46.46 20.11
CA TYR B 117 -3.84 45.03 20.28
C TYR B 117 -5.07 44.68 19.45
N THR B 118 -4.89 43.89 18.41
CA THR B 118 -6.01 43.40 17.58
C THR B 118 -5.84 41.90 17.36
N ASN B 119 -6.93 41.13 17.39
CA ASN B 119 -6.85 39.68 17.22
C ASN B 119 -6.85 39.35 15.72
N VAL B 120 -8.00 39.48 15.05
CA VAL B 120 -8.20 38.99 13.68
C VAL B 120 -8.09 40.16 12.69
N THR B 121 -8.91 41.20 12.86
CA THR B 121 -8.94 42.35 11.95
C THR B 121 -7.53 42.96 11.79
N TYR B 122 -7.05 43.12 10.55
CA TYR B 122 -5.73 43.80 10.29
C TYR B 122 -5.77 45.22 10.86
N PRO B 123 -4.64 45.68 11.43
CA PRO B 123 -4.62 47.06 12.03
C PRO B 123 -4.52 48.17 10.97
N ILE B 124 -4.67 47.84 9.69
CA ILE B 124 -4.64 48.79 8.53
C ILE B 124 -5.78 48.43 7.56
N THR B 125 -6.14 49.31 6.63
CA THR B 125 -7.15 48.96 5.58
C THR B 125 -6.66 47.75 4.75
N VAL B 126 -7.50 46.73 4.55
CA VAL B 126 -7.11 45.55 3.76
C VAL B 126 -7.18 45.90 2.26
N ASN B 127 -6.02 46.21 1.67
CA ASN B 127 -5.96 46.54 0.24
C ASN B 127 -4.64 45.99 -0.34
N PRO B 128 -4.44 44.67 -0.29
CA PRO B 128 -3.09 44.18 -0.63
C PRO B 128 -2.73 44.51 -2.09
N PRO B 129 -1.47 44.89 -2.36
CA PRO B 129 -0.36 44.96 -1.34
C PRO B 129 -0.09 46.37 -0.78
N PHE B 130 -1.07 47.26 -0.82
CA PHE B 130 -0.82 48.64 -0.45
C PHE B 130 -0.93 48.83 1.06
N VAL B 131 -0.24 49.83 1.56
CA VAL B 131 -0.33 50.18 2.94
C VAL B 131 -0.67 51.68 3.04
N PRO B 132 -1.14 52.17 4.21
CA PRO B 132 -1.53 53.59 4.31
C PRO B 132 -0.36 54.54 4.02
N THR B 133 -0.64 55.78 3.60
CA THR B 133 0.44 56.78 3.37
C THR B 133 0.98 57.33 4.70
N GLU B 134 0.12 57.37 5.72
CA GLU B 134 0.48 57.63 7.10
C GLU B 134 1.12 56.36 7.71
N ASN B 135 2.43 56.19 7.49
CA ASN B 135 3.18 54.95 7.82
C ASN B 135 4.32 55.35 8.77
N PRO B 136 4.06 55.33 10.09
CA PRO B 136 5.05 55.82 11.07
C PRO B 136 6.44 55.23 10.79
N THR B 137 7.48 56.04 10.98
CA THR B 137 8.82 55.75 10.50
C THR B 137 9.82 56.03 11.63
N GLY B 138 10.67 55.06 11.95
CA GLY B 138 11.66 55.32 12.98
C GLY B 138 13.04 55.45 12.35
N CYS B 139 13.75 56.55 12.61
CA CYS B 139 15.11 56.72 12.06
C CYS B 139 16.14 56.50 13.17
N TYR B 140 16.90 55.43 13.04
CA TYR B 140 17.95 55.12 13.99
C TYR B 140 19.29 55.46 13.37
N SER B 141 20.28 55.78 14.21
CA SER B 141 21.66 55.98 13.70
C SER B 141 22.70 55.72 14.80
N LEU B 142 23.86 55.28 14.37
CA LEU B 142 24.94 54.97 15.29
C LEU B 142 26.26 55.48 14.67
N THR B 143 27.10 56.10 15.49
CA THR B 143 28.49 56.40 15.14
C THR B 143 29.39 55.40 15.86
N PHE B 144 30.29 54.73 15.12
CA PHE B 144 31.13 53.65 15.73
C PHE B 144 32.54 53.65 15.10
N ASN B 145 33.49 53.06 15.80
CA ASN B 145 34.87 52.92 15.33
C ASN B 145 35.09 51.50 14.77
N VAL B 146 35.74 51.38 13.62
CA VAL B 146 36.20 50.06 13.15
C VAL B 146 37.74 50.03 13.21
N ASP B 147 38.29 48.96 13.79
CA ASP B 147 39.74 48.70 13.81
C ASP B 147 40.33 48.60 12.39
N GLU B 148 41.55 49.10 12.21
CA GLU B 148 42.25 49.15 10.92
C GLU B 148 42.47 47.73 10.34
N SER B 149 42.71 46.73 11.20
CA SER B 149 42.96 45.35 10.74
C SER B 149 41.72 44.74 10.04
N TRP B 150 40.54 45.30 10.28
CA TRP B 150 39.30 44.78 9.69
C TRP B 150 39.14 45.21 8.23
N LEU B 151 39.87 46.24 7.81
CA LEU B 151 39.70 46.82 6.48
C LEU B 151 40.81 46.39 5.52
N GLN B 152 41.92 45.90 6.06
CA GLN B 152 43.06 45.43 5.27
C GLN B 152 42.70 44.16 4.49
N GLU B 153 42.09 43.19 5.17
CA GLU B 153 41.75 41.91 4.55
C GLU B 153 40.42 41.39 5.11
N GLY B 154 39.76 40.55 4.34
CA GLY B 154 38.56 39.84 4.78
C GLY B 154 37.27 40.58 4.49
N GLN B 155 36.17 39.99 4.95
CA GLN B 155 34.85 40.51 4.71
C GLN B 155 34.26 41.00 6.04
N THR B 156 33.66 42.19 6.06
CA THR B 156 32.91 42.63 7.25
C THR B 156 31.41 42.70 6.96
N ARG B 157 30.60 42.06 7.79
CA ARG B 157 29.14 42.09 7.57
C ARG B 157 28.41 42.64 8.80
N ILE B 158 27.29 43.34 8.58
CA ILE B 158 26.40 43.71 9.70
C ILE B 158 25.22 42.73 9.76
N ILE B 159 24.78 42.39 10.96
CA ILE B 159 23.68 41.44 11.14
C ILE B 159 22.61 42.08 12.02
N PHE B 160 21.40 42.22 11.48
CA PHE B 160 20.23 42.63 12.30
C PHE B 160 19.45 41.37 12.66
N ASP B 161 19.38 40.99 13.93
CA ASP B 161 18.63 39.79 14.26
C ASP B 161 17.08 39.88 14.11
N GLY B 162 16.50 41.09 14.15
CA GLY B 162 15.07 41.25 13.88
C GLY B 162 14.71 42.72 13.82
N VAL B 163 14.00 43.12 12.76
CA VAL B 163 13.57 44.51 12.61
C VAL B 163 12.12 44.50 12.16
N ASN B 164 11.26 45.30 12.77
CA ASN B 164 9.84 45.18 12.49
C ASN B 164 9.30 46.51 11.91
N SER B 165 8.73 46.58 10.68
CA SER B 165 8.50 45.42 9.79
C SER B 165 9.42 45.40 8.54
N ALA B 166 9.96 46.53 8.11
CA ALA B 166 10.80 46.61 6.89
C ALA B 166 11.78 47.76 7.07
N PHE B 167 12.93 47.75 6.39
CA PHE B 167 13.89 48.85 6.61
C PHE B 167 14.83 49.05 5.42
N HIS B 168 15.34 50.27 5.24
CA HIS B 168 16.49 50.56 4.37
C HIS B 168 17.71 50.86 5.26
N LEU B 169 18.91 50.55 4.79
CA LEU B 169 20.14 50.76 5.53
C LEU B 169 21.11 51.62 4.70
N TRP B 170 21.75 52.60 5.33
CA TRP B 170 22.81 53.44 4.68
C TRP B 170 24.06 53.31 5.55
N CYS B 171 25.22 53.30 4.91
CA CYS B 171 26.47 53.39 5.65
C CYS B 171 27.29 54.54 5.03
N ASN B 172 27.77 55.45 5.88
CA ASN B 172 28.53 56.67 5.44
C ASN B 172 27.82 57.42 4.31
N GLY B 173 26.49 57.46 4.34
CA GLY B 173 25.73 58.22 3.35
C GLY B 173 25.32 57.39 2.14
N ARG B 174 25.82 56.17 1.99
CA ARG B 174 25.59 55.40 0.77
C ARG B 174 24.62 54.24 1.03
N TRP B 175 23.69 54.01 0.12
CA TRP B 175 22.66 53.05 0.34
C TRP B 175 23.22 51.62 0.26
N VAL B 176 22.87 50.78 1.23
CA VAL B 176 23.45 49.45 1.30
C VAL B 176 22.41 48.43 0.84
N GLY B 177 21.18 48.48 1.38
CA GLY B 177 20.19 47.45 1.05
C GLY B 177 18.87 47.63 1.78
N TYR B 178 17.97 46.67 1.62
CA TYR B 178 16.61 46.69 2.09
C TYR B 178 16.26 45.29 2.63
N GLY B 179 15.51 45.16 3.74
CA GLY B 179 14.97 43.82 4.12
C GLY B 179 13.54 43.87 4.65
N GLN B 180 12.82 42.73 4.58
CA GLN B 180 11.48 42.48 5.21
C GLN B 180 11.53 41.17 6.04
N ASP B 181 10.38 40.67 6.54
CA ASP B 181 10.29 39.52 7.59
C ASP B 181 10.94 39.88 8.96
N SER B 182 10.10 40.24 9.93
CA SER B 182 10.51 40.79 11.23
C SER B 182 11.26 39.76 12.09
N ARG B 183 11.28 38.48 11.76
CA ARG B 183 11.60 37.52 12.82
C ARG B 183 12.84 36.70 12.47
N LEU B 184 13.49 37.00 11.36
CA LEU B 184 14.71 36.28 11.00
C LEU B 184 15.80 37.31 10.73
N PRO B 185 17.07 36.94 10.92
CA PRO B 185 18.20 37.87 10.73
C PRO B 185 18.34 38.35 9.28
N SER B 186 18.72 39.61 9.08
CA SER B 186 19.09 40.16 7.78
C SER B 186 20.57 40.53 7.82
N GLU B 187 21.39 40.09 6.84
CA GLU B 187 22.84 40.40 6.84
C GLU B 187 23.23 41.11 5.55
N PHE B 188 24.13 42.08 5.65
CA PHE B 188 24.62 42.90 4.53
C PHE B 188 26.13 43.03 4.62
N ASP B 189 26.78 42.89 3.47
CA ASP B 189 28.23 43.12 3.35
C ASP B 189 28.56 44.61 3.44
N LEU B 190 29.43 44.99 4.39
CA LEU B 190 29.81 46.41 4.54
C LEU B 190 31.27 46.68 4.14
N SER B 191 31.97 45.73 3.51
CA SER B 191 33.43 45.86 3.29
C SER B 191 33.75 47.10 2.43
N ALA B 192 32.96 47.31 1.39
CA ALA B 192 33.13 48.43 0.43
C ALA B 192 32.60 49.78 0.97
N PHE B 193 32.11 49.86 2.21
CA PHE B 193 31.44 51.10 2.67
C PHE B 193 32.15 51.67 3.89
N LEU B 194 32.93 50.85 4.60
CA LEU B 194 33.56 51.27 5.86
C LEU B 194 34.89 51.95 5.54
N ARG B 195 35.28 52.85 6.43
CA ARG B 195 36.51 53.61 6.34
C ARG B 195 37.18 53.55 7.71
N ALA B 196 38.47 53.88 7.81
CA ALA B 196 39.17 53.88 9.10
C ALA B 196 38.76 55.11 9.91
N GLY B 197 38.57 54.91 11.21
CA GLY B 197 38.09 55.98 12.10
C GLY B 197 36.61 55.87 12.37
N GLU B 198 35.87 56.97 12.19
CA GLU B 198 34.45 57.09 12.53
C GLU B 198 33.59 56.68 11.33
N ASN B 199 32.57 55.88 11.61
CA ASN B 199 31.58 55.46 10.62
C ASN B 199 30.19 55.82 11.15
N ARG B 200 29.24 56.01 10.25
CA ARG B 200 27.85 56.23 10.68
C ARG B 200 26.92 55.27 9.92
N LEU B 201 26.11 54.51 10.66
CA LEU B 201 25.00 53.74 10.08
C LEU B 201 23.71 54.55 10.21
N ALA B 202 22.86 54.47 9.21
CA ALA B 202 21.52 55.03 9.30
C ALA B 202 20.52 53.91 8.94
N VAL B 203 19.49 53.69 9.73
CA VAL B 203 18.48 52.62 9.43
C VAL B 203 17.09 53.26 9.47
N MET B 204 16.33 53.24 8.39
CA MET B 204 14.98 53.79 8.41
C MET B 204 13.99 52.64 8.51
N VAL B 205 13.19 52.56 9.58
CA VAL B 205 12.31 51.38 9.81
C VAL B 205 10.86 51.77 9.57
N LEU B 206 10.13 51.06 8.75
CA LEU B 206 8.70 51.34 8.53
C LEU B 206 7.84 50.43 9.41
N ARG B 207 6.77 50.97 9.95
CA ARG B 207 5.82 50.16 10.72
C ARG B 207 5.06 49.19 9.80
N TRP B 208 4.57 49.65 8.66
CA TRP B 208 3.75 48.80 7.78
C TRP B 208 4.50 48.52 6.48
N SER B 209 4.31 47.34 5.94
CA SER B 209 4.81 46.99 4.62
C SER B 209 3.92 45.88 4.06
N ASP B 210 4.10 45.53 2.79
CA ASP B 210 3.41 44.38 2.26
C ASP B 210 3.73 43.07 3.05
N GLY B 211 4.83 43.05 3.80
CA GLY B 211 5.10 41.92 4.70
C GLY B 211 4.09 41.82 5.84
N SER B 212 3.44 42.94 6.21
CA SER B 212 2.42 43.01 7.28
C SER B 212 1.21 42.12 6.96
N TYR B 213 0.88 41.93 5.67
CA TYR B 213 -0.24 41.05 5.27
C TYR B 213 0.03 39.60 5.72
N LEU B 214 1.30 39.26 5.96
CA LEU B 214 1.64 37.89 6.34
C LEU B 214 1.86 37.77 7.84
N GLU B 215 1.62 38.83 8.60
CA GLU B 215 2.01 38.86 10.02
C GLU B 215 0.79 39.27 10.86
N ASP B 216 -0.32 38.58 10.68
CA ASP B 216 -1.56 38.95 11.40
C ASP B 216 -1.79 38.10 12.67
N GLN B 217 -0.74 37.77 13.43
CA GLN B 217 -0.86 36.98 14.68
C GLN B 217 -1.64 37.78 15.74
N ASP B 218 -2.34 37.10 16.62
CA ASP B 218 -3.11 37.69 17.73
C ASP B 218 -2.16 38.11 18.86
N MET B 219 -1.70 39.36 18.81
CA MET B 219 -0.66 39.87 19.72
C MET B 219 -0.56 41.39 19.56
N TRP B 220 0.12 42.07 20.49
CA TRP B 220 0.41 43.51 20.35
C TRP B 220 1.14 43.76 19.03
N ARG B 221 0.72 44.78 18.29
CA ARG B 221 1.46 45.14 17.05
C ARG B 221 2.43 46.27 17.40
N MET B 222 3.72 45.98 17.38
CA MET B 222 4.76 46.94 17.78
C MET B 222 5.81 47.06 16.68
N SER B 223 6.83 47.92 16.82
CA SER B 223 7.81 48.05 15.72
C SER B 223 9.18 48.50 16.24
N GLY B 224 10.23 48.38 15.43
CA GLY B 224 11.57 48.94 15.73
C GLY B 224 12.67 47.91 15.62
N ILE B 225 13.86 48.22 16.11
CA ILE B 225 14.95 47.27 16.07
C ILE B 225 14.93 46.50 17.39
N PHE B 226 14.26 45.34 17.42
CA PHE B 226 13.90 44.72 18.71
C PHE B 226 14.75 43.48 19.01
N ARG B 227 15.69 43.09 18.16
CA ARG B 227 16.67 42.02 18.53
C ARG B 227 18.07 42.58 18.27
N ASP B 228 19.11 41.85 18.68
CA ASP B 228 20.50 42.35 18.66
C ASP B 228 21.04 42.81 17.29
N VAL B 229 22.05 43.69 17.32
CA VAL B 229 22.75 44.12 16.10
C VAL B 229 24.24 43.79 16.26
N SER B 230 24.87 43.12 15.28
CA SER B 230 26.32 42.74 15.40
C SER B 230 27.11 43.08 14.12
N LEU B 231 28.43 43.19 14.27
CA LEU B 231 29.37 43.11 13.13
C LEU B 231 30.10 41.77 13.17
N LEU B 232 30.34 41.15 12.02
CA LEU B 232 31.09 39.89 11.99
C LEU B 232 32.20 40.01 10.94
N HIS B 233 33.42 39.65 11.34
CA HIS B 233 34.57 39.69 10.43
C HIS B 233 34.92 38.27 9.98
N LYS B 234 34.88 38.00 8.68
CA LYS B 234 35.30 36.68 8.19
C LYS B 234 36.50 36.84 7.25
N PRO B 235 37.34 35.80 7.10
CA PRO B 235 38.36 35.86 6.04
C PRO B 235 37.72 35.70 4.65
N THR B 236 38.46 36.08 3.61
CA THR B 236 37.90 36.08 2.24
C THR B 236 37.58 34.65 1.78
N THR B 237 38.42 33.68 2.16
CA THR B 237 38.16 32.25 1.99
C THR B 237 37.57 31.73 3.32
N GLN B 238 36.32 31.29 3.29
CA GLN B 238 35.56 31.14 4.55
C GLN B 238 34.66 29.90 4.49
N ILE B 239 34.23 29.39 5.64
CA ILE B 239 33.12 28.41 5.70
C ILE B 239 31.81 29.18 5.50
N SER B 240 31.01 28.80 4.52
CA SER B 240 29.81 29.62 4.25
C SER B 240 28.53 28.94 4.76
N ASP B 241 28.57 27.62 4.98
CA ASP B 241 27.46 26.86 5.49
C ASP B 241 27.96 25.50 6.00
N PHE B 242 27.30 24.91 7.00
CA PHE B 242 27.55 23.49 7.33
C PHE B 242 26.30 22.85 7.93
N HIS B 243 26.10 21.56 7.67
CA HIS B 243 24.95 20.84 8.17
C HIS B 243 25.43 19.58 8.86
N VAL B 244 24.72 19.22 9.91
CA VAL B 244 25.01 18.04 10.71
C VAL B 244 23.79 17.11 10.69
N ALA B 245 24.04 15.81 10.51
CA ALA B 245 23.01 14.76 10.44
C ALA B 245 23.52 13.50 11.15
N THR B 246 22.62 12.75 11.76
CA THR B 246 22.96 11.58 12.55
C THR B 246 22.07 10.41 12.09
N ARG B 247 22.68 9.28 11.77
CA ARG B 247 22.00 8.09 11.28
C ARG B 247 22.30 6.95 12.28
N PHE B 248 21.38 6.01 12.53
CA PHE B 248 21.58 5.00 13.59
C PHE B 248 21.35 3.57 13.07
N ASN B 249 21.90 2.58 13.80
CA ASN B 249 21.54 1.16 13.62
C ASN B 249 20.21 0.89 14.36
N ASP B 250 19.61 -0.29 14.13
CA ASP B 250 18.30 -0.68 14.70
C ASP B 250 18.12 -0.50 16.23
N ASP B 251 19.21 -0.57 17.00
CA ASP B 251 19.13 -0.49 18.45
C ASP B 251 19.87 0.71 19.07
N PHE B 252 20.29 1.67 18.23
CA PHE B 252 20.89 2.95 18.69
C PHE B 252 22.22 2.69 19.42
N SER B 253 22.94 1.62 19.06
CA SER B 253 24.24 1.34 19.66
C SER B 253 25.39 1.84 18.75
N ARG B 254 25.12 2.11 17.49
CA ARG B 254 26.14 2.72 16.59
C ARG B 254 25.51 3.91 15.86
N ALA B 255 26.22 5.02 15.79
CA ALA B 255 25.77 6.18 15.00
C ALA B 255 26.83 6.58 13.95
N VAL B 256 26.37 7.21 12.89
CA VAL B 256 27.25 7.94 11.95
C VAL B 256 26.90 9.43 12.02
N LEU B 257 27.86 10.28 12.37
CA LEU B 257 27.68 11.73 12.20
C LEU B 257 28.13 12.11 10.79
N GLU B 258 27.23 12.68 10.01
CA GLU B 258 27.54 13.15 8.65
C GLU B 258 27.55 14.68 8.65
N ALA B 259 28.69 15.28 8.33
CA ALA B 259 28.80 16.73 8.25
C ALA B 259 29.04 17.14 6.80
N GLU B 260 28.24 18.08 6.31
CA GLU B 260 28.48 18.64 5.00
C GLU B 260 28.98 20.08 5.20
N VAL B 261 30.09 20.45 4.56
CA VAL B 261 30.65 21.79 4.73
C VAL B 261 30.75 22.45 3.36
N GLN B 262 30.42 23.75 3.27
CA GLN B 262 30.56 24.49 2.01
C GLN B 262 31.45 25.70 2.24
N MET B 263 32.24 26.07 1.25
CA MET B 263 33.11 27.22 1.37
C MET B 263 32.80 28.26 0.27
N CYS B 264 33.23 29.50 0.50
CA CYS B 264 33.20 30.59 -0.48
C CYS B 264 34.62 31.16 -0.60
N GLY B 265 34.91 31.83 -1.70
CA GLY B 265 36.27 32.31 -1.98
C GLY B 265 37.01 31.39 -2.95
N GLU B 266 38.32 31.54 -3.02
CA GLU B 266 39.14 30.92 -4.07
C GLU B 266 39.57 29.51 -3.63
N LEU B 267 39.25 28.52 -4.47
CA LEU B 267 39.62 27.13 -4.21
C LEU B 267 41.10 26.92 -4.54
N ARG B 268 41.82 26.32 -3.59
CA ARG B 268 43.22 25.96 -3.74
C ARG B 268 43.38 24.47 -3.39
N ASP B 269 44.43 23.85 -3.90
CA ASP B 269 44.69 22.42 -3.64
C ASP B 269 45.06 22.13 -2.19
N TYR B 270 45.64 23.11 -1.50
CA TYR B 270 46.14 22.90 -0.14
C TYR B 270 45.04 23.07 0.93
N LEU B 271 43.82 23.52 0.59
CA LEU B 271 42.74 23.70 1.61
C LEU B 271 42.25 22.34 2.09
N ARG B 272 41.93 22.26 3.38
CA ARG B 272 41.41 21.05 4.03
C ARG B 272 40.34 21.45 5.06
N VAL B 273 39.41 20.54 5.33
CA VAL B 273 38.43 20.68 6.39
C VAL B 273 38.60 19.53 7.38
N THR B 274 38.62 19.85 8.66
CA THR B 274 38.60 18.84 9.72
C THR B 274 37.32 19.02 10.56
N VAL B 275 36.64 17.94 10.86
CA VAL B 275 35.53 17.97 11.82
C VAL B 275 35.92 17.07 12.99
N SER B 276 35.92 17.60 14.20
CA SER B 276 36.16 16.78 15.39
C SER B 276 34.94 16.81 16.31
N LEU B 277 34.73 15.75 17.06
CA LEU B 277 33.58 15.67 17.94
C LEU B 277 34.07 15.47 19.38
N TRP B 278 33.59 16.31 20.28
CA TRP B 278 34.10 16.33 21.65
C TRP B 278 32.97 15.98 22.62
N GLN B 279 33.26 15.19 23.65
CA GLN B 279 32.37 15.02 24.78
C GLN B 279 33.08 15.53 26.02
N GLY B 280 32.73 16.74 26.44
CA GLY B 280 33.49 17.44 27.44
C GLY B 280 34.88 17.77 26.96
N GLU B 281 35.87 17.05 27.49
CA GLU B 281 37.30 17.34 27.25
C GLU B 281 37.92 16.24 26.38
N THR B 282 37.15 15.19 26.13
CA THR B 282 37.62 14.02 25.42
C THR B 282 37.21 14.12 23.94
N GLN B 283 38.19 14.03 23.04
CA GLN B 283 37.85 13.85 21.62
C GLN B 283 37.39 12.40 21.37
N VAL B 284 36.30 12.27 20.65
CA VAL B 284 35.54 11.03 20.53
C VAL B 284 35.58 10.56 19.07
N ALA B 285 35.71 11.49 18.11
CA ALA B 285 35.79 11.17 16.67
C ALA B 285 36.42 12.36 15.95
N SER B 286 36.93 12.11 14.73
CA SER B 286 37.64 13.12 13.92
C SER B 286 37.77 12.62 12.48
N GLY B 287 37.71 13.55 11.54
CA GLY B 287 37.87 13.28 10.09
C GLY B 287 38.42 14.50 9.37
N THR B 288 39.16 14.27 8.30
CA THR B 288 39.81 15.35 7.49
C THR B 288 39.57 15.02 6.03
N ALA B 289 39.47 16.04 5.17
CA ALA B 289 39.35 15.79 3.71
C ALA B 289 39.69 17.07 2.95
N PRO B 290 40.13 16.94 1.67
CA PRO B 290 40.15 18.11 0.72
C PRO B 290 38.73 18.42 0.18
N PHE B 291 38.53 19.58 -0.42
CA PHE B 291 37.25 19.89 -1.08
C PHE B 291 37.04 19.04 -2.32
N GLY B 292 35.76 18.76 -2.61
CA GLY B 292 35.33 17.99 -3.78
C GLY B 292 34.31 16.93 -3.41
N GLY B 293 33.02 17.24 -3.63
CA GLY B 293 31.90 16.28 -3.50
C GLY B 293 32.00 15.11 -4.50
N GLU B 294 31.22 14.06 -4.23
CA GLU B 294 30.96 12.96 -5.19
C GLU B 294 30.18 13.50 -6.39
N ILE B 295 30.27 12.80 -7.53
CA ILE B 295 29.52 13.11 -8.74
C ILE B 295 28.01 13.09 -8.40
N ILE B 296 27.31 14.12 -8.86
CA ILE B 296 25.91 14.37 -8.53
C ILE B 296 25.08 14.13 -9.80
N ASP B 297 25.61 14.53 -10.95
CA ASP B 297 24.92 14.43 -12.25
C ASP B 297 25.89 14.45 -13.44
N GLU B 298 25.37 14.65 -14.65
CA GLU B 298 26.13 14.59 -15.93
C GLU B 298 27.22 15.68 -16.00
N ARG B 299 27.09 16.76 -15.23
CA ARG B 299 28.08 17.87 -15.30
C ARG B 299 29.15 17.76 -14.18
N GLY B 300 29.04 16.77 -13.28
CA GLY B 300 30.07 16.56 -12.24
C GLY B 300 29.49 16.70 -10.85
N GLY B 301 30.26 17.32 -9.93
CA GLY B 301 29.85 17.51 -8.52
C GLY B 301 30.22 18.89 -8.02
N TYR B 302 30.05 19.14 -6.71
CA TYR B 302 30.39 20.47 -6.13
C TYR B 302 31.86 20.50 -5.72
N ALA B 303 32.63 21.34 -6.40
CA ALA B 303 34.06 21.47 -6.13
C ALA B 303 34.30 22.16 -4.77
N ASP B 304 33.33 22.95 -4.31
CA ASP B 304 33.42 23.80 -3.13
C ASP B 304 32.65 23.20 -1.94
N ARG B 305 32.54 21.87 -1.86
CA ARG B 305 31.81 21.21 -0.78
C ARG B 305 32.55 19.93 -0.41
N VAL B 306 32.33 19.46 0.80
CA VAL B 306 32.93 18.19 1.22
C VAL B 306 32.04 17.59 2.30
N THR B 307 31.89 16.26 2.29
CA THR B 307 31.16 15.53 3.31
C THR B 307 32.10 14.63 4.13
N LEU B 308 32.15 14.84 5.46
CA LEU B 308 32.86 13.92 6.38
C LEU B 308 31.85 12.96 7.03
N ARG B 309 32.22 11.68 7.19
CA ARG B 309 31.44 10.70 7.99
C ARG B 309 32.28 10.22 9.18
N LEU B 310 31.74 10.40 10.38
CA LEU B 310 32.42 10.05 11.62
C LEU B 310 31.62 8.93 12.31
N ASN B 311 32.28 7.82 12.69
CA ASN B 311 31.59 6.72 13.41
C ASN B 311 31.66 6.97 14.92
N VAL B 312 30.56 6.71 15.62
CA VAL B 312 30.50 6.88 17.07
C VAL B 312 29.88 5.61 17.64
N GLU B 313 30.57 4.97 18.58
CA GLU B 313 30.08 3.72 19.23
C GLU B 313 29.39 4.09 20.55
N ASN B 314 28.19 3.52 20.79
CA ASN B 314 27.44 3.74 22.07
C ASN B 314 27.29 5.25 22.33
N PRO B 315 26.76 6.02 21.35
CA PRO B 315 26.61 7.48 21.62
C PRO B 315 25.59 7.72 22.75
N LYS B 316 25.79 8.75 23.53
CA LYS B 316 24.78 9.10 24.54
C LYS B 316 23.66 9.88 23.82
N LEU B 317 22.43 9.41 23.93
CA LEU B 317 21.33 9.93 23.14
C LEU B 317 20.74 11.19 23.77
N TRP B 318 20.36 12.18 22.96
CA TRP B 318 19.70 13.41 23.46
C TRP B 318 18.20 13.12 23.64
N SER B 319 17.60 13.57 24.75
CA SER B 319 16.13 13.64 24.84
C SER B 319 15.76 14.77 25.82
N ALA B 320 14.48 15.10 25.98
CA ALA B 320 14.12 16.14 26.96
C ALA B 320 14.37 15.66 28.41
N GLU B 321 14.24 14.36 28.68
CA GLU B 321 14.56 13.77 29.99
C GLU B 321 16.07 13.87 30.28
N ILE B 322 16.94 13.51 29.33
CA ILE B 322 18.43 13.52 29.54
C ILE B 322 19.10 14.22 28.36
N PRO B 323 19.32 15.52 28.48
CA PRO B 323 19.82 16.25 27.29
C PRO B 323 21.34 16.16 27.08
N ASN B 324 21.85 14.96 26.74
CA ASN B 324 23.31 14.75 26.47
C ASN B 324 23.75 15.47 25.19
N LEU B 325 24.75 16.34 25.27
CA LEU B 325 25.23 17.07 24.07
C LEU B 325 26.70 16.72 23.79
N TYR B 326 27.07 16.77 22.52
CA TYR B 326 28.47 16.73 22.13
C TYR B 326 28.81 18.08 21.52
N ARG B 327 30.09 18.36 21.28
CA ARG B 327 30.49 19.59 20.64
C ARG B 327 31.17 19.24 19.31
N ALA B 328 30.68 19.77 18.18
CA ALA B 328 31.34 19.53 16.88
C ALA B 328 32.15 20.77 16.52
N VAL B 329 33.43 20.59 16.20
CA VAL B 329 34.24 21.74 15.77
C VAL B 329 34.59 21.55 14.29
N VAL B 330 34.38 22.57 13.46
CA VAL B 330 34.67 22.47 12.04
C VAL B 330 35.81 23.44 11.72
N GLU B 331 36.96 22.93 11.29
CA GLU B 331 38.11 23.84 11.03
C GLU B 331 38.41 23.91 9.51
N LEU B 332 38.59 25.11 8.98
CA LEU B 332 39.14 25.28 7.64
C LEU B 332 40.62 25.60 7.81
N HIS B 333 41.51 24.78 7.22
CA HIS B 333 42.96 24.97 7.44
C HIS B 333 43.76 24.57 6.18
N THR B 334 45.06 24.82 6.18
CA THR B 334 45.94 24.43 5.03
C THR B 334 46.50 23.03 5.30
N ALA B 335 47.13 22.41 4.29
CA ALA B 335 47.68 21.04 4.42
C ALA B 335 48.82 21.01 5.46
N ASP B 336 49.65 22.05 5.50
CA ASP B 336 50.69 22.20 6.55
C ASP B 336 50.16 22.48 7.99
N GLY B 337 48.89 22.90 8.11
CA GLY B 337 48.17 22.91 9.40
C GLY B 337 47.98 24.31 9.98
N THR B 338 48.04 25.35 9.15
CA THR B 338 47.70 26.72 9.55
C THR B 338 46.17 26.90 9.53
N LEU B 339 45.58 27.30 10.67
CA LEU B 339 44.13 27.44 10.78
C LEU B 339 43.64 28.75 10.11
N ILE B 340 42.61 28.63 9.30
CA ILE B 340 42.04 29.79 8.63
C ILE B 340 40.82 30.29 9.42
N GLU B 341 39.83 29.42 9.67
CA GLU B 341 38.77 29.76 10.65
C GLU B 341 38.10 28.49 11.22
N ALA B 342 37.48 28.63 12.39
CA ALA B 342 36.73 27.51 12.97
C ALA B 342 35.27 27.95 13.20
N GLU B 343 34.37 26.99 13.17
CA GLU B 343 32.98 27.20 13.55
C GLU B 343 32.58 25.98 14.37
N ALA B 344 31.50 26.07 15.12
CA ALA B 344 31.17 24.99 16.04
C ALA B 344 29.67 25.01 16.31
N CYS B 345 29.12 23.86 16.67
CA CYS B 345 27.77 23.82 17.24
C CYS B 345 27.66 22.68 18.25
N ASP B 346 26.58 22.68 19.04
CA ASP B 346 26.20 21.57 19.93
C ASP B 346 25.44 20.55 19.15
N VAL B 347 25.73 19.27 19.38
CA VAL B 347 25.14 18.18 18.58
C VAL B 347 24.43 17.27 19.58
N GLY B 348 23.20 16.86 19.26
CA GLY B 348 22.54 15.83 20.02
C GLY B 348 22.23 14.68 19.12
N PHE B 349 22.44 13.46 19.58
CA PHE B 349 22.12 12.33 18.79
C PHE B 349 20.68 11.94 19.12
N ARG B 350 19.77 12.09 18.17
CA ARG B 350 18.40 11.60 18.35
C ARG B 350 17.76 11.36 16.97
N GLU B 351 16.80 10.47 16.91
CA GLU B 351 16.10 10.22 15.66
C GLU B 351 14.60 10.51 15.87
N VAL B 352 14.02 11.38 15.05
CA VAL B 352 12.58 11.64 15.13
C VAL B 352 11.91 10.96 13.93
N ARG B 353 10.89 10.14 14.13
CA ARG B 353 10.21 9.65 12.91
C ARG B 353 8.76 9.21 13.16
N ILE B 354 7.98 9.18 12.07
CA ILE B 354 6.66 8.63 12.14
C ILE B 354 6.66 7.21 11.55
N GLU B 355 6.29 6.26 12.37
CA GLU B 355 6.30 4.87 12.00
C GLU B 355 4.98 4.24 12.46
N ASN B 356 4.21 3.71 11.51
CA ASN B 356 2.98 3.00 11.76
C ASN B 356 2.03 3.88 12.60
N GLY B 357 1.87 5.14 12.21
CA GLY B 357 0.91 6.05 12.84
C GLY B 357 1.38 6.64 14.16
N LEU B 358 2.61 6.38 14.64
CA LEU B 358 3.09 6.93 15.93
C LEU B 358 4.31 7.84 15.70
N LEU B 359 4.43 8.93 16.44
CA LEU B 359 5.66 9.76 16.42
C LEU B 359 6.67 9.20 17.44
N LEU B 360 7.81 8.71 16.97
CA LEU B 360 8.81 8.06 17.86
C LEU B 360 10.03 8.99 18.03
N LEU B 361 10.53 9.13 19.23
CA LEU B 361 11.90 9.63 19.44
C LEU B 361 12.79 8.48 19.92
N ASN B 362 13.94 8.26 19.28
CA ASN B 362 14.89 7.20 19.65
C ASN B 362 14.15 5.86 19.83
N GLY B 363 13.22 5.53 18.92
CA GLY B 363 12.48 4.27 18.97
C GLY B 363 11.31 4.25 19.96
N LYS B 364 11.05 5.27 20.78
CA LYS B 364 9.91 5.19 21.74
C LYS B 364 8.82 6.22 21.40
N PRO B 365 7.53 5.90 21.63
CA PRO B 365 6.41 6.86 21.36
C PRO B 365 6.38 8.06 22.31
N LEU B 366 6.46 9.28 21.79
CA LEU B 366 6.43 10.49 22.64
C LEU B 366 5.04 10.71 23.25
N LEU B 367 5.00 11.30 24.44
CA LEU B 367 3.78 11.93 24.96
C LEU B 367 4.10 13.42 25.21
N ILE B 368 3.58 14.32 24.36
CA ILE B 368 3.92 15.75 24.38
C ILE B 368 3.17 16.45 25.53
N ARG B 369 3.91 17.01 26.47
CA ARG B 369 3.35 17.87 27.51
C ARG B 369 3.77 19.29 27.15
N GLY B 370 3.05 19.95 26.24
CA GLY B 370 3.54 21.12 25.60
C GLY B 370 2.79 22.38 26.00
N VAL B 371 3.39 23.52 25.75
CA VAL B 371 2.70 24.79 25.87
C VAL B 371 3.08 25.71 24.69
N ASN B 372 2.18 26.58 24.28
CA ASN B 372 2.49 27.64 23.29
C ASN B 372 3.15 28.81 24.04
N ARG B 373 4.24 29.36 23.53
CA ARG B 373 4.85 30.52 24.17
C ARG B 373 5.12 31.65 23.17
N HIS B 374 4.62 32.86 23.46
CA HIS B 374 4.97 34.14 22.75
C HIS B 374 6.18 34.77 23.43
N GLU B 375 6.97 35.55 22.67
CA GLU B 375 8.07 36.36 23.25
C GLU B 375 7.49 37.68 23.81
N HIS B 376 7.25 37.76 25.11
CA HIS B 376 6.53 38.93 25.64
C HIS B 376 7.12 39.32 26.99
N HIS B 377 7.31 40.61 27.18
CA HIS B 377 7.77 41.14 28.44
C HIS B 377 6.93 42.38 28.78
N PRO B 378 6.38 42.46 30.00
CA PRO B 378 5.46 43.59 30.28
C PRO B 378 6.14 44.97 30.26
N LEU B 379 7.45 45.07 30.48
CA LEU B 379 8.14 46.39 30.39
C LEU B 379 8.78 46.62 29.01
N HIS B 380 9.34 45.57 28.42
CA HIS B 380 10.19 45.73 27.24
C HIS B 380 9.47 45.32 25.95
N GLY B 381 8.21 44.90 26.04
CA GLY B 381 7.43 44.57 24.86
C GLY B 381 7.94 43.27 24.25
N GLN B 382 8.44 43.31 23.04
CA GLN B 382 8.80 42.07 22.37
C GLN B 382 10.33 41.85 22.41
N VAL B 383 11.03 42.58 23.27
CA VAL B 383 12.49 42.40 23.46
C VAL B 383 12.73 41.27 24.49
N MET B 384 13.40 40.20 24.07
CA MET B 384 13.73 39.03 24.94
C MET B 384 15.17 39.10 25.43
N ASP B 385 15.40 38.70 26.66
CA ASP B 385 16.78 38.63 27.20
C ASP B 385 17.05 37.25 27.81
N GLU B 386 18.31 36.92 28.09
CA GLU B 386 18.70 35.59 28.62
C GLU B 386 17.96 35.27 29.93
N GLN B 387 17.86 36.26 30.82
CA GLN B 387 17.35 36.07 32.18
C GLN B 387 15.87 35.64 32.13
N THR B 388 15.09 36.28 31.27
CA THR B 388 13.68 35.93 31.13
C THR B 388 13.51 34.57 30.45
N MET B 389 14.33 34.27 29.45
CA MET B 389 14.26 32.97 28.79
C MET B 389 14.53 31.87 29.83
N VAL B 390 15.57 32.03 30.66
CA VAL B 390 15.94 31.01 31.65
C VAL B 390 14.82 30.86 32.71
N GLN B 391 14.25 31.97 33.15
CA GLN B 391 13.16 31.93 34.10
C GLN B 391 11.97 31.12 33.53
N ASP B 392 11.57 31.35 32.28
CA ASP B 392 10.51 30.56 31.63
C ASP B 392 10.79 29.06 31.56
N ILE B 393 12.03 28.68 31.20
CA ILE B 393 12.36 27.28 30.98
C ILE B 393 12.33 26.55 32.32
N LEU B 394 12.89 27.14 33.39
CA LEU B 394 12.85 26.53 34.73
C LEU B 394 11.41 26.33 35.17
N LEU B 395 10.56 27.36 35.08
CA LEU B 395 9.16 27.22 35.49
C LEU B 395 8.44 26.16 34.66
N MET B 396 8.70 26.10 33.36
CA MET B 396 8.06 25.09 32.51
C MET B 396 8.44 23.68 33.00
N LYS B 397 9.73 23.40 33.21
CA LYS B 397 10.17 22.06 33.59
C LYS B 397 9.72 21.71 35.03
N GLN B 398 9.64 22.69 35.92
CA GLN B 398 9.20 22.48 37.30
C GLN B 398 7.70 22.14 37.34
N ASN B 399 6.98 22.35 36.24
CA ASN B 399 5.58 22.11 36.19
C ASN B 399 5.29 20.95 35.23
N ASN B 400 6.29 20.14 34.95
CA ASN B 400 6.12 18.91 34.18
C ASN B 400 5.82 19.22 32.69
N PHE B 401 6.27 20.35 32.12
CA PHE B 401 6.23 20.50 30.64
C PHE B 401 7.49 19.89 30.00
N ASN B 402 7.38 19.24 28.85
CA ASN B 402 8.58 18.75 28.11
C ASN B 402 8.65 19.42 26.73
N ALA B 403 7.74 20.31 26.34
CA ALA B 403 7.71 20.75 24.91
C ALA B 403 7.18 22.16 24.81
N VAL B 404 7.67 22.90 23.82
CA VAL B 404 7.19 24.25 23.61
C VAL B 404 6.94 24.51 22.11
N ARG B 405 5.86 25.21 21.78
CA ARG B 405 5.54 25.59 20.40
C ARG B 405 5.86 27.08 20.24
N CYS B 406 6.66 27.42 19.24
CA CYS B 406 7.06 28.85 18.99
C CYS B 406 5.90 29.60 18.34
N SER B 407 4.87 29.99 19.08
CA SER B 407 3.71 30.62 18.45
C SER B 407 4.00 32.11 18.19
N HIS B 408 3.93 32.61 16.95
CA HIS B 408 3.86 31.83 15.71
C HIS B 408 4.95 32.39 14.77
N TYR B 409 6.21 32.23 15.11
CA TYR B 409 7.33 32.86 14.35
C TYR B 409 8.63 32.28 14.90
N PRO B 410 9.72 32.40 14.15
CA PRO B 410 11.02 31.94 14.73
C PRO B 410 11.46 32.78 15.94
N ASN B 411 12.05 32.15 16.92
CA ASN B 411 12.42 32.84 18.16
C ASN B 411 13.81 33.48 18.00
N HIS B 412 14.17 34.28 18.98
CA HIS B 412 15.51 34.71 19.25
C HIS B 412 16.46 33.51 19.20
N PRO B 413 17.60 33.60 18.50
CA PRO B 413 18.51 32.43 18.37
C PRO B 413 19.00 31.75 19.67
N LEU B 414 19.15 32.48 20.77
CA LEU B 414 19.52 31.92 22.09
C LEU B 414 18.46 30.94 22.64
N TRP B 415 17.18 31.12 22.32
CA TRP B 415 16.13 30.24 22.80
C TRP B 415 16.44 28.76 22.49
N TYR B 416 16.91 28.44 21.27
CA TYR B 416 17.12 27.06 20.80
C TYR B 416 18.32 26.42 21.53
N THR B 417 19.32 27.23 21.88
CA THR B 417 20.49 26.78 22.61
C THR B 417 20.07 26.35 24.01
N LEU B 418 19.24 27.16 24.69
CA LEU B 418 18.78 26.84 26.04
C LEU B 418 17.85 25.62 26.04
N CYS B 419 17.01 25.47 25.02
CA CYS B 419 16.19 24.24 24.93
C CYS B 419 17.07 23.00 24.66
N ASP B 420 18.17 23.12 23.90
CA ASP B 420 19.18 22.03 23.73
C ASP B 420 19.81 21.61 25.10
N ARG B 421 20.17 22.60 25.93
CA ARG B 421 20.93 22.35 27.17
C ARG B 421 20.04 21.84 28.31
N TYR B 422 18.84 22.38 28.46
CA TYR B 422 17.95 22.01 29.57
C TYR B 422 17.03 20.85 29.19
N GLY B 423 16.74 20.69 27.89
CA GLY B 423 15.91 19.60 27.42
C GLY B 423 14.44 20.00 27.28
N LEU B 424 14.07 20.65 26.19
CA LEU B 424 12.65 20.75 25.78
C LEU B 424 12.57 20.41 24.29
N TYR B 425 11.53 19.75 23.86
CA TYR B 425 11.26 19.61 22.43
C TYR B 425 10.69 20.93 21.89
N VAL B 426 11.10 21.34 20.68
CA VAL B 426 10.64 22.61 20.12
C VAL B 426 9.85 22.34 18.83
N VAL B 427 8.73 22.99 18.65
CA VAL B 427 8.14 23.10 17.29
C VAL B 427 8.47 24.49 16.75
N ASP B 428 9.22 24.54 15.65
CA ASP B 428 9.70 25.82 15.08
C ASP B 428 8.77 26.30 13.93
N GLU B 429 8.28 27.51 13.98
CA GLU B 429 7.13 27.87 13.12
C GLU B 429 7.50 29.03 12.18
N ALA B 430 7.18 28.95 10.89
CA ALA B 430 7.41 30.06 9.92
C ALA B 430 6.53 31.27 10.26
N ASN B 431 7.07 32.48 10.07
CA ASN B 431 6.32 33.74 10.36
C ASN B 431 5.28 33.98 9.24
N ILE B 432 4.22 33.16 9.15
CA ILE B 432 3.15 33.39 8.14
C ILE B 432 1.80 33.20 8.81
N GLU B 433 1.00 34.27 8.87
CA GLU B 433 -0.38 34.18 9.34
C GLU B 433 -1.20 35.25 8.61
N THR B 434 -2.28 34.87 7.94
CA THR B 434 -3.09 35.79 7.16
C THR B 434 -4.56 35.70 7.60
N HIS B 435 -4.77 35.60 8.92
CA HIS B 435 -6.07 35.32 9.52
C HIS B 435 -7.13 36.35 9.06
N GLY B 436 -6.76 37.61 8.94
CA GLY B 436 -7.71 38.67 8.63
C GLY B 436 -8.20 38.68 7.18
N MET B 437 -7.67 37.83 6.28
CA MET B 437 -8.14 37.81 4.87
C MET B 437 -9.50 37.12 4.75
N VAL B 438 -10.28 37.42 3.71
CA VAL B 438 -11.58 36.75 3.43
C VAL B 438 -11.57 36.21 1.99
N PRO B 439 -11.63 34.90 1.76
CA PRO B 439 -11.48 33.85 2.78
C PRO B 439 -10.02 33.79 3.26
N MET B 440 -9.74 32.89 4.17
CA MET B 440 -8.45 32.90 4.87
C MET B 440 -7.30 32.58 3.89
N ASN B 441 -7.60 31.90 2.78
CA ASN B 441 -6.53 31.49 1.87
C ASN B 441 -6.44 32.42 0.66
N ARG B 442 -6.94 33.64 0.74
CA ARG B 442 -6.87 34.53 -0.43
C ARG B 442 -5.40 34.73 -0.88
N LEU B 443 -4.44 34.84 0.03
CA LEU B 443 -3.03 35.08 -0.40
C LEU B 443 -2.33 33.74 -0.58
N THR B 444 -2.64 32.73 0.22
CA THR B 444 -1.80 31.52 0.23
C THR B 444 -2.21 30.60 -0.92
N ASP B 445 -3.27 30.95 -1.63
CA ASP B 445 -3.68 30.21 -2.83
C ASP B 445 -3.32 30.99 -4.11
N ASP B 446 -2.62 32.11 -3.96
CA ASP B 446 -2.27 32.97 -5.06
C ASP B 446 -0.77 32.85 -5.39
N PRO B 447 -0.42 32.43 -6.62
CA PRO B 447 1.01 32.24 -6.99
C PRO B 447 1.90 33.50 -6.92
N ARG B 448 1.34 34.69 -6.92
CA ARG B 448 2.15 35.91 -6.83
C ARG B 448 2.70 36.10 -5.40
N TRP B 449 2.12 35.43 -4.40
CA TRP B 449 2.62 35.56 -3.02
C TRP B 449 3.51 34.35 -2.68
N LEU B 450 3.65 33.39 -3.60
CA LEU B 450 4.54 32.21 -3.35
C LEU B 450 6.00 32.65 -3.10
N PRO B 451 6.54 33.67 -3.83
CA PRO B 451 7.92 34.16 -3.46
C PRO B 451 8.06 34.65 -2.01
N ALA B 452 7.21 35.58 -1.56
CA ALA B 452 7.20 36.08 -0.19
C ALA B 452 7.08 34.93 0.84
N MET B 453 6.17 33.99 0.62
CA MET B 453 5.99 32.89 1.59
C MET B 453 7.20 31.97 1.61
N SER B 454 7.79 31.69 0.45
CA SER B 454 8.93 30.79 0.41
C SER B 454 10.13 31.37 1.18
N GLU B 455 10.38 32.67 1.12
CA GLU B 455 11.48 33.26 1.92
C GLU B 455 11.26 33.01 3.42
N ARG B 456 10.02 33.04 3.88
CA ARG B 456 9.77 32.90 5.31
C ARG B 456 10.03 31.47 5.77
N VAL B 457 9.75 30.47 4.94
CA VAL B 457 9.99 29.07 5.31
C VAL B 457 11.47 28.71 5.07
N THR B 458 12.02 29.01 3.89
CA THR B 458 13.37 28.48 3.53
C THR B 458 14.44 29.08 4.44
N ARG B 459 14.30 30.35 4.83
CA ARG B 459 15.33 30.98 5.62
C ARG B 459 15.29 30.48 7.08
N MET B 460 14.12 30.01 7.53
CA MET B 460 14.00 29.52 8.88
C MET B 460 14.70 28.16 8.97
N VAL B 461 14.45 27.27 7.99
CA VAL B 461 15.06 25.94 7.93
C VAL B 461 16.58 26.07 7.80
N GLN B 462 17.06 26.97 6.94
CA GLN B 462 18.50 27.17 6.79
C GLN B 462 19.13 27.72 8.08
N ARG B 463 18.43 28.49 8.89
CA ARG B 463 19.03 28.99 10.15
C ARG B 463 19.06 27.89 11.23
N ASP B 464 18.01 27.04 11.35
CA ASP B 464 17.76 26.28 12.59
C ASP B 464 17.95 24.76 12.48
N ARG B 465 18.33 24.26 11.31
CA ARG B 465 18.33 22.83 11.02
C ARG B 465 19.35 22.07 11.88
N ASN B 466 20.32 22.72 12.53
CA ASN B 466 21.36 21.97 13.27
C ASN B 466 20.98 21.75 14.75
N HIS B 467 19.95 22.42 15.28
CA HIS B 467 19.59 22.34 16.71
C HIS B 467 18.91 20.99 17.04
N PRO B 468 19.44 20.20 18.01
CA PRO B 468 18.76 18.91 18.35
C PRO B 468 17.35 19.11 18.96
N SER B 469 17.13 20.24 19.64
CA SER B 469 15.85 20.49 20.32
C SER B 469 14.72 20.68 19.32
N VAL B 470 14.97 21.19 18.11
CA VAL B 470 13.88 21.33 17.12
C VAL B 470 13.51 19.94 16.59
N ILE B 471 12.28 19.48 16.82
CA ILE B 471 11.92 18.12 16.36
C ILE B 471 10.83 18.16 15.28
N ILE B 472 10.12 19.29 15.09
CA ILE B 472 9.03 19.41 14.11
C ILE B 472 9.08 20.83 13.52
N TRP B 473 8.88 20.93 12.20
CA TRP B 473 8.74 22.21 11.48
C TRP B 473 7.24 22.55 11.32
N SER B 474 6.86 23.83 11.43
CA SER B 474 5.47 24.19 11.15
C SER B 474 5.38 25.24 10.03
N LEU B 475 4.35 25.15 9.19
CA LEU B 475 4.29 26.05 8.02
C LEU B 475 3.68 27.41 8.38
N GLY B 476 3.30 27.65 9.61
CA GLY B 476 2.65 28.91 9.95
C GLY B 476 1.35 28.64 10.69
N ASN B 477 0.44 29.60 10.67
CA ASN B 477 -0.72 29.50 11.52
C ASN B 477 -1.90 30.16 10.78
N GLU B 478 -3.09 29.55 10.82
CA GLU B 478 -4.35 30.25 10.42
C GLU B 478 -4.17 31.01 9.09
N SER B 479 -3.92 30.27 8.00
CA SER B 479 -3.81 30.89 6.67
C SER B 479 -4.62 30.08 5.66
N GLY B 480 -5.63 29.33 6.13
CA GLY B 480 -6.41 28.46 5.25
C GLY B 480 -5.50 27.43 4.61
N HIS B 481 -5.93 26.84 3.53
CA HIS B 481 -5.10 25.87 2.88
C HIS B 481 -4.99 26.22 1.40
N GLY B 482 -3.82 26.64 0.94
CA GLY B 482 -3.67 26.95 -0.49
C GLY B 482 -2.56 26.12 -1.12
N ALA B 483 -2.41 26.23 -2.44
CA ALA B 483 -1.39 25.43 -3.14
C ALA B 483 0.02 25.87 -2.70
N ASN B 484 0.21 27.09 -2.18
CA ASN B 484 1.56 27.51 -1.75
C ASN B 484 2.00 26.66 -0.55
N HIS B 485 1.08 26.25 0.33
CA HIS B 485 1.36 25.38 1.47
C HIS B 485 1.86 24.01 1.02
N ASP B 486 1.17 23.35 0.07
CA ASP B 486 1.65 22.03 -0.43
C ASP B 486 3.05 22.09 -1.06
N ALA B 487 3.37 23.17 -1.78
CA ALA B 487 4.66 23.33 -2.38
C ALA B 487 5.75 23.45 -1.29
N LEU B 488 5.49 24.24 -0.25
CA LEU B 488 6.51 24.45 0.79
C LEU B 488 6.65 23.24 1.70
N TYR B 489 5.56 22.52 1.92
CA TYR B 489 5.60 21.28 2.62
C TYR B 489 6.61 20.34 1.94
N ARG B 490 6.48 20.22 0.61
CA ARG B 490 7.32 19.33 -0.17
C ARG B 490 8.77 19.85 -0.22
N TRP B 491 8.99 21.16 -0.26
CA TRP B 491 10.34 21.72 -0.21
C TRP B 491 11.07 21.24 1.05
N ILE B 492 10.46 21.35 2.23
CA ILE B 492 11.08 20.91 3.49
C ILE B 492 11.32 19.39 3.50
N LYS B 493 10.36 18.57 3.07
CA LYS B 493 10.55 17.12 3.12
C LYS B 493 11.76 16.73 2.26
N SER B 494 12.10 17.56 1.30
CA SER B 494 13.15 17.22 0.37
C SER B 494 14.51 17.74 0.87
N VAL B 495 14.59 18.95 1.46
CA VAL B 495 15.87 19.42 1.95
C VAL B 495 16.16 18.88 3.37
N ASP B 496 15.15 18.54 4.16
CA ASP B 496 15.37 18.04 5.53
C ASP B 496 14.48 16.87 5.90
N PRO B 497 14.80 15.67 5.38
CA PRO B 497 13.94 14.47 5.66
C PRO B 497 13.94 14.01 7.13
N SER B 498 14.65 14.70 8.00
CA SER B 498 14.86 14.17 9.33
C SER B 498 13.79 14.65 10.31
N ARG B 499 12.91 15.61 9.95
CA ARG B 499 11.87 16.08 10.89
C ARG B 499 10.50 16.06 10.20
N PRO B 500 9.44 15.66 10.91
CA PRO B 500 8.08 15.84 10.37
C PRO B 500 7.69 17.31 10.17
N VAL B 501 6.70 17.53 9.29
CA VAL B 501 6.16 18.86 9.06
C VAL B 501 4.70 18.88 9.51
N GLN B 502 4.28 19.92 10.21
CA GLN B 502 2.87 20.02 10.54
C GLN B 502 2.29 21.39 10.12
N TYR B 503 0.99 21.40 9.88
CA TYR B 503 0.29 22.63 9.54
C TYR B 503 -1.19 22.48 9.93
N GLU B 504 -1.73 23.41 10.69
CA GLU B 504 -3.12 23.25 11.19
C GLU B 504 -4.14 23.79 10.17
N GLY B 505 -3.79 24.79 9.37
CA GLY B 505 -4.81 25.47 8.55
C GLY B 505 -5.61 24.53 7.67
N GLY B 506 -6.81 25.00 7.28
CA GLY B 506 -7.60 24.30 6.29
C GLY B 506 -8.24 23.03 6.83
N GLY B 507 -8.41 22.93 8.16
CA GLY B 507 -9.15 21.81 8.73
C GLY B 507 -8.25 20.73 9.32
N ALA B 508 -6.94 20.99 9.45
CA ALA B 508 -6.05 20.26 10.40
C ALA B 508 -5.60 18.89 9.90
N ASP B 509 -6.09 18.42 8.76
CA ASP B 509 -5.72 17.09 8.26
C ASP B 509 -5.52 17.08 6.71
N THR B 510 -5.09 18.22 6.15
CA THR B 510 -4.83 18.38 4.71
C THR B 510 -3.57 17.60 4.29
N THR B 511 -3.17 17.76 3.03
CA THR B 511 -1.99 17.05 2.49
C THR B 511 -0.70 17.79 2.84
N ALA B 512 -0.80 18.94 3.49
CA ALA B 512 0.39 19.68 3.92
C ALA B 512 0.78 19.35 5.39
N THR B 513 0.36 18.22 5.97
CA THR B 513 0.72 17.94 7.39
C THR B 513 1.06 16.45 7.55
N ASP B 514 2.09 16.11 8.31
CA ASP B 514 2.38 14.71 8.62
C ASP B 514 1.61 14.27 9.90
N ILE B 515 1.04 15.21 10.65
CA ILE B 515 0.44 14.96 11.95
C ILE B 515 -0.95 15.61 11.91
N ILE B 516 -2.02 14.98 12.39
CA ILE B 516 -3.29 15.69 12.46
C ILE B 516 -3.19 16.67 13.63
N CYS B 517 -3.40 17.96 13.43
CA CYS B 517 -3.06 18.84 14.53
C CYS B 517 -4.15 19.89 14.76
N PRO B 518 -5.31 19.47 15.28
CA PRO B 518 -6.46 20.35 15.41
C PRO B 518 -6.23 21.45 16.45
N MET B 519 -7.02 22.51 16.43
CA MET B 519 -6.95 23.40 17.55
C MET B 519 -8.30 23.42 18.29
N TYR B 520 -8.27 23.17 19.59
CA TYR B 520 -9.49 23.18 20.44
C TYR B 520 -10.51 22.10 20.05
N ALA B 521 -10.09 20.98 19.50
CA ALA B 521 -11.05 19.89 19.36
C ALA B 521 -11.34 19.31 20.75
N ARG B 522 -12.58 18.88 20.97
CA ARG B 522 -12.98 18.32 22.30
C ARG B 522 -12.73 16.83 22.35
N VAL B 523 -12.82 16.28 23.56
CA VAL B 523 -12.50 14.88 23.78
C VAL B 523 -13.63 14.00 23.23
N ASP B 524 -14.88 14.31 23.60
CA ASP B 524 -16.05 13.48 23.25
C ASP B 524 -17.08 14.12 22.31
N GLU B 525 -17.08 15.45 22.20
CA GLU B 525 -18.15 16.17 21.49
C GLU B 525 -17.67 16.63 20.09
N ASP B 526 -18.48 16.39 19.04
CA ASP B 526 -18.17 16.93 17.70
C ASP B 526 -18.62 18.41 17.56
N GLN B 527 -17.92 19.18 16.73
CA GLN B 527 -18.33 20.57 16.39
C GLN B 527 -18.39 20.66 14.86
N PRO B 528 -19.52 20.28 14.24
CA PRO B 528 -19.61 20.05 12.76
C PRO B 528 -19.78 21.29 11.87
N PHE B 529 -18.86 22.25 11.99
CA PHE B 529 -18.75 23.45 11.13
C PHE B 529 -18.64 23.05 9.64
N PRO B 530 -19.30 23.81 8.72
CA PRO B 530 -19.16 23.61 7.24
C PRO B 530 -17.70 23.75 6.75
N ALA B 531 -17.25 22.79 5.93
CA ALA B 531 -15.91 22.81 5.26
C ALA B 531 -14.76 22.41 6.20
N VAL B 532 -14.76 22.93 7.43
CA VAL B 532 -13.63 22.68 8.37
C VAL B 532 -14.18 22.17 9.72
N PRO B 533 -14.86 20.98 9.75
CA PRO B 533 -15.41 20.44 11.06
C PRO B 533 -14.33 20.17 12.12
N LYS B 534 -14.64 20.31 13.39
CA LYS B 534 -13.71 19.87 14.44
C LYS B 534 -14.29 18.60 15.08
N TRP B 535 -13.93 17.45 14.55
CA TRP B 535 -14.35 16.18 15.15
C TRP B 535 -13.86 16.10 16.59
N SER B 536 -14.49 15.31 17.42
CA SER B 536 -13.89 15.04 18.68
C SER B 536 -12.60 14.24 18.45
N ILE B 537 -11.65 14.28 19.37
CA ILE B 537 -10.31 13.73 19.02
C ILE B 537 -10.34 12.20 18.89
N LYS B 538 -11.13 11.50 19.70
CA LYS B 538 -11.23 10.03 19.63
C LYS B 538 -11.86 9.60 18.30
N LYS B 539 -12.87 10.31 17.82
CA LYS B 539 -13.51 10.00 16.55
C LYS B 539 -12.56 10.27 15.36
N TRP B 540 -11.87 11.42 15.36
CA TRP B 540 -10.95 11.82 14.28
C TRP B 540 -9.94 10.71 13.98
N LEU B 541 -9.42 10.04 15.00
CA LEU B 541 -8.36 9.04 14.75
C LEU B 541 -8.85 7.94 13.81
N SER B 542 -10.15 7.71 13.80
CA SER B 542 -10.64 6.49 13.21
C SER B 542 -11.51 6.76 11.97
N LEU B 543 -11.53 7.99 11.46
CA LEU B 543 -12.22 8.28 10.21
C LEU B 543 -11.68 7.37 9.11
N PRO B 544 -12.55 6.87 8.18
CA PRO B 544 -12.10 5.89 7.14
C PRO B 544 -10.89 6.47 6.39
N GLY B 545 -9.82 5.68 6.28
CA GLY B 545 -8.57 6.12 5.60
C GLY B 545 -7.50 6.74 6.50
N GLU B 546 -7.84 7.23 7.71
CA GLU B 546 -6.91 8.04 8.55
C GLU B 546 -5.85 7.16 9.25
N THR B 547 -4.58 7.53 9.20
CA THR B 547 -3.50 6.70 9.78
C THR B 547 -2.48 7.54 10.58
N ARG B 548 -2.52 8.87 10.48
CA ARG B 548 -1.51 9.74 11.10
C ARG B 548 -1.69 9.79 12.61
N PRO B 549 -0.65 10.15 13.38
CA PRO B 549 -0.90 10.47 14.84
C PRO B 549 -1.58 11.83 15.03
N LEU B 550 -2.21 12.08 16.18
CA LEU B 550 -2.92 13.35 16.43
C LEU B 550 -2.26 14.07 17.61
N ILE B 551 -1.78 15.29 17.43
CA ILE B 551 -1.25 16.11 18.53
C ILE B 551 -1.92 17.47 18.44
N LEU B 552 -2.61 17.95 19.46
CA LEU B 552 -3.29 19.23 19.37
C LEU B 552 -2.29 20.39 19.33
N CYS B 553 -2.36 21.23 18.31
CA CYS B 553 -1.39 22.33 18.31
C CYS B 553 -1.83 23.40 19.31
N GLU B 554 -3.12 23.46 19.67
CA GLU B 554 -3.61 24.34 20.76
C GLU B 554 -4.77 23.66 21.44
N TYR B 555 -4.78 23.56 22.78
CA TYR B 555 -5.98 23.07 23.44
C TYR B 555 -6.09 23.75 24.81
N ALA B 556 -7.24 23.64 25.45
CA ALA B 556 -7.42 24.09 26.83
C ALA B 556 -7.09 25.58 26.98
N HIS B 557 -7.93 26.48 26.46
CA HIS B 557 -7.66 27.91 26.43
C HIS B 557 -7.56 28.49 27.84
N ALA B 558 -6.41 28.99 28.26
CA ALA B 558 -6.21 29.33 29.69
C ALA B 558 -6.62 30.78 30.00
N MET B 559 -7.71 31.29 29.45
CA MET B 559 -8.05 32.71 29.63
C MET B 559 -8.71 32.94 30.99
N GLY B 560 -8.01 33.61 31.90
CA GLY B 560 -8.57 33.97 33.22
C GLY B 560 -8.69 32.76 34.13
N ASN B 561 -9.86 32.61 34.76
CA ASN B 561 -10.17 31.50 35.65
C ASN B 561 -10.67 30.35 34.76
N SER B 562 -9.79 29.41 34.39
CA SER B 562 -10.06 28.50 33.26
C SER B 562 -9.40 27.12 33.51
N LEU B 563 -9.25 26.30 32.47
CA LEU B 563 -8.73 24.89 32.52
C LEU B 563 -9.70 23.90 33.18
N GLY B 564 -11.01 24.18 33.20
CA GLY B 564 -11.97 23.17 33.61
C GLY B 564 -12.01 22.04 32.58
N GLY B 565 -12.13 20.79 33.02
CA GLY B 565 -12.15 19.68 32.06
C GLY B 565 -10.77 19.26 31.59
N PHE B 566 -9.69 19.75 32.21
CA PHE B 566 -8.31 19.47 31.74
C PHE B 566 -8.01 17.97 31.91
N ALA B 567 -8.46 17.37 33.03
CA ALA B 567 -8.26 15.97 33.37
C ALA B 567 -8.82 15.04 32.28
N LYS B 568 -9.86 15.46 31.60
CA LYS B 568 -10.50 14.62 30.58
C LYS B 568 -9.58 14.47 29.36
N TYR B 569 -8.81 15.48 28.98
CA TYR B 569 -7.80 15.34 27.91
C TYR B 569 -6.70 14.36 28.32
N TRP B 570 -6.19 14.48 29.56
CA TRP B 570 -5.09 13.67 30.03
C TRP B 570 -5.53 12.19 30.18
N GLN B 571 -6.77 11.94 30.58
CA GLN B 571 -7.30 10.56 30.58
C GLN B 571 -7.28 9.98 29.16
N ALA B 572 -7.85 10.66 28.15
CA ALA B 572 -7.75 10.25 26.73
C ALA B 572 -6.30 10.09 26.27
N PHE B 573 -5.41 11.08 26.47
CA PHE B 573 -4.01 10.97 25.98
C PHE B 573 -3.38 9.67 26.49
N ARG B 574 -3.65 9.28 27.74
CA ARG B 574 -3.02 8.04 28.30
C ARG B 574 -3.71 6.77 27.78
N GLN B 575 -5.00 6.80 27.46
CA GLN B 575 -5.66 5.57 27.02
C GLN B 575 -5.38 5.26 25.54
N TYR B 576 -5.28 6.25 24.64
CA TYR B 576 -5.24 5.98 23.18
C TYR B 576 -3.80 6.13 22.68
N PRO B 577 -3.23 5.09 22.06
CA PRO B 577 -1.79 5.24 21.61
C PRO B 577 -1.53 6.37 20.61
N ARG B 578 -2.43 6.61 19.66
CA ARG B 578 -2.21 7.61 18.61
C ARG B 578 -2.62 9.02 19.06
N LEU B 579 -3.19 9.23 20.25
CA LEU B 579 -3.33 10.58 20.82
C LEU B 579 -2.03 10.90 21.59
N GLN B 580 -1.17 11.74 21.05
CA GLN B 580 0.16 11.84 21.70
C GLN B 580 0.31 13.20 22.41
N GLY B 581 -0.76 13.86 22.84
CA GLY B 581 -0.67 15.04 23.72
C GLY B 581 -1.01 16.32 22.97
N GLY B 582 -0.43 17.45 23.39
CA GLY B 582 -0.77 18.72 22.76
C GLY B 582 -0.07 19.88 23.44
N PHE B 583 -0.31 21.10 22.95
CA PHE B 583 0.29 22.32 23.46
C PHE B 583 -0.81 23.21 24.07
N VAL B 584 -0.80 23.49 25.36
CA VAL B 584 -1.79 24.38 25.98
C VAL B 584 -1.70 25.80 25.36
N TRP B 585 -2.82 26.52 25.24
CA TRP B 585 -2.79 27.93 24.89
C TRP B 585 -3.09 28.78 26.15
N ASP B 586 -2.16 29.55 26.75
CA ASP B 586 -0.76 29.58 26.38
C ASP B 586 0.07 29.90 27.62
N TRP B 587 1.38 30.14 27.50
CA TRP B 587 2.30 30.32 28.66
C TRP B 587 2.03 31.60 29.46
N VAL B 588 2.15 32.77 28.86
CA VAL B 588 2.24 34.01 29.64
C VAL B 588 1.18 35.01 29.14
N ASP B 589 0.47 35.68 30.06
CA ASP B 589 -0.46 36.77 29.71
C ASP B 589 0.27 37.91 28.96
N GLN B 590 -0.26 38.38 27.83
CA GLN B 590 0.38 39.49 27.16
C GLN B 590 -0.17 40.82 27.72
N SER B 591 0.08 41.16 28.96
CA SER B 591 -0.39 42.49 29.44
C SER B 591 0.80 43.46 29.48
N LEU B 592 0.54 44.77 29.46
CA LEU B 592 1.64 45.75 29.50
C LEU B 592 1.53 46.60 30.78
N ILE B 593 2.57 47.28 31.20
CA ILE B 593 2.51 48.14 32.40
C ILE B 593 2.22 49.60 32.02
N LYS B 594 1.22 50.21 32.68
CA LYS B 594 0.99 51.67 32.64
C LYS B 594 1.22 52.25 34.04
N TYR B 595 1.33 53.57 34.15
CA TYR B 595 1.53 54.23 35.47
C TYR B 595 0.32 55.13 35.76
N ASP B 596 -0.17 55.14 37.01
CA ASP B 596 -1.20 56.14 37.37
C ASP B 596 -0.58 57.53 37.73
N GLU B 597 -1.35 58.43 38.36
CA GLU B 597 -0.91 59.81 38.71
C GLU B 597 0.18 59.77 39.79
N ASN B 598 0.08 58.83 40.73
CA ASN B 598 1.05 58.68 41.83
C ASN B 598 2.24 57.81 41.39
N GLY B 599 2.26 57.38 40.13
CA GLY B 599 3.38 56.60 39.57
C GLY B 599 3.30 55.12 39.95
N ASN B 600 2.12 54.67 40.39
CA ASN B 600 1.89 53.25 40.71
C ASN B 600 1.64 52.45 39.43
N PRO B 601 2.38 51.34 39.25
CA PRO B 601 2.22 50.54 38.02
C PRO B 601 0.90 49.74 38.03
N TRP B 602 0.24 49.59 36.89
CA TRP B 602 -0.89 48.68 36.78
C TRP B 602 -0.87 47.94 35.44
N SER B 603 -1.45 46.73 35.40
CA SER B 603 -1.47 45.86 34.20
C SER B 603 -2.55 46.29 33.22
N ALA B 604 -2.18 46.53 31.97
CA ALA B 604 -3.09 47.07 30.94
C ALA B 604 -3.34 46.05 29.84
N TYR B 605 -4.47 46.13 29.16
CA TYR B 605 -4.76 45.25 28.05
C TYR B 605 -5.28 46.07 26.86
N GLY B 606 -5.77 45.40 25.81
CA GLY B 606 -6.18 46.12 24.57
C GLY B 606 -7.15 47.27 24.84
N GLY B 607 -6.89 48.42 24.23
CA GLY B 607 -7.77 49.60 24.38
C GLY B 607 -7.21 50.59 25.39
N ASP B 608 -6.28 50.18 26.24
CA ASP B 608 -5.75 51.06 27.30
C ASP B 608 -4.70 52.08 26.83
N PHE B 609 -4.41 52.10 25.52
CA PHE B 609 -3.41 53.02 24.98
C PHE B 609 -4.09 53.94 23.94
N GLY B 610 -5.42 53.93 23.91
CA GLY B 610 -6.19 54.68 22.88
C GLY B 610 -6.17 53.99 21.53
N ASP B 611 -5.62 52.78 21.47
CA ASP B 611 -5.65 51.92 20.26
C ASP B 611 -7.09 51.50 19.92
N THR B 612 -7.46 51.58 18.65
CA THR B 612 -8.86 51.39 18.23
C THR B 612 -8.91 51.09 16.71
N PRO B 613 -9.73 50.12 16.28
CA PRO B 613 -10.41 49.11 17.15
C PRO B 613 -9.40 48.18 17.86
N ASN B 614 -9.86 47.46 18.87
CA ASN B 614 -8.98 46.62 19.67
C ASN B 614 -9.78 45.43 20.18
N ASP B 615 -9.12 44.43 20.74
CA ASP B 615 -9.84 43.28 21.23
C ASP B 615 -9.77 43.05 22.74
N ARG B 616 -9.58 44.13 23.51
CA ARG B 616 -9.86 44.15 24.95
C ARG B 616 -9.01 43.12 25.70
N GLN B 617 -9.58 42.35 26.63
CA GLN B 617 -8.76 41.44 27.48
C GLN B 617 -8.35 40.17 26.72
N PHE B 618 -8.77 40.00 25.47
CA PHE B 618 -8.50 38.74 24.76
C PHE B 618 -6.99 38.46 24.58
N CYS B 619 -6.12 39.39 24.99
CA CYS B 619 -4.66 39.18 24.85
C CYS B 619 -4.11 38.45 26.10
N MET B 620 -4.93 38.19 27.10
CA MET B 620 -4.42 37.55 28.34
C MET B 620 -4.91 36.11 28.48
N ASN B 621 -4.04 35.18 28.16
CA ASN B 621 -4.48 33.82 28.02
C ASN B 621 -3.52 32.90 28.75
N GLY B 622 -2.64 33.43 29.60
CA GLY B 622 -1.53 32.64 30.09
C GLY B 622 -1.84 31.81 31.33
N LEU B 623 -1.01 30.78 31.59
CA LEU B 623 -0.92 30.08 32.90
C LEU B 623 -0.15 30.92 33.94
N VAL B 624 0.62 31.92 33.53
CA VAL B 624 1.39 32.75 34.49
C VAL B 624 1.06 34.21 34.18
N PHE B 625 1.16 35.09 35.16
CA PHE B 625 0.98 36.53 34.96
C PHE B 625 2.19 37.06 34.18
N ALA B 626 2.07 38.23 33.56
CA ALA B 626 3.17 38.78 32.75
C ALA B 626 4.48 38.90 33.57
N ASP B 627 4.40 39.05 34.90
CA ASP B 627 5.63 39.03 35.73
C ASP B 627 6.17 37.62 36.14
N ARG B 628 5.51 36.57 35.67
CA ARG B 628 5.91 35.14 35.82
C ARG B 628 5.46 34.54 37.16
N THR B 629 4.54 35.21 37.85
CA THR B 629 3.81 34.63 38.97
C THR B 629 2.74 33.68 38.41
N PRO B 630 2.57 32.48 39.01
CA PRO B 630 1.56 31.48 38.54
C PRO B 630 0.09 31.82 38.79
N HIS B 631 -0.77 31.54 37.83
CA HIS B 631 -2.21 31.40 38.08
C HIS B 631 -2.47 30.07 38.79
N PRO B 632 -3.59 29.94 39.52
CA PRO B 632 -3.96 28.64 40.15
C PRO B 632 -4.09 27.47 39.16
N ALA B 633 -4.46 27.72 37.91
CA ALA B 633 -4.56 26.64 36.89
C ALA B 633 -3.21 25.94 36.66
N LEU B 634 -2.07 26.63 36.85
CA LEU B 634 -0.75 26.01 36.62
C LEU B 634 -0.59 24.74 37.46
N THR B 635 -1.12 24.70 38.70
CA THR B 635 -0.98 23.49 39.54
C THR B 635 -1.80 22.33 38.95
N GLU B 636 -3.00 22.60 38.44
CA GLU B 636 -3.80 21.58 37.76
C GLU B 636 -2.98 20.93 36.61
N ALA B 637 -2.35 21.75 35.75
CA ALA B 637 -1.48 21.24 34.65
C ALA B 637 -0.33 20.38 35.22
N LYS B 638 0.36 20.86 36.25
CA LYS B 638 1.44 20.09 36.83
C LYS B 638 0.97 18.69 37.21
N HIS B 639 -0.16 18.58 37.92
CA HIS B 639 -0.67 17.31 38.41
C HIS B 639 -1.08 16.39 37.25
N GLN B 640 -1.75 16.90 36.21
CA GLN B 640 -2.23 16.00 35.14
C GLN B 640 -1.06 15.52 34.28
N GLN B 641 0.00 16.30 34.23
CA GLN B 641 1.15 16.00 33.40
C GLN B 641 2.22 15.21 34.15
N GLN B 642 2.04 14.85 35.43
CA GLN B 642 3.08 14.12 36.24
C GLN B 642 3.65 12.90 35.50
N PHE B 643 4.90 12.57 35.78
CA PHE B 643 5.56 11.40 35.15
C PHE B 643 5.40 10.11 35.98
N PHE B 644 4.73 10.14 37.13
CA PHE B 644 4.43 8.90 37.89
C PHE B 644 2.92 8.77 38.00
N GLN B 645 2.37 7.61 37.67
CA GLN B 645 0.95 7.35 37.90
C GLN B 645 0.83 6.36 39.08
N PHE B 646 -0.24 6.42 39.86
CA PHE B 646 -0.34 5.58 41.08
C PHE B 646 -1.64 4.78 41.10
N ARG B 647 -1.64 3.57 41.65
CA ARG B 647 -2.91 2.88 41.92
C ARG B 647 -2.87 2.33 43.34
N LEU B 648 -4.03 2.26 43.98
CA LEU B 648 -4.10 1.68 45.32
C LEU B 648 -4.95 0.42 45.26
N SER B 649 -4.41 -0.66 45.82
CA SER B 649 -5.15 -1.90 45.99
C SER B 649 -4.85 -2.42 47.41
N GLY B 650 -5.81 -2.26 48.32
CA GLY B 650 -5.64 -2.67 49.72
C GLY B 650 -4.59 -1.82 50.44
N GLN B 651 -3.45 -2.46 50.74
CA GLN B 651 -2.33 -1.81 51.45
C GLN B 651 -1.19 -1.51 50.46
N THR B 652 -1.41 -1.86 49.19
CA THR B 652 -0.36 -1.82 48.18
C THR B 652 -0.59 -0.61 47.27
N ILE B 653 0.48 0.15 47.07
CA ILE B 653 0.54 1.18 46.02
C ILE B 653 1.34 0.59 44.85
N GLU B 654 0.78 0.64 43.65
CA GLU B 654 1.58 0.40 42.44
C GLU B 654 2.05 1.75 41.85
N VAL B 655 3.36 1.94 41.68
CA VAL B 655 3.89 3.14 41.02
C VAL B 655 4.30 2.78 39.58
N THR B 656 3.81 3.51 38.59
CA THR B 656 4.16 3.28 37.19
C THR B 656 4.96 4.49 36.69
N SER B 657 6.09 4.26 36.03
CA SER B 657 6.91 5.34 35.49
C SER B 657 6.43 5.72 34.09
N GLU B 658 6.34 7.01 33.79
CA GLU B 658 6.00 7.41 32.40
C GLU B 658 7.23 8.01 31.72
N TYR B 659 8.43 7.83 32.28
CA TYR B 659 9.68 8.18 31.61
C TYR B 659 9.97 7.17 30.49
N LEU B 660 10.62 7.61 29.43
CA LEU B 660 10.89 6.68 28.34
C LEU B 660 12.35 6.24 28.37
N PHE B 661 13.24 7.02 29.01
CA PHE B 661 14.67 6.80 28.88
C PHE B 661 15.37 6.72 30.25
N ARG B 662 14.95 7.49 31.25
CA ARG B 662 15.72 7.50 32.49
C ARG B 662 15.16 6.51 33.52
N HIS B 663 16.06 5.98 34.35
CA HIS B 663 15.72 5.22 35.55
C HIS B 663 15.40 6.24 36.65
N SER B 664 14.53 5.91 37.61
CA SER B 664 14.18 6.90 38.66
C SER B 664 15.27 6.97 39.75
N ASP B 665 16.38 7.64 39.45
CA ASP B 665 17.53 7.69 40.36
C ASP B 665 17.62 8.91 41.30
N ASN B 666 16.63 9.79 41.27
CA ASN B 666 16.62 11.00 42.12
C ASN B 666 15.19 11.18 42.65
N GLU B 667 14.64 10.14 43.29
CA GLU B 667 13.20 10.10 43.60
C GLU B 667 12.99 9.33 44.89
N LEU B 668 12.27 9.93 45.83
CA LEU B 668 11.79 9.13 46.94
C LEU B 668 10.33 9.45 47.29
N LEU B 669 9.61 8.41 47.68
CA LEU B 669 8.18 8.47 47.95
C LEU B 669 7.92 8.74 49.44
N HIS B 670 7.23 9.84 49.77
CA HIS B 670 6.73 10.13 51.11
C HIS B 670 5.24 9.77 51.19
N TRP B 671 4.82 8.99 52.17
CA TRP B 671 3.40 8.72 52.37
C TRP B 671 2.97 9.20 53.75
N MET B 672 1.71 9.62 53.89
CA MET B 672 1.16 10.05 55.16
C MET B 672 -0.31 9.57 55.24
N VAL B 673 -0.73 9.11 56.43
CA VAL B 673 -2.14 8.78 56.69
C VAL B 673 -2.70 9.77 57.73
N ALA B 674 -3.80 10.45 57.42
CA ALA B 674 -4.32 11.47 58.34
C ALA B 674 -5.81 11.24 58.60
N LEU B 675 -6.30 11.66 59.77
CA LEU B 675 -7.73 11.53 60.12
C LEU B 675 -8.28 12.94 60.28
N ASP B 676 -9.18 13.33 59.37
CA ASP B 676 -9.69 14.72 59.29
C ASP B 676 -8.65 15.80 59.67
N GLY B 677 -7.50 15.77 58.98
CA GLY B 677 -6.44 16.76 59.17
C GLY B 677 -5.34 16.31 60.11
N LYS B 678 -5.66 15.55 61.17
CA LYS B 678 -4.67 15.10 62.19
C LYS B 678 -3.83 13.93 61.64
N PRO B 679 -2.49 14.10 61.58
CA PRO B 679 -1.51 13.04 61.18
C PRO B 679 -1.51 11.84 62.13
N LEU B 680 -1.39 10.62 61.58
CA LEU B 680 -1.48 9.38 62.35
C LEU B 680 -0.24 8.51 62.12
N ALA B 681 0.20 8.43 60.87
CA ALA B 681 1.34 7.60 60.46
C ALA B 681 1.97 8.25 59.23
N SER B 682 3.22 7.88 58.97
CA SER B 682 4.08 8.52 57.98
C SER B 682 5.21 7.56 57.63
N GLY B 683 5.98 7.87 56.59
CA GLY B 683 7.01 6.96 56.11
C GLY B 683 7.63 7.46 54.81
N GLU B 684 8.73 6.81 54.40
CA GLU B 684 9.37 7.05 53.10
C GLU B 684 10.00 5.77 52.53
N VAL B 685 10.07 5.72 51.21
CA VAL B 685 10.52 4.57 50.44
C VAL B 685 11.30 5.12 49.24
N PRO B 686 12.51 4.60 48.95
CA PRO B 686 13.17 5.04 47.69
C PRO B 686 12.44 4.47 46.47
N LEU B 687 12.40 5.21 45.36
CA LEU B 687 11.79 4.69 44.15
C LEU B 687 12.88 4.07 43.26
N ASP B 688 12.64 2.85 42.82
CA ASP B 688 13.57 2.15 41.97
C ASP B 688 12.76 1.52 40.81
N VAL B 689 12.41 2.34 39.82
CA VAL B 689 11.47 1.92 38.77
C VAL B 689 12.10 2.24 37.41
N ALA B 690 12.17 1.22 36.56
CA ALA B 690 12.72 1.35 35.20
C ALA B 690 11.76 2.16 34.33
N PRO B 691 12.28 2.78 33.23
CA PRO B 691 11.43 3.51 32.26
C PRO B 691 10.29 2.60 31.77
N GLN B 692 9.06 3.07 31.97
CA GLN B 692 7.80 2.37 31.59
C GLN B 692 7.51 1.16 32.50
N GLY B 693 8.18 1.05 33.65
CA GLY B 693 7.99 -0.12 34.53
C GLY B 693 7.14 0.19 35.76
N LYS B 694 6.97 -0.82 36.62
CA LYS B 694 6.15 -0.72 37.85
C LYS B 694 7.02 -1.02 39.08
N GLN B 695 6.56 -0.56 40.23
CA GLN B 695 7.09 -0.93 41.54
C GLN B 695 5.90 -1.09 42.49
N LEU B 696 5.92 -2.13 43.32
CA LEU B 696 4.86 -2.33 44.32
C LEU B 696 5.41 -1.93 45.69
N ILE B 697 4.75 -0.96 46.32
CA ILE B 697 5.13 -0.54 47.67
C ILE B 697 4.03 -1.01 48.63
N GLU B 698 4.39 -1.94 49.51
CA GLU B 698 3.50 -2.40 50.57
C GLU B 698 3.59 -1.43 51.75
N LEU B 699 2.44 -1.01 52.27
CA LEU B 699 2.44 -0.13 53.45
C LEU B 699 2.39 -0.99 54.72
N PRO B 700 3.01 -0.50 55.83
CA PRO B 700 2.88 -1.05 57.19
C PRO B 700 1.42 -1.29 57.60
N GLU B 701 1.19 -2.07 58.66
CA GLU B 701 -0.14 -2.18 59.26
C GLU B 701 -0.56 -0.78 59.73
N LEU B 702 -1.62 -0.26 59.10
CA LEU B 702 -2.10 1.11 59.34
C LEU B 702 -2.91 1.11 60.65
N PRO B 703 -2.91 2.25 61.37
CA PRO B 703 -3.60 2.26 62.68
C PRO B 703 -5.12 2.27 62.56
N GLN B 704 -5.78 1.57 63.49
CA GLN B 704 -7.24 1.67 63.66
C GLN B 704 -7.51 2.73 64.73
N PRO B 705 -8.09 3.87 64.32
CA PRO B 705 -8.41 4.89 65.33
C PRO B 705 -9.77 4.60 65.98
N GLU B 706 -9.96 5.12 67.19
CA GLU B 706 -11.22 4.95 67.91
C GLU B 706 -12.27 5.90 67.31
N SER B 707 -11.89 7.18 67.17
CA SER B 707 -12.81 8.27 66.87
C SER B 707 -13.40 8.15 65.45
N ALA B 708 -14.51 8.88 65.27
CA ALA B 708 -15.21 8.99 64.02
C ALA B 708 -14.36 9.79 63.02
N GLY B 709 -14.61 9.56 61.74
CA GLY B 709 -14.06 10.39 60.67
C GLY B 709 -13.52 9.55 59.52
N GLN B 710 -13.15 10.24 58.45
CA GLN B 710 -12.62 9.60 57.25
C GLN B 710 -11.07 9.61 57.33
N LEU B 711 -10.43 8.45 57.09
CA LEU B 711 -8.97 8.36 56.90
C LEU B 711 -8.59 8.72 55.45
N TRP B 712 -7.47 9.43 55.30
CA TRP B 712 -6.97 9.83 53.98
C TRP B 712 -5.52 9.39 53.80
N LEU B 713 -5.17 8.78 52.67
CA LEU B 713 -3.73 8.49 52.42
C LEU B 713 -3.20 9.42 51.33
N THR B 714 -2.04 10.04 51.55
CA THR B 714 -1.43 10.96 50.56
C THR B 714 -0.01 10.47 50.28
N VAL B 715 0.35 10.30 49.00
CA VAL B 715 1.74 10.01 48.61
C VAL B 715 2.30 11.21 47.83
N ARG B 716 3.59 11.51 47.98
CA ARG B 716 4.25 12.54 47.16
C ARG B 716 5.65 12.06 46.78
N VAL B 717 6.04 12.28 45.52
CA VAL B 717 7.40 11.96 45.03
C VAL B 717 8.27 13.22 45.17
N VAL B 718 9.37 13.10 45.89
CA VAL B 718 10.27 14.24 46.20
C VAL B 718 11.60 14.00 45.48
N GLN B 719 12.18 15.02 44.85
CA GLN B 719 13.57 14.91 44.32
C GLN B 719 14.54 15.38 45.42
N PRO B 720 15.24 14.44 46.09
CA PRO B 720 16.17 14.84 47.18
C PRO B 720 17.37 15.68 46.72
N ASN B 721 17.97 15.45 45.54
CA ASN B 721 19.11 16.28 45.06
C ASN B 721 18.66 17.34 44.04
N ALA B 722 19.29 18.53 44.08
CA ALA B 722 19.15 19.58 43.06
C ALA B 722 19.54 19.04 41.66
N THR B 723 18.91 19.61 40.64
CA THR B 723 19.23 19.39 39.21
C THR B 723 19.61 20.75 38.61
N ALA B 724 19.84 20.78 37.30
CA ALA B 724 20.10 22.05 36.58
C ALA B 724 18.84 22.94 36.58
N TRP B 725 17.68 22.33 36.79
CA TRP B 725 16.40 23.02 36.64
C TRP B 725 15.57 23.02 37.95
N SER B 726 16.05 22.43 39.03
CA SER B 726 15.20 22.41 40.27
C SER B 726 16.09 22.39 41.52
N GLU B 727 15.52 22.92 42.61
CA GLU B 727 16.08 22.88 43.97
C GLU B 727 15.95 21.47 44.54
N ALA B 728 16.71 21.22 45.61
CA ALA B 728 16.56 20.02 46.45
C ALA B 728 15.21 20.10 47.17
N GLY B 729 14.46 18.98 47.18
CA GLY B 729 13.17 18.93 47.83
C GLY B 729 11.99 19.15 46.88
N HIS B 730 12.26 19.37 45.60
CA HIS B 730 11.23 19.64 44.61
C HIS B 730 10.23 18.49 44.58
N ILE B 731 8.92 18.81 44.66
CA ILE B 731 7.86 17.78 44.58
C ILE B 731 7.44 17.62 43.12
N SER B 732 7.55 16.42 42.58
CA SER B 732 7.29 16.27 41.17
C SER B 732 5.93 15.60 40.85
N ALA B 733 5.29 14.92 41.81
CA ALA B 733 4.07 14.07 41.58
C ALA B 733 3.39 13.85 42.94
N TRP B 734 2.06 13.67 42.96
CA TRP B 734 1.36 13.37 44.21
C TRP B 734 0.00 12.74 43.90
N GLN B 735 -0.64 12.16 44.90
CA GLN B 735 -1.97 11.52 44.72
C GLN B 735 -2.57 11.26 46.10
N GLN B 736 -3.90 11.35 46.23
CA GLN B 736 -4.60 11.15 47.52
C GLN B 736 -5.75 10.14 47.34
N TRP B 737 -6.01 9.28 48.34
CA TRP B 737 -7.16 8.32 48.32
C TRP B 737 -7.86 8.36 49.68
N ARG B 738 -9.16 8.06 49.71
CA ARG B 738 -9.92 7.72 50.97
C ARG B 738 -9.60 6.28 51.39
N LEU B 739 -9.30 6.07 52.66
CA LEU B 739 -9.21 4.70 53.22
C LEU B 739 -10.49 4.40 54.01
N ALA B 740 -10.42 3.80 55.19
CA ALA B 740 -11.62 3.45 55.99
C ALA B 740 -12.31 4.70 56.55
N GLU B 741 -13.64 4.67 56.59
CA GLU B 741 -14.45 5.70 57.27
C GLU B 741 -15.18 5.07 58.46
N ASN B 742 -15.20 5.76 59.59
CA ASN B 742 -16.07 5.43 60.73
C ASN B 742 -17.14 6.50 60.86
N LEU B 743 -18.42 6.15 60.64
CA LEU B 743 -19.54 7.11 60.81
C LEU B 743 -19.78 7.37 62.30
N SER B 744 -20.19 8.61 62.60
CA SER B 744 -20.42 9.11 63.95
C SER B 744 -21.83 8.75 64.44
N VAL B 745 -21.90 7.86 65.46
CA VAL B 745 -23.18 7.42 66.04
C VAL B 745 -23.43 8.09 67.40
N THR B 746 -22.70 9.15 67.72
CA THR B 746 -22.87 9.81 69.04
C THR B 746 -23.83 10.99 68.91
N LEU B 747 -24.91 10.94 69.69
CA LEU B 747 -25.90 12.02 69.75
C LEU B 747 -25.32 13.21 70.54
N PRO B 748 -25.65 14.46 70.13
CA PRO B 748 -25.18 15.68 70.81
C PRO B 748 -25.65 15.74 72.28
N ALA B 749 -24.78 16.27 73.15
CA ALA B 749 -25.03 16.35 74.60
C ALA B 749 -26.17 17.33 74.89
N ALA B 750 -27.14 16.87 75.69
CA ALA B 750 -28.35 17.63 76.01
C ALA B 750 -28.01 18.79 76.96
N SER B 751 -28.27 20.01 76.49
CA SER B 751 -28.03 21.22 77.27
C SER B 751 -29.28 21.59 78.07
N HIS B 752 -29.07 22.36 79.14
CA HIS B 752 -30.11 22.71 80.12
C HIS B 752 -30.80 24.02 79.74
N ALA B 753 -30.10 24.87 79.00
CA ALA B 753 -30.62 26.17 78.54
C ALA B 753 -31.59 25.98 77.37
N ILE B 754 -32.67 26.76 77.38
CA ILE B 754 -33.65 26.78 76.27
C ILE B 754 -33.63 28.18 75.65
N PRO B 755 -33.48 28.28 74.31
CA PRO B 755 -33.54 29.57 73.59
C PRO B 755 -34.94 30.19 73.75
N HIS B 756 -35.00 31.51 73.91
CA HIS B 756 -36.26 32.20 74.16
C HIS B 756 -36.71 32.98 72.91
N LEU B 757 -37.97 32.84 72.50
CA LEU B 757 -38.52 33.54 71.31
C LEU B 757 -39.38 34.76 71.71
N THR B 758 -39.13 35.88 71.04
CA THR B 758 -39.90 37.11 71.18
C THR B 758 -40.50 37.46 69.82
N THR B 759 -41.79 37.76 69.80
CA THR B 759 -42.50 38.11 68.58
C THR B 759 -42.93 39.59 68.66
N SER B 760 -42.42 40.37 67.71
CA SER B 760 -42.98 41.70 67.45
C SER B 760 -43.70 41.65 66.10
N GLU B 761 -44.16 42.80 65.61
CA GLU B 761 -44.83 42.87 64.31
C GLU B 761 -43.77 42.73 63.20
N MET B 762 -42.59 43.29 63.45
CA MET B 762 -41.53 43.44 62.44
C MET B 762 -40.56 42.25 62.47
N ASP B 763 -40.38 41.62 63.64
CA ASP B 763 -39.29 40.67 63.88
C ASP B 763 -39.61 39.41 64.69
N PHE B 764 -38.87 38.33 64.44
CA PHE B 764 -38.69 37.28 65.44
C PHE B 764 -37.29 37.47 66.04
N CYS B 765 -37.20 37.49 67.37
CA CYS B 765 -35.90 37.55 68.04
C CYS B 765 -35.73 36.33 68.95
N ILE B 766 -34.57 35.68 68.87
CA ILE B 766 -34.21 34.56 69.73
C ILE B 766 -33.01 34.99 70.58
N GLU B 767 -33.07 34.74 71.88
CA GLU B 767 -31.95 35.01 72.80
C GLU B 767 -31.52 33.69 73.46
N LEU B 768 -30.21 33.52 73.64
CA LEU B 768 -29.65 32.43 74.45
C LEU B 768 -28.32 32.88 75.05
N GLY B 769 -28.33 33.24 76.33
CA GLY B 769 -27.14 33.81 76.99
C GLY B 769 -26.86 35.20 76.45
N ASN B 770 -25.66 35.38 75.89
CA ASN B 770 -25.25 36.68 75.33
C ASN B 770 -25.54 36.73 73.81
N LYS B 771 -25.92 35.60 73.23
CA LYS B 771 -26.17 35.49 71.79
C LYS B 771 -27.62 35.89 71.46
N ARG B 772 -27.80 36.54 70.31
CA ARG B 772 -29.14 36.99 69.87
C ARG B 772 -29.20 36.90 68.34
N TRP B 773 -30.32 36.39 67.81
CA TRP B 773 -30.57 36.35 66.37
C TRP B 773 -31.85 37.14 66.07
N GLN B 774 -31.88 37.88 64.98
CA GLN B 774 -33.11 38.59 64.59
C GLN B 774 -33.49 38.27 63.13
N PHE B 775 -34.74 37.87 62.91
CA PHE B 775 -35.28 37.56 61.58
C PHE B 775 -36.33 38.62 61.21
N ASN B 776 -36.16 39.24 60.05
CA ASN B 776 -37.07 40.30 59.59
C ASN B 776 -38.33 39.64 59.00
N ARG B 777 -39.51 40.01 59.50
CA ARG B 777 -40.76 39.34 59.09
C ARG B 777 -41.28 39.80 57.73
N GLN B 778 -40.73 40.90 57.19
CA GLN B 778 -41.15 41.40 55.88
C GLN B 778 -40.29 40.82 54.76
N SER B 779 -38.97 40.75 54.96
CA SER B 779 -38.06 40.19 53.95
C SER B 779 -37.93 38.67 54.12
N GLY B 780 -38.03 38.20 55.37
CA GLY B 780 -38.00 36.75 55.66
C GLY B 780 -36.58 36.20 55.74
N PHE B 781 -35.60 37.06 56.04
CA PHE B 781 -34.19 36.64 56.15
C PHE B 781 -33.67 36.91 57.57
N LEU B 782 -32.61 36.20 57.96
CA LEU B 782 -31.81 36.56 59.13
C LEU B 782 -31.14 37.93 58.85
N SER B 783 -31.50 38.94 59.63
CA SER B 783 -31.04 40.29 59.35
C SER B 783 -29.91 40.75 60.30
N GLN B 784 -29.80 40.18 61.50
CA GLN B 784 -28.72 40.57 62.44
C GLN B 784 -28.44 39.45 63.46
N MET B 785 -27.21 39.40 63.97
CA MET B 785 -26.76 38.50 65.05
C MET B 785 -25.89 39.31 66.01
N TRP B 786 -26.05 39.08 67.32
CA TRP B 786 -25.23 39.78 68.32
C TRP B 786 -24.46 38.77 69.16
N ILE B 787 -23.16 39.00 69.34
CA ILE B 787 -22.41 38.35 70.42
C ILE B 787 -22.06 39.45 71.43
N GLY B 788 -22.60 39.33 72.63
CA GLY B 788 -22.63 40.46 73.54
C GLY B 788 -23.50 41.55 72.96
N ASP B 789 -22.91 42.72 72.74
CA ASP B 789 -23.61 43.85 72.11
C ASP B 789 -22.94 44.26 70.78
N LYS B 790 -22.13 43.35 70.24
CA LYS B 790 -21.40 43.54 69.00
C LYS B 790 -22.19 42.90 67.85
N LYS B 791 -22.73 43.73 66.94
CA LYS B 791 -23.38 43.26 65.69
C LYS B 791 -22.40 42.42 64.84
N GLN B 792 -22.89 41.36 64.20
CA GLN B 792 -22.02 40.46 63.43
C GLN B 792 -22.22 40.63 61.91
N LEU B 793 -23.33 41.22 61.44
CA LEU B 793 -23.61 41.30 59.99
C LEU B 793 -23.74 42.75 59.52
N LEU B 794 -23.32 43.03 58.28
CA LEU B 794 -23.60 44.33 57.61
C LEU B 794 -24.71 44.17 56.56
N THR B 795 -24.88 42.97 56.02
CA THR B 795 -25.93 42.63 55.02
C THR B 795 -26.62 41.36 55.53
N PRO B 796 -27.96 41.25 55.40
CA PRO B 796 -28.68 39.97 55.74
C PRO B 796 -28.14 38.71 55.02
N LEU B 797 -28.38 37.52 55.58
CA LEU B 797 -28.04 36.24 54.93
C LEU B 797 -29.14 35.89 53.89
N ARG B 798 -28.82 35.88 52.59
CA ARG B 798 -29.83 35.72 51.51
C ARG B 798 -29.35 34.68 50.50
N ASP B 799 -30.28 34.05 49.78
CA ASP B 799 -29.93 33.19 48.65
C ASP B 799 -29.20 33.89 47.50
N GLN B 800 -28.30 33.17 46.87
CA GLN B 800 -27.62 33.70 45.71
C GLN B 800 -27.63 32.64 44.60
N PHE B 801 -27.95 33.06 43.39
CA PHE B 801 -27.98 32.13 42.27
C PHE B 801 -27.03 32.57 41.16
N THR B 802 -26.25 33.64 41.33
CA THR B 802 -25.45 34.22 40.22
C THR B 802 -23.96 34.28 40.59
N ARG B 803 -23.08 34.43 39.60
CA ARG B 803 -21.67 34.71 39.88
C ARG B 803 -21.20 35.88 39.01
N ALA B 804 -20.21 36.65 39.47
CA ALA B 804 -19.56 37.61 38.56
C ALA B 804 -18.96 36.81 37.40
N PRO B 805 -19.41 37.06 36.17
CA PRO B 805 -19.08 36.11 35.08
C PRO B 805 -17.57 35.97 34.80
N LEU B 806 -17.13 34.75 34.50
CA LEU B 806 -15.73 34.47 34.08
C LEU B 806 -15.57 34.77 32.58
N ASP B 807 -14.34 34.94 32.11
CA ASP B 807 -14.12 35.03 30.65
C ASP B 807 -14.77 33.92 29.81
N ASN B 808 -14.70 32.67 30.29
CA ASN B 808 -15.39 31.55 29.60
C ASN B 808 -16.91 31.76 29.58
N ASP B 809 -17.51 32.41 30.61
CA ASP B 809 -18.97 32.69 30.60
C ASP B 809 -19.31 33.77 29.57
N ILE B 810 -18.41 34.73 29.35
CA ILE B 810 -18.67 35.92 28.50
C ILE B 810 -18.61 35.52 27.01
N GLY B 811 -17.63 34.70 26.65
CA GLY B 811 -17.68 33.95 25.39
C GLY B 811 -17.47 34.82 24.16
N VAL B 812 -16.50 35.73 24.22
CA VAL B 812 -16.21 36.70 23.15
C VAL B 812 -14.74 36.59 22.72
N SER B 813 -14.46 36.40 21.42
CA SER B 813 -13.04 36.45 20.91
C SER B 813 -12.77 37.74 20.14
N GLU B 814 -13.81 38.27 19.51
CA GLU B 814 -13.75 39.55 18.79
C GLU B 814 -14.76 40.49 19.44
N ALA B 815 -14.29 41.68 19.83
CA ALA B 815 -15.07 42.67 20.60
C ALA B 815 -16.34 43.13 19.85
N THR B 816 -16.39 42.98 18.52
CA THR B 816 -17.52 43.46 17.69
C THR B 816 -18.64 42.40 17.56
N ARG B 817 -18.39 41.18 18.03
CA ARG B 817 -19.25 40.02 17.74
C ARG B 817 -19.74 39.39 19.05
N ILE B 818 -21.07 39.43 19.25
CA ILE B 818 -21.75 38.92 20.46
C ILE B 818 -22.41 37.58 20.11
N ASP B 819 -22.14 36.56 20.93
CA ASP B 819 -22.74 35.23 20.80
C ASP B 819 -23.94 35.13 21.77
N PRO B 820 -25.18 34.98 21.24
CA PRO B 820 -26.37 34.87 22.12
C PRO B 820 -26.50 33.50 22.82
N ASN B 821 -25.58 32.57 22.55
CA ASN B 821 -25.53 31.28 23.23
C ASN B 821 -24.57 31.28 24.45
N ALA B 822 -23.73 32.30 24.61
CA ALA B 822 -22.84 32.41 25.77
C ALA B 822 -23.66 32.37 27.08
N TRP B 823 -23.12 31.75 28.12
CA TRP B 823 -23.81 31.69 29.43
C TRP B 823 -24.25 33.09 29.89
N VAL B 824 -23.40 34.09 29.81
CA VAL B 824 -23.73 35.39 30.43
C VAL B 824 -24.92 36.02 29.68
N GLU B 825 -25.02 35.81 28.36
CA GLU B 825 -26.13 36.35 27.56
C GLU B 825 -27.43 35.67 27.97
N ARG B 826 -27.42 34.33 28.03
CA ARG B 826 -28.58 33.54 28.50
C ARG B 826 -29.02 33.96 29.91
N TRP B 827 -28.08 34.19 30.86
CA TRP B 827 -28.44 34.59 32.25
C TRP B 827 -29.03 35.99 32.29
N LYS B 828 -28.50 36.95 31.51
CA LYS B 828 -29.07 38.33 31.51
C LYS B 828 -30.47 38.34 30.88
N ALA B 829 -30.64 37.63 29.76
CA ALA B 829 -31.94 37.56 29.05
C ALA B 829 -33.04 36.94 29.94
N ALA B 830 -32.69 35.95 30.76
CA ALA B 830 -33.64 35.24 31.60
C ALA B 830 -33.93 36.02 32.89
N GLY B 831 -33.13 37.04 33.16
CA GLY B 831 -33.34 37.90 34.31
C GLY B 831 -32.76 37.35 35.60
N HIS B 832 -31.72 36.49 35.56
CA HIS B 832 -31.05 35.97 36.80
C HIS B 832 -30.37 37.10 37.60
N TYR B 833 -29.84 38.14 36.94
CA TYR B 833 -29.15 39.24 37.68
C TYR B 833 -30.16 40.24 38.25
N GLN B 834 -31.39 40.26 37.77
CA GLN B 834 -32.38 41.26 38.18
C GLN B 834 -33.48 40.64 39.06
N ALA B 835 -33.52 39.31 39.20
CA ALA B 835 -34.62 38.59 39.88
C ALA B 835 -34.83 39.11 41.31
N GLU B 836 -36.11 39.33 41.65
CA GLU B 836 -36.53 39.88 42.96
C GLU B 836 -37.16 38.78 43.82
N ALA B 837 -36.75 38.71 45.09
CA ALA B 837 -37.31 37.73 46.03
C ALA B 837 -38.64 38.26 46.62
N ALA B 838 -39.69 37.44 46.50
CA ALA B 838 -41.00 37.64 47.13
C ALA B 838 -41.18 36.61 48.24
N LEU B 839 -41.68 37.06 49.39
CA LEU B 839 -41.86 36.21 50.56
C LEU B 839 -43.20 35.44 50.43
N LEU B 840 -43.16 34.13 50.62
CA LEU B 840 -44.40 33.32 50.62
C LEU B 840 -44.83 32.99 52.06
N GLN B 841 -43.87 32.71 52.94
CA GLN B 841 -44.15 32.17 54.27
C GLN B 841 -43.00 32.52 55.21
N CYS B 842 -43.33 33.00 56.41
CA CYS B 842 -42.36 33.19 57.48
C CYS B 842 -43.04 32.90 58.83
N THR B 843 -42.67 31.79 59.48
CA THR B 843 -43.34 31.33 60.73
C THR B 843 -42.30 30.92 61.79
N ALA B 844 -42.65 31.08 63.06
CA ALA B 844 -41.78 30.71 64.18
C ALA B 844 -42.54 29.79 65.15
N ASP B 845 -41.81 28.81 65.68
CA ASP B 845 -42.36 27.83 66.64
C ASP B 845 -41.34 27.45 67.70
N THR B 846 -41.80 27.36 68.95
CA THR B 846 -41.00 26.84 70.06
C THR B 846 -41.20 25.32 70.14
N LEU B 847 -40.09 24.57 70.12
CA LEU B 847 -40.10 23.13 70.45
C LEU B 847 -39.66 22.98 71.92
N ALA B 848 -39.29 21.76 72.30
CA ALA B 848 -38.92 21.44 73.69
C ALA B 848 -37.57 22.10 74.04
N ASP B 849 -36.62 22.04 73.11
CA ASP B 849 -35.24 22.44 73.36
C ASP B 849 -34.64 23.36 72.26
N ALA B 850 -35.50 23.91 71.40
CA ALA B 850 -35.09 24.64 70.19
C ALA B 850 -36.16 25.63 69.77
N VAL B 851 -35.77 26.63 68.97
CA VAL B 851 -36.73 27.46 68.24
C VAL B 851 -36.59 27.11 66.75
N LEU B 852 -37.72 26.94 66.06
CA LEU B 852 -37.71 26.57 64.63
C LEU B 852 -38.33 27.70 63.79
N ILE B 853 -37.56 28.25 62.85
CA ILE B 853 -38.07 29.31 61.93
C ILE B 853 -38.23 28.69 60.53
N THR B 854 -39.37 28.95 59.88
CA THR B 854 -39.64 28.35 58.55
C THR B 854 -39.90 29.49 57.55
N THR B 855 -39.19 29.50 56.43
CA THR B 855 -39.39 30.57 55.42
C THR B 855 -39.53 29.95 54.03
N ALA B 856 -40.18 30.66 53.11
CA ALA B 856 -40.20 30.30 51.69
C ALA B 856 -40.19 31.57 50.82
N HIS B 857 -39.40 31.57 49.75
CA HIS B 857 -39.29 32.75 48.87
C HIS B 857 -39.42 32.31 47.41
N ALA B 858 -39.91 33.18 46.54
CA ALA B 858 -39.95 32.90 45.07
C ALA B 858 -39.20 34.02 44.35
N TRP B 859 -38.28 33.68 43.44
CA TRP B 859 -37.55 34.69 42.64
C TRP B 859 -38.23 34.81 41.29
N GLN B 860 -38.63 36.03 40.96
CA GLN B 860 -39.47 36.27 39.78
C GLN B 860 -38.90 37.37 38.91
N HIS B 861 -39.14 37.25 37.62
CA HIS B 861 -38.74 38.25 36.65
C HIS B 861 -39.83 38.37 35.58
N GLN B 862 -40.61 39.45 35.65
CA GLN B 862 -41.69 39.77 34.69
C GLN B 862 -42.69 38.61 34.61
N GLY B 863 -43.24 38.22 35.77
CA GLY B 863 -44.33 37.21 35.80
C GLY B 863 -43.84 35.78 36.03
N LYS B 864 -42.73 35.42 35.37
CA LYS B 864 -42.16 34.06 35.40
C LYS B 864 -41.44 33.83 36.74
N THR B 865 -41.69 32.68 37.39
CA THR B 865 -40.94 32.26 38.61
C THR B 865 -39.73 31.42 38.21
N LEU B 866 -38.52 31.84 38.65
CA LEU B 866 -37.27 31.18 38.24
C LEU B 866 -36.88 30.13 39.28
N PHE B 867 -36.90 30.51 40.56
CA PHE B 867 -36.43 29.65 41.62
C PHE B 867 -37.38 29.77 42.80
N ILE B 868 -37.51 28.70 43.58
CA ILE B 868 -38.19 28.74 44.87
C ILE B 868 -37.23 28.18 45.91
N SER B 869 -37.25 28.75 47.10
CA SER B 869 -36.34 28.31 48.14
C SER B 869 -37.13 28.12 49.44
N ARG B 870 -37.09 26.92 50.02
CA ARG B 870 -37.73 26.66 51.33
C ARG B 870 -36.65 26.43 52.37
N LYS B 871 -36.73 27.10 53.52
CA LYS B 871 -35.63 27.02 54.52
C LYS B 871 -36.18 26.78 55.92
N THR B 872 -35.40 26.03 56.72
CA THR B 872 -35.64 25.97 58.17
C THR B 872 -34.36 26.38 58.89
N TYR B 873 -34.53 27.15 59.96
CA TYR B 873 -33.46 27.49 60.89
C TYR B 873 -33.81 26.89 62.25
N ARG B 874 -32.95 26.03 62.78
CA ARG B 874 -33.20 25.44 64.06
C ARG B 874 -32.10 25.89 65.04
N ILE B 875 -32.46 26.72 66.01
CA ILE B 875 -31.52 27.24 67.00
C ILE B 875 -31.72 26.48 68.31
N ASP B 876 -30.74 25.68 68.71
CA ASP B 876 -30.83 24.89 69.96
C ASP B 876 -30.05 25.49 71.15
N GLY B 877 -30.07 24.78 72.28
CA GLY B 877 -29.50 25.28 73.55
C GLY B 877 -27.98 25.35 73.56
N SER B 878 -27.33 24.63 72.66
CA SER B 878 -25.87 24.65 72.52
C SER B 878 -25.39 25.91 71.79
N GLY B 879 -26.31 26.69 71.21
CA GLY B 879 -25.97 27.91 70.46
C GLY B 879 -25.92 27.70 68.95
N GLN B 880 -25.89 26.46 68.49
CA GLN B 880 -25.68 26.17 67.07
C GLN B 880 -26.97 26.47 66.28
N MET B 881 -26.81 27.08 65.13
CA MET B 881 -27.94 27.32 64.24
C MET B 881 -27.83 26.38 63.02
N ALA B 882 -28.75 25.44 62.91
CA ALA B 882 -28.75 24.50 61.79
C ALA B 882 -29.63 25.07 60.67
N ILE B 883 -29.09 25.17 59.46
CA ILE B 883 -29.85 25.74 58.36
C ILE B 883 -30.08 24.61 57.36
N THR B 884 -31.32 24.41 56.94
CA THR B 884 -31.64 23.39 55.91
C THR B 884 -32.24 24.13 54.71
N VAL B 885 -31.81 23.83 53.49
CA VAL B 885 -32.27 24.59 52.34
C VAL B 885 -32.77 23.62 51.27
N ASP B 886 -33.96 23.86 50.71
CA ASP B 886 -34.44 23.11 49.54
C ASP B 886 -34.81 24.05 48.42
N VAL B 887 -34.22 23.84 47.25
CA VAL B 887 -34.41 24.82 46.15
C VAL B 887 -35.04 24.09 44.97
N GLU B 888 -35.99 24.74 44.28
CA GLU B 888 -36.50 24.23 42.97
C GLU B 888 -36.15 25.23 41.86
N VAL B 889 -35.72 24.73 40.71
CA VAL B 889 -35.30 25.59 39.61
C VAL B 889 -36.18 25.28 38.39
N ALA B 890 -36.87 26.27 37.80
CA ALA B 890 -37.72 26.05 36.59
C ALA B 890 -36.93 25.35 35.48
N SER B 891 -37.49 24.32 34.86
CA SER B 891 -36.72 23.46 33.91
C SER B 891 -36.35 24.21 32.61
N ASP B 892 -37.07 25.28 32.28
CA ASP B 892 -36.78 26.06 31.06
C ASP B 892 -36.03 27.40 31.25
N THR B 893 -35.65 27.74 32.48
CA THR B 893 -34.65 28.78 32.73
C THR B 893 -33.26 28.16 32.43
N PRO B 894 -32.30 28.96 31.90
CA PRO B 894 -30.88 28.48 31.81
C PRO B 894 -30.38 28.02 33.19
N HIS B 895 -29.64 26.91 33.25
CA HIS B 895 -29.19 26.40 34.53
C HIS B 895 -28.43 27.50 35.30
N PRO B 896 -28.69 27.66 36.60
CA PRO B 896 -27.99 28.74 37.36
C PRO B 896 -26.48 28.51 37.56
N ALA B 897 -25.72 29.57 37.84
CA ALA B 897 -24.27 29.44 38.07
C ALA B 897 -23.98 28.85 39.46
N ARG B 898 -24.87 29.01 40.45
CA ARG B 898 -24.61 28.43 41.78
C ARG B 898 -25.93 28.39 42.58
N ILE B 899 -25.96 27.63 43.66
CA ILE B 899 -27.07 27.62 44.60
C ILE B 899 -26.46 27.77 45.99
N GLY B 900 -26.54 28.96 46.59
CA GLY B 900 -25.98 29.11 47.92
C GLY B 900 -26.51 30.33 48.64
N LEU B 901 -25.76 30.73 49.67
CA LEU B 901 -26.09 31.88 50.53
C LEU B 901 -24.94 32.86 50.46
N ASN B 902 -25.24 34.14 50.65
CA ASN B 902 -24.17 35.07 50.89
C ASN B 902 -24.55 36.03 52.01
N CYS B 903 -23.53 36.60 52.66
CA CYS B 903 -23.71 37.76 53.53
C CYS B 903 -22.39 38.54 53.67
N GLN B 904 -22.51 39.75 54.21
CA GLN B 904 -21.36 40.57 54.54
C GLN B 904 -21.21 40.60 56.07
N LEU B 905 -20.18 39.92 56.56
CA LEU B 905 -19.80 39.88 57.97
C LEU B 905 -19.23 41.25 58.37
N ALA B 906 -19.35 41.60 59.64
CA ALA B 906 -18.95 42.92 60.12
C ALA B 906 -17.43 42.95 60.37
N GLN B 907 -16.83 41.81 60.69
CA GLN B 907 -15.45 41.82 61.14
C GLN B 907 -14.49 41.38 60.01
N VAL B 908 -13.27 41.91 60.09
CA VAL B 908 -12.16 41.55 59.23
C VAL B 908 -11.11 40.83 60.11
N ALA B 909 -10.74 39.61 59.71
CA ALA B 909 -9.73 38.84 60.44
C ALA B 909 -8.49 38.61 59.54
N GLU B 910 -7.38 38.18 60.12
CA GLU B 910 -6.13 38.03 59.35
C GLU B 910 -6.06 36.65 58.68
N ARG B 911 -6.65 35.61 59.28
CA ARG B 911 -6.45 34.23 58.82
C ARG B 911 -7.78 33.59 58.45
N VAL B 912 -7.71 32.58 57.60
CA VAL B 912 -8.83 31.73 57.25
C VAL B 912 -8.33 30.30 57.43
N ASN B 913 -9.12 29.46 58.07
CA ASN B 913 -8.69 28.11 58.38
C ASN B 913 -9.80 27.16 57.92
N TRP B 914 -9.50 26.12 57.15
CA TRP B 914 -10.62 25.31 56.69
C TRP B 914 -10.20 23.85 56.58
N LEU B 915 -11.16 22.95 56.68
CA LEU B 915 -10.92 21.56 56.44
C LEU B 915 -11.54 21.15 55.11
N GLY B 916 -10.74 20.90 54.08
CA GLY B 916 -11.31 20.66 52.77
C GLY B 916 -10.26 20.68 51.70
N LEU B 917 -10.65 20.77 50.42
CA LEU B 917 -9.67 20.71 49.32
C LEU B 917 -8.84 22.00 49.26
N GLY B 918 -7.52 21.89 49.07
CA GLY B 918 -6.70 23.10 48.98
C GLY B 918 -5.25 22.76 48.71
N PRO B 919 -4.35 23.72 48.91
CA PRO B 919 -4.67 25.07 49.44
C PRO B 919 -5.08 26.09 48.36
N GLN B 920 -4.90 25.80 47.09
CA GLN B 920 -5.22 26.83 46.05
C GLN B 920 -6.70 26.78 45.64
N GLU B 921 -7.15 27.85 44.98
CA GLU B 921 -8.50 27.98 44.33
C GLU B 921 -8.80 26.68 43.56
N ASN B 922 -9.99 26.12 43.72
CA ASN B 922 -10.36 24.89 42.99
C ASN B 922 -11.87 24.92 42.70
N TYR B 923 -12.30 24.36 41.57
CA TYR B 923 -13.69 24.42 41.08
C TYR B 923 -14.12 23.00 40.73
N PRO B 924 -15.44 22.72 40.69
CA PRO B 924 -15.87 21.31 40.46
C PRO B 924 -15.25 20.63 39.22
N ASP B 925 -15.01 21.37 38.13
CA ASP B 925 -14.26 20.76 37.03
C ASP B 925 -12.74 21.05 37.00
N ARG B 926 -12.19 21.64 38.08
CA ARG B 926 -10.73 21.77 38.21
C ARG B 926 -10.34 21.54 39.67
N LEU B 927 -10.50 20.30 40.16
CA LEU B 927 -10.12 20.05 41.56
C LEU B 927 -9.26 18.78 41.72
N THR B 928 -8.75 18.17 40.65
CA THR B 928 -7.93 16.91 40.81
C THR B 928 -6.59 17.23 41.50
N ALA B 929 -6.00 18.41 41.27
CA ALA B 929 -4.69 18.79 41.91
C ALA B 929 -4.83 19.08 43.40
N ALA B 930 -6.02 19.48 43.85
CA ALA B 930 -6.20 19.93 45.23
C ALA B 930 -6.24 18.69 46.15
N CYS B 931 -5.85 18.81 47.41
CA CYS B 931 -5.83 17.68 48.38
C CYS B 931 -6.66 18.04 49.60
N PHE B 932 -7.40 17.09 50.13
CA PHE B 932 -8.14 17.25 51.37
C PHE B 932 -7.15 17.33 52.53
N ASP B 933 -7.23 18.36 53.35
CA ASP B 933 -6.42 18.47 54.55
C ASP B 933 -6.87 19.67 55.37
N ARG B 934 -6.15 20.02 56.45
CA ARG B 934 -6.43 21.24 57.19
C ARG B 934 -5.50 22.36 56.68
N TRP B 935 -6.08 23.45 56.15
CA TRP B 935 -5.31 24.52 55.50
C TRP B 935 -5.49 25.81 56.28
N ASP B 936 -4.49 26.67 56.26
CA ASP B 936 -4.56 27.93 57.00
C ASP B 936 -3.80 29.02 56.25
N LEU B 937 -4.49 30.03 55.75
CA LEU B 937 -3.88 31.04 54.89
C LEU B 937 -4.31 32.44 55.35
N PRO B 938 -3.50 33.47 55.07
CA PRO B 938 -3.96 34.85 55.27
C PRO B 938 -5.14 35.20 54.34
N LEU B 939 -6.04 36.09 54.78
CA LEU B 939 -7.21 36.45 53.97
C LEU B 939 -6.81 36.83 52.52
N SER B 940 -5.72 37.57 52.32
CA SER B 940 -5.29 38.05 50.98
C SER B 940 -5.00 36.90 50.00
N ASP B 941 -4.63 35.71 50.48
CA ASP B 941 -4.42 34.54 49.61
C ASP B 941 -5.70 33.84 49.14
N MET B 942 -6.85 34.27 49.63
CA MET B 942 -8.12 33.63 49.29
C MET B 942 -8.79 34.42 48.15
N TYR B 943 -8.05 35.39 47.60
CA TYR B 943 -8.46 36.21 46.46
C TYR B 943 -7.44 35.96 45.34
N THR B 944 -7.89 35.62 44.14
CA THR B 944 -6.95 35.50 43.00
C THR B 944 -7.04 36.79 42.18
N PRO B 945 -5.92 37.50 42.07
CA PRO B 945 -6.04 38.85 41.45
C PRO B 945 -5.99 38.80 39.90
N TYR B 946 -6.97 38.18 39.26
CA TYR B 946 -7.01 38.16 37.79
C TYR B 946 -7.12 39.62 37.30
N VAL B 947 -6.47 39.94 36.18
CA VAL B 947 -6.40 41.35 35.73
C VAL B 947 -7.79 41.84 35.32
N PHE B 948 -8.53 41.00 34.62
CA PHE B 948 -9.97 41.22 34.40
C PHE B 948 -10.77 40.56 35.54
N PRO B 949 -11.33 41.32 36.49
CA PRO B 949 -11.98 40.72 37.70
C PRO B 949 -13.19 39.80 37.39
N SER B 950 -13.28 38.69 38.12
CA SER B 950 -14.40 37.76 37.98
C SER B 950 -14.56 37.00 39.30
N GLU B 951 -15.55 36.10 39.35
CA GLU B 951 -15.66 35.09 40.40
C GLU B 951 -14.27 34.42 40.53
N ASN B 952 -13.82 34.21 41.75
CA ASN B 952 -12.49 33.69 41.97
C ASN B 952 -12.37 33.22 43.43
N GLY B 953 -11.40 32.34 43.70
CA GLY B 953 -11.03 32.00 45.06
C GLY B 953 -11.88 30.90 45.69
N LEU B 954 -12.76 30.20 44.93
CA LEU B 954 -13.57 29.10 45.45
C LEU B 954 -12.70 27.97 46.04
N ARG B 955 -13.16 27.38 47.12
CA ARG B 955 -12.61 26.09 47.63
C ARG B 955 -13.73 25.06 47.75
N CYS B 956 -13.61 23.92 47.07
CA CYS B 956 -14.64 22.88 47.09
C CYS B 956 -14.37 21.85 48.20
N GLY B 957 -15.32 20.92 48.35
CA GLY B 957 -15.24 19.73 49.23
C GLY B 957 -14.97 20.10 50.68
N THR B 958 -15.52 21.21 51.16
CA THR B 958 -15.13 21.71 52.47
C THR B 958 -16.10 21.19 53.54
N ARG B 959 -15.56 20.79 54.70
CA ARG B 959 -16.39 20.24 55.80
C ARG B 959 -16.46 21.22 56.97
N GLU B 960 -15.46 22.09 57.14
CA GLU B 960 -15.46 23.03 58.26
C GLU B 960 -14.70 24.31 57.85
N LEU B 961 -15.23 25.47 58.20
CA LEU B 961 -14.61 26.73 57.87
C LEU B 961 -14.58 27.58 59.14
N ASN B 962 -13.42 28.13 59.49
CA ASN B 962 -13.30 28.97 60.68
C ASN B 962 -12.82 30.38 60.28
N TYR B 963 -13.51 31.41 60.72
CA TYR B 963 -13.09 32.74 60.38
C TYR B 963 -13.49 33.69 61.52
N GLY B 964 -12.51 34.25 62.23
CA GLY B 964 -12.80 34.99 63.49
C GLY B 964 -13.50 34.08 64.49
N PRO B 965 -14.58 34.55 65.15
CA PRO B 965 -15.28 33.64 66.09
C PRO B 965 -16.23 32.62 65.41
N HIS B 966 -16.46 32.71 64.11
CA HIS B 966 -17.51 31.88 63.47
C HIS B 966 -16.94 30.55 63.01
N GLN B 967 -17.77 29.50 63.10
CA GLN B 967 -17.48 28.25 62.46
C GLN B 967 -18.70 27.76 61.65
N TRP B 968 -18.48 27.34 60.41
CA TRP B 968 -19.54 26.73 59.57
C TRP B 968 -19.17 25.27 59.32
N ARG B 969 -20.13 24.37 59.46
CA ARG B 969 -19.87 22.96 59.19
C ARG B 969 -20.89 22.47 58.16
N GLY B 970 -20.53 21.48 57.37
CA GLY B 970 -21.44 20.96 56.38
C GLY B 970 -20.72 20.13 55.33
N ASP B 971 -21.10 20.35 54.07
CA ASP B 971 -20.42 19.78 52.91
C ASP B 971 -20.58 20.79 51.73
N PHE B 972 -19.69 21.77 51.62
CA PHE B 972 -20.03 22.96 50.86
C PHE B 972 -18.80 23.48 50.09
N GLN B 973 -19.00 24.43 49.19
CA GLN B 973 -17.92 25.20 48.59
C GLN B 973 -18.04 26.63 49.10
N PHE B 974 -16.94 27.37 49.25
CA PHE B 974 -17.03 28.73 49.79
C PHE B 974 -16.04 29.64 49.06
N ASN B 975 -16.29 30.95 49.12
CA ASN B 975 -15.22 31.90 48.88
C ASN B 975 -15.39 33.07 49.85
N ILE B 976 -14.27 33.70 50.17
CA ILE B 976 -14.30 34.73 51.21
C ILE B 976 -13.36 35.84 50.79
N SER B 977 -13.79 37.09 50.86
CA SER B 977 -12.96 38.17 50.34
C SER B 977 -13.54 39.53 50.75
N ARG B 978 -12.84 40.58 50.39
CA ARG B 978 -13.26 41.95 50.64
C ARG B 978 -14.01 42.54 49.44
N TYR B 979 -14.25 41.76 48.36
CA TYR B 979 -14.97 42.31 47.19
C TYR B 979 -16.31 41.60 46.99
N SER B 980 -17.40 42.33 46.81
CA SER B 980 -18.70 41.69 46.51
C SER B 980 -18.73 41.17 45.06
N GLN B 981 -19.68 40.26 44.76
CA GLN B 981 -19.90 39.77 43.40
C GLN B 981 -20.31 40.93 42.49
N GLN B 982 -21.12 41.85 43.00
CA GLN B 982 -21.53 43.04 42.26
C GLN B 982 -20.32 43.93 41.89
N GLN B 983 -19.41 44.17 42.83
CA GLN B 983 -18.21 44.95 42.52
C GLN B 983 -17.34 44.25 41.46
N LEU B 984 -17.09 42.94 41.58
CA LEU B 984 -16.25 42.21 40.63
C LEU B 984 -16.87 42.25 39.23
N MET B 985 -18.19 42.22 39.13
CA MET B 985 -18.89 42.25 37.84
C MET B 985 -18.82 43.65 37.19
N GLU B 986 -18.77 44.72 37.98
CA GLU B 986 -18.84 46.06 37.36
C GLU B 986 -17.44 46.62 37.02
N THR B 987 -16.37 45.99 37.48
CA THR B 987 -15.03 46.61 37.43
C THR B 987 -14.19 45.92 36.32
N SER B 988 -13.64 46.72 35.41
CA SER B 988 -12.93 46.15 34.23
C SER B 988 -11.44 45.85 34.52
N HIS B 989 -10.85 46.43 35.57
CA HIS B 989 -9.40 46.25 35.84
C HIS B 989 -9.17 46.02 37.33
N ARG B 990 -8.26 45.12 37.68
CA ARG B 990 -8.05 44.79 39.10
C ARG B 990 -7.58 46.01 39.91
N HIS B 991 -6.89 46.99 39.30
CA HIS B 991 -6.33 48.11 40.10
C HIS B 991 -7.46 49.06 40.56
N LEU B 992 -8.65 48.96 39.97
CA LEU B 992 -9.80 49.84 40.27
C LEU B 992 -10.70 49.23 41.37
N LEU B 993 -10.40 48.02 41.87
CA LEU B 993 -11.18 47.41 42.96
C LEU B 993 -10.80 48.08 44.29
N HIS B 994 -11.78 48.38 45.13
CA HIS B 994 -11.51 48.86 46.50
C HIS B 994 -12.17 47.92 47.52
N ALA B 995 -11.43 47.57 48.57
CA ALA B 995 -11.91 46.75 49.68
C ALA B 995 -13.13 47.42 50.34
N GLU B 996 -14.19 46.63 50.50
CA GLU B 996 -15.46 47.04 51.14
C GLU B 996 -15.32 46.88 52.66
N GLU B 997 -16.24 47.44 53.42
CA GLU B 997 -16.30 47.26 54.88
C GLU B 997 -16.61 45.79 55.18
N GLY B 998 -15.92 45.17 56.12
CA GLY B 998 -16.24 43.78 56.46
C GLY B 998 -15.79 42.79 55.38
N THR B 999 -16.31 41.56 55.46
CA THR B 999 -15.89 40.47 54.58
C THR B 999 -17.12 39.83 53.92
N TRP B 1000 -17.06 39.64 52.62
CA TRP B 1000 -18.12 38.93 51.91
C TRP B 1000 -17.88 37.41 51.98
N LEU B 1001 -18.89 36.68 52.41
CA LEU B 1001 -18.80 35.24 52.42
C LEU B 1001 -19.85 34.69 51.43
N ASN B 1002 -19.44 33.83 50.51
CA ASN B 1002 -20.39 33.09 49.70
C ASN B 1002 -20.28 31.61 50.10
N ILE B 1003 -21.37 30.98 50.55
CA ILE B 1003 -21.32 29.53 50.90
C ILE B 1003 -22.26 28.78 49.96
N ASP B 1004 -21.75 27.84 49.19
CA ASP B 1004 -22.58 27.20 48.17
C ASP B 1004 -22.80 25.76 48.52
N GLY B 1005 -24.03 25.29 48.36
CA GLY B 1005 -24.21 23.87 48.29
C GLY B 1005 -23.77 23.33 46.93
N PHE B 1006 -23.90 24.11 45.85
CA PHE B 1006 -23.64 23.60 44.48
C PHE B 1006 -23.07 24.74 43.61
N HIS B 1007 -22.17 24.41 42.70
CA HIS B 1007 -21.52 25.44 41.89
C HIS B 1007 -21.29 24.88 40.49
N MET B 1008 -21.58 25.63 39.44
CA MET B 1008 -21.38 25.18 38.04
C MET B 1008 -19.87 25.07 37.72
N GLY B 1009 -19.46 24.22 36.77
CA GLY B 1009 -18.07 24.21 36.28
C GLY B 1009 -17.67 25.53 35.60
N ILE B 1010 -16.41 25.62 35.20
CA ILE B 1010 -15.87 26.87 34.67
C ILE B 1010 -15.56 26.70 33.17
N GLY B 1011 -15.46 25.47 32.67
CA GLY B 1011 -15.21 25.26 31.23
C GLY B 1011 -13.79 25.65 30.81
N GLY B 1012 -13.58 25.80 29.52
CA GLY B 1012 -12.30 26.26 29.00
C GLY B 1012 -11.70 25.34 27.96
N ASP B 1013 -12.51 24.45 27.35
CA ASP B 1013 -12.13 23.84 26.06
C ASP B 1013 -11.91 24.92 25.02
N ASP B 1014 -12.75 25.96 25.00
CA ASP B 1014 -12.37 27.24 24.41
C ASP B 1014 -13.06 28.36 25.18
N SER B 1015 -12.87 29.62 24.78
CA SER B 1015 -13.45 30.73 25.53
C SER B 1015 -14.42 31.54 24.67
N TRP B 1016 -14.88 31.04 23.52
CA TRP B 1016 -15.72 31.87 22.63
C TRP B 1016 -16.98 31.09 22.22
N SER B 1017 -17.27 30.02 22.94
CA SER B 1017 -18.46 29.20 22.74
C SER B 1017 -18.68 28.44 24.05
N PRO B 1018 -19.94 28.08 24.42
CA PRO B 1018 -20.22 27.39 25.71
C PRO B 1018 -19.37 26.13 25.86
N SER B 1019 -18.66 25.96 26.96
CA SER B 1019 -17.68 24.87 27.02
C SER B 1019 -17.84 24.04 28.30
N VAL B 1020 -18.84 24.34 29.12
CA VAL B 1020 -19.06 23.51 30.33
C VAL B 1020 -19.76 22.21 29.90
N SER B 1021 -19.17 21.09 30.27
CA SER B 1021 -19.73 19.76 29.98
C SER B 1021 -20.98 19.51 30.84
N ALA B 1022 -21.94 18.75 30.30
CA ALA B 1022 -23.25 18.48 30.91
C ALA B 1022 -23.18 17.92 32.35
N GLU B 1023 -22.14 17.17 32.73
CA GLU B 1023 -22.01 16.69 34.13
C GLU B 1023 -21.59 17.82 35.10
N PHE B 1024 -21.22 19.00 34.63
CA PHE B 1024 -20.90 20.08 35.56
C PHE B 1024 -21.95 21.21 35.50
N GLN B 1025 -23.08 21.01 34.83
CA GLN B 1025 -24.15 21.99 34.82
C GLN B 1025 -25.13 21.67 35.96
N LEU B 1026 -25.75 22.70 36.56
CA LEU B 1026 -26.72 22.44 37.62
C LEU B 1026 -28.09 22.20 36.97
N SER B 1027 -28.32 20.96 36.53
CA SER B 1027 -29.54 20.67 35.71
C SER B 1027 -30.54 19.74 36.44
N ALA B 1028 -30.35 19.47 37.72
CA ALA B 1028 -31.12 18.44 38.42
C ALA B 1028 -32.57 18.91 38.70
N GLY B 1029 -32.82 20.22 38.76
CA GLY B 1029 -34.19 20.71 39.01
C GLY B 1029 -34.49 20.90 40.49
N ARG B 1030 -34.01 20.01 41.36
CA ARG B 1030 -34.21 20.12 42.83
C ARG B 1030 -32.89 19.89 43.56
N TYR B 1031 -32.66 20.65 44.63
CA TYR B 1031 -31.36 20.68 45.31
C TYR B 1031 -31.58 20.80 46.81
N HIS B 1032 -30.77 20.12 47.59
CA HIS B 1032 -30.87 20.16 49.03
C HIS B 1032 -29.47 20.39 49.60
N TYR B 1033 -29.30 21.17 50.67
CA TYR B 1033 -28.01 21.16 51.38
C TYR B 1033 -28.25 21.66 52.80
N GLN B 1034 -27.31 21.44 53.70
CA GLN B 1034 -27.49 21.94 55.06
C GLN B 1034 -26.17 22.46 55.64
N LEU B 1035 -26.28 23.45 56.52
CA LEU B 1035 -25.14 24.10 57.19
C LEU B 1035 -25.42 24.12 58.70
N VAL B 1036 -24.37 24.12 59.49
CA VAL B 1036 -24.47 24.53 60.88
C VAL B 1036 -23.60 25.78 61.04
N TRP B 1037 -24.16 26.81 61.66
CA TRP B 1037 -23.44 28.04 61.97
C TRP B 1037 -23.31 28.14 63.49
N CYS B 1038 -22.09 28.08 64.04
CA CYS B 1038 -21.91 28.22 65.52
C CYS B 1038 -20.76 29.20 65.83
N GLN B 1039 -20.52 29.47 67.12
CA GLN B 1039 -19.46 30.40 67.58
C GLN B 1039 -18.40 29.65 68.39
N LYS B 1040 -17.28 29.35 67.71
CA LYS B 1040 -16.11 28.71 68.31
C LYS B 1040 -15.24 29.78 68.99
N VAL C 26 17.37 56.36 -12.89
CA VAL C 26 16.71 55.43 -11.90
C VAL C 26 16.71 53.99 -12.46
N VAL C 27 16.58 53.88 -13.78
CA VAL C 27 16.48 52.59 -14.46
C VAL C 27 17.87 51.94 -14.56
N LEU C 28 18.90 52.71 -14.95
CA LEU C 28 20.26 52.13 -14.99
C LEU C 28 20.89 52.11 -13.58
N GLN C 29 20.19 52.71 -12.61
CA GLN C 29 20.63 52.72 -11.20
C GLN C 29 20.23 51.41 -10.50
N ARG C 30 19.01 50.90 -10.75
CA ARG C 30 18.57 49.65 -10.11
C ARG C 30 19.16 48.42 -10.80
N ARG C 31 19.35 48.44 -12.14
CA ARG C 31 19.87 47.23 -12.88
C ARG C 31 19.04 45.99 -12.50
N ASP C 32 17.74 46.03 -12.79
CA ASP C 32 16.82 44.93 -12.51
C ASP C 32 17.13 43.66 -13.30
N TRP C 33 17.90 43.77 -14.40
CA TRP C 33 18.24 42.62 -15.21
C TRP C 33 19.42 41.83 -14.63
N GLU C 34 19.98 42.25 -13.49
CA GLU C 34 21.09 41.50 -12.84
C GLU C 34 20.70 41.11 -11.42
N ASN C 35 19.47 40.62 -11.24
CA ASN C 35 18.88 40.46 -9.91
C ASN C 35 17.81 39.38 -10.01
N PRO C 36 18.10 38.15 -9.58
CA PRO C 36 17.08 37.10 -9.75
C PRO C 36 15.82 37.27 -8.88
N GLY C 37 15.83 38.17 -7.90
CA GLY C 37 14.65 38.42 -7.07
C GLY C 37 13.64 39.37 -7.73
N VAL C 38 14.00 40.05 -8.83
CA VAL C 38 13.07 40.92 -9.54
C VAL C 38 12.83 40.33 -10.94
N THR C 39 11.68 39.70 -11.14
CA THR C 39 11.38 39.12 -12.45
C THR C 39 10.39 39.99 -13.22
N GLN C 40 9.78 41.01 -12.57
CA GLN C 40 8.81 41.90 -13.21
C GLN C 40 8.53 43.12 -12.33
N LEU C 41 8.10 44.24 -12.90
CA LEU C 41 7.53 45.34 -12.14
C LEU C 41 6.23 45.78 -12.84
N ASN C 42 5.11 45.80 -12.13
CA ASN C 42 3.79 46.30 -12.59
C ASN C 42 3.15 45.42 -13.68
N ARG C 43 3.51 44.15 -13.72
CA ARG C 43 2.97 43.26 -14.72
C ARG C 43 1.65 42.70 -14.18
N LEU C 44 0.62 42.54 -15.00
CA LEU C 44 -0.70 42.01 -14.50
C LEU C 44 -0.64 40.48 -14.38
N ALA C 45 -1.57 39.88 -13.63
CA ALA C 45 -1.66 38.40 -13.44
C ALA C 45 -1.80 37.66 -14.79
N ALA C 46 -1.36 36.40 -14.82
CA ALA C 46 -1.47 35.53 -16.00
C ALA C 46 -2.90 34.95 -16.05
N HIS C 47 -3.40 34.62 -17.25
CA HIS C 47 -4.78 34.12 -17.44
C HIS C 47 -4.88 33.44 -18.80
N PRO C 48 -5.95 32.65 -19.05
CA PRO C 48 -6.18 32.09 -20.41
C PRO C 48 -6.42 33.20 -21.43
N PRO C 49 -6.29 32.91 -22.75
CA PRO C 49 -6.44 33.98 -23.79
C PRO C 49 -7.84 34.60 -23.80
N PHE C 50 -7.90 35.94 -23.87
CA PHE C 50 -9.15 36.74 -23.82
C PHE C 50 -9.27 37.63 -25.06
N ALA C 51 -10.50 37.89 -25.51
CA ALA C 51 -10.73 38.78 -26.65
C ALA C 51 -11.73 39.89 -26.30
N SER C 52 -12.41 39.76 -25.14
CA SER C 52 -13.40 40.72 -24.65
C SER C 52 -14.46 41.04 -25.72
N TRP C 53 -15.25 40.06 -26.11
CA TRP C 53 -16.36 40.29 -27.06
C TRP C 53 -17.49 41.05 -26.35
N ARG C 54 -18.28 41.82 -27.09
CA ARG C 54 -19.40 42.58 -26.46
C ARG C 54 -20.72 42.07 -27.03
N ASN C 55 -20.67 40.85 -27.56
CA ASN C 55 -21.76 40.20 -28.29
C ASN C 55 -21.53 38.69 -28.26
N SER C 56 -22.47 37.93 -27.71
CA SER C 56 -22.36 36.46 -27.48
C SER C 56 -22.21 35.70 -28.80
N GLU C 57 -22.97 36.07 -29.83
CA GLU C 57 -22.88 35.42 -31.15
C GLU C 57 -21.45 35.54 -31.72
N GLU C 58 -20.85 36.72 -31.63
CA GLU C 58 -19.47 36.92 -32.07
C GLU C 58 -18.54 35.94 -31.32
N ALA C 59 -18.76 35.80 -30.01
CA ALA C 59 -17.91 34.94 -29.16
C ALA C 59 -18.07 33.47 -29.57
N ARG C 60 -19.31 33.05 -29.82
CA ARG C 60 -19.63 31.66 -30.17
C ARG C 60 -18.95 31.27 -31.49
N THR C 61 -19.02 32.15 -32.50
CA THR C 61 -18.53 31.81 -33.86
C THR C 61 -17.05 32.16 -34.01
N ASP C 62 -16.43 32.71 -32.95
CA ASP C 62 -14.98 33.03 -32.92
C ASP C 62 -14.58 34.11 -33.95
N ARG C 63 -15.47 35.06 -34.20
CA ARG C 63 -15.18 36.18 -35.10
C ARG C 63 -14.19 37.14 -34.44
N PRO C 64 -13.44 37.95 -35.23
CA PRO C 64 -12.53 38.98 -34.67
C PRO C 64 -13.24 40.00 -33.78
N SER C 65 -12.58 40.36 -32.69
CA SER C 65 -13.12 41.27 -31.68
C SER C 65 -12.64 42.71 -31.99
N GLN C 66 -13.53 43.68 -31.96
CA GLN C 66 -13.15 45.12 -32.06
C GLN C 66 -12.34 45.56 -30.83
N GLN C 67 -12.40 44.82 -29.73
CA GLN C 67 -11.77 45.27 -28.49
C GLN C 67 -10.31 44.78 -28.43
N LEU C 68 -9.91 43.92 -29.37
CA LEU C 68 -8.55 43.36 -29.43
C LEU C 68 -7.88 43.88 -30.70
N ARG C 69 -6.91 44.74 -30.54
CA ARG C 69 -6.28 45.43 -31.67
C ARG C 69 -4.80 45.02 -31.76
N SER C 70 -4.36 44.55 -32.94
CA SER C 70 -2.95 44.18 -33.20
C SER C 70 -2.05 45.41 -33.45
N LEU C 71 -0.84 45.43 -32.89
CA LEU C 71 0.17 46.51 -33.17
C LEU C 71 1.34 45.97 -34.01
N ASN C 72 1.21 44.78 -34.57
CA ASN C 72 2.16 44.24 -35.55
C ASN C 72 2.23 45.17 -36.76
N GLY C 73 3.40 45.25 -37.36
CA GLY C 73 3.66 46.11 -38.51
C GLY C 73 5.01 46.77 -38.41
N GLU C 74 5.12 48.02 -38.86
CA GLU C 74 6.39 48.76 -38.95
C GLU C 74 6.62 49.58 -37.68
N TRP C 75 7.72 49.30 -37.00
CA TRP C 75 8.14 50.07 -35.83
C TRP C 75 9.48 50.71 -36.15
N ARG C 76 9.91 51.66 -35.32
CA ARG C 76 11.23 52.23 -35.47
C ARG C 76 12.19 51.44 -34.59
N PHE C 77 13.47 51.33 -34.97
CA PHE C 77 14.43 50.49 -34.23
C PHE C 77 15.84 51.07 -34.34
N ALA C 78 16.53 51.14 -33.20
CA ALA C 78 17.94 51.45 -33.18
C ALA C 78 18.66 50.45 -32.25
N TRP C 79 19.91 50.11 -32.59
CA TRP C 79 20.73 49.14 -31.87
C TRP C 79 21.83 49.89 -31.10
N PHE C 80 22.11 49.44 -29.87
CA PHE C 80 23.18 50.04 -29.06
C PHE C 80 24.01 48.93 -28.39
N PRO C 81 25.31 49.20 -28.16
CA PRO C 81 26.16 48.13 -27.60
C PRO C 81 25.91 47.83 -26.10
N ALA C 82 25.28 48.76 -25.37
CA ALA C 82 24.98 48.60 -23.92
C ALA C 82 23.79 49.50 -23.55
N PRO C 83 23.13 49.23 -22.41
CA PRO C 83 22.01 50.11 -21.99
C PRO C 83 22.43 51.53 -21.58
N GLU C 84 23.68 51.75 -21.20
CA GLU C 84 24.21 53.08 -20.78
C GLU C 84 24.48 53.98 -22.00
N ALA C 85 24.42 53.44 -23.20
CA ALA C 85 24.73 54.20 -24.41
C ALA C 85 23.47 54.78 -25.05
N VAL C 86 22.29 54.45 -24.53
CA VAL C 86 21.02 54.95 -25.07
C VAL C 86 20.86 56.42 -24.64
N PRO C 87 20.69 57.36 -25.61
CA PRO C 87 20.45 58.78 -25.29
C PRO C 87 19.13 58.98 -24.54
N GLU C 88 19.09 59.96 -23.64
CA GLU C 88 17.88 60.30 -22.84
C GLU C 88 16.74 60.78 -23.76
N SER C 89 17.06 61.46 -24.86
CA SER C 89 16.05 62.04 -25.78
C SER C 89 15.11 60.96 -26.35
N TRP C 90 15.58 59.70 -26.43
CA TRP C 90 14.85 58.61 -27.07
C TRP C 90 13.49 58.37 -26.40
N LEU C 91 13.43 58.58 -25.08
CA LEU C 91 12.17 58.50 -24.29
C LEU C 91 11.15 59.52 -24.81
N GLU C 92 11.61 60.73 -25.13
CA GLU C 92 10.70 61.80 -25.54
C GLU C 92 10.24 61.60 -26.99
N CYS C 93 11.18 61.42 -27.90
CA CYS C 93 10.85 61.39 -29.32
C CYS C 93 11.83 60.50 -30.10
N ASP C 94 11.48 60.24 -31.36
CA ASP C 94 12.25 59.43 -32.29
C ASP C 94 13.68 59.87 -32.52
N LEU C 95 14.59 58.88 -32.60
CA LEU C 95 15.98 59.12 -33.01
C LEU C 95 16.05 59.23 -34.54
N PRO C 96 16.84 60.20 -35.05
CA PRO C 96 17.01 60.38 -36.52
C PRO C 96 17.65 59.18 -37.23
N GLU C 97 18.58 58.48 -36.55
CA GLU C 97 19.36 57.38 -37.15
C GLU C 97 18.67 56.00 -36.98
N ALA C 98 17.44 55.97 -36.45
CA ALA C 98 16.65 54.73 -36.38
C ALA C 98 16.09 54.34 -37.77
N ASP C 99 15.93 53.04 -37.95
CA ASP C 99 15.42 52.44 -39.16
C ASP C 99 14.00 51.98 -38.95
N THR C 100 13.29 51.70 -40.02
CA THR C 100 11.98 51.08 -39.96
C THR C 100 12.15 49.56 -40.11
N VAL C 101 11.56 48.80 -39.19
CA VAL C 101 11.67 47.33 -39.20
C VAL C 101 10.29 46.72 -38.90
N VAL C 102 10.10 45.49 -39.32
CA VAL C 102 8.84 44.75 -39.09
C VAL C 102 8.88 44.11 -37.68
N VAL C 103 7.84 44.31 -36.89
CA VAL C 103 7.62 43.57 -35.65
C VAL C 103 6.44 42.63 -35.89
N PRO C 104 6.49 41.35 -35.51
CA PRO C 104 7.60 40.70 -34.76
C PRO C 104 8.81 40.29 -35.60
N SER C 105 10.00 40.33 -34.99
CA SER C 105 11.25 39.87 -35.63
C SER C 105 12.32 39.63 -34.58
N ASN C 106 13.42 39.00 -34.98
CA ASN C 106 14.67 38.94 -34.19
C ASN C 106 15.65 39.93 -34.81
N TRP C 107 16.41 40.67 -34.02
CA TRP C 107 17.20 41.71 -34.70
C TRP C 107 18.45 41.11 -35.40
N GLN C 108 18.88 39.90 -35.03
CA GLN C 108 20.03 39.22 -35.66
C GLN C 108 19.69 38.86 -37.12
N MET C 109 18.41 38.68 -37.43
CA MET C 109 17.99 38.33 -38.79
C MET C 109 18.01 39.57 -39.70
N HIS C 110 18.18 40.78 -39.14
CA HIS C 110 18.27 41.98 -39.99
C HIS C 110 19.71 42.49 -40.08
N GLY C 111 20.63 41.79 -39.41
CA GLY C 111 22.06 42.07 -39.54
C GLY C 111 22.59 43.07 -38.52
N TYR C 112 22.00 43.19 -37.33
CA TYR C 112 22.53 44.16 -36.34
C TYR C 112 23.62 43.55 -35.46
N ASP C 113 23.53 42.25 -35.18
CA ASP C 113 24.67 41.47 -34.63
C ASP C 113 24.49 40.01 -34.95
N ALA C 114 25.43 39.16 -34.54
CA ALA C 114 25.42 37.78 -35.03
C ALA C 114 24.51 36.91 -34.16
N PRO C 115 23.78 35.97 -34.79
CA PRO C 115 23.17 34.88 -34.00
C PRO C 115 24.28 33.96 -33.46
N ILE C 116 24.10 33.37 -32.28
CA ILE C 116 25.15 32.52 -31.68
C ILE C 116 24.60 31.09 -31.56
N TYR C 117 25.27 30.08 -32.12
CA TYR C 117 24.81 28.70 -31.85
C TYR C 117 25.75 28.02 -30.86
N THR C 118 25.27 27.77 -29.64
CA THR C 118 26.05 27.04 -28.63
C THR C 118 25.14 25.97 -28.01
N ASN C 119 25.67 24.78 -27.73
CA ASN C 119 24.87 23.70 -27.17
C ASN C 119 24.83 23.86 -25.64
N VAL C 120 25.93 23.56 -24.94
CA VAL C 120 25.95 23.44 -23.48
C VAL C 120 26.55 24.73 -22.87
N THR C 121 27.77 25.11 -23.26
CA THR C 121 28.46 26.28 -22.72
C THR C 121 27.58 27.54 -22.84
N TYR C 122 27.36 28.27 -21.74
CA TYR C 122 26.59 29.57 -21.80
C TYR C 122 27.31 30.54 -22.74
N PRO C 123 26.54 31.34 -23.51
CA PRO C 123 27.19 32.28 -24.48
C PRO C 123 27.76 33.54 -23.79
N ILE C 124 27.82 33.56 -22.45
CA ILE C 124 28.37 34.68 -21.62
C ILE C 124 29.24 34.07 -20.50
N THR C 125 30.08 34.86 -19.83
CA THR C 125 30.85 34.35 -18.65
C THR C 125 29.87 33.86 -17.55
N VAL C 126 30.08 32.66 -17.01
CA VAL C 126 29.21 32.13 -15.94
C VAL C 126 29.57 32.81 -14.60
N ASN C 127 28.78 33.82 -14.22
CA ASN C 127 29.02 34.52 -12.96
C ASN C 127 27.65 34.92 -12.35
N PRO C 128 26.80 33.95 -12.04
CA PRO C 128 25.42 34.34 -11.68
C PRO C 128 25.40 35.21 -10.42
N PRO C 129 24.54 36.24 -10.37
CA PRO C 129 23.55 36.57 -11.45
C PRO C 129 23.99 37.69 -12.41
N PHE C 130 25.29 37.92 -12.54
CA PHE C 130 25.76 39.07 -13.30
C PHE C 130 25.83 38.73 -14.79
N VAL C 131 25.72 39.76 -15.61
CA VAL C 131 25.87 39.60 -17.03
C VAL C 131 26.92 40.61 -17.51
N PRO C 132 27.47 40.43 -18.73
CA PRO C 132 28.54 41.35 -19.20
C PRO C 132 28.05 42.81 -19.30
N THR C 133 28.95 43.78 -19.22
CA THR C 133 28.57 45.22 -19.36
C THR C 133 28.28 45.56 -20.84
N GLU C 134 28.96 44.86 -21.75
CA GLU C 134 28.67 44.86 -23.18
C GLU C 134 27.42 44.00 -23.45
N ASN C 135 26.24 44.59 -23.30
CA ASN C 135 24.93 43.88 -23.32
C ASN C 135 24.09 44.51 -24.44
N PRO C 136 24.19 44.00 -25.67
CA PRO C 136 23.52 44.62 -26.83
C PRO C 136 22.05 44.94 -26.50
N THR C 137 21.56 46.07 -27.00
CA THR C 137 20.31 46.67 -26.56
C THR C 137 19.51 47.09 -27.80
N GLY C 138 18.26 46.65 -27.90
CA GLY C 138 17.46 47.08 -29.04
C GLY C 138 16.41 48.07 -28.58
N CYS C 139 16.35 49.25 -29.20
CA CYS C 139 15.32 50.24 -28.83
C CYS C 139 14.23 50.29 -29.92
N TYR C 140 13.05 49.84 -29.55
CA TYR C 140 11.91 49.86 -30.46
C TYR C 140 10.99 51.01 -30.07
N SER C 141 10.24 51.54 -31.04
CA SER C 141 9.21 52.55 -30.73
C SER C 141 8.11 52.57 -31.78
N LEU C 142 6.92 52.93 -31.34
CA LEU C 142 5.76 52.98 -32.22
C LEU C 142 4.95 54.24 -31.88
N THR C 143 4.49 54.93 -32.90
CA THR C 143 3.49 56.00 -32.76
C THR C 143 2.14 55.44 -33.24
N PHE C 144 1.08 55.58 -32.43
CA PHE C 144 -0.24 54.96 -32.77
C PHE C 144 -1.38 55.87 -32.27
N ASN C 145 -2.56 55.69 -32.86
CA ASN C 145 -3.78 56.42 -32.48
C ASN C 145 -4.65 55.54 -31.56
N VAL C 146 -5.18 56.10 -30.47
CA VAL C 146 -6.21 55.40 -29.69
C VAL C 146 -7.54 56.15 -29.87
N ASP C 147 -8.60 55.41 -30.15
CA ASP C 147 -9.98 55.94 -30.22
C ASP C 147 -10.42 56.56 -28.88
N GLU C 148 -11.19 57.65 -28.96
CA GLU C 148 -11.66 58.41 -27.79
C GLU C 148 -12.53 57.55 -26.86
N SER C 149 -13.32 56.61 -27.41
CA SER C 149 -14.20 55.75 -26.60
C SER C 149 -13.41 54.82 -25.66
N TRP C 150 -12.13 54.60 -25.95
CA TRP C 150 -11.29 53.70 -25.14
C TRP C 150 -10.80 54.39 -23.85
N LEU C 151 -10.87 55.72 -23.80
CA LEU C 151 -10.32 56.47 -22.68
C LEU C 151 -11.41 56.97 -21.73
N GLN C 152 -12.66 56.99 -22.20
CA GLN C 152 -13.80 57.43 -21.40
C GLN C 152 -14.09 56.43 -20.26
N GLU C 153 -14.13 55.14 -20.59
CA GLU C 153 -14.44 54.10 -19.60
C GLU C 153 -13.61 52.84 -19.90
N GLY C 154 -13.43 52.03 -18.86
CA GLY C 154 -12.80 50.72 -18.98
C GLY C 154 -11.29 50.74 -18.82
N GLN C 155 -10.70 49.57 -18.99
CA GLN C 155 -9.28 49.38 -18.81
C GLN C 155 -8.64 49.09 -20.17
N THR C 156 -7.51 49.74 -20.48
CA THR C 156 -6.74 49.38 -21.68
C THR C 156 -5.41 48.74 -21.30
N ARG C 157 -5.11 47.57 -21.85
CA ARG C 157 -3.82 46.91 -21.52
C ARG C 157 -3.02 46.63 -22.80
N ILE C 158 -1.69 46.68 -22.69
CA ILE C 158 -0.82 46.20 -23.79
C ILE C 158 -0.33 44.79 -23.49
N ILE C 159 -0.23 43.95 -24.50
CA ILE C 159 0.21 42.56 -24.32
C ILE C 159 1.38 42.28 -25.24
N PHE C 160 2.53 41.91 -24.68
CA PHE C 160 3.67 41.41 -25.49
C PHE C 160 3.67 39.89 -25.41
N ASP C 161 3.43 39.19 -26.50
CA ASP C 161 3.42 37.73 -26.42
C ASP C 161 4.80 37.06 -26.17
N GLY C 162 5.91 37.72 -26.51
CA GLY C 162 7.24 37.20 -26.18
C GLY C 162 8.31 38.22 -26.52
N VAL C 163 9.21 38.48 -25.56
CA VAL C 163 10.30 39.42 -25.77
C VAL C 163 11.57 38.80 -25.22
N ASN C 164 12.67 38.83 -25.97
CA ASN C 164 13.84 38.08 -25.55
C ASN C 164 15.03 39.04 -25.32
N SER C 165 15.64 39.15 -24.13
CA SER C 165 15.32 38.35 -22.93
C SER C 165 14.63 39.15 -21.81
N ALA C 166 14.79 40.47 -21.76
CA ALA C 166 14.21 41.31 -20.68
C ALA C 166 13.95 42.70 -21.26
N PHE C 167 13.02 43.48 -20.70
CA PHE C 167 12.75 44.80 -21.30
C PHE C 167 12.14 45.78 -20.29
N HIS C 168 12.35 47.08 -20.51
CA HIS C 168 11.58 48.16 -19.86
C HIS C 168 10.63 48.77 -20.88
N LEU C 169 9.49 49.27 -20.45
CA LEU C 169 8.48 49.86 -21.31
C LEU C 169 8.16 51.29 -20.84
N TRP C 170 8.07 52.25 -21.77
CA TRP C 170 7.65 53.65 -21.48
C TRP C 170 6.44 53.94 -22.37
N CYS C 171 5.50 54.71 -21.85
CA CYS C 171 4.42 55.22 -22.69
C CYS C 171 4.36 56.74 -22.49
N ASN C 172 4.35 57.49 -23.59
CA ASN C 172 4.36 58.99 -23.58
C ASN C 172 5.45 59.55 -22.64
N GLY C 173 6.60 58.89 -22.60
CA GLY C 173 7.72 59.39 -21.80
C GLY C 173 7.74 58.86 -20.37
N ARG C 174 6.70 58.17 -19.92
CA ARG C 174 6.60 57.78 -18.52
C ARG C 174 6.81 56.26 -18.36
N TRP C 175 7.57 55.85 -17.37
CA TRP C 175 7.93 54.48 -17.21
C TRP C 175 6.72 53.64 -16.77
N VAL C 176 6.51 52.51 -17.44
CA VAL C 176 5.33 51.71 -17.16
C VAL C 176 5.73 50.48 -16.35
N GLY C 177 6.75 49.73 -16.78
CA GLY C 177 7.10 48.48 -16.09
C GLY C 177 8.26 47.74 -16.74
N TYR C 178 8.54 46.55 -16.24
CA TYR C 178 9.68 45.73 -16.59
C TYR C 178 9.21 44.27 -16.68
N GLY C 179 9.69 43.46 -17.64
CA GLY C 179 9.43 41.99 -17.58
C GLY C 179 10.64 41.14 -17.98
N GLN C 180 10.67 39.88 -17.54
CA GLN C 180 11.63 38.80 -17.96
C GLN C 180 10.85 37.54 -18.38
N ASP C 181 11.53 36.39 -18.63
CA ASP C 181 10.94 35.12 -19.30
C ASP C 181 10.45 35.35 -20.76
N SER C 182 11.29 34.94 -21.72
CA SER C 182 11.11 35.22 -23.16
C SER C 182 9.86 34.54 -23.75
N ARG C 183 9.22 33.60 -23.06
CA ARG C 183 8.37 32.69 -23.83
C ARG C 183 6.92 32.76 -23.37
N LEU C 184 6.60 33.65 -22.44
CA LEU C 184 5.23 33.80 -21.98
C LEU C 184 4.85 35.28 -22.12
N PRO C 185 3.55 35.57 -22.30
CA PRO C 185 3.09 36.96 -22.47
C PRO C 185 3.33 37.83 -21.23
N SER C 186 3.67 39.10 -21.43
CA SER C 186 3.74 40.11 -20.37
C SER C 186 2.66 41.17 -20.63
N GLU C 187 1.82 41.50 -19.64
CA GLU C 187 0.74 42.50 -19.85
C GLU C 187 0.87 43.65 -18.84
N PHE C 188 0.60 44.86 -19.29
CA PHE C 188 0.70 46.09 -18.48
C PHE C 188 -0.54 46.95 -18.73
N ASP C 189 -1.07 47.50 -17.64
CA ASP C 189 -2.17 48.47 -17.71
C ASP C 189 -1.71 49.82 -18.25
N LEU C 190 -2.32 50.30 -19.34
CA LEU C 190 -1.93 51.60 -19.92
C LEU C 190 -3.01 52.69 -19.73
N SER C 191 -4.03 52.46 -18.91
CA SER C 191 -5.20 53.38 -18.85
C SER C 191 -4.77 54.78 -18.41
N ALA C 192 -3.90 54.85 -17.41
CA ALA C 192 -3.40 56.11 -16.83
C ALA C 192 -2.30 56.78 -17.68
N PHE C 193 -1.92 56.24 -18.84
CA PHE C 193 -0.75 56.77 -19.59
C PHE C 193 -1.18 57.25 -20.97
N LEU C 194 -2.31 56.78 -21.48
CA LEU C 194 -2.73 57.08 -22.85
C LEU C 194 -3.50 58.42 -22.85
N ARG C 195 -3.44 59.09 -23.98
CA ARG C 195 -4.10 60.37 -24.21
C ARG C 195 -4.80 60.27 -25.56
N ALA C 196 -5.73 61.19 -25.85
CA ALA C 196 -6.45 61.17 -27.15
C ALA C 196 -5.53 61.72 -28.24
N GLY C 197 -5.58 61.10 -29.41
CA GLY C 197 -4.69 61.46 -30.52
C GLY C 197 -3.50 60.53 -30.62
N GLU C 198 -2.29 61.10 -30.71
CA GLU C 198 -1.04 60.37 -30.95
C GLU C 198 -0.43 59.93 -29.62
N ASN C 199 0.01 58.67 -29.58
CA ASN C 199 0.72 58.12 -28.43
C ASN C 199 2.05 57.53 -28.93
N ARG C 200 3.03 57.46 -28.04
CA ARG C 200 4.30 56.80 -28.41
C ARG C 200 4.66 55.76 -27.34
N LEU C 201 4.90 54.52 -27.76
CA LEU C 201 5.49 53.49 -26.89
C LEU C 201 7.00 53.44 -27.15
N ALA C 202 7.77 53.23 -26.10
CA ALA C 202 9.20 52.96 -26.24
C ALA C 202 9.50 51.64 -25.49
N VAL C 203 10.21 50.70 -26.10
CA VAL C 203 10.54 49.41 -25.43
C VAL C 203 12.05 49.21 -25.54
N MET C 204 12.77 49.10 -24.44
CA MET C 204 14.21 48.85 -24.50
C MET C 204 14.46 47.38 -24.20
N VAL C 205 15.01 46.60 -25.14
CA VAL C 205 15.13 45.12 -24.94
C VAL C 205 16.60 44.76 -24.71
N LEU C 206 16.92 44.05 -23.67
CA LEU C 206 18.30 43.60 -23.42
C LEU C 206 18.49 42.17 -23.94
N ARG C 207 19.64 41.90 -24.52
CA ARG C 207 19.98 40.54 -24.95
C ARG C 207 20.20 39.63 -23.73
N TRP C 208 20.96 40.07 -22.72
CA TRP C 208 21.29 39.21 -21.59
C TRP C 208 20.61 39.74 -20.33
N SER C 209 20.20 38.83 -19.45
CA SER C 209 19.70 39.18 -18.13
C SER C 209 19.93 37.99 -17.21
N ASP C 210 19.70 38.16 -15.92
CA ASP C 210 19.74 37.02 -15.03
C ASP C 210 18.74 35.91 -15.44
N GLY C 211 17.72 36.24 -16.23
CA GLY C 211 16.84 35.21 -16.80
C GLY C 211 17.56 34.29 -17.77
N SER C 212 18.65 34.75 -18.39
CA SER C 212 19.48 33.98 -19.36
C SER C 212 20.08 32.73 -18.70
N TYR C 213 20.36 32.77 -17.39
CA TYR C 213 20.90 31.60 -16.67
C TYR C 213 19.89 30.44 -16.70
N LEU C 214 18.61 30.74 -16.94
CA LEU C 214 17.59 29.70 -16.93
C LEU C 214 17.22 29.30 -18.36
N GLU C 215 17.90 29.82 -19.37
CA GLU C 215 17.47 29.64 -20.76
C GLU C 215 18.65 29.10 -21.58
N ASP C 216 19.27 28.02 -21.13
CA ASP C 216 20.45 27.48 -21.82
C ASP C 216 20.11 26.31 -22.77
N GLN C 217 18.98 26.37 -23.49
CA GLN C 217 18.58 25.32 -24.45
C GLN C 217 19.57 25.26 -25.62
N ASP C 218 19.75 24.10 -26.21
CA ASP C 218 20.62 23.86 -27.38
C ASP C 218 19.93 24.37 -28.66
N MET C 219 20.18 25.64 -29.00
CA MET C 219 19.48 26.33 -30.10
C MET C 219 20.20 27.65 -30.39
N TRP C 220 19.90 28.29 -31.52
CA TRP C 220 20.39 29.65 -31.82
C TRP C 220 20.01 30.59 -30.69
N ARG C 221 20.96 31.42 -30.23
CA ARG C 221 20.60 32.44 -29.22
C ARG C 221 20.33 33.75 -29.95
N MET C 222 19.08 34.18 -29.95
CA MET C 222 18.65 35.39 -30.70
C MET C 222 17.90 36.34 -29.76
N SER C 223 17.47 37.51 -30.22
CA SER C 223 16.79 38.44 -29.29
C SER C 223 15.81 39.36 -30.03
N GLY C 224 14.91 40.03 -29.29
CA GLY C 224 14.04 41.09 -29.86
C GLY C 224 12.58 40.85 -29.54
N ILE C 225 11.68 41.58 -30.19
CA ILE C 225 10.27 41.39 -29.97
C ILE C 225 9.77 40.37 -31.01
N PHE C 226 9.75 39.08 -30.67
CA PHE C 226 9.63 38.03 -31.69
C PHE C 226 8.24 37.38 -31.69
N ARG C 227 7.31 37.79 -30.84
CA ARG C 227 5.90 37.32 -30.98
C ARG C 227 5.00 38.57 -31.00
N ASP C 228 3.71 38.40 -31.27
CA ASP C 228 2.78 39.52 -31.50
C ASP C 228 2.68 40.56 -30.37
N VAL C 229 2.26 41.78 -30.72
CA VAL C 229 1.98 42.83 -29.74
C VAL C 229 0.53 43.29 -29.92
N SER C 230 -0.28 43.35 -28.84
CA SER C 230 -1.72 43.75 -28.96
C SER C 230 -2.11 44.80 -27.91
N LEU C 231 -3.20 45.53 -28.18
CA LEU C 231 -3.95 46.27 -27.15
C LEU C 231 -5.27 45.54 -26.86
N LEU C 232 -5.69 45.50 -25.60
CA LEU C 232 -6.98 44.87 -25.28
C LEU C 232 -7.79 45.84 -24.41
N HIS C 233 -9.04 46.06 -24.78
CA HIS C 233 -9.93 46.94 -24.01
C HIS C 233 -10.92 46.10 -23.21
N LYS C 234 -10.92 46.23 -21.89
CA LYS C 234 -11.93 45.52 -21.08
C LYS C 234 -12.78 46.54 -20.32
N PRO C 235 -14.03 46.16 -19.96
CA PRO C 235 -14.78 47.04 -19.04
C PRO C 235 -14.21 46.97 -17.62
N THR C 236 -14.56 47.96 -16.79
CA THR C 236 -13.97 48.06 -15.44
C THR C 236 -14.39 46.86 -14.56
N THR C 237 -15.64 46.41 -14.72
CA THR C 237 -16.14 45.17 -14.13
C THR C 237 -16.01 44.07 -15.21
N GLN C 238 -15.17 43.07 -14.96
CA GLN C 238 -14.69 42.20 -16.05
C GLN C 238 -14.57 40.75 -15.57
N ILE C 239 -14.55 39.79 -16.49
CA ILE C 239 -14.12 38.41 -16.18
C ILE C 239 -12.59 38.42 -16.10
N SER C 240 -12.02 37.98 -15.00
CA SER C 240 -10.55 38.10 -14.87
C SER C 240 -9.85 36.74 -15.06
N ASP C 241 -10.58 35.64 -14.90
CA ASP C 241 -10.06 34.30 -15.09
C ASP C 241 -11.23 33.32 -15.22
N PHE C 242 -11.06 32.22 -15.96
CA PHE C 242 -12.02 31.11 -15.90
C PHE C 242 -11.33 29.77 -16.18
N HIS C 243 -11.81 28.70 -15.55
CA HIS C 243 -11.23 27.38 -15.73
C HIS C 243 -12.35 26.41 -16.07
N VAL C 244 -12.01 25.46 -16.92
CA VAL C 244 -12.93 24.43 -17.37
C VAL C 244 -12.37 23.05 -16.98
N ALA C 245 -13.24 22.18 -16.46
CA ALA C 245 -12.89 20.81 -16.02
C ALA C 245 -14.03 19.86 -16.38
N THR C 246 -13.70 18.62 -16.68
CA THR C 246 -14.65 17.62 -17.13
C THR C 246 -14.46 16.35 -16.29
N ARG C 247 -15.54 15.86 -15.70
CA ARG C 247 -15.53 14.66 -14.85
C ARG C 247 -16.45 13.61 -15.50
N PHE C 248 -16.16 12.32 -15.40
CA PHE C 248 -16.95 11.29 -16.15
C PHE C 248 -17.45 10.17 -15.23
N ASN C 249 -18.48 9.44 -15.68
CA ASN C 249 -18.89 8.16 -15.08
C ASN C 249 -17.95 7.04 -15.60
N ASP C 250 -18.03 5.85 -15.00
CA ASP C 250 -17.15 4.69 -15.33
C ASP C 250 -17.04 4.31 -16.82
N ASP C 251 -18.06 4.60 -17.63
CA ASP C 251 -18.07 4.22 -19.03
C ASP C 251 -18.14 5.39 -20.03
N PHE C 252 -17.93 6.62 -19.53
CA PHE C 252 -17.82 7.83 -20.38
C PHE C 252 -19.15 8.10 -21.11
N SER C 253 -20.28 7.70 -20.52
CA SER C 253 -21.59 7.98 -21.12
C SER C 253 -22.25 9.23 -20.49
N ARG C 254 -21.77 9.68 -19.34
CA ARG C 254 -22.26 10.94 -18.74
C ARG C 254 -21.05 11.79 -18.32
N ALA C 255 -21.08 13.07 -18.62
CA ALA C 255 -20.03 14.00 -18.16
C ALA C 255 -20.64 15.17 -17.36
N VAL C 256 -19.84 15.75 -16.49
CA VAL C 256 -20.14 17.06 -15.87
C VAL C 256 -19.08 18.06 -16.33
N LEU C 257 -19.49 19.14 -16.99
CA LEU C 257 -18.58 20.27 -17.21
C LEU C 257 -18.65 21.21 -16.01
N GLU C 258 -17.53 21.44 -15.37
CA GLU C 258 -17.44 22.36 -14.22
C GLU C 258 -16.66 23.61 -14.65
N ALA C 259 -17.30 24.76 -14.61
CA ALA C 259 -16.64 26.02 -14.96
C ALA C 259 -16.52 26.88 -13.71
N GLU C 260 -15.32 27.37 -13.44
CA GLU C 260 -15.12 28.32 -12.37
C GLU C 260 -14.83 29.68 -13.01
N VAL C 261 -15.53 30.74 -12.59
CA VAL C 261 -15.33 32.06 -13.18
C VAL C 261 -14.97 33.04 -12.06
N GLN C 262 -14.01 33.94 -12.32
CA GLN C 262 -13.64 34.97 -11.34
C GLN C 262 -13.80 36.35 -11.97
N MET C 263 -14.21 37.33 -11.20
CA MET C 263 -14.37 38.67 -11.71
C MET C 263 -13.48 39.67 -10.93
N CYS C 264 -13.23 40.82 -11.53
CA CYS C 264 -12.56 41.97 -10.91
C CYS C 264 -13.47 43.20 -11.07
N GLY C 265 -13.29 44.20 -10.22
CA GLY C 265 -14.18 45.37 -10.20
C GLY C 265 -15.20 45.28 -9.07
N GLU C 266 -16.24 46.10 -9.16
CA GLU C 266 -17.18 46.31 -8.05
C GLU C 266 -18.30 45.27 -8.09
N LEU C 267 -18.47 44.54 -6.99
CA LEU C 267 -19.52 43.53 -6.87
C LEU C 267 -20.87 44.22 -6.62
N ARG C 268 -21.87 43.83 -7.41
CA ARG C 268 -23.24 44.31 -7.28
C ARG C 268 -24.16 43.09 -7.21
N ASP C 269 -25.34 43.26 -6.62
CA ASP C 269 -26.32 42.17 -6.49
C ASP C 269 -26.90 41.71 -7.82
N TYR C 270 -26.95 42.61 -8.81
CA TYR C 270 -27.59 42.31 -10.09
C TYR C 270 -26.65 41.58 -11.07
N LEU C 271 -25.35 41.42 -10.78
CA LEU C 271 -24.42 40.72 -11.71
C LEU C 271 -24.74 39.22 -11.74
N ARG C 272 -24.62 38.63 -12.93
CA ARG C 272 -24.84 37.20 -13.16
C ARG C 272 -23.81 36.68 -14.17
N VAL C 273 -23.50 35.38 -14.10
CA VAL C 273 -22.68 34.69 -15.08
C VAL C 273 -23.50 33.56 -15.71
N THR C 274 -23.45 33.47 -17.02
CA THR C 274 -24.04 32.35 -17.75
C THR C 274 -22.93 31.60 -18.50
N VAL C 275 -22.92 30.28 -18.42
CA VAL C 275 -22.04 29.48 -19.26
C VAL C 275 -22.93 28.60 -20.15
N SER C 276 -22.75 28.70 -21.46
CA SER C 276 -23.48 27.81 -22.39
C SER C 276 -22.49 26.96 -23.17
N LEU C 277 -22.92 25.77 -23.57
CA LEU C 277 -22.06 24.87 -24.30
C LEU C 277 -22.69 24.55 -25.66
N TRP C 278 -21.92 24.72 -26.72
CA TRP C 278 -22.46 24.61 -28.07
C TRP C 278 -21.74 23.48 -28.81
N GLN C 279 -22.49 22.70 -29.59
CA GLN C 279 -21.90 21.78 -30.55
C GLN C 279 -22.34 22.21 -31.94
N GLY C 280 -21.46 22.88 -32.65
CA GLY C 280 -21.83 23.55 -33.87
C GLY C 280 -22.81 24.68 -33.62
N GLU C 281 -24.07 24.45 -34.00
CA GLU C 281 -25.11 25.49 -33.96
C GLU C 281 -26.15 25.17 -32.87
N THR C 282 -26.00 23.99 -32.28
CA THR C 282 -26.95 23.50 -31.31
C THR C 282 -26.44 23.78 -29.88
N GLN C 283 -27.24 24.47 -29.07
CA GLN C 283 -26.93 24.55 -27.64
C GLN C 283 -27.26 23.22 -26.96
N VAL C 284 -26.34 22.75 -26.14
CA VAL C 284 -26.31 21.39 -25.61
C VAL C 284 -26.48 21.44 -24.09
N ALA C 285 -26.03 22.54 -23.45
CA ALA C 285 -26.15 22.72 -21.99
C ALA C 285 -26.02 24.22 -21.69
N SER C 286 -26.49 24.62 -20.49
CA SER C 286 -26.50 26.03 -20.06
C SER C 286 -26.75 26.11 -18.55
N GLY C 287 -26.15 27.10 -17.92
CA GLY C 287 -26.31 27.37 -16.47
C GLY C 287 -26.09 28.85 -16.17
N THR C 288 -26.75 29.35 -15.14
CA THR C 288 -26.69 30.78 -14.73
C THR C 288 -26.53 30.80 -13.21
N ALA C 289 -25.86 31.82 -12.67
CA ALA C 289 -25.76 31.97 -11.20
C ALA C 289 -25.34 33.40 -10.86
N PRO C 290 -25.67 33.88 -9.64
CA PRO C 290 -25.01 35.11 -9.07
C PRO C 290 -23.60 34.78 -8.53
N PHE C 291 -22.78 35.79 -8.26
CA PHE C 291 -21.47 35.57 -7.62
C PHE C 291 -21.63 35.12 -6.17
N GLY C 292 -20.66 34.33 -5.71
CA GLY C 292 -20.60 33.81 -4.34
C GLY C 292 -20.30 32.32 -4.32
N GLY C 293 -19.02 31.97 -4.08
CA GLY C 293 -18.57 30.58 -3.85
C GLY C 293 -19.17 29.98 -2.57
N GLU C 294 -19.08 28.64 -2.47
CA GLU C 294 -19.34 27.88 -1.22
C GLU C 294 -18.29 28.28 -0.16
N ILE C 295 -18.65 28.08 1.12
CA ILE C 295 -17.74 28.28 2.25
C ILE C 295 -16.50 27.39 2.05
N ILE C 296 -15.33 27.99 2.26
CA ILE C 296 -14.03 27.38 1.98
C ILE C 296 -13.35 27.11 3.33
N ASP C 297 -13.50 28.04 4.28
CA ASP C 297 -12.86 27.97 5.60
C ASP C 297 -13.59 28.83 6.65
N GLU C 298 -12.93 29.06 7.79
CA GLU C 298 -13.51 29.77 8.97
C GLU C 298 -13.88 31.23 8.64
N ARG C 299 -13.28 31.82 7.61
CA ARG C 299 -13.55 33.25 7.28
C ARG C 299 -14.60 33.39 6.16
N GLY C 300 -15.09 32.29 5.58
CA GLY C 300 -16.16 32.35 4.57
C GLY C 300 -15.71 31.77 3.25
N GLY C 301 -16.12 32.40 2.14
CA GLY C 301 -15.78 31.95 0.77
C GLY C 301 -15.43 33.11 -0.14
N TYR C 302 -15.26 32.85 -1.45
CA TYR C 302 -14.91 33.93 -2.40
C TYR C 302 -16.18 34.60 -2.92
N ALA C 303 -16.36 35.88 -2.57
CA ALA C 303 -17.54 36.64 -2.98
C ALA C 303 -17.48 36.93 -4.50
N ASP C 304 -16.29 36.95 -5.08
CA ASP C 304 -16.03 37.34 -6.46
C ASP C 304 -15.77 36.13 -7.36
N ARG C 305 -16.37 34.97 -7.06
CA ARG C 305 -16.18 33.75 -7.84
C ARG C 305 -17.50 32.99 -7.89
N VAL C 306 -17.65 32.15 -8.90
CA VAL C 306 -18.85 31.32 -8.99
C VAL C 306 -18.48 30.06 -9.77
N THR C 307 -19.05 28.92 -9.38
CA THR C 307 -18.88 27.65 -10.09
C THR C 307 -20.21 27.18 -10.69
N LEU C 308 -20.25 27.00 -12.02
CA LEU C 308 -21.40 26.36 -12.70
C LEU C 308 -21.09 24.88 -12.97
N ARG C 309 -22.07 23.99 -12.78
CA ARG C 309 -21.98 22.57 -13.21
C ARG C 309 -23.03 22.27 -14.27
N LEU C 310 -22.58 21.80 -15.43
CA LEU C 310 -23.44 21.51 -16.57
C LEU C 310 -23.40 20.00 -16.85
N ASN C 311 -24.55 19.34 -16.95
CA ASN C 311 -24.59 17.89 -17.27
C ASN C 311 -24.65 17.70 -18.79
N VAL C 312 -23.90 16.72 -19.29
CA VAL C 312 -23.87 16.42 -20.72
C VAL C 312 -24.04 14.91 -20.86
N GLU C 313 -25.04 14.48 -21.63
CA GLU C 313 -25.31 13.03 -21.86
C GLU C 313 -24.64 12.60 -23.17
N ASN C 314 -23.94 11.45 -23.14
CA ASN C 314 -23.28 10.88 -24.36
C ASN C 314 -22.39 11.96 -25.03
N PRO C 315 -21.47 12.58 -24.26
CA PRO C 315 -20.61 13.61 -24.93
C PRO C 315 -19.72 12.96 -25.99
N LYS C 316 -19.41 13.67 -27.05
CA LYS C 316 -18.45 13.15 -28.03
C LYS C 316 -17.05 13.41 -27.47
N LEU C 317 -16.24 12.37 -27.34
CA LEU C 317 -14.97 12.44 -26.65
C LEU C 317 -13.86 12.98 -27.57
N TRP C 318 -12.96 13.82 -27.03
CA TRP C 318 -11.81 14.33 -27.81
C TRP C 318 -10.70 13.27 -27.79
N SER C 319 -10.05 13.02 -28.91
CA SER C 319 -8.75 12.29 -28.91
C SER C 319 -7.94 12.74 -30.13
N ALA C 320 -6.69 12.29 -30.28
CA ALA C 320 -5.93 12.68 -31.48
C ALA C 320 -6.51 12.00 -32.74
N GLU C 321 -7.09 10.81 -32.63
CA GLU C 321 -7.76 10.12 -33.73
C GLU C 321 -9.02 10.90 -34.16
N ILE C 322 -9.88 11.33 -33.22
CA ILE C 322 -11.15 12.04 -33.55
C ILE C 322 -11.27 13.29 -32.67
N PRO C 323 -10.80 14.42 -33.17
CA PRO C 323 -10.76 15.60 -32.29
C PRO C 323 -12.09 16.37 -32.17
N ASN C 324 -13.11 15.76 -31.55
CA ASN C 324 -14.44 16.41 -31.35
C ASN C 324 -14.34 17.59 -30.37
N LEU C 325 -14.76 18.79 -30.78
CA LEU C 325 -14.69 19.96 -29.88
C LEU C 325 -16.10 20.52 -29.63
N TYR C 326 -16.29 21.10 -28.46
CA TYR C 326 -17.48 21.91 -28.19
C TYR C 326 -17.02 23.36 -28.02
N ARG C 327 -17.95 24.30 -27.97
CA ARG C 327 -17.61 25.68 -27.74
C ARG C 327 -18.27 26.14 -26.43
N ALA C 328 -17.48 26.62 -25.46
CA ALA C 328 -18.06 27.13 -24.20
C ALA C 328 -18.09 28.65 -24.28
N VAL C 329 -19.25 29.27 -24.02
CA VAL C 329 -19.31 30.75 -24.00
C VAL C 329 -19.59 31.18 -22.56
N VAL C 330 -18.82 32.13 -22.04
CA VAL C 330 -19.00 32.61 -20.68
C VAL C 330 -19.45 34.06 -20.74
N GLU C 331 -20.66 34.37 -20.27
CA GLU C 331 -21.15 35.77 -20.38
C GLU C 331 -21.26 36.41 -18.97
N LEU C 332 -20.74 37.62 -18.82
CA LEU C 332 -21.02 38.42 -17.63
C LEU C 332 -22.14 39.40 -18.00
N HIS C 333 -23.26 39.36 -17.29
CA HIS C 333 -24.43 40.20 -17.66
C HIS C 333 -25.20 40.64 -16.41
N THR C 334 -26.20 41.51 -16.59
CA THR C 334 -27.05 41.98 -15.45
C THR C 334 -28.28 41.06 -15.35
N ALA C 335 -29.04 41.17 -14.26
CA ALA C 335 -30.23 40.30 -14.04
C ALA C 335 -31.31 40.57 -15.11
N ASP C 336 -31.49 41.83 -15.51
CA ASP C 336 -32.37 42.19 -16.65
C ASP C 336 -31.88 41.74 -18.06
N GLY C 337 -30.61 41.38 -18.19
CA GLY C 337 -30.09 40.66 -19.38
C GLY C 337 -29.25 41.52 -20.31
N THR C 338 -28.70 42.63 -19.80
CA THR C 338 -27.74 43.45 -20.56
C THR C 338 -26.34 42.82 -20.46
N LEU C 339 -25.73 42.51 -21.61
CA LEU C 339 -24.42 41.85 -21.65
C LEU C 339 -23.28 42.85 -21.34
N ILE C 340 -22.38 42.45 -20.45
CA ILE C 340 -21.25 43.29 -20.09
C ILE C 340 -20.02 42.83 -20.89
N GLU C 341 -19.64 41.55 -20.80
CA GLU C 341 -18.65 41.01 -21.75
C GLU C 341 -18.77 39.47 -21.88
N ALA C 342 -18.26 38.93 -22.98
CA ALA C 342 -18.25 37.48 -23.16
C ALA C 342 -16.79 37.01 -23.39
N GLU C 343 -16.51 35.78 -23.01
CA GLU C 343 -15.25 35.13 -23.32
C GLU C 343 -15.60 33.71 -23.73
N ALA C 344 -14.69 33.01 -24.39
CA ALA C 344 -15.04 31.71 -24.93
C ALA C 344 -13.77 30.87 -25.08
N CYS C 345 -13.92 29.56 -25.05
CA CYS C 345 -12.84 28.68 -25.47
C CYS C 345 -13.42 27.40 -26.11
N ASP C 346 -12.55 26.62 -26.78
CA ASP C 346 -12.87 25.28 -27.28
C ASP C 346 -12.69 24.29 -26.18
N VAL C 347 -13.61 23.34 -26.06
CA VAL C 347 -13.61 22.37 -24.94
C VAL C 347 -13.55 20.98 -25.58
N GLY C 348 -12.69 20.12 -25.06
CA GLY C 348 -12.71 18.73 -25.44
C GLY C 348 -12.97 17.89 -24.22
N PHE C 349 -13.82 16.88 -24.34
CA PHE C 349 -14.05 16.03 -23.24
C PHE C 349 -13.05 14.88 -23.33
N ARG C 350 -12.12 14.80 -22.38
CA ARG C 350 -11.22 13.65 -22.30
C ARG C 350 -10.68 13.52 -20.88
N GLU C 351 -10.32 12.32 -20.49
CA GLU C 351 -9.74 12.11 -19.16
C GLU C 351 -8.34 11.51 -19.33
N VAL C 352 -7.33 12.15 -18.74
CA VAL C 352 -5.97 11.60 -18.77
C VAL C 352 -5.65 11.05 -17.38
N ARG C 353 -5.22 9.80 -17.26
CA ARG C 353 -4.79 9.40 -15.89
C ARG C 353 -3.80 8.23 -15.89
N ILE C 354 -3.07 8.11 -14.79
CA ILE C 354 -2.22 6.97 -14.59
C ILE C 354 -2.91 5.99 -13.62
N GLU C 355 -3.14 4.79 -14.11
CA GLU C 355 -3.84 3.77 -13.35
C GLU C 355 -3.08 2.46 -13.51
N ASN C 356 -2.62 1.90 -12.39
CA ASN C 356 -1.95 0.62 -12.33
C ASN C 356 -0.76 0.61 -13.31
N GLY C 357 0.06 1.65 -13.27
CA GLY C 357 1.30 1.71 -14.06
C GLY C 357 1.10 2.07 -15.52
N LEU C 358 -0.13 2.35 -16.01
CA LEU C 358 -0.36 2.68 -17.44
C LEU C 358 -0.91 4.11 -17.57
N LEU C 359 -0.52 4.84 -18.60
CA LEU C 359 -1.14 6.15 -18.91
C LEU C 359 -2.36 5.92 -19.81
N LEU C 360 -3.55 6.26 -19.32
CA LEU C 360 -4.82 5.99 -20.06
C LEU C 360 -5.38 7.31 -20.58
N LEU C 361 -5.85 7.35 -21.82
CA LEU C 361 -6.77 8.40 -22.27
C LEU C 361 -8.16 7.79 -22.48
N ASN C 362 -9.21 8.39 -21.89
CA ASN C 362 -10.60 7.91 -22.02
C ASN C 362 -10.66 6.39 -21.75
N GLY C 363 -9.97 5.91 -20.71
CA GLY C 363 -9.99 4.50 -20.35
C GLY C 363 -9.08 3.59 -21.19
N LYS C 364 -8.40 4.05 -22.24
CA LYS C 364 -7.55 3.13 -23.04
C LYS C 364 -6.05 3.50 -22.93
N PRO C 365 -5.14 2.51 -22.95
CA PRO C 365 -3.67 2.79 -22.87
C PRO C 365 -3.10 3.47 -24.12
N LEU C 366 -2.51 4.65 -23.98
CA LEU C 366 -1.91 5.37 -25.13
C LEU C 366 -0.67 4.66 -25.66
N LEU C 367 -0.42 4.78 -26.96
CA LEU C 367 0.91 4.52 -27.53
C LEU C 367 1.37 5.81 -28.23
N ILE C 368 2.34 6.51 -27.63
CA ILE C 368 2.79 7.84 -28.08
C ILE C 368 3.70 7.69 -29.31
N ARG C 369 3.28 8.27 -30.43
CA ARG C 369 4.11 8.38 -31.63
C ARG C 369 4.52 9.85 -31.72
N GLY C 370 5.54 10.26 -30.98
CA GLY C 370 5.78 11.65 -30.75
C GLY C 370 7.04 12.16 -31.41
N VAL C 371 7.13 13.47 -31.55
CA VAL C 371 8.37 14.11 -31.97
C VAL C 371 8.60 15.38 -31.13
N ASN C 372 9.86 15.74 -30.92
CA ASN C 372 10.21 17.04 -30.30
C ASN C 372 10.19 18.11 -31.40
N ARG C 373 9.58 19.26 -31.15
CA ARG C 373 9.61 20.33 -32.15
C ARG C 373 10.05 21.67 -31.53
N HIS C 374 11.07 22.31 -32.11
CA HIS C 374 11.48 23.73 -31.82
C HIS C 374 10.73 24.67 -32.75
N GLU C 375 10.51 25.91 -32.31
CA GLU C 375 9.95 26.98 -33.18
C GLU C 375 11.07 27.59 -34.04
N HIS C 376 11.22 27.16 -35.29
CA HIS C 376 12.39 27.59 -36.07
C HIS C 376 11.98 27.82 -37.52
N HIS C 377 12.47 28.91 -38.08
CA HIS C 377 12.24 29.22 -39.48
C HIS C 377 13.57 29.69 -40.09
N PRO C 378 13.98 29.12 -41.23
CA PRO C 378 15.32 29.49 -41.75
C PRO C 378 15.46 30.96 -42.17
N LEU C 379 14.37 31.65 -42.51
CA LEU C 379 14.47 33.10 -42.86
C LEU C 379 14.15 34.01 -41.66
N HIS C 380 13.18 33.62 -40.84
CA HIS C 380 12.63 34.52 -39.83
C HIS C 380 13.14 34.18 -38.42
N GLY C 381 14.00 33.16 -38.29
CA GLY C 381 14.58 32.83 -37.00
C GLY C 381 13.53 32.21 -36.09
N GLN C 382 13.22 32.85 -34.99
CA GLN C 382 12.33 32.23 -34.02
C GLN C 382 10.91 32.81 -34.12
N VAL C 383 10.61 33.53 -35.21
CA VAL C 383 9.26 34.07 -35.46
C VAL C 383 8.39 32.99 -36.13
N MET C 384 7.29 32.60 -35.49
CA MET C 384 6.35 31.56 -36.01
C MET C 384 5.12 32.23 -36.61
N ASP C 385 4.62 31.68 -37.70
CA ASP C 385 3.35 32.17 -38.31
C ASP C 385 2.36 31.02 -38.52
N GLU C 386 1.10 31.33 -38.79
CA GLU C 386 0.04 30.30 -38.95
C GLU C 386 0.40 29.29 -40.06
N GLN C 387 0.92 29.79 -41.18
CA GLN C 387 1.15 28.98 -42.38
C GLN C 387 2.20 27.89 -42.09
N THR C 388 3.26 28.24 -41.39
CA THR C 388 4.30 27.28 -41.04
C THR C 388 3.80 26.28 -39.99
N MET C 389 3.03 26.75 -39.02
CA MET C 389 2.47 25.85 -38.02
C MET C 389 1.59 24.80 -38.72
N VAL C 390 0.71 25.23 -39.64
CA VAL C 390 -0.21 24.31 -40.33
C VAL C 390 0.58 23.32 -41.20
N GLN C 391 1.61 23.80 -41.90
CA GLN C 391 2.45 22.93 -42.70
C GLN C 391 3.08 21.82 -41.83
N ASP C 392 3.65 22.16 -40.67
CA ASP C 392 4.20 21.16 -39.74
C ASP C 392 3.19 20.11 -39.27
N ILE C 393 1.97 20.55 -38.92
CA ILE C 393 0.98 19.64 -38.34
C ILE C 393 0.53 18.65 -39.41
N LEU C 394 0.27 19.12 -40.64
CA LEU C 394 -0.12 18.23 -41.75
C LEU C 394 0.97 17.19 -42.00
N LEU C 395 2.23 17.61 -42.13
CA LEU C 395 3.33 16.66 -42.38
C LEU C 395 3.46 15.67 -41.22
N MET C 396 3.31 16.13 -39.98
CA MET C 396 3.40 15.22 -38.83
C MET C 396 2.31 14.14 -38.94
N LYS C 397 1.05 14.52 -39.15
CA LYS C 397 -0.04 13.55 -39.18
C LYS C 397 0.04 12.63 -40.41
N GLN C 398 0.55 13.13 -41.54
CA GLN C 398 0.70 12.33 -42.76
C GLN C 398 1.81 11.28 -42.58
N ASN C 399 2.61 11.39 -41.54
CA ASN C 399 3.69 10.49 -41.30
C ASN C 399 3.42 9.68 -40.03
N ASN C 400 2.17 9.61 -39.62
CA ASN C 400 1.75 8.75 -38.51
C ASN C 400 2.28 9.27 -37.16
N PHE C 401 2.54 10.57 -36.98
CA PHE C 401 2.76 11.10 -35.59
C PHE C 401 1.42 11.44 -34.92
N ASN C 402 1.27 11.18 -33.62
CA ASN C 402 0.06 11.61 -32.87
C ASN C 402 0.45 12.58 -31.75
N ALA C 403 1.72 12.94 -31.56
CA ALA C 403 2.08 13.68 -30.31
C ALA C 403 3.27 14.59 -30.57
N VAL C 404 3.31 15.72 -29.88
CA VAL C 404 4.44 16.62 -30.01
C VAL C 404 4.90 17.13 -28.64
N ARG C 405 6.22 17.23 -28.45
CA ARG C 405 6.79 17.76 -27.20
C ARG C 405 7.30 19.18 -27.50
N CYS C 406 6.87 20.15 -26.71
CA CYS C 406 7.29 21.58 -26.91
C CYS C 406 8.72 21.78 -26.40
N SER C 407 9.73 21.35 -27.13
CA SER C 407 11.10 21.45 -26.62
C SER C 407 11.64 22.88 -26.81
N HIS C 408 12.05 23.60 -25.77
CA HIS C 408 11.82 23.28 -24.35
C HIS C 408 11.25 24.56 -23.70
N TYR C 409 10.06 24.99 -24.09
CA TYR C 409 9.49 26.28 -23.63
C TYR C 409 8.04 26.33 -24.09
N PRO C 410 7.23 27.20 -23.49
CA PRO C 410 5.84 27.33 -24.03
C PRO C 410 5.80 27.90 -25.46
N ASN C 411 4.89 27.41 -26.26
CA ASN C 411 4.83 27.82 -27.67
C ASN C 411 3.98 29.09 -27.81
N HIS C 412 4.01 29.64 -29.01
CA HIS C 412 3.07 30.61 -29.50
C HIS C 412 1.64 30.14 -29.18
N PRO C 413 0.78 30.99 -28.64
CA PRO C 413 -0.60 30.55 -28.25
C PRO C 413 -1.47 29.88 -29.33
N LEU C 414 -1.31 30.24 -30.61
CA LEU C 414 -2.02 29.60 -31.74
C LEU C 414 -1.67 28.11 -31.90
N TRP C 415 -0.45 27.69 -31.54
CA TRP C 415 -0.05 26.30 -31.67
C TRP C 415 -1.05 25.35 -30.97
N TYR C 416 -1.52 25.68 -29.76
CA TYR C 416 -2.37 24.80 -28.93
C TYR C 416 -3.78 24.69 -29.55
N THR C 417 -4.24 25.76 -30.19
CA THR C 417 -5.53 25.80 -30.85
C THR C 417 -5.51 24.84 -32.04
N LEU C 418 -4.44 24.87 -32.85
CA LEU C 418 -4.32 23.99 -34.02
C LEU C 418 -4.15 22.52 -33.59
N CYS C 419 -3.43 22.26 -32.51
CA CYS C 419 -3.36 20.87 -32.01
C CYS C 419 -4.73 20.39 -31.46
N ASP C 420 -5.54 21.28 -30.86
CA ASP C 420 -6.95 20.96 -30.48
C ASP C 420 -7.81 20.56 -31.72
N ARG C 421 -7.69 21.31 -32.83
CA ARG C 421 -8.56 21.14 -33.99
C ARG C 421 -8.16 19.95 -34.86
N TYR C 422 -6.86 19.73 -35.07
CA TYR C 422 -6.38 18.66 -35.95
C TYR C 422 -6.16 17.35 -35.18
N GLY C 423 -5.89 17.44 -33.87
CA GLY C 423 -5.71 16.26 -33.04
C GLY C 423 -4.24 15.87 -32.91
N LEU C 424 -3.50 16.52 -32.02
CA LEU C 424 -2.20 15.98 -31.54
C LEU C 424 -2.19 16.09 -30.02
N TYR C 425 -1.60 15.14 -29.33
CA TYR C 425 -1.33 15.29 -27.91
C TYR C 425 -0.13 16.22 -27.72
N VAL C 426 -0.16 17.11 -26.71
CA VAL C 426 0.93 18.06 -26.50
C VAL C 426 1.55 17.80 -25.13
N VAL C 427 2.87 17.80 -25.05
CA VAL C 427 3.55 17.97 -23.73
C VAL C 427 4.02 19.42 -23.64
N ASP C 428 3.50 20.16 -22.66
CA ASP C 428 3.79 21.60 -22.52
C ASP C 428 4.92 21.84 -21.48
N GLU C 429 5.96 22.55 -21.83
CA GLU C 429 7.20 22.50 -21.02
C GLU C 429 7.55 23.89 -20.48
N ALA C 430 7.88 24.03 -19.20
CA ALA C 430 8.34 25.32 -18.61
C ALA C 430 9.69 25.76 -19.20
N ASN C 431 9.86 27.06 -19.41
CA ASN C 431 11.13 27.61 -19.98
C ASN C 431 12.23 27.59 -18.90
N ILE C 432 12.72 26.41 -18.49
CA ILE C 432 13.84 26.33 -17.51
C ILE C 432 14.84 25.29 -17.99
N GLU C 433 16.07 25.73 -18.28
CA GLU C 433 17.16 24.81 -18.59
C GLU C 433 18.47 25.47 -18.13
N THR C 434 19.25 24.78 -17.30
CA THR C 434 20.47 25.33 -16.74
C THR C 434 21.64 24.39 -17.03
N HIS C 435 21.68 23.82 -18.24
CA HIS C 435 22.59 22.75 -18.63
C HIS C 435 24.05 23.17 -18.40
N GLY C 436 24.40 24.42 -18.67
CA GLY C 436 25.79 24.88 -18.59
C GLY C 436 26.33 25.04 -17.18
N MET C 437 25.51 24.88 -16.12
CA MET C 437 26.01 25.02 -14.72
C MET C 437 26.83 23.79 -14.31
N VAL C 438 27.73 23.94 -13.33
CA VAL C 438 28.52 22.81 -12.77
C VAL C 438 28.33 22.78 -11.25
N PRO C 439 27.74 21.75 -10.65
CA PRO C 439 26.99 20.69 -11.33
C PRO C 439 25.68 21.26 -11.90
N MET C 440 24.90 20.42 -12.53
CA MET C 440 23.75 20.89 -13.31
C MET C 440 22.69 21.50 -12.37
N ASN C 441 22.68 21.11 -11.09
CA ASN C 441 21.63 21.58 -10.19
C ASN C 441 22.13 22.73 -9.30
N ARG C 442 23.18 23.44 -9.69
CA ARG C 442 23.66 24.53 -8.83
C ARG C 442 22.55 25.57 -8.58
N LEU C 443 21.72 25.90 -9.56
CA LEU C 443 20.66 26.94 -9.33
C LEU C 443 19.40 26.27 -8.84
N THR C 444 19.07 25.06 -9.28
CA THR C 444 17.75 24.51 -9.03
C THR C 444 17.70 23.88 -7.63
N ASP C 445 18.85 23.82 -6.96
CA ASP C 445 18.91 23.36 -5.57
C ASP C 445 19.11 24.53 -4.60
N ASP C 446 19.08 25.76 -5.12
CA ASP C 446 19.31 26.95 -4.34
C ASP C 446 17.99 27.72 -4.11
N PRO C 447 17.58 27.91 -2.84
CA PRO C 447 16.29 28.59 -2.55
C PRO C 447 16.17 30.05 -3.04
N ARG C 448 17.27 30.72 -3.34
CA ARG C 448 17.19 32.10 -3.84
C ARG C 448 16.71 32.13 -5.30
N TRP C 449 16.78 31.01 -6.02
CA TRP C 449 16.30 30.98 -7.41
C TRP C 449 14.89 30.36 -7.47
N LEU C 450 14.35 29.92 -6.33
CA LEU C 450 12.97 29.35 -6.30
C LEU C 450 11.93 30.39 -6.79
N PRO C 451 12.05 31.69 -6.42
CA PRO C 451 11.10 32.70 -7.03
C PRO C 451 11.11 32.75 -8.56
N ALA C 452 12.28 32.94 -9.18
CA ALA C 452 12.43 32.95 -10.64
C ALA C 452 11.86 31.67 -11.29
N MET C 453 12.17 30.50 -10.74
CA MET C 453 11.68 29.24 -11.34
C MET C 453 10.17 29.11 -11.19
N SER C 454 9.62 29.52 -10.05
CA SER C 454 8.19 29.39 -9.85
C SER C 454 7.40 30.26 -10.84
N GLU C 455 7.86 31.46 -11.17
CA GLU C 455 7.16 32.27 -12.19
C GLU C 455 7.10 31.53 -13.54
N ARG C 456 8.13 30.79 -13.90
CA ARG C 456 8.16 30.14 -15.19
C ARG C 456 7.16 28.98 -15.25
N VAL C 457 6.95 28.27 -14.15
CA VAL C 457 6.00 27.16 -14.13
C VAL C 457 4.57 27.69 -13.92
N THR C 458 4.35 28.55 -12.92
CA THR C 458 2.96 28.92 -12.53
C THR C 458 2.28 29.70 -13.66
N ARG C 459 3.02 30.54 -14.38
CA ARG C 459 2.40 31.36 -15.40
C ARG C 459 2.06 30.52 -16.65
N MET C 460 2.78 29.41 -16.85
CA MET C 460 2.52 28.57 -17.99
C MET C 460 1.21 27.80 -17.74
N VAL C 461 1.05 27.23 -16.53
CA VAL C 461 -0.15 26.49 -16.16
C VAL C 461 -1.37 27.42 -16.19
N GLN C 462 -1.25 28.63 -15.67
CA GLN C 462 -2.36 29.57 -15.69
C GLN C 462 -2.72 29.98 -17.13
N ARG C 463 -1.79 30.02 -18.07
CA ARG C 463 -2.15 30.37 -19.46
C ARG C 463 -2.82 29.19 -20.19
N ASP C 464 -2.37 27.93 -19.97
CA ASP C 464 -2.65 26.83 -20.92
C ASP C 464 -3.59 25.73 -20.40
N ARG C 465 -4.08 25.86 -19.17
CA ARG C 465 -4.78 24.78 -18.49
C ARG C 465 -6.13 24.44 -19.17
N ASN C 466 -6.67 25.29 -20.06
CA ASN C 466 -8.00 25.00 -20.64
C ASN C 466 -7.91 24.21 -21.96
N HIS C 467 -6.72 24.07 -22.57
CA HIS C 467 -6.58 23.41 -23.89
C HIS C 467 -6.71 21.88 -23.77
N PRO C 468 -7.65 21.23 -24.51
CA PRO C 468 -7.76 19.74 -24.41
C PRO C 468 -6.51 19.01 -24.94
N SER C 469 -5.80 19.61 -25.89
CA SER C 469 -4.63 18.96 -26.51
C SER C 469 -3.48 18.82 -25.52
N VAL C 470 -3.34 19.71 -24.52
CA VAL C 470 -2.26 19.55 -23.53
C VAL C 470 -2.61 18.37 -22.60
N ILE C 471 -1.82 17.31 -22.59
CA ILE C 471 -2.18 16.16 -21.74
C ILE C 471 -1.14 15.93 -20.63
N ILE C 472 0.07 16.53 -20.71
CA ILE C 472 1.15 16.35 -19.72
C ILE C 472 1.88 17.69 -19.57
N TRP C 473 2.20 18.04 -18.31
CA TRP C 473 3.04 19.21 -17.98
C TRP C 473 4.51 18.76 -17.80
N SER C 474 5.48 19.56 -18.23
CA SER C 474 6.88 19.22 -17.96
C SER C 474 7.58 20.34 -17.19
N LEU C 475 8.49 19.97 -16.26
CA LEU C 475 9.09 21.01 -15.40
C LEU C 475 10.28 21.70 -16.09
N GLY C 476 10.64 21.35 -17.29
CA GLY C 476 11.81 21.93 -17.93
C GLY C 476 12.72 20.84 -18.45
N ASN C 477 13.99 21.15 -18.63
CA ASN C 477 14.86 20.23 -19.32
C ASN C 477 16.27 20.36 -18.71
N GLU C 478 16.97 19.26 -18.47
CA GLU C 478 18.44 19.28 -18.19
C GLU C 478 18.78 20.37 -17.15
N SER C 479 18.28 20.21 -15.92
CA SER C 479 18.61 21.14 -14.83
C SER C 479 18.96 20.35 -13.57
N GLY C 480 19.40 19.10 -13.72
CA GLY C 480 19.69 18.24 -12.58
C GLY C 480 18.44 18.05 -11.74
N HIS C 481 18.59 17.67 -10.51
CA HIS C 481 17.44 17.50 -9.68
C HIS C 481 17.64 18.25 -8.38
N GLY C 482 16.89 19.32 -8.15
CA GLY C 482 17.04 20.06 -6.88
C GLY C 482 15.72 20.14 -6.13
N ALA C 483 15.75 20.68 -4.92
CA ALA C 483 14.52 20.75 -4.10
C ALA C 483 13.52 21.70 -4.76
N ASN C 484 13.94 22.65 -5.62
CA ASN C 484 12.97 23.56 -6.26
C ASN C 484 12.06 22.76 -7.20
N HIS C 485 12.56 21.70 -7.85
CA HIS C 485 11.78 20.82 -8.72
C HIS C 485 10.68 20.10 -7.94
N ASP C 486 11.01 19.48 -6.79
CA ASP C 486 9.96 18.79 -5.98
C ASP C 486 8.84 19.74 -5.50
N ALA C 487 9.19 20.98 -5.15
CA ALA C 487 8.22 21.96 -4.72
C ALA C 487 7.27 22.30 -5.89
N LEU C 488 7.81 22.51 -7.08
CA LEU C 488 6.96 22.91 -8.21
C LEU C 488 6.15 21.74 -8.75
N TYR C 489 6.69 20.54 -8.67
CA TYR C 489 5.95 19.35 -8.99
C TYR C 489 4.67 19.31 -8.15
N ARG C 490 4.82 19.52 -6.84
CA ARG C 490 3.72 19.45 -5.92
C ARG C 490 2.74 20.63 -6.13
N TRP C 491 3.23 21.81 -6.48
CA TRP C 491 2.37 22.96 -6.80
C TRP C 491 1.39 22.59 -7.93
N ILE C 492 1.87 22.02 -9.03
CA ILE C 492 1.01 21.63 -10.17
C ILE C 492 0.03 20.52 -9.76
N LYS C 493 0.46 19.49 -9.04
CA LYS C 493 -0.45 18.40 -8.69
C LYS C 493 -1.61 18.94 -7.86
N SER C 494 -1.40 20.07 -7.21
CA SER C 494 -2.40 20.60 -6.30
C SER C 494 -3.32 21.57 -7.04
N VAL C 495 -2.82 22.42 -7.94
CA VAL C 495 -3.72 23.33 -8.65
C VAL C 495 -4.35 22.64 -9.88
N ASP C 496 -3.73 21.62 -10.46
CA ASP C 496 -4.29 20.94 -11.64
C ASP C 496 -4.16 19.43 -11.59
N PRO C 497 -5.01 18.76 -10.78
CA PRO C 497 -4.91 17.28 -10.64
C PRO C 497 -5.27 16.48 -11.91
N SER C 498 -5.60 17.16 -13.00
CA SER C 498 -6.15 16.46 -14.13
C SER C 498 -5.06 16.03 -15.12
N ARG C 499 -3.79 16.45 -14.98
CA ARG C 499 -2.74 16.03 -15.93
C ARG C 499 -1.53 15.50 -15.15
N PRO C 500 -0.88 14.43 -15.63
CA PRO C 500 0.42 14.03 -15.05
C PRO C 500 1.52 15.08 -15.25
N VAL C 501 2.55 15.00 -14.39
CA VAL C 501 3.71 15.86 -14.50
C VAL C 501 4.92 15.00 -14.83
N GLN C 502 5.77 15.42 -15.75
CA GLN C 502 7.00 14.69 -15.98
C GLN C 502 8.24 15.61 -15.92
N TYR C 503 9.37 15.02 -15.60
CA TYR C 503 10.63 15.75 -15.55
C TYR C 503 11.79 14.76 -15.77
N GLU C 504 12.66 15.02 -16.72
CA GLU C 504 13.72 14.03 -17.03
C GLU C 504 14.95 14.24 -16.13
N GLY C 505 15.23 15.44 -15.68
CA GLY C 505 16.52 15.71 -15.01
C GLY C 505 16.79 14.79 -13.84
N GLY C 506 18.09 14.66 -13.50
CA GLY C 506 18.49 13.97 -12.29
C GLY C 506 18.33 12.46 -12.40
N GLY C 507 18.32 11.91 -13.62
CA GLY C 507 18.33 10.47 -13.79
C GLY C 507 16.96 9.89 -14.12
N ALA C 508 15.97 10.73 -14.42
CA ALA C 508 14.75 10.33 -15.20
C ALA C 508 13.70 9.60 -14.36
N ASP C 509 13.97 9.28 -13.11
CA ASP C 509 13.01 8.54 -12.28
C ASP C 509 12.96 9.08 -10.81
N THR C 510 13.22 10.37 -10.64
CA THR C 510 13.20 11.05 -9.32
C THR C 510 11.75 11.18 -8.80
N THR C 511 11.60 11.88 -7.68
CA THR C 511 10.27 12.07 -7.06
C THR C 511 9.52 13.23 -7.71
N ALA C 512 10.14 13.93 -8.65
CA ALA C 512 9.48 15.01 -9.37
C ALA C 512 8.86 14.53 -10.70
N THR C 513 8.58 13.23 -10.91
CA THR C 513 8.02 12.80 -12.21
C THR C 513 6.96 11.72 -11.96
N ASP C 514 5.83 11.76 -12.69
CA ASP C 514 4.84 10.68 -12.61
C ASP C 514 5.17 9.56 -13.64
N ILE C 515 6.07 9.82 -14.58
CA ILE C 515 6.36 8.95 -15.70
C ILE C 515 7.88 8.76 -15.73
N ILE C 516 8.43 7.57 -15.92
CA ILE C 516 9.89 7.46 -16.10
C ILE C 516 10.20 7.98 -17.50
N CYS C 517 11.06 8.97 -17.65
CA CYS C 517 11.13 9.54 -18.99
C CYS C 517 12.58 9.77 -19.41
N PRO C 518 13.32 8.68 -19.69
CA PRO C 518 14.75 8.77 -19.98
C PRO C 518 15.03 9.48 -21.30
N MET C 519 16.25 9.94 -21.52
CA MET C 519 16.56 10.38 -22.85
C MET C 519 17.66 9.49 -23.45
N TYR C 520 17.40 8.94 -24.63
CA TYR C 520 18.38 8.07 -25.34
C TYR C 520 18.72 6.79 -24.58
N ALA C 521 17.83 6.25 -23.77
CA ALA C 521 18.10 4.91 -23.25
C ALA C 521 17.94 3.90 -24.39
N ARG C 522 18.76 2.85 -24.38
CA ARG C 522 18.71 1.82 -25.46
C ARG C 522 17.72 0.73 -25.11
N VAL C 523 17.42 -0.11 -26.10
CA VAL C 523 16.40 -1.14 -25.93
C VAL C 523 16.97 -2.28 -25.06
N ASP C 524 18.15 -2.78 -25.42
CA ASP C 524 18.76 -3.95 -24.74
C ASP C 524 20.05 -3.70 -23.95
N GLU C 525 20.74 -2.59 -24.22
CA GLU C 525 22.08 -2.36 -23.66
C GLU C 525 22.02 -1.34 -22.49
N ASP C 526 22.67 -1.65 -21.35
CA ASP C 526 22.79 -0.67 -20.25
C ASP C 526 23.95 0.33 -20.50
N GLN C 527 23.82 1.55 -19.98
CA GLN C 527 24.91 2.56 -20.02
C GLN C 527 25.13 3.04 -18.58
N PRO C 528 25.95 2.32 -17.78
CA PRO C 528 26.03 2.51 -16.30
C PRO C 528 26.88 3.68 -15.79
N PHE C 529 26.58 4.90 -16.25
CA PHE C 529 27.18 6.17 -15.77
C PHE C 529 26.99 6.32 -14.24
N PRO C 530 28.01 6.86 -13.54
CA PRO C 530 27.93 7.19 -12.07
C PRO C 530 26.79 8.19 -11.76
N ALA C 531 25.97 7.89 -10.74
CA ALA C 531 24.89 8.78 -10.21
C ALA C 531 23.63 8.78 -11.09
N VAL C 532 23.79 8.86 -12.42
CA VAL C 532 22.63 8.97 -13.33
C VAL C 532 22.72 7.89 -14.43
N PRO C 533 22.69 6.56 -14.07
CA PRO C 533 22.78 5.47 -15.12
C PRO C 533 21.63 5.51 -16.14
N LYS C 534 21.87 5.10 -17.38
CA LYS C 534 20.76 4.93 -18.33
C LYS C 534 20.55 3.42 -18.53
N TRP C 535 19.69 2.83 -17.73
CA TRP C 535 19.35 1.41 -17.91
C TRP C 535 18.77 1.19 -19.30
N SER C 536 18.84 -0.01 -19.82
CA SER C 536 18.09 -0.28 -21.00
C SER C 536 16.59 -0.20 -20.66
N ILE C 537 15.73 0.06 -21.62
CA ILE C 537 14.33 0.40 -21.23
C ILE C 537 13.58 -0.81 -20.68
N LYS C 538 13.83 -2.01 -21.19
CA LYS C 538 13.16 -3.24 -20.70
C LYS C 538 13.59 -3.53 -19.25
N LYS C 539 14.86 -3.33 -18.91
CA LYS C 539 15.34 -3.55 -17.56
C LYS C 539 14.77 -2.51 -16.58
N TRP C 540 14.77 -1.23 -16.96
CA TRP C 540 14.28 -0.12 -16.12
C TRP C 540 12.87 -0.42 -15.59
N LEU C 541 12.00 -0.98 -16.42
CA LEU C 541 10.60 -1.17 -15.98
C LEU C 541 10.53 -2.05 -14.74
N SER C 542 11.52 -2.90 -14.55
CA SER C 542 11.36 -3.98 -13.60
C SER C 542 12.34 -3.85 -12.43
N LEU C 543 13.03 -2.72 -12.28
CA LEU C 543 13.87 -2.48 -11.12
C LEU C 543 13.02 -2.63 -9.85
N PRO C 544 13.59 -3.22 -8.75
CA PRO C 544 12.78 -3.49 -7.51
C PRO C 544 12.11 -2.19 -7.06
N GLY C 545 10.80 -2.24 -6.82
CA GLY C 545 10.02 -1.05 -6.40
C GLY C 545 9.35 -0.25 -7.52
N GLU C 546 9.79 -0.37 -8.78
CA GLU C 546 9.35 0.52 -9.89
C GLU C 546 7.93 0.16 -10.40
N THR C 547 7.04 1.13 -10.55
CA THR C 547 5.65 0.85 -10.97
C THR C 547 5.15 1.82 -12.04
N ARG C 548 5.87 2.91 -12.33
CA ARG C 548 5.41 3.96 -13.25
C ARG C 548 5.46 3.47 -14.69
N PRO C 549 4.69 4.08 -15.62
CA PRO C 549 4.96 3.80 -17.07
C PRO C 549 6.22 4.49 -17.59
N LEU C 550 6.80 4.05 -18.71
CA LEU C 550 8.03 4.64 -19.25
C LEU C 550 7.74 5.22 -20.64
N ILE C 551 7.98 6.51 -20.85
CA ILE C 551 7.86 7.13 -22.18
C ILE C 551 9.14 7.92 -22.42
N LEU C 552 9.89 7.66 -23.47
CA LEU C 552 11.14 8.37 -23.70
C LEU C 552 10.88 9.84 -24.07
N CYS C 553 11.46 10.77 -23.33
CA CYS C 553 11.20 12.16 -23.72
C CYS C 553 12.04 12.51 -24.94
N GLU C 554 13.15 11.79 -25.20
CA GLU C 554 13.93 11.95 -26.45
C GLU C 554 14.52 10.60 -26.82
N TYR C 555 14.36 10.14 -28.06
CA TYR C 555 15.09 8.94 -28.46
C TYR C 555 15.41 9.04 -29.96
N ALA C 556 16.29 8.18 -30.44
CA ALA C 556 16.56 8.06 -31.88
C ALA C 556 17.04 9.40 -32.46
N HIS C 557 18.26 9.84 -32.15
CA HIS C 557 18.76 11.14 -32.56
C HIS C 557 18.87 11.26 -34.08
N ALA C 558 18.10 12.14 -34.71
CA ALA C 558 18.00 12.11 -36.19
C ALA C 558 19.07 12.99 -36.87
N MET C 559 20.30 12.99 -36.40
CA MET C 559 21.32 13.91 -36.94
C MET C 559 21.89 13.38 -38.26
N GLY C 560 21.55 14.02 -39.37
CA GLY C 560 22.11 13.65 -40.69
C GLY C 560 21.52 12.35 -41.20
N ASN C 561 22.39 11.45 -41.67
CA ASN C 561 22.01 10.14 -42.18
C ASN C 561 21.92 9.20 -40.96
N SER C 562 20.72 9.00 -40.41
CA SER C 562 20.57 8.44 -39.05
C SER C 562 19.27 7.60 -38.96
N LEU C 563 18.81 7.31 -37.74
CA LEU C 563 17.63 6.42 -37.43
C LEU C 563 17.90 4.94 -37.70
N GLY C 564 19.16 4.48 -37.70
CA GLY C 564 19.43 3.05 -37.73
C GLY C 564 18.96 2.41 -36.41
N GLY C 565 18.39 1.21 -36.47
CA GLY C 565 17.91 0.58 -35.23
C GLY C 565 16.54 1.08 -34.78
N PHE C 566 15.83 1.86 -35.59
CA PHE C 566 14.55 2.47 -35.18
C PHE C 566 13.51 1.37 -34.94
N ALA C 567 13.49 0.33 -35.81
CA ALA C 567 12.58 -0.79 -35.75
C ALA C 567 12.66 -1.53 -34.40
N LYS C 568 13.82 -1.54 -33.79
CA LYS C 568 14.01 -2.25 -32.52
C LYS C 568 13.25 -1.55 -31.38
N TYR C 569 13.15 -0.23 -31.38
CA TYR C 569 12.30 0.48 -30.39
C TYR C 569 10.82 0.14 -30.59
N TRP C 570 10.35 0.15 -31.85
CA TRP C 570 8.95 -0.08 -32.16
C TRP C 570 8.56 -1.54 -31.85
N GLN C 571 9.45 -2.50 -32.06
CA GLN C 571 9.19 -3.89 -31.63
C GLN C 571 8.99 -3.95 -30.10
N ALA C 572 9.91 -3.40 -29.29
CA ALA C 572 9.73 -3.28 -27.82
C ALA C 572 8.44 -2.53 -27.46
N PHE C 573 8.18 -1.34 -28.00
CA PHE C 573 6.96 -0.56 -27.62
C PHE C 573 5.72 -1.43 -27.78
N ARG C 574 5.65 -2.24 -28.84
CA ARG C 574 4.43 -3.08 -29.08
C ARG C 574 4.41 -4.31 -28.16
N GLN C 575 5.55 -4.86 -27.76
CA GLN C 575 5.52 -6.08 -26.94
C GLN C 575 5.24 -5.76 -25.46
N TYR C 576 5.75 -4.65 -24.88
CA TYR C 576 5.68 -4.44 -23.43
C TYR C 576 4.56 -3.43 -23.10
N PRO C 577 3.60 -3.80 -22.26
CA PRO C 577 2.48 -2.82 -21.99
C PRO C 577 2.92 -1.48 -21.38
N ARG C 578 3.89 -1.48 -20.47
CA ARG C 578 4.29 -0.26 -19.76
C ARG C 578 5.34 0.55 -20.56
N LEU C 579 5.84 0.08 -21.71
CA LEU C 579 6.61 0.94 -22.63
C LEU C 579 5.60 1.65 -23.55
N GLN C 580 5.34 2.93 -23.35
CA GLN C 580 4.21 3.51 -24.11
C GLN C 580 4.72 4.49 -25.18
N GLY C 581 5.94 4.34 -25.69
CA GLY C 581 6.40 5.09 -26.87
C GLY C 581 7.40 6.17 -26.49
N GLY C 582 7.46 7.26 -27.26
CA GLY C 582 8.46 8.29 -27.00
C GLY C 582 8.39 9.40 -28.03
N PHE C 583 9.26 10.40 -27.90
CA PHE C 583 9.35 11.55 -28.77
C PHE C 583 10.70 11.54 -29.51
N VAL C 584 10.72 11.40 -30.83
CA VAL C 584 11.98 11.43 -31.61
C VAL C 584 12.68 12.80 -31.42
N TRP C 585 14.02 12.84 -31.41
CA TRP C 585 14.75 14.10 -31.49
C TRP C 585 15.34 14.28 -32.91
N ASP C 586 14.89 15.21 -33.77
CA ASP C 586 13.74 16.06 -33.54
C ASP C 586 13.10 16.40 -34.88
N TRP C 587 12.12 17.30 -34.94
CA TRP C 587 11.32 17.58 -36.17
C TRP C 587 12.15 18.26 -37.28
N VAL C 588 12.70 19.43 -37.05
CA VAL C 588 13.20 20.26 -38.16
C VAL C 588 14.66 20.67 -37.87
N ASP C 589 15.53 20.58 -38.88
CA ASP C 589 16.92 21.09 -38.78
C ASP C 589 16.94 22.60 -38.45
N GLN C 590 17.72 23.02 -37.46
CA GLN C 590 17.80 24.44 -37.19
C GLN C 590 18.91 25.07 -38.05
N SER C 591 18.78 25.13 -39.36
CA SER C 591 19.82 25.82 -40.16
C SER C 591 19.30 27.21 -40.57
N LEU C 592 20.19 28.14 -40.89
CA LEU C 592 19.76 29.50 -41.30
C LEU C 592 20.19 29.76 -42.75
N ILE C 593 19.61 30.73 -43.43
CA ILE C 593 20.01 31.05 -44.82
C ILE C 593 21.05 32.19 -44.85
N LYS C 594 22.15 31.98 -45.57
CA LYS C 594 23.11 33.05 -45.93
C LYS C 594 23.10 33.25 -47.45
N TYR C 595 23.67 34.34 -47.94
CA TYR C 595 23.74 34.60 -49.41
C TYR C 595 25.21 34.62 -49.84
N ASP C 596 25.53 34.03 -51.00
CA ASP C 596 26.90 34.21 -51.53
C ASP C 596 27.05 35.54 -52.33
N GLU C 597 28.12 35.69 -53.12
CA GLU C 597 28.43 36.94 -53.89
C GLU C 597 27.39 37.16 -55.00
N ASN C 598 26.92 36.09 -55.62
CA ASN C 598 25.93 36.14 -56.70
C ASN C 598 24.49 36.18 -56.13
N GLY C 599 24.35 36.21 -54.81
CA GLY C 599 23.05 36.30 -54.14
C GLY C 599 22.32 34.96 -54.08
N ASN C 600 23.06 33.86 -54.28
CA ASN C 600 22.50 32.50 -54.16
C ASN C 600 22.40 32.10 -52.68
N PRO C 601 21.22 31.63 -52.27
CA PRO C 601 21.05 31.25 -50.85
C PRO C 601 21.76 29.92 -50.53
N TRP C 602 22.34 29.78 -49.34
CA TRP C 602 22.84 28.49 -48.89
C TRP C 602 22.55 28.28 -47.39
N SER C 603 22.43 27.02 -46.97
CA SER C 603 22.09 26.65 -45.58
C SER C 603 23.32 26.72 -44.66
N ALA C 604 23.22 27.46 -43.57
CA ALA C 604 24.36 27.72 -42.67
C ALA C 604 24.13 27.07 -41.31
N TYR C 605 25.20 26.75 -40.59
CA TYR C 605 25.08 26.21 -39.26
C TYR C 605 26.04 26.94 -38.31
N GLY C 606 26.21 26.44 -37.08
CA GLY C 606 27.03 27.17 -36.07
C GLY C 606 28.42 27.52 -36.57
N GLY C 607 28.84 28.76 -36.33
CA GLY C 607 30.19 29.21 -36.74
C GLY C 607 30.14 30.02 -38.04
N ASP C 608 29.06 29.92 -38.81
CA ASP C 608 28.98 30.60 -40.11
C ASP C 608 28.65 32.11 -40.04
N PHE C 609 28.51 32.64 -38.81
CA PHE C 609 28.18 34.06 -38.64
C PHE C 609 29.31 34.74 -37.85
N GLY C 610 30.44 34.07 -37.71
CA GLY C 610 31.57 34.57 -36.88
C GLY C 610 31.31 34.40 -35.39
N ASP C 611 30.22 33.72 -35.04
CA ASP C 611 29.90 33.36 -33.63
C ASP C 611 30.94 32.37 -33.08
N THR C 612 31.41 32.61 -31.86
CA THR C 612 32.54 31.85 -31.28
C THR C 612 32.55 32.01 -29.75
N PRO C 613 32.78 30.93 -28.99
CA PRO C 613 32.77 29.52 -29.48
C PRO C 613 31.38 29.08 -29.98
N ASN C 614 31.32 27.98 -30.70
CA ASN C 614 30.06 27.52 -31.30
C ASN C 614 30.10 26.00 -31.38
N ASP C 615 28.97 25.38 -31.69
CA ASP C 615 28.96 23.93 -31.77
C ASP C 615 28.66 23.35 -33.16
N ARG C 616 28.99 24.10 -34.21
CA ARG C 616 29.12 23.57 -35.58
C ARG C 616 27.81 22.96 -36.07
N GLN C 617 27.82 21.78 -36.69
CA GLN C 617 26.58 21.22 -37.31
C GLN C 617 25.64 20.63 -36.26
N PHE C 618 26.01 20.63 -34.98
CA PHE C 618 25.19 19.95 -33.96
C PHE C 618 23.77 20.55 -33.84
N CYS C 619 23.47 21.63 -34.57
CA CYS C 619 22.13 22.26 -34.49
C CYS C 619 21.19 21.60 -35.51
N MET C 620 21.67 20.67 -36.33
CA MET C 620 20.81 20.07 -37.37
C MET C 620 20.47 18.61 -37.06
N ASN C 621 19.28 18.39 -36.56
CA ASN C 621 18.97 17.11 -36.01
C ASN C 621 17.61 16.65 -36.52
N GLY C 622 17.07 17.30 -37.56
CA GLY C 622 15.67 17.08 -37.89
C GLY C 622 15.41 15.90 -38.81
N LEU C 623 14.15 15.42 -38.84
CA LEU C 623 13.61 14.53 -39.89
C LEU C 623 13.30 15.31 -41.19
N VAL C 624 13.18 16.63 -41.15
CA VAL C 624 12.89 17.43 -42.36
C VAL C 624 13.94 18.52 -42.45
N PHE C 625 14.22 19.01 -43.65
CA PHE C 625 15.14 20.14 -43.85
C PHE C 625 14.44 21.41 -43.35
N ALA C 626 15.19 22.47 -43.08
CA ALA C 626 14.61 23.71 -42.56
C ALA C 626 13.49 24.25 -43.48
N ASP C 627 13.52 23.95 -44.78
CA ASP C 627 12.39 24.33 -45.67
C ASP C 627 11.18 23.36 -45.70
N ARG C 628 11.24 22.30 -44.90
CA ARG C 628 10.15 21.31 -44.67
C ARG C 628 10.11 20.21 -45.75
N THR C 629 11.19 20.09 -46.52
CA THR C 629 11.42 18.92 -47.37
C THR C 629 11.89 17.76 -46.48
N PRO C 630 11.37 16.54 -46.70
CA PRO C 630 11.75 15.34 -45.88
C PRO C 630 13.17 14.78 -46.10
N HIS C 631 13.83 14.38 -45.03
CA HIS C 631 14.97 13.47 -45.12
C HIS C 631 14.45 12.05 -45.40
N PRO C 632 15.28 11.17 -45.96
CA PRO C 632 14.88 9.74 -46.17
C PRO C 632 14.46 9.01 -44.88
N ALA C 633 15.00 9.38 -43.72
CA ALA C 633 14.62 8.74 -42.44
C ALA C 633 13.13 8.93 -42.13
N LEU C 634 12.50 10.02 -42.60
CA LEU C 634 11.07 10.27 -42.31
C LEU C 634 10.21 9.08 -42.77
N THR C 635 10.54 8.42 -43.90
CA THR C 635 9.73 7.28 -44.37
C THR C 635 9.89 6.09 -43.40
N GLU C 636 11.09 5.83 -42.90
CA GLU C 636 11.29 4.79 -41.90
C GLU C 636 10.36 5.01 -40.68
N ALA C 637 10.31 6.25 -40.15
CA ALA C 637 9.39 6.59 -39.02
C ALA C 637 7.92 6.33 -39.40
N LYS C 638 7.50 6.78 -40.58
CA LYS C 638 6.13 6.54 -41.01
C LYS C 638 5.79 5.07 -40.94
N HIS C 639 6.64 4.19 -41.49
CA HIS C 639 6.37 2.76 -41.56
C HIS C 639 6.35 2.13 -40.16
N GLN C 640 7.27 2.50 -39.25
CA GLN C 640 7.30 1.82 -37.93
C GLN C 640 6.12 2.29 -37.08
N GLN C 641 5.62 3.48 -37.34
CA GLN C 641 4.56 4.06 -36.55
C GLN C 641 3.18 3.76 -37.13
N GLN C 642 3.04 3.01 -38.23
CA GLN C 642 1.71 2.73 -38.88
C GLN C 642 0.66 2.24 -37.87
N PHE C 643 -0.60 2.54 -38.15
CA PHE C 643 -1.72 2.11 -37.27
C PHE C 643 -2.31 0.75 -37.68
N PHE C 644 -1.81 0.10 -38.73
CA PHE C 644 -2.26 -1.27 -39.09
C PHE C 644 -1.05 -2.19 -39.03
N GLN C 645 -1.15 -3.31 -38.35
CA GLN C 645 -0.10 -4.32 -38.38
C GLN C 645 -0.60 -5.52 -39.21
N PHE C 646 0.29 -6.24 -39.88
CA PHE C 646 -0.14 -7.32 -40.81
C PHE C 646 0.55 -8.64 -40.49
N ARG C 647 -0.12 -9.77 -40.68
CA ARG C 647 0.58 -11.06 -40.63
C ARG C 647 0.15 -11.89 -41.84
N LEU C 648 1.05 -12.72 -42.34
CA LEU C 648 0.70 -13.61 -43.45
C LEU C 648 0.79 -15.05 -42.97
N SER C 649 -0.27 -15.80 -43.24
CA SER C 649 -0.29 -17.24 -42.99
C SER C 649 -0.93 -17.91 -44.22
N GLY C 650 -0.10 -18.53 -45.06
CA GLY C 650 -0.57 -19.17 -46.30
C GLY C 650 -1.09 -18.15 -47.31
N GLN C 651 -2.42 -18.16 -47.50
CA GLN C 651 -3.11 -17.26 -48.46
C GLN C 651 -3.83 -16.16 -47.69
N THR C 652 -3.73 -16.19 -46.36
CA THR C 652 -4.52 -15.33 -45.49
C THR C 652 -3.63 -14.21 -44.95
N ILE C 653 -4.14 -12.99 -45.05
CA ILE C 653 -3.58 -11.83 -44.35
C ILE C 653 -4.46 -11.56 -43.13
N GLU C 654 -3.87 -11.46 -41.95
CA GLU C 654 -4.57 -10.90 -40.79
C GLU C 654 -4.23 -9.40 -40.64
N VAL C 655 -5.23 -8.52 -40.64
CA VAL C 655 -5.02 -7.09 -40.39
C VAL C 655 -5.44 -6.77 -38.95
N THR C 656 -4.56 -6.15 -38.18
CA THR C 656 -4.87 -5.75 -36.80
C THR C 656 -4.89 -4.23 -36.73
N SER C 657 -5.91 -3.65 -36.13
CA SER C 657 -6.02 -2.20 -35.98
C SER C 657 -5.30 -1.73 -34.70
N GLU C 658 -4.53 -0.66 -34.79
CA GLU C 658 -3.93 -0.10 -33.54
C GLU C 658 -4.62 1.20 -33.15
N TYR C 659 -5.78 1.51 -33.74
CA TYR C 659 -6.61 2.63 -33.30
C TYR C 659 -7.28 2.28 -31.97
N LEU C 660 -7.53 3.27 -31.14
CA LEU C 660 -8.15 2.97 -29.85
C LEU C 660 -9.62 3.35 -29.88
N PHE C 661 -10.03 4.26 -30.78
CA PHE C 661 -11.35 4.86 -30.70
C PHE C 661 -12.10 4.77 -32.05
N ARG C 662 -11.43 4.88 -33.19
CA ARG C 662 -12.18 4.94 -34.45
C ARG C 662 -12.30 3.55 -35.10
N HIS C 663 -13.41 3.36 -35.82
CA HIS C 663 -13.60 2.22 -36.71
C HIS C 663 -12.89 2.57 -38.03
N SER C 664 -12.40 1.59 -38.79
CA SER C 664 -11.68 1.91 -40.04
C SER C 664 -12.65 2.23 -41.19
N ASP C 665 -13.24 3.41 -41.18
CA ASP C 665 -14.26 3.78 -42.16
C ASP C 665 -13.79 4.56 -43.41
N ASN C 666 -12.49 4.78 -43.55
CA ASN C 666 -11.93 5.50 -44.70
C ASN C 666 -10.65 4.76 -45.15
N GLU C 667 -10.78 3.46 -45.41
CA GLU C 667 -9.59 2.59 -45.59
C GLU C 667 -9.91 1.49 -46.59
N LEU C 668 -9.07 1.35 -47.60
CA LEU C 668 -9.15 0.13 -48.39
C LEU C 668 -7.77 -0.45 -48.69
N LEU C 669 -7.73 -1.78 -48.72
CA LEU C 669 -6.49 -2.53 -48.88
C LEU C 669 -6.26 -2.88 -50.36
N HIS C 670 -5.12 -2.44 -50.93
CA HIS C 670 -4.67 -2.84 -52.26
C HIS C 670 -3.58 -3.92 -52.10
N TRP C 671 -3.70 -5.05 -52.79
CA TRP C 671 -2.64 -6.06 -52.79
C TRP C 671 -2.14 -6.27 -54.21
N MET C 672 -0.86 -6.63 -54.35
CA MET C 672 -0.27 -6.93 -55.65
C MET C 672 0.73 -8.09 -55.48
N VAL C 673 0.76 -9.01 -56.44
CA VAL C 673 1.77 -10.09 -56.49
C VAL C 673 2.67 -9.86 -57.71
N ALA C 674 3.99 -9.80 -57.52
CA ALA C 674 4.89 -9.49 -58.66
C ALA C 674 6.02 -10.52 -58.71
N LEU C 675 6.56 -10.77 -59.91
CA LEU C 675 7.68 -11.71 -60.09
C LEU C 675 8.86 -10.90 -60.60
N ASP C 676 9.90 -10.78 -59.77
CA ASP C 676 11.06 -9.90 -60.05
C ASP C 676 10.70 -8.60 -60.80
N GLY C 677 9.75 -7.84 -60.22
CA GLY C 677 9.34 -6.54 -60.77
C GLY C 677 8.09 -6.61 -61.64
N LYS C 678 7.89 -7.69 -62.39
CA LYS C 678 6.74 -7.83 -63.33
C LYS C 678 5.46 -8.19 -62.54
N PRO C 679 4.41 -7.35 -62.64
CA PRO C 679 3.05 -7.58 -62.05
C PRO C 679 2.36 -8.83 -62.60
N LEU C 680 1.68 -9.60 -61.74
CA LEU C 680 1.05 -10.86 -62.12
C LEU C 680 -0.44 -10.87 -61.75
N ALA C 681 -0.74 -10.35 -60.57
CA ALA C 681 -2.12 -10.32 -60.04
C ALA C 681 -2.22 -9.12 -59.09
N SER C 682 -3.45 -8.70 -58.84
CA SER C 682 -3.77 -7.46 -58.14
C SER C 682 -5.21 -7.56 -57.63
N GLY C 683 -5.62 -6.61 -56.79
CA GLY C 683 -6.94 -6.68 -56.16
C GLY C 683 -7.10 -5.59 -55.10
N GLU C 684 -8.34 -5.44 -54.62
CA GLU C 684 -8.66 -4.54 -53.49
C GLU C 684 -9.81 -5.09 -52.64
N VAL C 685 -9.79 -4.72 -51.37
CA VAL C 685 -10.70 -5.20 -50.34
C VAL C 685 -10.99 -4.01 -49.41
N PRO C 686 -12.26 -3.73 -49.09
CA PRO C 686 -12.50 -2.68 -48.06
C PRO C 686 -12.07 -3.17 -46.68
N LEU C 687 -11.57 -2.28 -45.82
CA LEU C 687 -11.21 -2.67 -44.46
C LEU C 687 -12.39 -2.36 -43.53
N ASP C 688 -12.78 -3.34 -42.74
CA ASP C 688 -13.86 -3.19 -41.80
C ASP C 688 -13.40 -3.78 -40.45
N VAL C 689 -12.61 -3.02 -39.72
CA VAL C 689 -11.93 -3.55 -38.51
C VAL C 689 -12.20 -2.58 -37.35
N ALA C 690 -12.71 -3.12 -36.26
CA ALA C 690 -13.01 -2.35 -35.05
C ALA C 690 -11.70 -1.94 -34.36
N PRO C 691 -11.74 -0.86 -33.53
CA PRO C 691 -10.55 -0.43 -32.74
C PRO C 691 -10.01 -1.62 -31.93
N GLN C 692 -8.73 -1.93 -32.15
CA GLN C 692 -8.00 -3.03 -31.49
C GLN C 692 -8.43 -4.42 -31.99
N GLY C 693 -9.16 -4.49 -33.11
CA GLY C 693 -9.67 -5.78 -33.61
C GLY C 693 -8.88 -6.32 -34.80
N LYS C 694 -9.33 -7.47 -35.32
CA LYS C 694 -8.68 -8.16 -36.45
C LYS C 694 -9.68 -8.30 -37.62
N GLN C 695 -9.14 -8.49 -38.81
CA GLN C 695 -9.89 -8.89 -40.00
C GLN C 695 -9.03 -9.90 -40.76
N LEU C 696 -9.64 -10.97 -41.26
CA LEU C 696 -8.92 -11.96 -42.08
C LEU C 696 -9.30 -11.75 -43.55
N ILE C 697 -8.29 -11.48 -44.38
CA ILE C 697 -8.50 -11.33 -45.80
C ILE C 697 -7.89 -12.55 -46.51
N GLU C 698 -8.75 -13.36 -47.12
CA GLU C 698 -8.30 -14.49 -47.92
C GLU C 698 -7.98 -14.00 -49.33
N LEU C 699 -6.82 -14.40 -49.85
CA LEU C 699 -6.47 -14.02 -51.22
C LEU C 699 -6.97 -15.10 -52.20
N PRO C 700 -7.33 -14.70 -53.44
CA PRO C 700 -7.61 -15.60 -54.58
C PRO C 700 -6.52 -16.66 -54.78
N GLU C 701 -6.82 -17.71 -55.56
CA GLU C 701 -5.79 -18.64 -56.00
C GLU C 701 -4.73 -17.87 -56.81
N LEU C 702 -3.52 -17.81 -56.26
CA LEU C 702 -2.43 -17.03 -56.85
C LEU C 702 -1.83 -17.80 -58.03
N PRO C 703 -1.30 -17.09 -59.05
CA PRO C 703 -0.83 -17.79 -60.25
C PRO C 703 0.49 -18.55 -60.00
N GLN C 704 0.62 -19.72 -60.64
CA GLN C 704 1.90 -20.43 -60.72
C GLN C 704 2.59 -20.02 -62.01
N PRO C 705 3.71 -19.28 -61.91
CA PRO C 705 4.43 -18.91 -63.13
C PRO C 705 5.39 -20.03 -63.56
N GLU C 706 5.71 -20.04 -64.85
CA GLU C 706 6.64 -21.03 -65.39
C GLU C 706 8.08 -20.64 -65.00
N SER C 707 8.42 -19.37 -65.26
CA SER C 707 9.79 -18.87 -65.20
C SER C 707 10.35 -18.87 -63.77
N ALA C 708 11.69 -18.81 -63.71
CA ALA C 708 12.44 -18.71 -62.49
C ALA C 708 12.21 -17.35 -61.84
N GLY C 709 12.40 -17.30 -60.52
CA GLY C 709 12.44 -16.04 -59.78
C GLY C 709 11.66 -16.12 -58.49
N GLN C 710 11.78 -15.07 -57.69
CA GLN C 710 11.10 -14.96 -56.41
C GLN C 710 9.76 -14.19 -56.61
N LEU C 711 8.65 -14.73 -56.11
CA LEU C 711 7.37 -13.99 -56.02
C LEU C 711 7.35 -13.10 -54.76
N TRP C 712 6.77 -11.90 -54.91
CA TRP C 712 6.65 -10.95 -53.81
C TRP C 712 5.20 -10.51 -53.63
N LEU C 713 4.68 -10.50 -52.40
CA LEU C 713 3.32 -9.92 -52.20
C LEU C 713 3.43 -8.59 -51.46
N THR C 714 2.75 -7.55 -51.94
CA THR C 714 2.78 -6.22 -51.30
C THR C 714 1.34 -5.80 -51.01
N VAL C 715 1.05 -5.39 -49.77
CA VAL C 715 -0.26 -4.80 -49.43
C VAL C 715 -0.05 -3.32 -49.07
N ARG C 716 -1.01 -2.46 -49.40
CA ARG C 716 -0.98 -1.05 -48.97
C ARG C 716 -2.40 -0.61 -48.57
N VAL C 717 -2.52 0.14 -47.47
CA VAL C 717 -3.80 0.71 -47.02
C VAL C 717 -3.91 2.13 -47.58
N VAL C 718 -4.96 2.40 -48.32
CA VAL C 718 -5.17 3.70 -49.01
C VAL C 718 -6.38 4.40 -48.36
N GLN C 719 -6.29 5.69 -48.10
CA GLN C 719 -7.48 6.47 -47.68
C GLN C 719 -8.16 7.04 -48.94
N PRO C 720 -9.30 6.45 -49.36
CA PRO C 720 -9.96 6.94 -50.59
C PRO C 720 -10.54 8.38 -50.50
N ASN C 721 -11.06 8.82 -49.35
CA ASN C 721 -11.58 10.23 -49.22
C ASN C 721 -10.56 11.14 -48.50
N ALA C 722 -10.49 12.40 -48.94
CA ALA C 722 -9.76 13.48 -48.23
C ALA C 722 -10.25 13.64 -46.79
N THR C 723 -9.33 14.06 -45.92
CA THR C 723 -9.60 14.45 -44.52
C THR C 723 -9.18 15.92 -44.37
N ALA C 724 -9.25 16.44 -43.13
CA ALA C 724 -8.76 17.80 -42.83
C ALA C 724 -7.23 17.88 -42.99
N TRP C 725 -6.57 16.72 -42.91
CA TRP C 725 -5.11 16.66 -42.86
C TRP C 725 -4.51 15.87 -44.05
N SER C 726 -5.30 15.33 -44.95
CA SER C 726 -4.70 14.53 -46.06
C SER C 726 -5.57 14.61 -47.33
N GLU C 727 -4.90 14.44 -48.47
CA GLU C 727 -5.49 14.31 -49.79
C GLU C 727 -6.16 12.94 -49.94
N ALA C 728 -7.03 12.83 -50.95
CA ALA C 728 -7.58 11.55 -51.40
C ALA C 728 -6.45 10.70 -52.00
N GLY C 729 -6.39 9.42 -51.63
CA GLY C 729 -5.36 8.52 -52.14
C GLY C 729 -4.16 8.36 -51.20
N HIS C 730 -4.18 9.04 -50.06
CA HIS C 730 -3.09 9.01 -49.10
C HIS C 730 -2.81 7.57 -48.67
N ILE C 731 -1.54 7.14 -48.73
CA ILE C 731 -1.16 5.80 -48.27
C ILE C 731 -0.76 5.85 -46.80
N SER C 732 -1.43 5.09 -45.96
CA SER C 732 -1.18 5.23 -44.55
C SER C 732 -0.34 4.09 -43.93
N ALA C 733 -0.22 2.93 -44.60
CA ALA C 733 0.41 1.68 -44.05
C ALA C 733 0.77 0.76 -45.22
N TRP C 734 1.81 -0.07 -45.10
CA TRP C 734 2.15 -1.03 -46.14
C TRP C 734 3.00 -2.14 -45.55
N GLN C 735 3.18 -3.24 -46.30
CA GLN C 735 4.00 -4.38 -45.84
C GLN C 735 4.27 -5.29 -47.04
N GLN C 736 5.44 -5.94 -47.08
CA GLN C 736 5.83 -6.83 -48.19
C GLN C 736 6.30 -8.18 -47.65
N TRP C 737 5.99 -9.30 -48.33
CA TRP C 737 6.50 -10.66 -47.96
C TRP C 737 7.00 -11.38 -49.21
N ARG C 738 7.95 -12.30 -49.05
CA ARG C 738 8.32 -13.31 -50.08
C ARG C 738 7.28 -14.44 -50.11
N LEU C 739 6.81 -14.82 -51.29
CA LEU C 739 5.99 -16.04 -51.44
C LEU C 739 6.86 -17.16 -52.00
N ALA C 740 6.40 -17.95 -52.97
CA ALA C 740 7.18 -19.08 -53.54
C ALA C 740 8.36 -18.58 -54.37
N GLU C 741 9.48 -19.30 -54.30
CA GLU C 741 10.64 -19.07 -55.18
C GLU C 741 10.85 -20.30 -56.07
N ASN C 742 11.14 -20.07 -57.34
CA ASN C 742 11.61 -21.11 -58.27
C ASN C 742 13.07 -20.83 -58.61
N LEU C 743 14.00 -21.71 -58.20
CA LEU C 743 15.43 -21.56 -58.55
C LEU C 743 15.64 -21.89 -60.02
N SER C 744 16.61 -21.18 -60.62
CA SER C 744 16.96 -21.28 -62.04
C SER C 744 17.93 -22.44 -62.29
N VAL C 745 17.45 -23.48 -63.01
CA VAL C 745 18.28 -24.67 -63.33
C VAL C 745 18.72 -24.64 -64.80
N THR C 746 18.62 -23.49 -65.47
CA THR C 746 19.00 -23.43 -66.91
C THR C 746 20.44 -22.92 -67.03
N LEU C 747 21.27 -23.74 -67.68
CA LEU C 747 22.67 -23.40 -67.97
C LEU C 747 22.71 -22.36 -69.10
N PRO C 748 23.67 -21.40 -69.04
CA PRO C 748 23.85 -20.36 -70.08
C PRO C 748 24.16 -20.97 -71.45
N ALA C 749 23.62 -20.34 -72.51
CA ALA C 749 23.76 -20.82 -73.89
C ALA C 749 25.22 -20.70 -74.36
N ALA C 750 25.74 -21.79 -74.92
CA ALA C 750 27.13 -21.89 -75.35
C ALA C 750 27.36 -21.05 -76.60
N SER C 751 28.25 -20.06 -76.48
CA SER C 751 28.61 -19.18 -77.59
C SER C 751 29.81 -19.75 -78.36
N HIS C 752 29.94 -19.32 -79.61
CA HIS C 752 30.92 -19.85 -80.56
C HIS C 752 32.22 -19.04 -80.52
N ALA C 753 32.12 -17.78 -80.11
CA ALA C 753 33.26 -16.87 -80.00
C ALA C 753 34.09 -17.19 -78.75
N ILE C 754 35.41 -17.11 -78.89
CA ILE C 754 36.35 -17.29 -77.76
C ILE C 754 37.11 -15.97 -77.57
N PRO C 755 37.13 -15.44 -76.33
CA PRO C 755 37.91 -14.22 -76.00
C PRO C 755 39.41 -14.48 -76.21
N HIS C 756 40.13 -13.48 -76.73
CA HIS C 756 41.54 -13.65 -77.06
C HIS C 756 42.41 -12.89 -76.06
N LEU C 757 43.46 -13.53 -75.53
CA LEU C 757 44.39 -12.92 -74.55
C LEU C 757 45.71 -12.50 -75.20
N THR C 758 46.13 -11.26 -74.90
CA THR C 758 47.41 -10.71 -75.33
C THR C 758 48.21 -10.34 -74.07
N THR C 759 49.46 -10.76 -74.04
CA THR C 759 50.35 -10.49 -72.91
C THR C 759 51.47 -9.55 -73.37
N SER C 760 51.52 -8.38 -72.73
CA SER C 760 52.70 -7.51 -72.81
C SER C 760 53.41 -7.54 -71.44
N GLU C 761 54.43 -6.71 -71.27
CA GLU C 761 55.13 -6.63 -69.99
C GLU C 761 54.25 -5.88 -68.98
N MET C 762 53.51 -4.89 -69.47
CA MET C 762 52.76 -3.93 -68.64
C MET C 762 51.32 -4.41 -68.41
N ASP C 763 50.75 -5.16 -69.36
CA ASP C 763 49.31 -5.44 -69.40
C ASP C 763 48.88 -6.85 -69.80
N PHE C 764 47.71 -7.27 -69.32
CA PHE C 764 46.93 -8.31 -69.98
C PHE C 764 45.79 -7.61 -70.72
N CYS C 765 45.60 -7.93 -72.01
CA CYS C 765 44.47 -7.40 -72.77
C CYS C 765 43.63 -8.56 -73.31
N ILE C 766 42.31 -8.46 -73.14
CA ILE C 766 41.36 -9.43 -73.67
C ILE C 766 40.49 -8.70 -74.71
N GLU C 767 40.30 -9.31 -75.88
CA GLU C 767 39.41 -8.76 -76.91
C GLU C 767 38.31 -9.80 -77.21
N LEU C 768 37.09 -9.32 -77.43
CA LEU C 768 35.99 -10.14 -77.94
C LEU C 768 35.03 -9.26 -78.75
N GLY C 769 35.12 -9.34 -80.08
CA GLY C 769 34.36 -8.45 -80.96
C GLY C 769 34.87 -7.03 -80.87
N ASN C 770 33.99 -6.11 -80.49
CA ASN C 770 34.35 -4.69 -80.35
C ASN C 770 34.74 -4.37 -78.89
N LYS C 771 34.53 -5.31 -77.98
CA LYS C 771 34.81 -5.13 -76.55
C LYS C 771 36.27 -5.45 -76.23
N ARG C 772 36.85 -4.69 -75.31
CA ARG C 772 38.27 -4.89 -74.90
C ARG C 772 38.40 -4.56 -73.41
N TRP C 773 39.13 -5.40 -72.67
CA TRP C 773 39.44 -5.15 -71.26
C TRP C 773 40.96 -5.09 -71.10
N GLN C 774 41.47 -4.19 -70.26
CA GLN C 774 42.91 -4.14 -69.99
C GLN C 774 43.18 -4.18 -68.47
N PHE C 775 44.07 -5.09 -68.05
CA PHE C 775 44.47 -5.24 -66.65
C PHE C 775 45.95 -4.82 -66.51
N ASN C 776 46.21 -3.90 -65.59
CA ASN C 776 47.57 -3.38 -65.38
C ASN C 776 48.35 -4.39 -64.53
N ARG C 777 49.51 -4.84 -65.01
CA ARG C 777 50.27 -5.93 -64.34
C ARG C 777 51.06 -5.41 -63.12
N GLN C 778 51.20 -4.09 -62.96
CA GLN C 778 51.93 -3.53 -61.82
C GLN C 778 50.98 -3.24 -60.65
N SER C 779 49.79 -2.68 -60.93
CA SER C 779 48.82 -2.37 -59.88
C SER C 779 47.91 -3.59 -59.62
N GLY C 780 47.65 -4.38 -60.68
CA GLY C 780 46.85 -5.61 -60.55
C GLY C 780 45.35 -5.35 -60.58
N PHE C 781 44.93 -4.23 -61.19
CA PHE C 781 43.51 -3.88 -61.29
C PHE C 781 43.09 -3.79 -62.76
N LEU C 782 41.79 -3.94 -63.02
CA LEU C 782 41.20 -3.56 -64.30
C LEU C 782 41.34 -2.04 -64.48
N SER C 783 42.11 -1.62 -65.49
CA SER C 783 42.44 -0.21 -65.63
C SER C 783 41.63 0.47 -66.76
N GLN C 784 41.15 -0.27 -67.76
CA GLN C 784 40.35 0.33 -68.86
C GLN C 784 39.45 -0.72 -69.54
N MET C 785 38.33 -0.28 -70.11
CA MET C 785 37.39 -1.08 -70.91
C MET C 785 37.00 -0.24 -72.14
N TRP C 786 36.90 -0.88 -73.32
CA TRP C 786 36.50 -0.18 -74.53
C TRP C 786 35.25 -0.84 -75.11
N ILE C 787 34.24 -0.04 -75.45
CA ILE C 787 33.18 -0.48 -76.36
C ILE C 787 33.37 0.30 -77.66
N GLY C 788 33.67 -0.42 -78.74
CA GLY C 788 34.20 0.23 -79.92
C GLY C 788 35.55 0.83 -79.61
N ASP C 789 35.66 2.14 -79.78
CA ASP C 789 36.90 2.87 -79.44
C ASP C 789 36.64 3.92 -78.34
N LYS C 790 35.53 3.75 -77.63
CA LYS C 790 35.10 4.64 -76.56
C LYS C 790 35.54 4.04 -75.21
N LYS C 791 36.49 4.70 -74.54
CA LYS C 791 36.92 4.33 -73.15
C LYS C 791 35.72 4.40 -72.19
N GLN C 792 35.64 3.47 -71.23
CA GLN C 792 34.50 3.41 -70.31
C GLN C 792 34.88 3.88 -68.89
N LEU C 793 36.16 3.92 -68.52
CA LEU C 793 36.56 4.24 -67.13
C LEU C 793 37.46 5.49 -67.08
N LEU C 794 37.34 6.28 -66.01
CA LEU C 794 38.30 7.37 -65.72
C LEU C 794 39.25 6.98 -64.59
N THR C 795 38.82 6.07 -63.71
CA THR C 795 39.63 5.54 -62.58
C THR C 795 39.53 4.01 -62.64
N PRO C 796 40.62 3.27 -62.38
CA PRO C 796 40.54 1.77 -62.29
C PRO C 796 39.50 1.23 -61.28
N LEU C 797 39.05 -0.01 -61.47
CA LEU C 797 38.15 -0.69 -60.50
C LEU C 797 38.99 -1.25 -59.32
N ARG C 798 38.81 -0.72 -58.11
CA ARG C 798 39.69 -1.06 -56.95
C ARG C 798 38.82 -1.38 -55.72
N ASP C 799 39.35 -2.15 -54.78
CA ASP C 799 38.70 -2.35 -53.48
C ASP C 799 38.53 -1.08 -52.65
N GLN C 800 37.44 -1.02 -51.91
CA GLN C 800 37.22 0.09 -51.02
C GLN C 800 36.78 -0.46 -49.65
N PHE C 801 37.36 0.06 -48.58
CA PHE C 801 36.99 -0.40 -47.25
C PHE C 801 36.51 0.76 -46.38
N THR C 802 36.39 1.98 -46.92
CA THR C 802 36.08 3.18 -46.09
C THR C 802 34.81 3.89 -46.57
N ARG C 803 34.22 4.74 -45.75
CA ARG C 803 33.14 5.62 -46.21
C ARG C 803 33.41 7.05 -45.74
N ALA C 804 32.92 8.05 -46.49
CA ALA C 804 32.94 9.43 -45.94
C ALA C 804 32.11 9.41 -44.65
N PRO C 805 32.71 9.74 -43.51
CA PRO C 805 32.03 9.45 -42.23
C PRO C 805 30.70 10.19 -42.04
N LEU C 806 29.72 9.51 -41.44
CA LEU C 806 28.41 10.13 -41.08
C LEU C 806 28.55 10.88 -39.74
N ASP C 807 27.63 11.78 -39.44
CA ASP C 807 27.60 12.39 -38.08
C ASP C 807 27.65 11.39 -36.92
N ASN C 808 26.91 10.28 -37.01
CA ASN C 808 26.98 9.21 -36.00
C ASN C 808 28.40 8.60 -35.91
N ASP C 809 29.15 8.53 -37.03
CA ASP C 809 30.54 8.00 -36.99
C ASP C 809 31.47 9.00 -36.28
N ILE C 810 31.21 10.30 -36.41
CA ILE C 810 32.12 11.37 -35.92
C ILE C 810 31.98 11.50 -34.39
N GLY C 811 30.75 11.45 -33.88
CA GLY C 811 30.51 11.17 -32.47
C GLY C 811 30.89 12.33 -31.55
N VAL C 812 30.52 13.55 -31.96
CA VAL C 812 30.86 14.79 -31.23
C VAL C 812 29.57 15.57 -30.90
N SER C 813 29.35 15.93 -29.63
CA SER C 813 28.20 16.85 -29.27
C SER C 813 28.70 18.25 -28.93
N GLU C 814 29.91 18.32 -28.38
CA GLU C 814 30.57 19.59 -28.07
C GLU C 814 31.86 19.65 -28.87
N ALA C 815 32.04 20.75 -29.62
CA ALA C 815 33.15 20.92 -30.58
C ALA C 815 34.54 20.86 -29.89
N THR C 816 34.61 21.09 -28.57
CA THR C 816 35.89 21.14 -27.82
C THR C 816 36.31 19.74 -27.31
N ARG C 817 35.43 18.74 -27.43
CA ARG C 817 35.60 17.44 -26.76
C ARG C 817 35.59 16.30 -27.78
N ILE C 818 36.72 15.60 -27.88
CA ILE C 818 36.94 14.50 -28.83
C ILE C 818 36.84 13.17 -28.07
N ASP C 819 36.02 12.25 -28.59
CA ASP C 819 35.86 10.90 -28.04
C ASP C 819 36.75 9.93 -28.84
N PRO C 820 37.78 9.32 -28.19
CA PRO C 820 38.67 8.37 -28.90
C PRO C 820 38.01 7.00 -29.18
N ASN C 821 36.77 6.79 -28.72
CA ASN C 821 36.01 5.58 -29.02
C ASN C 821 35.10 5.72 -30.25
N ALA C 822 34.89 6.94 -30.77
CA ALA C 822 34.10 7.16 -31.98
C ALA C 822 34.67 6.34 -33.15
N TRP C 823 33.80 5.81 -34.01
CA TRP C 823 34.25 5.04 -35.19
C TRP C 823 35.32 5.80 -36.00
N VAL C 824 35.11 7.09 -36.27
CA VAL C 824 36.01 7.79 -37.20
C VAL C 824 37.41 7.90 -36.57
N GLU C 825 37.49 8.06 -35.25
CA GLU C 825 38.79 8.14 -34.54
C GLU C 825 39.51 6.81 -34.63
N ARG C 826 38.81 5.71 -34.31
CA ARG C 826 39.36 4.35 -34.44
C ARG C 826 39.83 4.06 -35.88
N TRP C 827 39.07 4.46 -36.92
CA TRP C 827 39.47 4.19 -38.34
C TRP C 827 40.69 5.02 -38.72
N LYS C 828 40.80 6.29 -38.29
CA LYS C 828 41.99 7.11 -38.64
C LYS C 828 43.25 6.58 -37.93
N ALA C 829 43.12 6.23 -36.64
CA ALA C 829 44.25 5.71 -35.84
C ALA C 829 44.79 4.40 -36.42
N ALA C 830 43.91 3.53 -36.95
CA ALA C 830 44.29 2.23 -37.48
C ALA C 830 44.84 2.35 -38.91
N GLY C 831 44.66 3.51 -39.52
CA GLY C 831 45.19 3.77 -40.85
C GLY C 831 44.31 3.26 -41.97
N HIS C 832 42.99 3.11 -41.77
CA HIS C 832 42.05 2.68 -42.87
C HIS C 832 41.98 3.72 -44.00
N TYR C 833 42.11 5.02 -43.71
CA TYR C 833 42.03 6.06 -44.77
C TYR C 833 43.37 6.19 -45.54
N GLN C 834 44.46 5.69 -44.97
CA GLN C 834 45.79 5.89 -45.58
C GLN C 834 46.34 4.57 -46.15
N ALA C 835 45.68 3.43 -45.91
CA ALA C 835 46.19 2.10 -46.27
C ALA C 835 46.52 2.00 -47.76
N GLU C 836 47.70 1.43 -48.04
CA GLU C 836 48.24 1.28 -49.42
C GLU C 836 48.13 -0.18 -49.88
N ALA C 837 47.65 -0.38 -51.10
CA ALA C 837 47.55 -1.74 -51.69
C ALA C 837 48.91 -2.15 -52.28
N ALA C 838 49.39 -3.32 -51.85
CA ALA C 838 50.57 -4.01 -52.40
C ALA C 838 50.09 -5.26 -53.16
N LEU C 839 50.66 -5.48 -54.34
CA LEU C 839 50.28 -6.60 -55.20
C LEU C 839 51.04 -7.86 -54.75
N LEU C 840 50.32 -8.97 -54.57
CA LEU C 840 50.96 -10.25 -54.24
C LEU C 840 51.04 -11.15 -55.48
N GLN C 841 50.01 -11.12 -56.32
CA GLN C 841 49.86 -12.09 -57.42
C GLN C 841 48.98 -11.48 -58.51
N CYS C 842 49.42 -11.60 -59.77
CA CYS C 842 48.60 -11.26 -60.93
C CYS C 842 48.92 -12.22 -62.07
N THR C 843 47.98 -13.11 -62.41
CA THR C 843 48.21 -14.19 -63.42
C THR C 843 47.03 -14.28 -64.39
N ALA C 844 47.31 -14.69 -65.64
CA ALA C 844 46.28 -14.86 -66.67
C ALA C 844 46.38 -16.27 -67.27
N ASP C 845 45.21 -16.84 -67.56
CA ASP C 845 45.10 -18.20 -68.15
C ASP C 845 43.95 -18.27 -69.14
N THR C 846 44.20 -18.94 -70.27
CA THR C 846 43.16 -19.26 -71.25
C THR C 846 42.54 -20.62 -70.88
N LEU C 847 41.21 -20.65 -70.73
CA LEU C 847 40.44 -21.91 -70.64
C LEU C 847 39.88 -22.22 -72.04
N ALA C 848 38.91 -23.13 -72.10
CA ALA C 848 38.31 -23.59 -73.35
C ALA C 848 37.47 -22.46 -73.99
N ASP C 849 36.71 -21.76 -73.16
CA ASP C 849 35.71 -20.79 -73.62
C ASP C 849 35.76 -19.43 -72.88
N ALA C 850 36.86 -19.18 -72.15
CA ALA C 850 36.96 -18.04 -71.22
C ALA C 850 38.43 -17.66 -71.02
N VAL C 851 38.67 -16.43 -70.57
CA VAL C 851 39.98 -16.05 -70.03
C VAL C 851 39.79 -15.84 -68.52
N LEU C 852 40.72 -16.36 -67.72
CA LEU C 852 40.65 -16.24 -66.25
C LEU C 852 41.82 -15.42 -65.71
N ILE C 853 41.53 -14.30 -65.03
CA ILE C 853 42.58 -13.44 -64.41
C ILE C 853 42.52 -13.63 -62.89
N THR C 854 43.67 -13.82 -62.25
CA THR C 854 43.70 -14.07 -60.79
C THR C 854 44.59 -13.00 -60.14
N THR C 855 44.08 -12.30 -59.12
CA THR C 855 44.88 -11.26 -58.46
C THR C 855 44.80 -11.44 -56.93
N ALA C 856 45.79 -10.94 -56.20
CA ALA C 856 45.73 -10.83 -54.73
C ALA C 856 46.45 -9.56 -54.28
N HIS C 857 45.86 -8.85 -53.31
CA HIS C 857 46.44 -7.58 -52.82
C HIS C 857 46.44 -7.60 -51.29
N ALA C 858 47.39 -6.89 -50.66
CA ALA C 858 47.38 -6.72 -49.19
C ALA C 858 47.39 -5.22 -48.86
N TRP C 859 46.50 -4.77 -47.98
CA TRP C 859 46.46 -3.36 -47.56
C TRP C 859 47.21 -3.22 -46.24
N GLN C 860 48.21 -2.34 -46.24
CA GLN C 860 49.15 -2.25 -45.12
C GLN C 860 49.30 -0.81 -44.65
N HIS C 861 49.55 -0.67 -43.35
CA HIS C 861 49.80 0.61 -42.75
C HIS C 861 50.87 0.45 -41.67
N GLN C 862 52.09 0.91 -41.98
CA GLN C 862 53.25 0.88 -41.07
C GLN C 862 53.51 -0.55 -40.58
N GLY C 863 53.69 -1.48 -41.53
CA GLY C 863 54.10 -2.86 -41.19
C GLY C 863 52.93 -3.83 -41.04
N LYS C 864 51.85 -3.37 -40.40
CA LYS C 864 50.66 -4.18 -40.09
C LYS C 864 49.81 -4.38 -41.35
N THR C 865 49.38 -5.61 -41.64
CA THR C 865 48.44 -5.92 -42.75
C THR C 865 47.00 -5.86 -42.22
N LEU C 866 46.15 -5.02 -42.85
CA LEU C 866 44.78 -4.80 -42.38
C LEU C 866 43.82 -5.75 -43.11
N PHE C 867 43.93 -5.80 -44.43
CA PHE C 867 42.99 -6.57 -45.25
C PHE C 867 43.78 -7.29 -46.33
N ILE C 868 43.27 -8.44 -46.76
CA ILE C 868 43.77 -9.13 -47.95
C ILE C 868 42.58 -9.39 -48.86
N SER C 869 42.78 -9.27 -50.16
CA SER C 869 41.70 -9.46 -51.10
C SER C 869 42.17 -10.38 -52.23
N ARG C 870 41.48 -11.50 -52.44
CA ARG C 870 41.79 -12.41 -53.56
C ARG C 870 40.65 -12.33 -54.59
N LYS C 871 40.98 -12.16 -55.87
CA LYS C 871 39.92 -11.94 -56.88
C LYS C 871 40.14 -12.83 -58.11
N THR C 872 39.04 -13.25 -58.73
CA THR C 872 39.09 -13.83 -60.07
C THR C 872 38.16 -13.05 -60.99
N TYR C 873 38.61 -12.81 -62.21
CA TYR C 873 37.80 -12.25 -63.28
C TYR C 873 37.67 -13.31 -64.38
N ARG C 874 36.46 -13.71 -64.72
CA ARG C 874 36.26 -14.68 -65.75
C ARG C 874 35.47 -14.02 -66.91
N ILE C 875 36.13 -13.81 -68.03
CA ILE C 875 35.52 -13.19 -69.21
C ILE C 875 35.19 -14.28 -70.22
N ASP C 876 33.91 -14.53 -70.45
CA ASP C 876 33.48 -15.57 -71.42
C ASP C 876 33.03 -15.03 -72.80
N GLY C 877 32.59 -15.93 -73.67
CA GLY C 877 32.25 -15.60 -75.07
C GLY C 877 30.99 -14.76 -75.22
N SER C 878 30.14 -14.75 -74.21
CA SER C 878 28.91 -13.94 -74.20
C SER C 878 29.21 -12.47 -73.90
N GLY C 879 30.44 -12.14 -73.49
CA GLY C 879 30.84 -10.77 -73.15
C GLY C 879 30.82 -10.49 -71.65
N GLN C 880 30.19 -11.34 -70.87
CA GLN C 880 29.97 -11.07 -69.44
C GLN C 880 31.29 -11.27 -68.67
N MET C 881 31.56 -10.36 -67.74
CA MET C 881 32.72 -10.51 -66.88
C MET C 881 32.24 -10.86 -65.45
N ALA C 882 32.56 -12.06 -65.01
CA ALA C 882 32.16 -12.50 -63.68
C ALA C 882 33.29 -12.17 -62.69
N ILE C 883 32.98 -11.47 -61.61
CA ILE C 883 34.01 -11.09 -60.66
C ILE C 883 33.71 -11.84 -59.36
N THR C 884 34.70 -12.52 -58.80
CA THR C 884 34.52 -13.21 -57.51
C THR C 884 35.52 -12.59 -56.52
N VAL C 885 35.10 -12.26 -55.31
CA VAL C 885 35.97 -11.56 -54.38
C VAL C 885 35.99 -12.30 -53.04
N ASP C 886 37.18 -12.56 -52.48
CA ASP C 886 37.29 -13.08 -51.11
C ASP C 886 38.18 -12.19 -50.28
N VAL C 887 37.67 -11.72 -49.15
CA VAL C 887 38.42 -10.72 -48.37
C VAL C 887 38.68 -11.30 -46.97
N GLU C 888 39.88 -11.06 -46.42
CA GLU C 888 40.16 -11.37 -44.99
C GLU C 888 40.46 -10.07 -44.24
N VAL C 889 39.93 -9.93 -43.04
CA VAL C 889 40.10 -8.71 -42.26
C VAL C 889 40.79 -9.07 -40.94
N ALA C 890 41.94 -8.44 -40.60
CA ALA C 890 42.64 -8.73 -39.31
C ALA C 890 41.70 -8.56 -38.12
N SER C 891 41.70 -9.51 -37.18
CA SER C 891 40.68 -9.54 -36.10
C SER C 891 40.85 -8.37 -35.10
N ASP C 892 42.04 -7.78 -35.03
CA ASP C 892 42.30 -6.66 -34.10
C ASP C 892 42.33 -5.24 -34.72
N THR C 893 42.09 -5.12 -36.03
CA THR C 893 41.74 -3.84 -36.64
C THR C 893 40.27 -3.53 -36.30
N PRO C 894 39.90 -2.24 -36.09
CA PRO C 894 38.45 -1.87 -35.98
C PRO C 894 37.68 -2.38 -37.21
N HIS C 895 36.46 -2.91 -37.01
CA HIS C 895 35.72 -3.46 -38.13
C HIS C 895 35.57 -2.40 -39.23
N PRO C 896 35.77 -2.76 -40.51
CA PRO C 896 35.67 -1.75 -41.60
C PRO C 896 34.23 -1.21 -41.84
N ALA C 897 34.12 -0.05 -42.47
CA ALA C 897 32.80 0.53 -42.77
C ALA C 897 32.13 -0.19 -43.96
N ARG C 898 32.89 -0.80 -44.87
CA ARG C 898 32.27 -1.52 -46.01
C ARG C 898 33.31 -2.45 -46.65
N ILE C 899 32.85 -3.39 -47.46
CA ILE C 899 33.72 -4.24 -48.27
C ILE C 899 33.16 -4.20 -49.69
N GLY C 900 33.79 -3.43 -50.58
CA GLY C 900 33.29 -3.41 -51.95
C GLY C 900 34.31 -2.90 -52.94
N LEU C 901 33.80 -2.49 -54.10
CA LEU C 901 34.59 -1.98 -55.22
C LEU C 901 34.12 -0.56 -55.53
N ASN C 902 35.02 0.27 -56.05
CA ASN C 902 34.57 1.49 -56.63
C ASN C 902 35.30 1.76 -57.94
N CYS C 903 34.67 2.56 -58.80
CA CYS C 903 35.35 3.16 -59.95
C CYS C 903 34.61 4.43 -60.41
N GLN C 904 35.30 5.20 -61.26
CA GLN C 904 34.70 6.36 -61.90
C GLN C 904 34.47 6.02 -63.38
N LEU C 905 33.20 5.87 -63.74
CA LEU C 905 32.74 5.63 -65.11
C LEU C 905 32.92 6.92 -65.92
N ALA C 906 33.11 6.78 -67.23
CA ALA C 906 33.41 7.92 -68.09
C ALA C 906 32.11 8.65 -68.47
N GLN C 907 30.99 7.95 -68.49
CA GLN C 907 29.77 8.53 -69.04
C GLN C 907 28.82 8.99 -67.91
N VAL C 908 28.05 10.03 -68.23
CA VAL C 908 26.98 10.55 -67.40
C VAL C 908 25.64 10.26 -68.12
N ALA C 909 24.74 9.58 -67.43
CA ALA C 909 23.41 9.27 -67.99
C ALA C 909 22.31 9.97 -67.16
N GLU C 910 21.09 10.04 -67.69
CA GLU C 910 20.02 10.78 -67.00
C GLU C 910 19.30 9.88 -65.98
N ARG C 911 19.22 8.56 -66.21
CA ARG C 911 18.37 7.69 -65.39
C ARG C 911 19.21 6.59 -64.75
N VAL C 912 18.69 6.05 -63.66
CA VAL C 912 19.24 4.89 -62.99
C VAL C 912 18.06 3.94 -62.80
N ASN C 913 18.25 2.67 -63.12
CA ASN C 913 17.17 1.70 -63.06
C ASN C 913 17.67 0.50 -62.25
N TRP C 914 16.94 0.03 -61.25
CA TRP C 914 17.51 -1.07 -60.49
C TRP C 914 16.41 -2.01 -60.00
N LEU C 915 16.76 -3.26 -59.77
CA LEU C 915 15.85 -4.19 -59.17
C LEU C 915 16.28 -4.46 -57.72
N GLY C 916 15.56 -3.97 -56.74
CA GLY C 916 16.03 -4.08 -55.37
C GLY C 916 15.22 -3.22 -54.44
N LEU C 917 15.71 -2.98 -53.21
CA LEU C 917 14.93 -2.22 -52.22
C LEU C 917 14.89 -0.73 -52.59
N GLY C 918 13.72 -0.09 -52.49
CA GLY C 918 13.66 1.34 -52.81
C GLY C 918 12.26 1.89 -52.57
N PRO C 919 11.97 3.08 -53.11
CA PRO C 919 12.90 3.85 -53.97
C PRO C 919 13.86 4.78 -53.20
N GLN C 920 13.66 5.00 -51.92
CA GLN C 920 14.54 5.96 -51.19
C GLN C 920 15.81 5.27 -50.66
N GLU C 921 16.80 6.09 -50.30
CA GLU C 921 18.07 5.69 -49.61
C GLU C 921 17.73 4.70 -48.48
N ASN C 922 18.44 3.59 -48.38
CA ASN C 922 18.18 2.61 -47.31
C ASN C 922 19.51 1.94 -46.91
N TYR C 923 19.68 1.59 -45.64
CA TYR C 923 20.94 1.05 -45.07
C TYR C 923 20.60 -0.21 -44.31
N PRO C 924 21.58 -1.11 -44.08
CA PRO C 924 21.25 -2.40 -43.42
C PRO C 924 20.47 -2.28 -42.10
N ASP C 925 20.73 -1.25 -41.29
CA ASP C 925 19.87 -1.05 -40.13
C ASP C 925 18.72 -0.02 -40.30
N ARG C 926 18.46 0.43 -41.53
CA ARG C 926 17.28 1.25 -41.82
C ARG C 926 16.71 0.85 -43.18
N LEU C 927 16.17 -0.37 -43.29
CA LEU C 927 15.59 -0.78 -44.59
C LEU C 927 14.20 -1.41 -44.44
N THR C 928 13.54 -1.34 -43.29
CA THR C 928 12.18 -1.98 -43.15
C THR C 928 11.14 -1.23 -44.01
N ALA C 929 11.26 0.10 -44.17
CA ALA C 929 10.29 0.90 -44.99
C ALA C 929 10.44 0.64 -46.49
N ALA C 930 11.62 0.23 -46.94
CA ALA C 930 11.90 0.10 -48.38
C ALA C 930 11.22 -1.19 -48.89
N CYS C 931 10.85 -1.24 -50.17
CA CYS C 931 10.17 -2.42 -50.77
C CYS C 931 10.97 -2.90 -51.98
N PHE C 932 11.07 -4.21 -52.15
CA PHE C 932 11.68 -4.81 -53.32
C PHE C 932 10.78 -4.56 -54.53
N ASP C 933 11.32 -4.00 -55.60
CA ASP C 933 10.58 -3.84 -56.85
C ASP C 933 11.51 -3.33 -57.94
N ARG C 934 10.99 -2.98 -59.12
CA ARG C 934 11.80 -2.35 -60.15
C ARG C 934 11.63 -0.83 -60.06
N TRP C 935 12.73 -0.09 -59.81
CA TRP C 935 12.67 1.35 -59.56
C TRP C 935 13.42 2.09 -60.66
N ASP C 936 13.02 3.31 -60.97
CA ASP C 936 13.66 4.08 -62.02
C ASP C 936 13.63 5.57 -61.67
N LEU C 937 14.79 6.17 -61.43
CA LEU C 937 14.85 7.55 -60.94
C LEU C 937 15.91 8.32 -61.74
N PRO C 938 15.77 9.65 -61.83
CA PRO C 938 16.85 10.48 -62.38
C PRO C 938 18.12 10.42 -61.49
N LEU C 939 19.31 10.56 -62.10
CA LEU C 939 20.56 10.47 -61.33
C LEU C 939 20.52 11.39 -60.09
N SER C 940 19.99 12.62 -60.19
CA SER C 940 19.98 13.60 -59.08
C SER C 940 19.22 13.09 -57.84
N ASP C 941 18.26 12.19 -58.00
CA ASP C 941 17.54 11.59 -56.85
C ASP C 941 18.31 10.50 -56.10
N MET C 942 19.48 10.12 -56.60
CA MET C 942 20.26 9.05 -55.99
C MET C 942 21.33 9.67 -55.07
N TYR C 943 21.24 10.98 -54.88
CA TYR C 943 22.10 11.76 -53.98
C TYR C 943 21.19 12.41 -52.93
N THR C 944 21.50 12.24 -51.65
CA THR C 944 20.73 12.95 -50.60
C THR C 944 21.53 14.17 -50.17
N PRO C 945 20.95 15.36 -50.36
CA PRO C 945 21.80 16.56 -50.14
C PRO C 945 21.86 16.99 -48.66
N TYR C 946 22.43 16.17 -47.79
CA TYR C 946 22.57 16.55 -46.37
C TYR C 946 23.46 17.81 -46.31
N VAL C 947 23.16 18.72 -45.38
CA VAL C 947 23.85 20.03 -45.36
C VAL C 947 25.33 19.83 -44.99
N PHE C 948 25.59 18.96 -44.02
CA PHE C 948 26.94 18.47 -43.76
C PHE C 948 27.20 17.19 -44.60
N PRO C 949 27.98 17.25 -45.67
CA PRO C 949 28.13 16.08 -46.61
C PRO C 949 28.72 14.81 -45.96
N SER C 950 28.17 13.65 -46.33
CA SER C 950 28.65 12.37 -45.85
C SER C 950 28.30 11.29 -46.87
N GLU C 951 28.68 10.04 -46.58
CA GLU C 951 28.16 8.87 -47.29
C GLU C 951 26.63 9.01 -47.34
N ASN C 952 26.03 8.72 -48.49
CA ASN C 952 24.60 8.92 -48.65
C ASN C 952 24.15 8.19 -49.92
N GLY C 953 22.85 7.89 -50.02
CA GLY C 953 22.24 7.43 -51.25
C GLY C 953 22.36 5.92 -51.47
N LEU C 954 22.81 5.12 -50.47
CA LEU C 954 22.88 3.66 -50.60
C LEU C 954 21.52 3.03 -50.90
N ARG C 955 21.52 2.01 -51.73
CA ARG C 955 20.34 1.11 -51.89
C ARG C 955 20.77 -0.34 -51.63
N CYS C 956 20.13 -1.00 -50.66
CA CYS C 956 20.47 -2.39 -50.30
C CYS C 956 19.61 -3.39 -51.10
N GLY C 957 19.94 -4.68 -50.90
CA GLY C 957 19.19 -5.85 -51.41
C GLY C 957 19.03 -5.82 -52.92
N THR C 958 20.03 -5.34 -53.64
CA THR C 958 19.86 -5.11 -55.07
C THR C 958 20.32 -6.33 -55.87
N ARG C 959 19.56 -6.71 -56.91
CA ARG C 959 19.90 -7.89 -57.74
C ARG C 959 20.37 -7.47 -59.13
N GLU C 960 19.95 -6.30 -59.61
CA GLU C 960 20.34 -5.85 -60.96
C GLU C 960 20.39 -4.31 -60.99
N LEU C 961 21.41 -3.74 -61.61
CA LEU C 961 21.55 -2.31 -61.70
C LEU C 961 21.86 -1.97 -63.16
N ASN C 962 21.12 -1.02 -63.74
CA ASN C 962 21.36 -0.62 -65.13
C ASN C 962 21.71 0.88 -65.18
N TYR C 963 22.80 1.23 -65.84
CA TYR C 963 23.16 2.62 -65.94
C TYR C 963 23.89 2.87 -67.25
N GLY C 964 23.28 3.62 -68.17
CA GLY C 964 23.81 3.70 -69.56
C GLY C 964 23.86 2.33 -70.20
N PRO C 965 24.96 1.97 -70.88
CA PRO C 965 25.02 0.60 -71.46
C PRO C 965 25.36 -0.51 -70.45
N HIS C 966 25.71 -0.20 -69.21
CA HIS C 966 26.23 -1.22 -68.28
C HIS C 966 25.10 -1.88 -67.50
N GLN C 967 25.26 -3.18 -67.23
CA GLN C 967 24.41 -3.86 -66.28
C GLN C 967 25.27 -4.65 -65.28
N TRP C 968 24.97 -4.53 -63.99
CA TRP C 968 25.62 -5.33 -62.93
C TRP C 968 24.58 -6.25 -62.31
N ARG C 969 24.93 -7.51 -62.10
CA ARG C 969 24.00 -8.44 -61.46
C ARG C 969 24.70 -9.08 -60.26
N GLY C 970 23.94 -9.46 -59.26
CA GLY C 970 24.54 -10.08 -58.08
C GLY C 970 23.59 -10.07 -56.92
N ASP C 971 24.12 -9.74 -55.73
CA ASP C 971 23.34 -9.52 -54.51
C ASP C 971 24.09 -8.46 -53.67
N PHE C 972 23.84 -7.17 -53.91
CA PHE C 972 24.81 -6.16 -53.49
C PHE C 972 24.09 -4.89 -53.01
N GLN C 973 24.82 -3.97 -52.40
CA GLN C 973 24.34 -2.62 -52.13
C GLN C 973 25.14 -1.67 -53.01
N PHE C 974 24.56 -0.55 -53.46
CA PHE C 974 25.30 0.35 -54.35
C PHE C 974 24.98 1.81 -54.00
N ASN C 975 25.86 2.72 -54.40
CA ASN C 975 25.46 4.10 -54.54
C ASN C 975 26.12 4.69 -55.78
N ILE C 976 25.48 5.69 -56.35
CA ILE C 976 25.94 6.20 -57.63
C ILE C 976 25.75 7.72 -57.62
N SER C 977 26.75 8.48 -58.01
CA SER C 977 26.64 9.92 -57.89
C SER C 977 27.81 10.61 -58.62
N ARG C 978 27.77 11.94 -58.62
CA ARG C 978 28.82 12.75 -59.22
C ARG C 978 29.86 13.18 -58.18
N TYR C 979 29.75 12.73 -56.91
CA TYR C 979 30.74 13.14 -55.89
C TYR C 979 31.53 11.93 -55.39
N SER C 980 32.86 12.02 -55.33
CA SER C 980 33.66 10.91 -54.76
C SER C 980 33.54 10.89 -53.23
N GLN C 981 33.90 9.75 -52.61
CA GLN C 981 33.94 9.62 -51.14
C GLN C 981 34.97 10.61 -50.58
N GLN C 982 36.09 10.80 -51.26
CA GLN C 982 37.11 11.76 -50.85
C GLN C 982 36.57 13.20 -50.85
N GLN C 983 35.84 13.60 -51.90
CA GLN C 983 35.24 14.93 -51.91
C GLN C 983 34.22 15.12 -50.77
N LEU C 984 33.33 14.14 -50.54
CA LEU C 984 32.31 14.27 -49.49
C LEU C 984 32.97 14.38 -48.11
N MET C 985 34.10 13.70 -47.90
CA MET C 985 34.82 13.73 -46.62
C MET C 985 35.53 15.09 -46.40
N GLU C 986 35.97 15.75 -47.46
CA GLU C 986 36.77 16.97 -47.26
C GLU C 986 35.88 18.24 -47.20
N THR C 987 34.61 18.14 -47.54
CA THR C 987 33.79 19.35 -47.77
C THR C 987 32.82 19.55 -46.59
N SER C 988 32.83 20.73 -45.99
CA SER C 988 32.02 20.98 -44.76
C SER C 988 30.57 21.41 -45.07
N HIS C 989 30.28 21.89 -46.29
CA HIS C 989 28.93 22.42 -46.61
C HIS C 989 28.49 21.93 -47.99
N ARG C 990 27.23 21.57 -48.14
CA ARG C 990 26.76 21.01 -49.42
C ARG C 990 26.93 22.01 -50.58
N HIS C 991 26.89 23.32 -50.33
CA HIS C 991 26.92 24.29 -51.46
C HIS C 991 28.33 24.35 -52.07
N LEU C 992 29.35 23.82 -51.38
CA LEU C 992 30.76 23.85 -51.83
C LEU C 992 31.13 22.59 -52.63
N LEU C 993 30.21 21.62 -52.79
CA LEU C 993 30.47 20.42 -53.60
C LEU C 993 30.38 20.78 -55.09
N HIS C 994 31.31 20.27 -55.90
CA HIS C 994 31.21 20.42 -57.37
C HIS C 994 31.21 19.02 -58.02
N ALA C 995 30.32 18.83 -58.98
CA ALA C 995 30.21 17.59 -59.78
C ALA C 995 31.55 17.33 -60.49
N GLU C 996 32.03 16.10 -60.34
CA GLU C 996 33.27 15.60 -60.96
C GLU C 996 32.94 15.10 -62.38
N GLU C 997 33.97 14.87 -63.19
CA GLU C 997 33.80 14.28 -64.53
C GLU C 997 33.28 12.83 -64.38
N GLY C 998 32.29 12.42 -65.15
CA GLY C 998 31.83 11.04 -65.06
C GLY C 998 31.03 10.78 -63.78
N THR C 999 30.83 9.50 -63.47
CA THR C 999 29.99 9.08 -62.35
C THR C 999 30.76 8.12 -61.44
N TRP C 1000 30.71 8.37 -60.15
CA TRP C 1000 31.31 7.45 -59.18
C TRP C 1000 30.32 6.32 -58.84
N LEU C 1001 30.77 5.09 -58.96
CA LEU C 1001 29.95 3.96 -58.57
C LEU C 1001 30.64 3.26 -57.38
N ASN C 1002 29.93 3.04 -56.30
CA ASN C 1002 30.41 2.17 -55.23
C ASN C 1002 29.54 0.92 -55.20
N ILE C 1003 30.10 -0.28 -55.37
CA ILE C 1003 29.28 -1.51 -55.30
C ILE C 1003 29.77 -2.34 -54.10
N ASP C 1004 28.92 -2.62 -53.15
CA ASP C 1004 29.38 -3.27 -51.92
C ASP C 1004 28.80 -4.66 -51.83
N GLY C 1005 29.62 -5.62 -51.44
CA GLY C 1005 29.06 -6.85 -50.96
C GLY C 1005 28.51 -6.67 -49.54
N PHE C 1006 29.11 -5.80 -48.72
CA PHE C 1006 28.73 -5.68 -47.29
C PHE C 1006 28.91 -4.23 -46.83
N HIS C 1007 28.04 -3.77 -45.94
CA HIS C 1007 28.08 -2.37 -45.51
C HIS C 1007 27.71 -2.32 -44.03
N MET C 1008 28.42 -1.55 -43.22
CA MET C 1008 28.12 -1.42 -41.77
C MET C 1008 26.81 -0.64 -41.55
N GLY C 1009 26.11 -0.86 -40.44
CA GLY C 1009 24.95 0.00 -40.08
C GLY C 1009 25.35 1.46 -39.84
N ILE C 1010 24.35 2.30 -39.58
CA ILE C 1010 24.57 3.74 -39.47
C ILE C 1010 24.34 4.19 -38.01
N GLY C 1011 23.67 3.38 -37.19
CA GLY C 1011 23.46 3.75 -35.78
C GLY C 1011 22.48 4.92 -35.61
N GLY C 1012 22.48 5.51 -34.43
CA GLY C 1012 21.68 6.69 -34.16
C GLY C 1012 20.77 6.55 -32.96
N ASP C 1013 21.05 5.59 -32.06
CA ASP C 1013 20.52 5.65 -30.69
C ASP C 1013 20.97 6.94 -30.00
N ASP C 1014 22.22 7.35 -30.22
CA ASP C 1014 22.61 8.75 -30.06
C ASP C 1014 23.71 9.08 -31.04
N SER C 1015 24.22 10.31 -31.04
CA SER C 1015 25.23 10.70 -32.03
C SER C 1015 26.55 11.10 -31.36
N TRP C 1016 26.78 10.79 -30.08
CA TRP C 1016 27.99 11.28 -29.40
C TRP C 1016 28.70 10.11 -28.68
N SER C 1017 28.34 8.90 -29.04
CA SER C 1017 28.95 7.68 -28.53
C SER C 1017 28.64 6.58 -29.55
N PRO C 1018 29.49 5.53 -29.69
CA PRO C 1018 29.28 4.47 -30.70
C PRO C 1018 27.89 3.84 -30.55
N SER C 1019 27.11 3.75 -31.62
CA SER C 1019 25.71 3.36 -31.45
C SER C 1019 25.31 2.25 -32.42
N VAL C 1020 26.25 1.74 -33.22
CA VAL C 1020 25.92 0.61 -34.11
C VAL C 1020 25.88 -0.68 -33.28
N SER C 1021 24.78 -1.39 -33.36
CA SER C 1021 24.59 -2.67 -32.66
C SER C 1021 25.46 -3.76 -33.31
N ALA C 1022 25.93 -4.71 -32.50
CA ALA C 1022 26.86 -5.79 -32.90
C ALA C 1022 26.39 -6.60 -34.13
N GLU C 1023 25.09 -6.78 -34.36
CA GLU C 1023 24.62 -7.51 -35.57
C GLU C 1023 24.76 -6.65 -36.86
N PHE C 1024 25.10 -5.38 -36.77
CA PHE C 1024 25.31 -4.60 -37.99
C PHE C 1024 26.79 -4.21 -38.17
N GLN C 1025 27.70 -4.77 -37.38
CA GLN C 1025 29.12 -4.51 -37.56
C GLN C 1025 29.70 -5.60 -38.48
N LEU C 1026 30.71 -5.26 -39.29
CA LEU C 1026 31.31 -6.27 -40.16
C LEU C 1026 32.42 -6.98 -39.37
N SER C 1027 32.01 -7.98 -38.56
CA SER C 1027 32.97 -8.61 -37.60
C SER C 1027 33.28 -10.08 -37.96
N ALA C 1028 32.88 -10.57 -39.11
CA ALA C 1028 32.96 -11.99 -39.43
C ALA C 1028 34.41 -12.45 -39.71
N GLY C 1029 35.29 -11.53 -40.12
CA GLY C 1029 36.69 -11.90 -40.39
C GLY C 1029 36.93 -12.32 -41.84
N ARG C 1030 35.99 -13.05 -42.46
CA ARG C 1030 36.10 -13.48 -43.87
C ARG C 1030 34.79 -13.19 -44.61
N TYR C 1031 34.90 -12.76 -45.87
CA TYR C 1031 33.76 -12.26 -46.63
C TYR C 1031 33.89 -12.70 -48.08
N HIS C 1032 32.78 -13.06 -48.70
CA HIS C 1032 32.76 -13.48 -50.08
C HIS C 1032 31.64 -12.74 -50.80
N TYR C 1033 31.82 -12.33 -52.06
CA TYR C 1033 30.65 -11.87 -52.83
C TYR C 1033 31.00 -12.00 -54.31
N GLN C 1034 30.01 -11.94 -55.19
CA GLN C 1034 30.32 -12.02 -56.62
C GLN C 1034 29.40 -11.08 -57.42
N LEU C 1035 29.93 -10.59 -58.55
CA LEU C 1035 29.25 -9.67 -59.46
C LEU C 1035 29.37 -10.22 -60.88
N VAL C 1036 28.41 -9.91 -61.72
CA VAL C 1036 28.60 -10.02 -63.16
C VAL C 1036 28.48 -8.60 -63.74
N TRP C 1037 29.44 -8.23 -64.57
CA TRP C 1037 29.42 -6.96 -65.28
C TRP C 1037 29.26 -7.24 -66.77
N CYS C 1038 28.14 -6.82 -67.38
CA CYS C 1038 27.93 -7.03 -68.84
C CYS C 1038 27.43 -5.74 -69.51
N GLN C 1039 27.26 -5.76 -70.84
CA GLN C 1039 26.80 -4.59 -71.63
C GLN C 1039 25.44 -4.88 -72.27
N LYS C 1040 24.39 -4.36 -71.64
CA LYS C 1040 23.02 -4.44 -72.12
C LYS C 1040 22.77 -3.32 -73.14
N VAL D 26 -13.29 -58.53 6.41
CA VAL D 26 -13.54 -57.12 6.87
C VAL D 26 -12.67 -56.15 6.05
N VAL D 27 -11.47 -56.60 5.67
CA VAL D 27 -10.49 -55.78 4.96
C VAL D 27 -10.89 -55.67 3.48
N LEU D 28 -11.27 -56.78 2.84
CA LEU D 28 -11.72 -56.69 1.43
C LEU D 28 -13.18 -56.22 1.36
N GLN D 29 -13.84 -56.11 2.52
CA GLN D 29 -15.22 -55.60 2.61
C GLN D 29 -15.25 -54.06 2.59
N ARG D 30 -14.33 -53.40 3.32
CA ARG D 30 -14.30 -51.94 3.32
C ARG D 30 -13.65 -51.35 2.06
N ARG D 31 -12.63 -52.02 1.47
CA ARG D 31 -11.92 -51.47 0.26
C ARG D 31 -11.50 -50.02 0.52
N ASP D 32 -10.65 -49.82 1.53
CA ASP D 32 -10.15 -48.49 1.90
C ASP D 32 -9.27 -47.85 0.82
N TRP D 33 -8.75 -48.65 -0.12
CA TRP D 33 -7.91 -48.13 -1.19
C TRP D 33 -8.74 -47.53 -2.34
N GLU D 34 -10.06 -47.54 -2.25
CA GLU D 34 -10.93 -46.92 -3.29
C GLU D 34 -11.82 -45.84 -2.68
N ASN D 35 -11.25 -45.01 -1.82
CA ASN D 35 -12.03 -44.12 -0.96
C ASN D 35 -11.13 -42.94 -0.58
N PRO D 36 -11.29 -41.79 -1.24
CA PRO D 36 -10.36 -40.68 -0.91
C PRO D 36 -10.54 -40.08 0.50
N GLY D 37 -11.62 -40.42 1.21
CA GLY D 37 -11.82 -39.93 2.58
C GLY D 37 -11.06 -40.76 3.63
N VAL D 38 -10.51 -41.92 3.28
CA VAL D 38 -9.70 -42.71 4.22
C VAL D 38 -8.27 -42.76 3.69
N THR D 39 -7.38 -42.00 4.30
CA THR D 39 -5.98 -42.00 3.87
C THR D 39 -5.10 -42.81 4.84
N GLN D 40 -5.65 -43.21 6.01
CA GLN D 40 -4.90 -43.98 7.01
C GLN D 40 -5.85 -44.55 8.08
N LEU D 41 -5.48 -45.64 8.74
CA LEU D 41 -6.15 -46.07 9.96
C LEU D 41 -5.07 -46.39 11.00
N ASN D 42 -5.13 -45.78 12.19
CA ASN D 42 -4.27 -46.04 13.36
C ASN D 42 -2.82 -45.61 13.14
N ARG D 43 -2.60 -44.64 12.27
CA ARG D 43 -1.26 -44.17 12.00
C ARG D 43 -0.92 -43.08 13.02
N LEU D 44 0.30 -43.02 13.55
CA LEU D 44 0.66 -41.99 14.57
C LEU D 44 0.95 -40.65 13.88
N ALA D 45 0.93 -39.54 14.63
CA ALA D 45 1.24 -38.18 14.11
C ALA D 45 2.64 -38.11 13.46
N ALA D 46 2.81 -37.17 12.52
CA ALA D 46 4.09 -36.92 11.85
C ALA D 46 4.97 -36.05 12.76
N HIS D 47 6.30 -36.17 12.64
CA HIS D 47 7.25 -35.44 13.51
C HIS D 47 8.63 -35.44 12.85
N PRO D 48 9.57 -34.58 13.31
CA PRO D 48 10.97 -34.64 12.81
C PRO D 48 11.62 -35.98 13.18
N PRO D 49 12.74 -36.35 12.51
CA PRO D 49 13.38 -37.68 12.77
C PRO D 49 13.88 -37.82 14.21
N PHE D 50 13.60 -38.98 14.84
CA PHE D 50 13.92 -39.28 16.25
C PHE D 50 14.76 -40.56 16.34
N ALA D 51 15.64 -40.63 17.34
CA ALA D 51 16.46 -41.84 17.55
C ALA D 51 16.33 -42.34 19.00
N SER D 52 15.72 -41.53 19.88
CA SER D 52 15.51 -41.85 21.30
C SER D 52 16.81 -42.30 21.98
N TRP D 53 17.80 -41.42 22.08
CA TRP D 53 19.04 -41.72 22.79
C TRP D 53 18.78 -41.74 24.30
N ARG D 54 19.56 -42.50 25.07
CA ARG D 54 19.35 -42.56 26.55
C ARG D 54 20.59 -42.00 27.24
N ASN D 55 21.36 -41.21 26.47
CA ASN D 55 22.66 -40.68 26.86
C ASN D 55 22.95 -39.45 26.00
N SER D 56 23.15 -38.28 26.63
CA SER D 56 23.32 -36.97 25.95
C SER D 56 24.57 -36.95 25.06
N GLU D 57 25.68 -37.51 25.54
CA GLU D 57 26.92 -37.58 24.74
C GLU D 57 26.68 -38.33 23.42
N GLU D 58 26.00 -39.46 23.46
CA GLU D 58 25.65 -40.22 22.26
C GLU D 58 24.86 -39.31 21.29
N ALA D 59 23.90 -38.54 21.84
CA ALA D 59 23.04 -37.68 21.03
C ALA D 59 23.86 -36.56 20.37
N ARG D 60 24.78 -35.97 21.13
CA ARG D 60 25.62 -34.85 20.67
C ARG D 60 26.51 -35.30 19.50
N THR D 61 27.13 -36.47 19.62
CA THR D 61 28.12 -36.93 18.62
C THR D 61 27.45 -37.71 17.49
N ASP D 62 26.12 -37.88 17.56
CA ASP D 62 25.32 -38.54 16.51
C ASP D 62 25.68 -40.03 16.32
N ARG D 63 26.05 -40.70 17.40
CA ARG D 63 26.35 -42.14 17.37
C ARG D 63 25.06 -42.94 17.18
N PRO D 64 25.14 -44.18 16.66
CA PRO D 64 23.95 -45.08 16.54
C PRO D 64 23.26 -45.34 17.88
N SER D 65 21.93 -45.35 17.84
CA SER D 65 21.09 -45.52 19.02
C SER D 65 20.72 -47.02 19.16
N GLN D 66 20.84 -47.58 20.35
CA GLN D 66 20.34 -48.96 20.64
C GLN D 66 18.81 -49.01 20.56
N GLN D 67 18.13 -47.88 20.65
CA GLN D 67 16.67 -47.88 20.71
C GLN D 67 16.06 -47.85 19.30
N LEU D 68 16.90 -47.64 18.28
CA LEU D 68 16.45 -47.58 16.87
C LEU D 68 17.06 -48.77 16.13
N ARG D 69 16.22 -49.71 15.76
CA ARG D 69 16.67 -50.97 15.18
C ARG D 69 16.16 -51.08 13.73
N SER D 70 17.06 -51.33 12.77
CA SER D 70 16.72 -51.52 11.34
C SER D 70 16.17 -52.93 11.06
N LEU D 71 15.11 -53.04 10.23
CA LEU D 71 14.56 -54.37 9.78
C LEU D 71 14.86 -54.61 8.29
N ASN D 72 15.72 -53.81 7.69
CA ASN D 72 16.24 -54.05 6.34
C ASN D 72 16.96 -55.41 6.31
N GLY D 73 16.88 -56.07 5.16
CA GLY D 73 17.47 -57.38 4.96
C GLY D 73 16.56 -58.28 4.16
N GLU D 74 16.54 -59.57 4.48
CA GLU D 74 15.80 -60.59 3.72
C GLU D 74 14.40 -60.79 4.31
N TRP D 75 13.39 -60.56 3.48
CA TRP D 75 12.00 -60.82 3.86
C TRP D 75 11.45 -61.88 2.92
N ARG D 76 10.30 -62.43 3.26
CA ARG D 76 9.63 -63.36 2.36
C ARG D 76 8.66 -62.56 1.49
N PHE D 77 8.39 -63.00 0.24
CA PHE D 77 7.56 -62.22 -0.69
C PHE D 77 6.82 -63.16 -1.64
N ALA D 78 5.52 -62.90 -1.82
CA ALA D 78 4.74 -63.56 -2.85
C ALA D 78 3.92 -62.49 -3.59
N TRP D 79 3.70 -62.71 -4.89
CA TRP D 79 2.98 -61.80 -5.78
C TRP D 79 1.61 -62.39 -6.11
N PHE D 80 0.58 -61.54 -6.15
CA PHE D 80 -0.78 -61.99 -6.51
C PHE D 80 -1.41 -60.98 -7.47
N PRO D 81 -2.29 -61.47 -8.36
CA PRO D 81 -2.87 -60.55 -9.37
C PRO D 81 -3.92 -59.56 -8.81
N ALA D 82 -4.49 -59.85 -7.64
CA ALA D 82 -5.52 -58.98 -6.98
C ALA D 82 -5.51 -59.25 -5.47
N PRO D 83 -6.08 -58.32 -4.66
CA PRO D 83 -6.14 -58.57 -3.21
C PRO D 83 -7.08 -59.72 -2.78
N GLU D 84 -8.06 -60.09 -3.61
CA GLU D 84 -9.02 -61.18 -3.31
C GLU D 84 -8.39 -62.56 -3.54
N ALA D 85 -7.20 -62.62 -4.13
CA ALA D 85 -6.57 -63.90 -4.44
C ALA D 85 -5.58 -64.32 -3.33
N VAL D 86 -5.38 -63.48 -2.33
CA VAL D 86 -4.46 -63.78 -1.22
C VAL D 86 -5.15 -64.80 -0.29
N PRO D 87 -4.53 -65.98 -0.06
CA PRO D 87 -5.08 -66.98 0.89
C PRO D 87 -5.14 -66.44 2.33
N GLU D 88 -6.14 -66.87 3.09
CA GLU D 88 -6.33 -66.47 4.50
C GLU D 88 -5.15 -66.96 5.37
N SER D 89 -4.58 -68.12 5.05
CA SER D 89 -3.49 -68.74 5.84
C SER D 89 -2.27 -67.80 5.97
N TRP D 90 -2.08 -66.91 4.99
CA TRP D 90 -0.88 -66.06 4.91
C TRP D 90 -0.73 -65.17 6.15
N LEU D 91 -1.85 -64.74 6.73
CA LEU D 91 -1.90 -63.97 7.99
C LEU D 91 -1.28 -64.79 9.13
N GLU D 92 -1.56 -66.09 9.18
CA GLU D 92 -1.09 -66.92 10.29
C GLU D 92 0.39 -67.27 10.11
N CYS D 93 0.76 -67.79 8.94
CA CYS D 93 2.11 -68.31 8.75
C CYS D 93 2.54 -68.17 7.28
N ASP D 94 3.83 -68.41 7.05
CA ASP D 94 4.47 -68.35 5.74
C ASP D 94 3.86 -69.22 4.66
N LEU D 95 3.77 -68.68 3.45
CA LEU D 95 3.39 -69.45 2.26
C LEU D 95 4.60 -70.25 1.76
N PRO D 96 4.38 -71.52 1.36
CA PRO D 96 5.47 -72.38 0.82
C PRO D 96 6.11 -71.85 -0.48
N GLU D 97 5.30 -71.22 -1.34
CA GLU D 97 5.74 -70.76 -2.68
C GLU D 97 6.30 -69.32 -2.66
N ALA D 98 6.45 -68.72 -1.48
CA ALA D 98 7.11 -67.40 -1.36
C ALA D 98 8.64 -67.54 -1.51
N ASP D 99 9.24 -66.47 -2.01
CA ASP D 99 10.66 -66.36 -2.25
C ASP D 99 11.28 -65.46 -1.20
N THR D 100 12.60 -65.51 -1.08
CA THR D 100 13.35 -64.59 -0.24
C THR D 100 13.81 -63.41 -1.10
N VAL D 101 13.54 -62.19 -0.66
CA VAL D 101 13.90 -60.97 -1.41
C VAL D 101 14.48 -59.93 -0.43
N VAL D 102 15.26 -59.02 -0.96
CA VAL D 102 15.87 -57.93 -0.16
C VAL D 102 14.86 -56.78 -0.02
N VAL D 103 14.65 -56.31 1.20
CA VAL D 103 13.92 -55.06 1.45
C VAL D 103 14.95 -54.04 1.94
N PRO D 104 14.96 -52.79 1.45
CA PRO D 104 13.99 -52.22 0.48
C PRO D 104 14.23 -52.58 -0.99
N SER D 105 13.15 -52.68 -1.77
CA SER D 105 13.21 -52.92 -3.21
C SER D 105 11.90 -52.55 -3.87
N ASN D 106 11.89 -52.50 -5.20
CA ASN D 106 10.65 -52.44 -6.02
C ASN D 106 10.43 -53.84 -6.60
N TRP D 107 9.20 -54.34 -6.64
CA TRP D 107 9.10 -55.74 -7.07
C TRP D 107 9.26 -55.89 -8.60
N GLN D 108 9.09 -54.81 -9.38
CA GLN D 108 9.26 -54.85 -10.84
C GLN D 108 10.74 -55.09 -11.19
N MET D 109 11.65 -54.72 -10.31
CA MET D 109 13.09 -54.91 -10.55
C MET D 109 13.48 -56.37 -10.31
N HIS D 110 12.60 -57.20 -9.74
CA HIS D 110 12.93 -58.62 -9.55
C HIS D 110 12.18 -59.50 -10.55
N GLY D 111 11.38 -58.87 -11.41
CA GLY D 111 10.73 -59.56 -12.52
C GLY D 111 9.35 -60.11 -12.19
N TYR D 112 8.60 -59.52 -11.26
CA TYR D 112 7.25 -60.05 -10.95
C TYR D 112 6.17 -59.44 -11.85
N ASP D 113 6.34 -58.19 -12.26
CA ASP D 113 5.56 -57.61 -13.38
C ASP D 113 6.33 -56.45 -13.98
N ALA D 114 5.78 -55.81 -15.01
CA ALA D 114 6.58 -54.84 -15.78
C ALA D 114 6.53 -53.47 -15.13
N PRO D 115 7.66 -52.74 -15.14
CA PRO D 115 7.60 -51.29 -14.85
C PRO D 115 6.88 -50.58 -16.01
N ILE D 116 6.14 -49.50 -15.74
CA ILE D 116 5.38 -48.81 -16.80
C ILE D 116 5.95 -47.38 -16.95
N TYR D 117 6.37 -46.97 -18.13
CA TYR D 117 6.75 -45.55 -18.27
C TYR D 117 5.67 -44.79 -19.04
N THR D 118 4.96 -43.90 -18.36
CA THR D 118 3.96 -43.04 -19.00
C THR D 118 4.16 -41.60 -18.52
N ASN D 119 4.01 -40.61 -19.40
CA ASN D 119 4.22 -39.22 -19.03
C ASN D 119 2.92 -38.66 -18.43
N VAL D 120 1.90 -38.41 -19.25
CA VAL D 120 0.70 -37.66 -18.85
C VAL D 120 -0.45 -38.65 -18.58
N THR D 121 -0.81 -39.49 -19.55
CA THR D 121 -1.92 -40.44 -19.43
C THR D 121 -1.74 -41.32 -18.18
N TYR D 122 -2.76 -41.39 -17.31
CA TYR D 122 -2.72 -42.31 -16.11
C TYR D 122 -2.55 -43.76 -16.59
N PRO D 123 -1.77 -44.55 -15.84
CA PRO D 123 -1.52 -45.97 -16.27
C PRO D 123 -2.72 -46.90 -15.96
N ILE D 124 -3.87 -46.33 -15.57
CA ILE D 124 -5.14 -47.07 -15.27
C ILE D 124 -6.32 -46.30 -15.90
N THR D 125 -7.50 -46.91 -16.03
CA THR D 125 -8.70 -46.17 -16.51
C THR D 125 -9.02 -44.99 -15.56
N VAL D 126 -9.24 -43.78 -16.09
CA VAL D 126 -9.56 -42.61 -15.25
C VAL D 126 -11.04 -42.69 -14.81
N ASN D 127 -11.27 -43.16 -13.58
CA ASN D 127 -12.62 -43.26 -13.05
C ASN D 127 -12.60 -42.95 -11.54
N PRO D 128 -12.19 -41.74 -11.16
CA PRO D 128 -11.94 -41.53 -9.72
C PRO D 128 -13.23 -41.70 -8.91
N PRO D 129 -13.15 -42.31 -7.72
CA PRO D 129 -11.88 -42.80 -7.09
C PRO D 129 -11.60 -44.30 -7.27
N PHE D 130 -12.17 -44.92 -8.30
CA PHE D 130 -12.08 -46.37 -8.43
C PHE D 130 -10.77 -46.76 -9.12
N VAL D 131 -10.32 -47.97 -8.84
CA VAL D 131 -9.17 -48.51 -9.49
C VAL D 131 -9.55 -49.88 -10.08
N PRO D 132 -8.74 -50.42 -11.01
CA PRO D 132 -9.11 -51.71 -11.64
C PRO D 132 -9.21 -52.86 -10.62
N THR D 133 -9.98 -53.91 -10.91
CA THR D 133 -10.07 -55.08 -10.00
C THR D 133 -8.80 -55.94 -10.09
N GLU D 134 -8.17 -55.95 -11.26
CA GLU D 134 -6.84 -56.51 -11.48
C GLU D 134 -5.78 -55.54 -10.92
N ASN D 135 -5.51 -55.65 -9.62
CA ASN D 135 -4.68 -54.69 -8.85
C ASN D 135 -3.52 -55.49 -8.22
N PRO D 136 -2.40 -55.63 -8.94
CA PRO D 136 -1.28 -56.48 -8.48
C PRO D 136 -0.94 -56.20 -7.00
N THR D 137 -0.62 -57.25 -6.26
CA THR D 137 -0.55 -57.20 -4.81
C THR D 137 0.74 -57.89 -4.35
N GLY D 138 1.54 -57.21 -3.53
CA GLY D 138 2.75 -57.86 -3.05
C GLY D 138 2.59 -58.20 -1.58
N CYS D 139 2.81 -59.46 -1.20
CA CYS D 139 2.71 -59.86 0.22
C CYS D 139 4.11 -60.07 0.79
N TYR D 140 4.50 -59.19 1.70
CA TYR D 140 5.78 -59.30 2.36
C TYR D 140 5.58 -59.84 3.77
N SER D 141 6.59 -60.52 4.31
CA SER D 141 6.54 -60.96 5.72
C SER D 141 7.94 -61.13 6.31
N LEU D 142 8.03 -60.91 7.61
CA LEU D 142 9.30 -61.02 8.31
C LEU D 142 9.05 -61.70 9.66
N THR D 143 9.93 -62.62 10.02
CA THR D 143 9.99 -63.19 11.38
C THR D 143 11.18 -62.55 12.10
N PHE D 144 10.96 -62.00 13.30
CA PHE D 144 12.04 -61.27 14.02
C PHE D 144 11.92 -61.49 15.54
N ASN D 145 13.02 -61.26 16.25
CA ASN D 145 13.08 -61.38 17.71
C ASN D 145 12.97 -59.98 18.34
N VAL D 146 12.16 -59.82 19.39
CA VAL D 146 12.19 -58.59 20.20
C VAL D 146 12.76 -58.93 21.58
N ASP D 147 13.71 -58.13 22.05
CA ASP D 147 14.27 -58.23 23.40
C ASP D 147 13.19 -58.03 24.49
N GLU D 148 13.31 -58.78 25.59
CA GLU D 148 12.35 -58.78 26.70
C GLU D 148 12.22 -57.37 27.34
N SER D 149 13.32 -56.61 27.41
CA SER D 149 13.30 -55.27 28.03
C SER D 149 12.40 -54.28 27.25
N TRP D 150 12.10 -54.58 26.00
CA TRP D 150 11.28 -53.69 25.15
C TRP D 150 9.79 -53.84 25.48
N LEU D 151 9.40 -54.93 26.14
CA LEU D 151 7.99 -55.23 26.38
C LEU D 151 7.58 -54.93 27.82
N GLN D 152 8.56 -54.80 28.71
CA GLN D 152 8.31 -54.50 30.13
C GLN D 152 7.78 -53.06 30.29
N GLU D 153 8.43 -52.10 29.64
CA GLU D 153 8.04 -50.69 29.76
C GLU D 153 8.25 -49.98 28.41
N GLY D 154 7.52 -48.88 28.24
CA GLY D 154 7.70 -48.00 27.09
C GLY D 154 6.83 -48.36 25.90
N GLN D 155 7.03 -47.61 24.82
CA GLN D 155 6.26 -47.77 23.61
C GLN D 155 7.17 -48.31 22.50
N THR D 156 6.71 -49.31 21.75
CA THR D 156 7.44 -49.76 20.56
C THR D 156 6.68 -49.42 19.28
N ARG D 157 7.32 -48.75 18.34
CA ARG D 157 6.63 -48.40 17.08
C ARG D 157 7.39 -48.96 15.87
N ILE D 158 6.66 -49.32 14.82
CA ILE D 158 7.30 -49.66 13.53
C ILE D 158 7.20 -48.45 12.58
N ILE D 159 8.24 -48.22 11.79
CA ILE D 159 8.26 -47.08 10.87
C ILE D 159 8.56 -47.58 9.47
N PHE D 160 7.64 -47.35 8.53
CA PHE D 160 7.91 -47.59 7.09
C PHE D 160 8.28 -46.26 6.44
N ASP D 161 9.50 -46.09 5.98
CA ASP D 161 9.85 -44.81 5.36
C ASP D 161 9.17 -44.51 3.99
N GLY D 162 8.74 -45.54 3.25
CA GLY D 162 7.99 -45.32 2.01
C GLY D 162 7.47 -46.63 1.46
N VAL D 163 6.17 -46.68 1.14
CA VAL D 163 5.57 -47.88 0.57
C VAL D 163 4.68 -47.46 -0.58
N ASN D 164 4.77 -48.13 -1.72
CA ASN D 164 4.08 -47.64 -2.90
C ASN D 164 3.06 -48.68 -3.39
N SER D 165 1.74 -48.42 -3.46
CA SER D 165 1.11 -47.12 -3.16
C SER D 165 0.28 -47.11 -1.86
N ALA D 166 -0.21 -48.25 -1.39
CA ALA D 166 -1.07 -48.32 -0.19
C ALA D 166 -0.85 -49.69 0.46
N PHE D 167 -1.10 -49.84 1.77
CA PHE D 167 -0.84 -51.16 2.39
C PHE D 167 -1.66 -51.37 3.66
N HIS D 168 -1.94 -52.63 3.99
CA HIS D 168 -2.43 -53.04 5.32
C HIS D 168 -1.29 -53.76 6.05
N LEU D 169 -1.25 -53.66 7.37
CA LEU D 169 -0.22 -54.27 8.19
C LEU D 169 -0.87 -55.20 9.25
N TRP D 170 -0.31 -56.39 9.45
CA TRP D 170 -0.75 -57.33 10.52
C TRP D 170 0.49 -57.64 11.36
N CYS D 171 0.29 -57.79 12.67
CA CYS D 171 1.35 -58.30 13.52
C CYS D 171 0.79 -59.49 14.32
N ASN D 172 1.50 -60.61 14.29
CA ASN D 172 1.07 -61.89 14.95
C ASN D 172 -0.38 -62.25 14.61
N GLY D 173 -0.79 -61.99 13.37
CA GLY D 173 -2.13 -62.38 12.91
C GLY D 173 -3.17 -61.29 13.13
N ARG D 174 -2.86 -60.22 13.83
CA ARG D 174 -3.88 -59.23 14.19
C ARG D 174 -3.68 -57.93 13.40
N TRP D 175 -4.76 -57.35 12.91
CA TRP D 175 -4.68 -56.22 12.05
C TRP D 175 -4.23 -54.97 12.82
N VAL D 176 -3.26 -54.24 12.28
CA VAL D 176 -2.70 -53.11 13.00
C VAL D 176 -3.22 -51.81 12.38
N GLY D 177 -3.14 -51.66 11.05
CA GLY D 177 -3.53 -50.38 10.43
C GLY D 177 -3.34 -50.37 8.92
N TYR D 178 -3.55 -49.22 8.32
CA TYR D 178 -3.57 -48.99 6.89
C TYR D 178 -2.86 -47.65 6.60
N GLY D 179 -2.07 -47.53 5.53
CA GLY D 179 -1.58 -46.18 5.11
C GLY D 179 -1.58 -45.98 3.59
N GLN D 180 -1.61 -44.71 3.15
CA GLN D 180 -1.41 -44.25 1.73
C GLN D 180 -0.34 -43.15 1.68
N ASP D 181 -0.12 -42.47 0.53
CA ASP D 181 1.07 -41.52 0.24
C ASP D 181 2.45 -42.24 0.27
N SER D 182 2.98 -42.54 -0.92
CA SER D 182 4.18 -43.38 -1.11
C SER D 182 5.45 -42.71 -0.57
N ARG D 183 5.44 -41.43 -0.23
CA ARG D 183 6.75 -40.76 -0.18
C ARG D 183 7.03 -40.21 1.22
N LEU D 184 6.16 -40.46 2.19
CA LEU D 184 6.40 -40.00 3.55
C LEU D 184 6.27 -41.20 4.47
N PRO D 185 6.95 -41.17 5.63
CA PRO D 185 6.93 -42.30 6.58
C PRO D 185 5.53 -42.56 7.16
N SER D 186 5.18 -43.82 7.38
CA SER D 186 3.98 -44.23 8.11
C SER D 186 4.41 -44.94 9.40
N GLU D 187 3.89 -44.54 10.57
CA GLU D 187 4.30 -45.18 11.85
C GLU D 187 3.07 -45.75 12.58
N PHE D 188 3.23 -46.91 13.20
CA PHE D 188 2.18 -47.62 13.93
C PHE D 188 2.72 -48.11 15.26
N ASP D 189 1.92 -47.95 16.31
CA ASP D 189 2.23 -48.49 17.64
C ASP D 189 2.08 -50.01 17.67
N LEU D 190 3.13 -50.74 18.05
CA LEU D 190 3.07 -52.21 18.11
C LEU D 190 3.12 -52.75 19.55
N SER D 191 2.99 -51.90 20.58
CA SER D 191 3.24 -52.33 21.98
C SER D 191 2.27 -53.45 22.39
N ALA D 192 1.00 -53.30 22.02
CA ALA D 192 -0.08 -54.26 22.35
C ALA D 192 -0.07 -55.52 21.44
N PHE D 193 0.88 -55.68 20.52
CA PHE D 193 0.79 -56.79 19.54
C PHE D 193 2.01 -57.69 19.65
N LEU D 194 3.11 -57.20 20.23
CA LEU D 194 4.37 -57.95 20.27
C LEU D 194 4.35 -58.87 21.50
N ARG D 195 5.08 -59.97 21.38
CA ARG D 195 5.22 -60.97 22.42
C ARG D 195 6.71 -61.29 22.53
N ALA D 196 7.15 -61.93 23.63
CA ALA D 196 8.56 -62.29 23.79
C ALA D 196 8.88 -63.51 22.91
N GLY D 197 10.06 -63.49 22.30
CA GLY D 197 10.46 -64.54 21.36
C GLY D 197 10.25 -64.12 19.91
N GLU D 198 9.58 -64.99 19.13
CA GLU D 198 9.39 -64.82 17.68
C GLU D 198 8.12 -64.03 17.41
N ASN D 199 8.23 -63.07 16.49
CA ASN D 199 7.09 -62.28 16.03
C ASN D 199 7.03 -62.38 14.50
N ARG D 200 5.85 -62.20 13.93
CA ARG D 200 5.74 -62.15 12.47
C ARG D 200 4.97 -60.89 12.05
N LEU D 201 5.56 -60.10 11.16
CA LEU D 201 4.84 -59.00 10.49
C LEU D 201 4.35 -59.49 9.13
N ALA D 202 3.17 -59.06 8.73
CA ALA D 202 2.69 -59.30 7.37
C ALA D 202 2.29 -57.93 6.77
N VAL D 203 2.73 -57.60 5.58
CA VAL D 203 2.37 -56.30 4.94
C VAL D 203 1.80 -56.60 3.55
N MET D 204 0.57 -56.22 3.26
CA MET D 204 0.01 -56.44 1.93
C MET D 204 0.05 -55.11 1.16
N VAL D 205 0.79 -55.03 0.05
CA VAL D 205 0.98 -53.72 -0.65
C VAL D 205 0.19 -53.72 -1.95
N LEU D 206 -0.63 -52.74 -2.20
CA LEU D 206 -1.37 -52.63 -3.47
C LEU D 206 -0.62 -51.70 -4.43
N ARG D 207 -0.61 -52.05 -5.71
CA ARG D 207 -0.03 -51.18 -6.73
C ARG D 207 -0.89 -49.92 -6.92
N TRP D 208 -2.21 -50.07 -7.03
CA TRP D 208 -3.08 -48.92 -7.32
C TRP D 208 -3.96 -48.62 -6.11
N SER D 209 -4.24 -47.35 -5.89
CA SER D 209 -5.20 -46.92 -4.89
C SER D 209 -5.75 -45.57 -5.31
N ASP D 210 -6.76 -45.06 -4.62
CA ASP D 210 -7.20 -43.71 -4.88
C ASP D 210 -6.07 -42.66 -4.67
N GLY D 211 -5.02 -43.01 -3.93
CA GLY D 211 -3.84 -42.14 -3.84
C GLY D 211 -3.11 -41.99 -5.16
N SER D 212 -3.25 -42.97 -6.07
CA SER D 212 -2.61 -42.97 -7.42
C SER D 212 -3.10 -41.79 -8.26
N TYR D 213 -4.34 -41.32 -8.05
CA TYR D 213 -4.86 -40.15 -8.79
C TYR D 213 -4.03 -38.90 -8.48
N LEU D 214 -3.32 -38.90 -7.35
CA LEU D 214 -2.53 -37.73 -6.96
C LEU D 214 -1.06 -37.92 -7.29
N GLU D 215 -0.69 -39.00 -7.96
CA GLU D 215 0.72 -39.35 -8.13
C GLU D 215 1.00 -39.58 -9.62
N ASP D 216 0.63 -38.64 -10.47
CA ASP D 216 0.81 -38.81 -11.92
C ASP D 216 2.09 -38.15 -12.47
N GLN D 217 3.20 -38.21 -11.73
CA GLN D 217 4.49 -37.62 -12.18
C GLN D 217 5.01 -38.37 -13.41
N ASP D 218 5.75 -37.70 -14.27
CA ASP D 218 6.37 -38.26 -15.48
C ASP D 218 7.62 -39.08 -15.10
N MET D 219 7.43 -40.37 -14.85
CA MET D 219 8.49 -41.25 -14.32
C MET D 219 8.02 -42.71 -14.42
N TRP D 220 8.94 -43.67 -14.25
CA TRP D 220 8.57 -45.10 -14.16
C TRP D 220 7.53 -45.29 -13.05
N ARG D 221 6.48 -46.05 -13.32
CA ARG D 221 5.51 -46.37 -12.24
C ARG D 221 5.88 -47.74 -11.67
N MET D 222 6.35 -47.75 -10.44
CA MET D 222 6.84 -48.99 -9.79
C MET D 222 6.15 -49.17 -8.43
N SER D 223 6.41 -50.25 -7.70
CA SER D 223 5.70 -50.43 -6.41
C SER D 223 6.52 -51.27 -5.43
N GLY D 224 6.15 -51.27 -4.14
CA GLY D 224 6.74 -52.17 -3.12
C GLY D 224 7.23 -51.42 -1.91
N ILE D 225 7.99 -52.08 -1.05
CA ILE D 225 8.54 -51.42 0.12
C ILE D 225 9.92 -50.88 -0.26
N PHE D 226 10.01 -49.62 -0.70
CA PHE D 226 11.21 -49.15 -1.40
C PHE D 226 12.06 -48.21 -0.54
N ARG D 227 11.68 -47.92 0.70
CA ARG D 227 12.59 -47.18 1.63
C ARG D 227 12.68 -48.00 2.92
N ASP D 228 13.56 -47.62 3.84
CA ASP D 228 13.89 -48.41 5.04
C ASP D 228 12.70 -48.76 5.95
N VAL D 229 12.85 -49.84 6.73
CA VAL D 229 11.87 -50.22 7.75
C VAL D 229 12.59 -50.29 9.11
N SER D 230 12.05 -49.63 10.16
CA SER D 230 12.72 -49.62 11.50
C SER D 230 11.73 -49.93 12.64
N LEU D 231 12.27 -50.37 13.78
CA LEU D 231 11.55 -50.33 15.07
C LEU D 231 12.15 -49.21 15.94
N LEU D 232 11.32 -48.49 16.69
CA LEU D 232 11.83 -47.46 17.58
C LEU D 232 11.21 -47.66 18.97
N HIS D 233 12.05 -47.67 20.00
CA HIS D 233 11.59 -47.83 21.38
C HIS D 233 11.63 -46.47 22.09
N LYS D 234 10.49 -46.00 22.58
CA LYS D 234 10.49 -44.75 23.36
C LYS D 234 9.98 -45.04 24.78
N PRO D 235 10.37 -44.21 25.77
CA PRO D 235 9.72 -44.34 27.09
C PRO D 235 8.27 -43.81 27.04
N THR D 236 7.47 -44.18 28.04
CA THR D 236 6.04 -43.82 28.04
C THR D 236 5.84 -42.30 28.14
N THR D 237 6.69 -41.63 28.93
CA THR D 237 6.79 -40.18 28.98
C THR D 237 7.93 -39.76 28.04
N GLN D 238 7.60 -39.03 26.97
CA GLN D 238 8.54 -38.92 25.84
C GLN D 238 8.48 -37.50 25.24
N ILE D 239 9.51 -37.10 24.50
CA ILE D 239 9.43 -35.91 23.62
C ILE D 239 8.64 -36.32 22.37
N SER D 240 7.57 -35.61 22.06
CA SER D 240 6.73 -36.06 20.93
C SER D 240 6.94 -35.19 19.68
N ASP D 241 7.46 -33.98 19.85
CA ASP D 241 7.75 -33.06 18.76
C ASP D 241 8.69 -31.96 19.26
N PHE D 242 9.53 -31.40 18.38
CA PHE D 242 10.24 -30.17 18.71
C PHE D 242 10.53 -29.34 17.45
N HIS D 243 10.54 -28.02 17.57
CA HIS D 243 10.78 -27.14 16.45
C HIS D 243 11.86 -26.16 16.84
N VAL D 244 12.68 -25.82 15.86
CA VAL D 244 13.78 -24.88 16.02
C VAL D 244 13.58 -23.70 15.06
N ALA D 245 13.80 -22.48 15.57
CA ALA D 245 13.65 -21.22 14.82
C ALA D 245 14.76 -20.25 15.23
N THR D 246 15.19 -19.42 14.30
CA THR D 246 16.30 -18.50 14.51
C THR D 246 15.87 -17.10 14.05
N ARG D 247 16.03 -16.12 14.92
CA ARG D 247 15.65 -14.73 14.66
C ARG D 247 16.93 -13.87 14.75
N PHE D 248 17.07 -12.79 13.97
CA PHE D 248 18.35 -12.04 13.92
C PHE D 248 18.13 -10.53 14.13
N ASN D 249 19.21 -9.83 14.53
CA ASN D 249 19.26 -8.36 14.49
C ASN D 249 19.56 -7.90 13.04
N ASP D 250 19.44 -6.59 12.77
CA ASP D 250 19.61 -6.01 11.42
C ASP D 250 20.92 -6.38 10.66
N ASP D 251 21.99 -6.70 11.39
CA ASP D 251 23.28 -6.99 10.77
C ASP D 251 23.81 -8.42 11.03
N PHE D 252 22.95 -9.30 11.57
CA PHE D 252 23.26 -10.74 11.74
C PHE D 252 24.43 -10.92 12.73
N SER D 253 24.59 -10.00 13.69
CA SER D 253 25.63 -10.13 14.71
C SER D 253 25.06 -10.74 16.01
N ARG D 254 23.75 -10.72 16.19
CA ARG D 254 23.13 -11.41 17.35
C ARG D 254 21.97 -12.28 16.85
N ALA D 255 21.88 -13.50 17.35
CA ALA D 255 20.73 -14.38 17.04
C ALA D 255 20.03 -14.84 18.34
N VAL D 256 18.76 -15.17 18.21
CA VAL D 256 18.02 -15.92 19.24
C VAL D 256 17.61 -17.28 18.65
N LEU D 257 18.05 -18.38 19.26
CA LEU D 257 17.50 -19.69 18.93
C LEU D 257 16.26 -19.94 19.81
N GLU D 258 15.13 -20.16 19.17
CA GLU D 258 13.87 -20.46 19.89
C GLU D 258 13.52 -21.93 19.65
N ALA D 259 13.46 -22.71 20.71
CA ALA D 259 13.09 -24.12 20.61
C ALA D 259 11.74 -24.33 21.29
N GLU D 260 10.81 -24.96 20.60
CA GLU D 260 9.56 -25.35 21.21
C GLU D 260 9.57 -26.88 21.36
N VAL D 261 9.26 -27.39 22.55
CA VAL D 261 9.28 -28.83 22.78
C VAL D 261 7.91 -29.27 23.28
N GLN D 262 7.41 -30.42 22.80
CA GLN D 262 6.13 -30.96 23.27
C GLN D 262 6.35 -32.37 23.80
N MET D 263 5.62 -32.75 24.84
CA MET D 263 5.75 -34.07 25.40
C MET D 263 4.39 -34.82 25.35
N CYS D 264 4.45 -36.14 25.46
CA CYS D 264 3.29 -37.03 25.62
C CYS D 264 3.52 -37.89 26.87
N GLY D 265 2.44 -38.42 27.44
CA GLY D 265 2.52 -39.15 28.71
C GLY D 265 2.09 -38.28 29.89
N GLU D 266 2.42 -38.73 31.10
CA GLU D 266 1.88 -38.15 32.33
C GLU D 266 2.75 -36.97 32.79
N LEU D 267 2.11 -35.81 32.97
CA LEU D 267 2.79 -34.61 33.44
C LEU D 267 3.03 -34.70 34.95
N ARG D 268 4.27 -34.45 35.35
CA ARG D 268 4.68 -34.41 36.75
C ARG D 268 5.40 -33.08 37.00
N ASP D 269 5.43 -32.63 38.25
CA ASP D 269 6.08 -31.37 38.62
C ASP D 269 7.60 -31.40 38.47
N TYR D 270 8.19 -32.60 38.60
CA TYR D 270 9.65 -32.74 38.58
C TYR D 270 10.23 -32.82 37.15
N LEU D 271 9.41 -32.90 36.09
CA LEU D 271 9.95 -32.99 34.70
C LEU D 271 10.54 -31.64 34.29
N ARG D 272 11.64 -31.71 33.54
CA ARG D 272 12.34 -30.53 33.01
C ARG D 272 12.84 -30.83 31.59
N VAL D 273 13.00 -29.78 30.79
CA VAL D 273 13.61 -29.86 29.47
C VAL D 273 14.84 -28.95 29.44
N THR D 274 15.95 -29.47 28.94
CA THR D 274 17.15 -28.67 28.69
C THR D 274 17.45 -28.68 27.19
N VAL D 275 17.76 -27.53 26.63
CA VAL D 275 18.27 -27.46 25.25
C VAL D 275 19.68 -26.87 25.31
N SER D 276 20.66 -27.58 24.79
CA SER D 276 22.02 -27.04 24.70
C SER D 276 22.45 -26.93 23.24
N LEU D 277 23.32 -25.99 22.94
CA LEU D 277 23.77 -25.78 21.58
C LEU D 277 25.29 -25.94 21.52
N TRP D 278 25.77 -26.77 20.62
CA TRP D 278 27.18 -27.13 20.57
C TRP D 278 27.78 -26.69 19.24
N GLN D 279 29.00 -26.17 19.25
CA GLN D 279 29.78 -25.97 18.04
C GLN D 279 31.03 -26.84 18.15
N GLY D 280 31.01 -27.98 17.48
CA GLY D 280 32.02 -28.99 17.69
C GLY D 280 31.96 -29.55 19.10
N GLU D 281 32.94 -29.19 19.92
CA GLU D 281 33.11 -29.76 21.27
C GLU D 281 32.78 -28.71 22.33
N THR D 282 32.54 -27.48 21.89
CA THR D 282 32.33 -26.36 22.78
C THR D 282 30.81 -26.11 22.93
N GLN D 283 30.33 -26.11 24.18
CA GLN D 283 28.96 -25.64 24.42
C GLN D 283 28.92 -24.09 24.32
N VAL D 284 27.93 -23.60 23.61
CA VAL D 284 27.86 -22.22 23.16
C VAL D 284 26.66 -21.53 23.81
N ALA D 285 25.60 -22.31 24.13
CA ALA D 285 24.38 -21.78 24.79
C ALA D 285 23.65 -22.95 25.45
N SER D 286 22.77 -22.64 26.41
CA SER D 286 22.01 -23.64 27.19
C SER D 286 20.86 -22.95 27.91
N GLY D 287 19.76 -23.69 28.06
CA GLY D 287 18.55 -23.23 28.79
C GLY D 287 17.79 -24.42 29.36
N THR D 288 17.10 -24.20 30.47
CA THR D 288 16.32 -25.25 31.18
C THR D 288 14.98 -24.64 31.56
N ALA D 289 13.92 -25.45 31.62
CA ALA D 289 12.61 -24.95 32.09
C ALA D 289 11.73 -26.13 32.48
N PRO D 290 10.72 -25.91 33.37
CA PRO D 290 9.59 -26.88 33.55
C PRO D 290 8.56 -26.76 32.41
N PHE D 291 7.67 -27.73 32.26
CA PHE D 291 6.58 -27.62 31.28
C PHE D 291 5.57 -26.55 31.68
N GLY D 292 4.95 -25.94 30.67
CA GLY D 292 3.92 -24.91 30.83
C GLY D 292 4.17 -23.71 29.92
N GLY D 293 3.47 -23.67 28.78
CA GLY D 293 3.45 -22.51 27.86
C GLY D 293 2.85 -21.26 28.51
N GLU D 294 3.08 -20.11 27.87
CA GLU D 294 2.37 -18.83 28.16
C GLU D 294 0.89 -18.98 27.80
N ILE D 295 0.04 -18.15 28.42
CA ILE D 295 -1.39 -18.07 28.13
C ILE D 295 -1.56 -17.75 26.63
N ILE D 296 -2.46 -18.50 25.99
CA ILE D 296 -2.67 -18.47 24.54
C ILE D 296 -4.05 -17.83 24.29
N ASP D 297 -5.02 -18.16 25.14
CA ASP D 297 -6.41 -17.69 25.01
C ASP D 297 -7.18 -17.75 26.33
N GLU D 298 -8.51 -17.62 26.26
CA GLU D 298 -9.42 -17.54 27.44
C GLU D 298 -9.38 -18.82 28.30
N ARG D 299 -8.97 -19.95 27.72
CA ARG D 299 -8.97 -21.24 28.47
C ARG D 299 -7.57 -21.56 29.05
N GLY D 300 -6.55 -20.75 28.78
CA GLY D 300 -5.22 -20.94 29.37
C GLY D 300 -4.16 -21.17 28.30
N GLY D 301 -3.22 -22.09 28.57
CA GLY D 301 -2.11 -22.40 27.64
C GLY D 301 -1.85 -23.90 27.57
N TYR D 302 -0.76 -24.30 26.89
CA TYR D 302 -0.43 -25.75 26.77
C TYR D 302 0.41 -26.19 27.96
N ALA D 303 -0.15 -27.07 28.78
CA ALA D 303 0.54 -27.57 29.97
C ALA D 303 1.70 -28.51 29.57
N ASP D 304 1.61 -29.11 28.39
CA ASP D 304 2.53 -30.14 27.90
C ASP D 304 3.50 -29.58 26.85
N ARG D 305 3.86 -28.29 26.93
CA ARG D 305 4.76 -27.66 25.98
C ARG D 305 5.64 -26.66 26.72
N VAL D 306 6.79 -26.35 26.15
CA VAL D 306 7.67 -25.35 26.75
C VAL D 306 8.50 -24.74 25.63
N THR D 307 8.75 -23.43 25.72
CA THR D 307 9.62 -22.72 24.78
C THR D 307 10.89 -22.21 25.49
N LEU D 308 12.07 -22.64 25.01
CA LEU D 308 13.36 -22.08 25.46
C LEU D 308 13.85 -21.02 24.46
N ARG D 309 14.41 -19.90 24.94
CA ARG D 309 15.12 -18.91 24.10
C ARG D 309 16.60 -18.84 24.50
N LEU D 310 17.48 -19.08 23.54
CA LEU D 310 18.92 -19.10 23.75
C LEU D 310 19.55 -17.95 22.95
N ASN D 311 20.37 -17.11 23.59
CA ASN D 311 21.07 -16.01 22.87
C ASN D 311 22.41 -16.51 22.34
N VAL D 312 22.75 -16.11 21.12
CA VAL D 312 24.02 -16.50 20.50
C VAL D 312 24.64 -15.23 19.92
N GLU D 313 25.87 -14.92 20.31
CA GLU D 313 26.59 -13.72 19.82
C GLU D 313 27.49 -14.12 18.64
N ASN D 314 27.45 -13.33 17.55
CA ASN D 314 28.32 -13.58 16.35
C ASN D 314 28.16 -15.03 15.88
N PRO D 315 26.91 -15.48 15.64
CA PRO D 315 26.76 -16.89 15.16
C PRO D 315 27.41 -17.07 13.77
N LYS D 316 27.95 -18.23 13.49
CA LYS D 316 28.45 -18.49 12.14
C LYS D 316 27.25 -18.85 11.26
N LEU D 317 27.05 -18.14 10.17
CA LEU D 317 25.85 -18.25 9.37
C LEU D 317 25.94 -19.43 8.39
N TRP D 318 24.84 -20.15 8.18
CA TRP D 318 24.79 -21.25 7.20
C TRP D 318 24.53 -20.65 5.80
N SER D 319 25.24 -21.13 4.78
CA SER D 319 24.83 -20.86 3.38
C SER D 319 25.34 -22.02 2.51
N ALA D 320 24.99 -22.06 1.22
CA ALA D 320 25.53 -23.13 0.36
C ALA D 320 27.04 -22.96 0.13
N GLU D 321 27.56 -21.73 0.12
CA GLU D 321 28.99 -21.45 0.02
C GLU D 321 29.73 -21.94 1.28
N ILE D 322 29.23 -21.66 2.49
CA ILE D 322 29.92 -22.05 3.76
C ILE D 322 28.89 -22.68 4.70
N PRO D 323 28.76 -24.00 4.65
CA PRO D 323 27.68 -24.62 5.43
C PRO D 323 28.00 -24.86 6.92
N ASN D 324 28.14 -23.79 7.70
CA ASN D 324 28.42 -23.87 9.17
C ASN D 324 27.22 -24.46 9.93
N LEU D 325 27.42 -25.54 10.68
CA LEU D 325 26.31 -26.16 11.44
C LEU D 325 26.61 -26.13 12.94
N TYR D 326 25.56 -26.05 13.74
CA TYR D 326 25.67 -26.28 15.18
C TYR D 326 24.91 -27.56 15.50
N ARG D 327 25.05 -28.09 16.71
CA ARG D 327 24.31 -29.25 17.11
C ARG D 327 23.39 -28.86 18.29
N ALA D 328 22.08 -29.07 18.17
CA ALA D 328 21.16 -28.78 19.29
C ALA D 328 20.81 -30.10 19.96
N VAL D 329 20.97 -30.18 21.29
CA VAL D 329 20.57 -31.41 22.00
C VAL D 329 19.38 -31.06 22.90
N VAL D 330 18.31 -31.87 22.84
CA VAL D 330 17.13 -31.60 23.65
C VAL D 330 16.98 -32.75 24.66
N GLU D 331 17.09 -32.46 25.95
CA GLU D 331 17.01 -33.56 26.95
C GLU D 331 15.71 -33.45 27.78
N LEU D 332 15.00 -34.56 27.94
CA LEU D 332 13.91 -34.63 28.91
C LEU D 332 14.48 -35.31 30.16
N HIS D 333 14.43 -34.65 31.32
CA HIS D 333 15.06 -35.20 32.54
C HIS D 333 14.26 -34.80 33.80
N THR D 334 14.64 -35.34 34.95
CA THR D 334 13.96 -34.99 36.23
C THR D 334 14.71 -33.82 36.88
N ALA D 335 14.14 -33.21 37.93
CA ALA D 335 14.76 -32.05 38.60
C ALA D 335 16.10 -32.45 39.26
N ASP D 336 16.16 -33.65 39.85
CA ASP D 336 17.42 -34.21 40.38
C ASP D 336 18.50 -34.60 39.32
N GLY D 337 18.10 -34.71 38.05
CA GLY D 337 19.05 -34.77 36.91
C GLY D 337 19.19 -36.15 36.30
N THR D 338 18.20 -37.03 36.49
CA THR D 338 18.13 -38.33 35.81
C THR D 338 17.57 -38.14 34.39
N LEU D 339 18.32 -38.57 33.37
CA LEU D 339 17.92 -38.39 31.97
C LEU D 339 16.84 -39.41 31.56
N ILE D 340 15.79 -38.93 30.94
CA ILE D 340 14.71 -39.80 30.48
C ILE D 340 14.92 -40.12 28.98
N GLU D 341 15.03 -39.09 28.13
CA GLU D 341 15.50 -39.33 26.75
C GLU D 341 16.09 -38.05 26.12
N ALA D 342 16.93 -38.22 25.10
CA ALA D 342 17.48 -37.07 24.38
C ALA D 342 17.11 -37.18 22.89
N GLU D 343 17.01 -36.05 22.23
CA GLU D 343 16.85 -35.99 20.78
C GLU D 343 17.75 -34.86 20.31
N ALA D 344 18.07 -34.81 19.03
CA ALA D 344 19.05 -33.85 18.56
C ALA D 344 18.80 -33.56 17.09
N CYS D 345 19.22 -32.38 16.64
CA CYS D 345 19.31 -32.13 15.20
C CYS D 345 20.47 -31.17 14.91
N ASP D 346 20.84 -31.04 13.62
CA ASP D 346 21.78 -30.03 13.13
C ASP D 346 21.06 -28.75 12.89
N VAL D 347 21.66 -27.63 13.28
CA VAL D 347 21.00 -26.32 13.21
C VAL D 347 21.89 -25.44 12.33
N GLY D 348 21.29 -24.71 11.40
CA GLY D 348 22.01 -23.69 10.67
C GLY D 348 21.35 -22.36 10.92
N PHE D 349 22.13 -21.32 11.14
CA PHE D 349 21.56 -20.04 11.31
C PHE D 349 21.49 -19.38 9.93
N ARG D 350 20.28 -19.16 9.43
CA ARG D 350 20.11 -18.39 8.19
C ARG D 350 18.70 -17.79 8.15
N GLU D 351 18.54 -16.70 7.43
CA GLU D 351 17.22 -16.10 7.30
C GLU D 351 16.85 -16.06 5.80
N VAL D 352 15.71 -16.62 5.44
CA VAL D 352 15.24 -16.55 4.04
C VAL D 352 14.09 -15.55 3.98
N ARG D 353 14.13 -14.55 3.11
CA ARG D 353 12.90 -13.72 3.02
C ARG D 353 12.76 -13.01 1.67
N ILE D 354 11.52 -12.62 1.36
CA ILE D 354 11.27 -11.79 0.21
C ILE D 354 11.07 -10.34 0.67
N GLU D 355 11.92 -9.47 0.17
CA GLU D 355 11.91 -8.08 0.54
C GLU D 355 12.05 -7.24 -0.73
N ASN D 356 11.04 -6.40 -0.99
CA ASN D 356 11.04 -5.47 -2.11
C ASN D 356 11.29 -6.23 -3.43
N GLY D 357 10.58 -7.33 -3.63
CA GLY D 357 10.63 -8.08 -4.89
C GLY D 357 11.85 -8.98 -5.04
N LEU D 358 12.76 -9.09 -4.05
CA LEU D 358 13.97 -9.94 -4.18
C LEU D 358 13.94 -11.06 -3.12
N LEU D 359 14.41 -12.25 -3.46
CA LEU D 359 14.60 -13.33 -2.46
C LEU D 359 15.99 -13.19 -1.83
N LEU D 360 16.05 -12.91 -0.53
CA LEU D 360 17.34 -12.68 0.17
C LEU D 360 17.68 -13.87 1.07
N LEU D 361 18.92 -14.32 1.06
CA LEU D 361 19.44 -15.15 2.15
C LEU D 361 20.44 -14.34 2.97
N ASN D 362 20.28 -14.29 4.31
CA ASN D 362 21.19 -13.56 5.21
C ASN D 362 21.42 -12.13 4.67
N GLY D 363 20.35 -11.46 4.22
CA GLY D 363 20.46 -10.08 3.73
C GLY D 363 20.98 -9.94 2.29
N LYS D 364 21.41 -10.99 1.59
CA LYS D 364 21.93 -10.80 0.20
C LYS D 364 21.02 -11.48 -0.84
N PRO D 365 20.89 -10.91 -2.05
CA PRO D 365 20.04 -11.52 -3.13
C PRO D 365 20.62 -12.82 -3.70
N LEU D 366 19.89 -13.92 -3.63
CA LEU D 366 20.37 -15.22 -4.18
C LEU D 366 20.42 -15.20 -5.71
N LEU D 367 21.36 -15.94 -6.28
CA LEU D 367 21.29 -16.35 -7.69
C LEU D 367 21.28 -17.89 -7.73
N ILE D 368 20.12 -18.50 -8.04
CA ILE D 368 19.91 -19.95 -7.96
C ILE D 368 20.55 -20.63 -9.19
N ARG D 369 21.52 -21.50 -8.95
CA ARG D 369 22.09 -22.36 -9.98
C ARG D 369 21.56 -23.77 -9.69
N GLY D 370 20.34 -24.07 -10.12
CA GLY D 370 19.65 -25.21 -9.62
C GLY D 370 19.46 -26.30 -10.67
N VAL D 371 19.17 -27.50 -10.20
CA VAL D 371 18.75 -28.57 -11.09
C VAL D 371 17.58 -29.35 -10.45
N ASN D 372 16.71 -29.91 -11.26
CA ASN D 372 15.66 -30.84 -10.78
C ASN D 372 16.29 -32.24 -10.64
N ARG D 373 16.05 -32.94 -9.54
CA ARG D 373 16.56 -34.29 -9.41
C ARG D 373 15.47 -35.28 -8.99
N HIS D 374 15.28 -36.37 -9.74
CA HIS D 374 14.45 -37.56 -9.36
C HIS D 374 15.32 -38.57 -8.61
N GLU D 375 14.71 -39.37 -7.73
CA GLU D 375 15.41 -40.50 -7.07
C GLU D 375 15.42 -41.72 -8.02
N HIS D 376 16.51 -41.95 -8.74
CA HIS D 376 16.49 -42.99 -9.78
C HIS D 376 17.82 -43.72 -9.80
N HIS D 377 17.76 -45.03 -9.91
CA HIS D 377 18.94 -45.85 -10.04
C HIS D 377 18.69 -46.90 -11.13
N PRO D 378 19.60 -47.04 -12.10
CA PRO D 378 19.30 -47.96 -13.23
C PRO D 378 19.17 -49.44 -12.82
N LEU D 379 19.78 -49.87 -11.71
CA LEU D 379 19.61 -51.30 -11.26
C LEU D 379 18.51 -51.44 -10.20
N HIS D 380 18.40 -50.46 -9.30
CA HIS D 380 17.56 -50.63 -8.11
C HIS D 380 16.25 -49.85 -8.23
N GLY D 381 16.01 -49.17 -9.36
CA GLY D 381 14.75 -48.48 -9.57
C GLY D 381 14.67 -47.25 -8.68
N GLN D 382 13.71 -47.22 -7.78
CA GLN D 382 13.51 -46.01 -7.00
C GLN D 382 14.10 -46.15 -5.58
N VAL D 383 14.95 -47.16 -5.37
CA VAL D 383 15.64 -47.36 -4.08
C VAL D 383 16.92 -46.50 -4.06
N MET D 384 17.01 -45.56 -3.11
CA MET D 384 18.18 -44.65 -2.95
C MET D 384 19.09 -45.14 -1.82
N ASP D 385 20.39 -45.02 -2.00
CA ASP D 385 21.35 -45.35 -0.92
C ASP D 385 22.33 -44.18 -0.68
N GLU D 386 23.07 -44.22 0.43
CA GLU D 386 23.99 -43.12 0.80
C GLU D 386 25.02 -42.85 -0.32
N GLN D 387 25.57 -43.92 -0.89
CA GLN D 387 26.69 -43.84 -1.83
C GLN D 387 26.26 -43.07 -3.10
N THR D 388 25.07 -43.36 -3.60
CA THR D 388 24.56 -42.67 -4.78
C THR D 388 24.20 -41.22 -4.46
N MET D 389 23.63 -40.97 -3.30
CA MET D 389 23.31 -39.59 -2.91
C MET D 389 24.60 -38.78 -2.87
N VAL D 390 25.66 -39.30 -2.25
CA VAL D 390 26.94 -38.57 -2.11
C VAL D 390 27.57 -38.33 -3.50
N GLN D 391 27.52 -39.34 -4.37
CA GLN D 391 28.04 -39.19 -5.71
C GLN D 391 27.32 -38.04 -6.45
N ASP D 392 25.99 -37.97 -6.39
CA ASP D 392 25.23 -36.86 -7.00
C ASP D 392 25.62 -35.48 -6.47
N ILE D 393 25.78 -35.35 -5.15
CA ILE D 393 26.02 -34.05 -4.53
C ILE D 393 27.41 -33.55 -4.95
N LEU D 394 28.43 -34.43 -4.92
CA LEU D 394 29.78 -34.05 -5.35
C LEU D 394 29.76 -33.59 -6.80
N LEU D 395 29.16 -34.36 -7.71
CA LEU D 395 29.11 -33.97 -9.13
C LEU D 395 28.36 -32.65 -9.30
N MET D 396 27.27 -32.44 -8.58
CA MET D 396 26.52 -31.19 -8.68
C MET D 396 27.43 -30.00 -8.29
N LYS D 397 28.10 -30.06 -7.13
CA LYS D 397 28.91 -28.95 -6.66
C LYS D 397 30.16 -28.74 -7.55
N GLN D 398 30.73 -29.81 -8.11
CA GLN D 398 31.89 -29.72 -8.99
C GLN D 398 31.51 -29.06 -10.32
N ASN D 399 30.22 -28.91 -10.60
CA ASN D 399 29.77 -28.34 -11.83
C ASN D 399 29.07 -27.01 -11.55
N ASN D 400 29.34 -26.42 -10.40
CA ASN D 400 28.86 -25.08 -10.08
C ASN D 400 27.33 -25.07 -9.85
N PHE D 401 26.69 -26.17 -9.43
CA PHE D 401 25.28 -26.05 -8.93
C PHE D 401 25.25 -25.67 -7.44
N ASN D 402 24.32 -24.83 -7.01
CA ASN D 402 24.15 -24.52 -5.56
C ASN D 402 22.75 -24.95 -5.09
N ALA D 403 21.89 -25.54 -5.93
CA ALA D 403 20.47 -25.72 -5.50
C ALA D 403 19.87 -26.93 -6.17
N VAL D 404 18.96 -27.59 -5.48
CA VAL D 404 18.28 -28.74 -6.05
C VAL D 404 16.77 -28.69 -5.77
N ARG D 405 15.96 -29.06 -6.76
CA ARG D 405 14.49 -29.12 -6.60
C ARG D 405 14.11 -30.60 -6.49
N CYS D 406 13.37 -30.95 -5.44
CA CYS D 406 12.95 -32.37 -5.22
C CYS D 406 11.78 -32.73 -6.16
N SER D 407 12.03 -32.97 -7.43
CA SER D 407 10.93 -33.20 -8.37
C SER D 407 10.44 -34.66 -8.24
N HIS D 408 9.17 -34.92 -7.93
CA HIS D 408 8.19 -33.95 -7.41
C HIS D 408 7.55 -34.59 -6.15
N TYR D 409 8.32 -34.79 -5.10
CA TYR D 409 7.84 -35.53 -3.90
C TYR D 409 8.91 -35.37 -2.82
N PRO D 410 8.55 -35.62 -1.56
CA PRO D 410 9.62 -35.58 -0.52
C PRO D 410 10.67 -36.68 -0.69
N ASN D 411 11.91 -36.37 -0.42
CA ASN D 411 13.00 -37.34 -0.64
C ASN D 411 13.16 -38.23 0.59
N HIS D 412 13.99 -39.24 0.42
CA HIS D 412 14.58 -40.02 1.48
C HIS D 412 15.12 -39.08 2.57
N PRO D 413 14.84 -39.32 3.84
CA PRO D 413 15.29 -38.39 4.92
C PRO D 413 16.80 -38.06 5.00
N LEU D 414 17.68 -38.97 4.61
CA LEU D 414 19.14 -38.73 4.55
C LEU D 414 19.53 -37.63 3.54
N TRP D 415 18.77 -37.46 2.45
CA TRP D 415 19.08 -36.45 1.46
C TRP D 415 19.24 -35.06 2.10
N TYR D 416 18.36 -34.66 3.03
CA TYR D 416 18.31 -33.30 3.62
C TYR D 416 19.53 -33.09 4.54
N THR D 417 19.98 -34.16 5.20
CA THR D 417 21.14 -34.12 6.08
C THR D 417 22.39 -33.84 5.24
N LEU D 418 22.55 -34.53 4.10
CA LEU D 418 23.71 -34.33 3.23
C LEU D 418 23.68 -32.94 2.58
N CYS D 419 22.51 -32.44 2.21
CA CYS D 419 22.45 -31.05 1.70
C CYS D 419 22.78 -30.02 2.80
N ASP D 420 22.41 -30.28 4.07
CA ASP D 420 22.85 -29.44 5.23
C ASP D 420 24.41 -29.41 5.36
N ARG D 421 25.06 -30.57 5.23
CA ARG D 421 26.50 -30.71 5.51
C ARG D 421 27.37 -30.20 4.36
N TYR D 422 26.99 -30.47 3.12
CA TYR D 422 27.80 -30.08 1.95
C TYR D 422 27.42 -28.69 1.44
N GLY D 423 26.17 -28.26 1.68
CA GLY D 423 25.72 -26.94 1.27
C GLY D 423 25.02 -26.96 -0.09
N LEU D 424 23.74 -27.32 -0.13
CA LEU D 424 22.88 -27.01 -1.30
C LEU D 424 21.57 -26.43 -0.76
N TYR D 425 20.99 -25.48 -1.45
CA TYR D 425 19.63 -25.06 -1.15
C TYR D 425 18.64 -26.11 -1.68
N VAL D 426 17.57 -26.39 -0.93
CA VAL D 426 16.61 -27.42 -1.35
C VAL D 426 15.23 -26.76 -1.54
N VAL D 427 14.55 -27.09 -2.61
CA VAL D 427 13.08 -26.84 -2.67
C VAL D 427 12.38 -28.16 -2.39
N ASP D 428 11.59 -28.21 -1.30
CA ASP D 428 10.93 -29.46 -0.86
C ASP D 428 9.47 -29.51 -1.36
N GLU D 429 9.07 -30.57 -2.03
CA GLU D 429 7.82 -30.51 -2.82
C GLU D 429 6.81 -31.55 -2.32
N ALA D 430 5.55 -31.19 -2.12
CA ALA D 430 4.47 -32.15 -1.74
C ALA D 430 4.21 -33.17 -2.86
N ASN D 431 3.93 -34.42 -2.49
CA ASN D 431 3.66 -35.50 -3.49
C ASN D 431 2.23 -35.31 -4.07
N ILE D 432 1.99 -34.26 -4.87
CA ILE D 432 0.66 -34.08 -5.51
C ILE D 432 0.88 -33.67 -6.97
N GLU D 433 0.42 -34.52 -7.89
CA GLU D 433 0.41 -34.19 -9.31
C GLU D 433 -0.77 -34.90 -9.97
N THR D 434 -1.65 -34.18 -10.65
CA THR D 434 -2.85 -34.74 -11.24
C THR D 434 -2.90 -34.39 -12.75
N HIS D 435 -1.75 -34.45 -13.41
CA HIS D 435 -1.55 -33.98 -14.77
C HIS D 435 -2.56 -34.64 -15.74
N GLY D 436 -2.84 -35.92 -15.56
CA GLY D 436 -3.70 -36.66 -16.49
C GLY D 436 -5.18 -36.32 -16.40
N MET D 437 -5.63 -35.49 -15.45
CA MET D 437 -7.07 -35.12 -15.34
C MET D 437 -7.46 -34.12 -16.44
N VAL D 438 -8.74 -34.07 -16.81
CA VAL D 438 -9.27 -33.08 -17.80
C VAL D 438 -10.46 -32.33 -17.16
N PRO D 439 -10.38 -31.03 -16.92
CA PRO D 439 -9.15 -30.21 -16.99
C PRO D 439 -8.22 -30.57 -15.83
N MET D 440 -7.08 -29.93 -15.76
CA MET D 440 -6.02 -30.35 -14.84
C MET D 440 -6.47 -30.15 -13.38
N ASN D 441 -7.42 -29.25 -13.13
CA ASN D 441 -7.81 -28.96 -11.75
C ASN D 441 -9.11 -29.67 -11.37
N ARG D 442 -9.48 -30.75 -12.06
CA ARG D 442 -10.74 -31.43 -11.70
C ARG D 442 -10.71 -31.89 -10.22
N LEU D 443 -9.59 -32.37 -9.70
CA LEU D 443 -9.57 -32.85 -8.28
C LEU D 443 -9.20 -31.71 -7.36
N THR D 444 -8.33 -30.79 -7.78
CA THR D 444 -7.76 -29.84 -6.83
C THR D 444 -8.73 -28.67 -6.62
N ASP D 445 -9.82 -28.64 -7.38
CA ASP D 445 -10.88 -27.64 -7.19
C ASP D 445 -12.11 -28.27 -6.52
N ASP D 446 -12.00 -29.53 -6.11
CA ASP D 446 -13.10 -30.26 -5.53
C ASP D 446 -12.88 -30.44 -4.01
N PRO D 447 -13.79 -29.92 -3.17
CA PRO D 447 -13.61 -30.02 -1.69
C PRO D 447 -13.56 -31.45 -1.11
N ARG D 448 -14.02 -32.46 -1.82
CA ARG D 448 -13.96 -33.82 -1.30
C ARG D 448 -12.51 -34.37 -1.36
N TRP D 449 -11.63 -33.76 -2.15
CA TRP D 449 -10.23 -34.22 -2.22
C TRP D 449 -9.35 -33.32 -1.34
N LEU D 450 -9.91 -32.28 -0.72
CA LEU D 450 -9.11 -31.40 0.20
C LEU D 450 -8.51 -32.21 1.37
N PRO D 451 -9.24 -33.19 1.96
CA PRO D 451 -8.57 -34.05 3.01
C PRO D 451 -7.31 -34.78 2.52
N ALA D 452 -7.39 -35.54 1.44
CA ALA D 452 -6.26 -36.24 0.84
C ALA D 452 -5.09 -35.28 0.53
N MET D 453 -5.36 -34.13 -0.07
CA MET D 453 -4.28 -33.19 -0.41
C MET D 453 -3.65 -32.59 0.84
N SER D 454 -4.44 -32.28 1.86
CA SER D 454 -3.91 -31.68 3.05
C SER D 454 -2.95 -32.64 3.78
N GLU D 455 -3.22 -33.93 3.81
CA GLU D 455 -2.27 -34.88 4.43
C GLU D 455 -0.91 -34.83 3.71
N ARG D 456 -0.90 -34.65 2.40
CA ARG D 456 0.36 -34.67 1.67
C ARG D 456 1.20 -33.45 1.97
N VAL D 457 0.58 -32.29 2.18
CA VAL D 457 1.33 -31.07 2.49
C VAL D 457 1.68 -31.03 3.99
N THR D 458 0.72 -31.25 4.88
CA THR D 458 0.94 -31.01 6.33
C THR D 458 1.99 -31.98 6.88
N ARG D 459 2.00 -33.22 6.40
CA ARG D 459 2.92 -34.20 6.95
C ARG D 459 4.35 -33.94 6.46
N MET D 460 4.50 -33.29 5.29
CA MET D 460 5.80 -33.01 4.77
C MET D 460 6.44 -31.88 5.60
N VAL D 461 5.66 -30.81 5.87
CA VAL D 461 6.13 -29.66 6.66
C VAL D 461 6.48 -30.14 8.09
N GLN D 462 5.64 -30.97 8.70
CA GLN D 462 5.92 -31.47 10.04
C GLN D 462 7.18 -32.36 10.05
N ARG D 463 7.51 -33.07 8.99
CA ARG D 463 8.74 -33.89 8.99
C ARG D 463 10.00 -33.02 8.79
N ASP D 464 9.96 -31.98 7.92
CA ASP D 464 11.20 -31.39 7.36
C ASP D 464 11.51 -29.96 7.82
N ARG D 465 10.68 -29.38 8.68
CA ARG D 465 10.75 -27.96 9.01
C ARG D 465 12.05 -27.60 9.76
N ASN D 466 12.81 -28.56 10.31
CA ASN D 466 14.01 -28.20 11.10
C ASN D 466 15.29 -28.14 10.24
N HIS D 467 15.27 -28.63 8.99
CA HIS D 467 16.49 -28.70 8.15
C HIS D 467 16.88 -27.31 7.62
N PRO D 468 18.13 -26.82 7.87
CA PRO D 468 18.52 -25.48 7.33
C PRO D 468 18.57 -25.44 5.79
N SER D 469 18.86 -26.58 5.15
CA SER D 469 19.00 -26.63 3.69
C SER D 469 17.67 -26.39 2.99
N VAL D 470 16.52 -26.74 3.59
CA VAL D 470 15.23 -26.46 2.94
C VAL D 470 14.95 -24.95 3.02
N ILE D 471 14.86 -24.26 1.88
CA ILE D 471 14.64 -22.81 1.94
C ILE D 471 13.29 -22.41 1.34
N ILE D 472 12.62 -23.30 0.57
CA ILE D 472 11.33 -23.00 -0.09
C ILE D 472 10.48 -24.28 -0.05
N TRP D 473 9.18 -24.12 0.24
CA TRP D 473 8.17 -25.20 0.17
C TRP D 473 7.46 -25.15 -1.19
N SER D 474 7.13 -26.29 -1.79
CA SER D 474 6.33 -26.27 -3.02
C SER D 474 5.04 -27.07 -2.86
N LEU D 475 3.95 -26.61 -3.48
CA LEU D 475 2.65 -27.27 -3.24
C LEU D 475 2.46 -28.50 -4.15
N GLY D 476 3.40 -28.83 -4.99
CA GLY D 476 3.20 -29.94 -5.92
C GLY D 476 3.52 -29.50 -7.33
N ASN D 477 2.98 -30.20 -8.31
CA ASN D 477 3.39 -29.97 -9.68
C ASN D 477 2.18 -30.21 -10.59
N GLU D 478 1.96 -29.36 -11.59
CA GLU D 478 1.02 -29.66 -12.71
C GLU D 478 -0.31 -30.22 -12.18
N SER D 479 -1.05 -29.40 -11.43
CA SER D 479 -2.38 -29.79 -10.94
C SER D 479 -3.38 -28.66 -11.17
N GLY D 480 -3.11 -27.79 -12.14
CA GLY D 480 -3.96 -26.63 -12.39
C GLY D 480 -4.01 -25.75 -11.16
N HIS D 481 -5.01 -24.91 -11.06
CA HIS D 481 -5.10 -24.07 -9.91
C HIS D 481 -6.50 -24.20 -9.32
N GLY D 482 -6.63 -24.79 -8.14
CA GLY D 482 -7.97 -24.90 -7.53
C GLY D 482 -7.99 -24.26 -6.14
N ALA D 483 -9.17 -24.19 -5.53
CA ALA D 483 -9.28 -23.54 -4.22
C ALA D 483 -8.52 -24.37 -3.16
N ASN D 484 -8.27 -25.67 -3.38
CA ASN D 484 -7.54 -26.46 -2.37
C ASN D 484 -6.09 -25.94 -2.27
N HIS D 485 -5.50 -25.47 -3.37
CA HIS D 485 -4.15 -24.89 -3.39
C HIS D 485 -4.08 -23.62 -2.55
N ASP D 486 -5.02 -22.68 -2.72
CA ASP D 486 -5.01 -21.44 -1.89
C ASP D 486 -5.14 -21.72 -0.38
N ALA D 487 -5.95 -22.71 0.00
CA ALA D 487 -6.11 -23.07 1.38
C ALA D 487 -4.78 -23.62 1.95
N LEU D 488 -4.11 -24.49 1.21
CA LEU D 488 -2.87 -25.09 1.72
C LEU D 488 -1.71 -24.11 1.71
N TYR D 489 -1.70 -23.20 0.74
CA TYR D 489 -0.74 -22.12 0.72
C TYR D 489 -0.82 -21.36 2.05
N ARG D 490 -2.04 -21.00 2.45
CA ARG D 490 -2.28 -20.22 3.64
C ARG D 490 -1.97 -21.03 4.90
N TRP D 491 -2.24 -22.35 4.91
CA TRP D 491 -1.88 -23.22 6.04
C TRP D 491 -0.38 -23.14 6.32
N ILE D 492 0.47 -23.28 5.31
CA ILE D 492 1.94 -23.20 5.48
C ILE D 492 2.37 -21.80 5.93
N LYS D 493 1.86 -20.73 5.35
CA LYS D 493 2.31 -19.38 5.74
C LYS D 493 2.01 -19.15 7.22
N SER D 494 1.05 -19.88 7.76
CA SER D 494 0.62 -19.65 9.12
C SER D 494 1.40 -20.55 10.09
N VAL D 495 1.68 -21.82 9.75
CA VAL D 495 2.45 -22.65 10.67
C VAL D 495 3.96 -22.43 10.50
N ASP D 496 4.44 -21.99 9.34
CA ASP D 496 5.89 -21.79 9.12
C ASP D 496 6.20 -20.51 8.35
N PRO D 497 6.11 -19.35 9.03
CA PRO D 497 6.37 -18.05 8.33
C PRO D 497 7.82 -17.85 7.86
N SER D 498 8.69 -18.81 8.08
CA SER D 498 10.09 -18.57 7.86
C SER D 498 10.53 -18.94 6.45
N ARG D 499 9.68 -19.59 5.62
CA ARG D 499 10.10 -19.95 4.24
C ARG D 499 9.02 -19.50 3.25
N PRO D 500 9.41 -18.98 2.08
CA PRO D 500 8.43 -18.75 1.01
C PRO D 500 7.78 -20.03 0.49
N VAL D 501 6.60 -19.88 -0.13
CA VAL D 501 5.90 -20.98 -0.75
C VAL D 501 5.82 -20.74 -2.25
N GLN D 502 6.08 -21.75 -3.07
CA GLN D 502 5.90 -21.57 -4.50
C GLN D 502 5.00 -22.67 -5.10
N TYR D 503 4.36 -22.35 -6.20
CA TYR D 503 3.52 -23.30 -6.91
C TYR D 503 3.44 -22.88 -8.38
N GLU D 504 3.73 -23.76 -9.31
CA GLU D 504 3.77 -23.36 -10.74
C GLU D 504 2.38 -23.48 -11.38
N GLY D 505 1.53 -24.39 -10.93
CA GLY D 505 0.28 -24.67 -11.67
C GLY D 505 -0.57 -23.44 -11.93
N GLY D 506 -1.43 -23.55 -12.95
CA GLY D 506 -2.44 -22.53 -13.20
C GLY D 506 -1.85 -21.25 -13.78
N GLY D 507 -0.67 -21.33 -14.41
CA GLY D 507 -0.12 -20.18 -15.12
C GLY D 507 0.96 -19.45 -14.34
N ALA D 508 1.45 -20.03 -13.23
CA ALA D 508 2.79 -19.68 -12.65
C ALA D 508 2.79 -18.40 -11.83
N ASP D 509 1.71 -17.64 -11.78
CA ASP D 509 1.68 -16.37 -11.05
C ASP D 509 0.32 -16.16 -10.29
N THR D 510 -0.30 -17.26 -9.87
CA THR D 510 -1.58 -17.25 -9.12
C THR D 510 -1.37 -16.72 -7.69
N THR D 511 -2.42 -16.77 -6.89
CA THR D 511 -2.37 -16.29 -5.49
C THR D 511 -1.79 -17.35 -4.56
N ALA D 512 -1.50 -18.54 -5.08
CA ALA D 512 -0.89 -19.59 -4.27
C ALA D 512 0.66 -19.60 -4.40
N THR D 513 1.32 -18.52 -4.82
CA THR D 513 2.80 -18.56 -4.96
C THR D 513 3.40 -17.24 -4.47
N ASP D 514 4.52 -17.28 -3.76
CA ASP D 514 5.23 -16.05 -3.38
C ASP D 514 6.25 -15.66 -4.49
N ILE D 515 6.52 -16.54 -5.43
CA ILE D 515 7.58 -16.38 -6.42
C ILE D 515 6.93 -16.66 -7.79
N ILE D 516 7.17 -15.88 -8.84
CA ILE D 516 6.65 -16.28 -10.16
C ILE D 516 7.52 -17.44 -10.65
N CYS D 517 6.97 -18.59 -10.97
CA CYS D 517 7.88 -19.69 -11.21
C CYS D 517 7.49 -20.48 -12.46
N PRO D 518 7.68 -19.88 -13.65
CA PRO D 518 7.22 -20.48 -14.89
C PRO D 518 7.99 -21.76 -15.24
N MET D 519 7.46 -22.59 -16.13
CA MET D 519 8.30 -23.64 -16.62
C MET D 519 8.53 -23.46 -18.13
N TYR D 520 9.79 -23.44 -18.54
CA TYR D 520 10.16 -23.30 -19.98
C TYR D 520 9.72 -21.97 -20.59
N ALA D 521 9.62 -20.89 -19.82
CA ALA D 521 9.43 -19.60 -20.47
C ALA D 521 10.74 -19.20 -21.16
N ARG D 522 10.64 -18.53 -22.31
CA ARG D 522 11.85 -18.13 -23.07
C ARG D 522 12.34 -16.76 -22.62
N VAL D 523 13.54 -16.41 -23.07
CA VAL D 523 14.18 -15.17 -22.62
C VAL D 523 13.50 -13.97 -23.32
N ASP D 524 13.37 -14.04 -24.65
CA ASP D 524 12.85 -12.90 -25.45
C ASP D 524 11.51 -13.14 -26.16
N GLU D 525 11.10 -14.39 -26.32
CA GLU D 525 9.92 -14.72 -27.16
C GLU D 525 8.69 -15.05 -26.28
N ASP D 526 7.52 -14.46 -26.59
CA ASP D 526 6.27 -14.84 -25.90
C ASP D 526 5.65 -16.12 -26.50
N GLN D 527 4.94 -16.89 -25.68
CA GLN D 527 4.17 -18.07 -26.15
C GLN D 527 2.72 -17.91 -25.65
N PRO D 528 1.87 -17.16 -26.40
CA PRO D 528 0.54 -16.69 -25.90
C PRO D 528 -0.61 -17.70 -25.92
N PHE D 529 -0.42 -18.85 -25.28
CA PHE D 529 -1.46 -19.88 -25.05
C PHE D 529 -2.70 -19.28 -24.34
N PRO D 530 -3.93 -19.71 -24.72
CA PRO D 530 -5.19 -19.31 -24.02
C PRO D 530 -5.20 -19.71 -22.53
N ALA D 531 -5.57 -18.77 -21.65
CA ALA D 531 -5.75 -18.99 -20.18
C ALA D 531 -4.42 -19.03 -19.42
N VAL D 532 -3.42 -19.73 -19.95
CA VAL D 532 -2.13 -19.91 -19.23
C VAL D 532 -0.95 -19.50 -20.14
N PRO D 533 -0.87 -18.21 -20.59
CA PRO D 533 0.27 -17.77 -21.49
C PRO D 533 1.66 -17.94 -20.84
N LYS D 534 2.69 -18.21 -21.62
CA LYS D 534 4.06 -18.17 -21.08
C LYS D 534 4.75 -16.92 -21.64
N TRP D 535 4.65 -15.82 -20.94
CA TRP D 535 5.37 -14.60 -21.34
C TRP D 535 6.87 -14.87 -21.41
N SER D 536 7.60 -14.09 -22.17
CA SER D 536 9.02 -14.18 -22.04
C SER D 536 9.42 -13.68 -20.64
N ILE D 537 10.55 -14.10 -20.12
CA ILE D 537 10.80 -13.81 -18.68
C ILE D 537 11.04 -12.32 -18.41
N LYS D 538 11.69 -11.60 -19.32
CA LYS D 538 11.93 -10.15 -19.15
C LYS D 538 10.61 -9.38 -19.16
N LYS D 539 9.66 -9.75 -20.03
CA LYS D 539 8.37 -9.10 -20.09
C LYS D 539 7.53 -9.38 -18.83
N TRP D 540 7.49 -10.65 -18.38
CA TRP D 540 6.71 -11.07 -17.20
C TRP D 540 7.02 -10.19 -15.99
N LEU D 541 8.28 -9.84 -15.78
CA LEU D 541 8.64 -9.09 -14.56
C LEU D 541 7.87 -7.77 -14.48
N SER D 542 7.49 -7.24 -15.63
CA SER D 542 7.07 -5.86 -15.67
C SER D 542 5.59 -5.72 -16.05
N LEU D 543 4.83 -6.81 -16.07
CA LEU D 543 3.39 -6.73 -16.29
C LEU D 543 2.78 -5.80 -15.24
N PRO D 544 1.76 -4.97 -15.62
CA PRO D 544 1.18 -3.95 -14.66
C PRO D 544 0.76 -4.68 -13.37
N GLY D 545 1.20 -4.16 -12.22
CA GLY D 545 0.88 -4.77 -10.90
C GLY D 545 1.91 -5.75 -10.35
N GLU D 546 2.79 -6.34 -11.19
CA GLU D 546 3.68 -7.47 -10.78
C GLU D 546 4.87 -6.99 -9.93
N THR D 547 5.15 -7.63 -8.80
CA THR D 547 6.24 -7.19 -7.90
C THR D 547 7.10 -8.35 -7.39
N ARG D 548 6.69 -9.60 -7.61
CA ARG D 548 7.38 -10.78 -7.05
C ARG D 548 8.70 -11.02 -7.79
N PRO D 549 9.66 -11.74 -7.17
CA PRO D 549 10.83 -12.21 -8.00
C PRO D 549 10.47 -13.40 -8.91
N LEU D 550 11.26 -13.67 -9.95
CA LEU D 550 10.95 -14.77 -10.89
C LEU D 550 12.08 -15.80 -10.84
N ILE D 551 11.79 -17.05 -10.54
CA ILE D 551 12.77 -18.14 -10.59
C ILE D 551 12.15 -19.28 -11.39
N LEU D 552 12.75 -19.73 -12.47
CA LEU D 552 12.14 -20.79 -13.27
C LEU D 552 12.16 -22.13 -12.52
N CYS D 553 11.01 -22.75 -12.35
CA CYS D 553 11.07 -24.04 -11.64
C CYS D 553 11.59 -25.12 -12.58
N GLU D 554 11.49 -24.93 -13.91
CA GLU D 554 12.11 -25.84 -14.90
C GLU D 554 12.52 -25.02 -16.11
N TYR D 555 13.76 -25.15 -16.59
CA TYR D 555 14.08 -24.50 -17.85
C TYR D 555 15.15 -25.35 -18.57
N ALA D 556 15.38 -25.08 -19.84
CA ALA D 556 16.48 -25.69 -20.59
C ALA D 556 16.37 -27.22 -20.59
N HIS D 557 15.41 -27.80 -21.30
CA HIS D 557 15.14 -29.23 -21.28
C HIS D 557 16.33 -30.04 -21.80
N ALA D 558 16.97 -30.85 -20.98
CA ALA D 558 18.26 -31.46 -21.39
C ALA D 558 18.08 -32.80 -22.11
N MET D 559 17.10 -32.94 -22.98
CA MET D 559 16.82 -34.25 -23.59
C MET D 559 17.79 -34.54 -24.74
N GLY D 560 18.70 -35.49 -24.54
CA GLY D 560 19.64 -35.92 -25.60
C GLY D 560 20.71 -34.87 -25.85
N ASN D 561 20.94 -34.56 -27.12
CA ASN D 561 21.91 -33.57 -27.56
C ASN D 561 21.20 -32.20 -27.50
N SER D 562 21.37 -31.45 -26.41
CA SER D 562 20.46 -30.32 -26.10
C SER D 562 21.23 -29.20 -25.36
N LEU D 563 20.51 -28.29 -24.71
CA LEU D 563 21.07 -27.07 -24.02
C LEU D 563 21.58 -26.00 -24.99
N GLY D 564 21.11 -25.97 -26.24
CA GLY D 564 21.41 -24.83 -27.11
C GLY D 564 20.71 -23.57 -26.58
N GLY D 565 21.37 -22.42 -26.65
CA GLY D 565 20.74 -21.21 -26.14
C GLY D 565 20.87 -21.04 -24.62
N PHE D 566 21.67 -21.86 -23.95
CA PHE D 566 21.76 -21.84 -22.48
C PHE D 566 22.36 -20.51 -22.01
N ALA D 567 23.38 -20.01 -22.74
CA ALA D 567 24.08 -18.76 -22.46
C ALA D 567 23.13 -17.56 -22.42
N LYS D 568 22.07 -17.61 -23.20
CA LYS D 568 21.12 -16.49 -23.26
C LYS D 568 20.33 -16.36 -21.95
N TYR D 569 20.01 -17.46 -21.27
CA TYR D 569 19.39 -17.40 -19.92
C TYR D 569 20.36 -16.76 -18.91
N TRP D 570 21.62 -17.20 -18.92
CA TRP D 570 22.61 -16.76 -17.96
C TRP D 570 22.95 -15.27 -18.17
N GLN D 571 22.97 -14.79 -19.41
CA GLN D 571 23.12 -13.35 -19.68
C GLN D 571 21.96 -12.57 -19.04
N ALA D 572 20.69 -12.93 -19.30
CA ALA D 572 19.52 -12.32 -18.62
C ALA D 572 19.61 -12.43 -17.10
N PHE D 573 19.85 -13.62 -16.52
CA PHE D 573 19.89 -13.77 -15.04
C PHE D 573 20.87 -12.75 -14.44
N ARG D 574 22.01 -12.52 -15.08
CA ARG D 574 23.02 -11.57 -14.52
C ARG D 574 22.61 -10.11 -14.75
N GLN D 575 21.90 -9.78 -15.81
CA GLN D 575 21.57 -8.38 -16.06
C GLN D 575 20.37 -7.91 -15.20
N TYR D 576 19.35 -8.73 -14.95
CA TYR D 576 18.09 -8.26 -14.32
C TYR D 576 18.07 -8.65 -12.84
N PRO D 577 17.93 -7.69 -11.93
CA PRO D 577 17.96 -8.09 -10.47
C PRO D 577 16.87 -9.07 -10.04
N ARG D 578 15.65 -8.95 -10.56
CA ARG D 578 14.53 -9.78 -10.12
C ARG D 578 14.47 -11.11 -10.89
N LEU D 579 15.32 -11.36 -11.89
CA LEU D 579 15.49 -12.73 -12.45
C LEU D 579 16.53 -13.46 -11.59
N GLN D 580 16.13 -14.38 -10.74
CA GLN D 580 17.14 -14.89 -9.78
C GLN D 580 17.52 -16.35 -10.12
N GLY D 581 17.40 -16.80 -11.37
CA GLY D 581 17.96 -18.08 -11.80
C GLY D 581 16.86 -19.11 -12.04
N GLY D 582 17.17 -20.40 -11.85
CA GLY D 582 16.19 -21.44 -12.14
C GLY D 582 16.77 -22.82 -11.93
N PHE D 583 15.96 -23.86 -12.17
CA PHE D 583 16.33 -25.25 -12.00
C PHE D 583 16.32 -25.95 -13.38
N VAL D 584 17.44 -26.42 -13.89
CA VAL D 584 17.49 -27.15 -15.18
C VAL D 584 16.61 -28.43 -15.09
N TRP D 585 15.96 -28.83 -16.19
CA TRP D 585 15.32 -30.14 -16.26
C TRP D 585 16.18 -31.09 -17.13
N ASP D 586 16.85 -32.14 -16.63
CA ASP D 586 16.96 -32.43 -15.22
C ASP D 586 18.30 -33.14 -14.96
N TRP D 587 18.56 -33.66 -13.76
CA TRP D 587 19.88 -34.23 -13.38
C TRP D 587 20.23 -35.53 -14.12
N VAL D 588 19.44 -36.57 -13.98
CA VAL D 588 19.90 -37.92 -14.40
C VAL D 588 18.85 -38.54 -15.34
N ASP D 589 19.30 -39.17 -16.43
CA ASP D 589 18.42 -39.94 -17.33
C ASP D 589 17.71 -41.08 -16.57
N GLN D 590 16.39 -41.22 -16.71
CA GLN D 590 15.73 -42.33 -16.06
C GLN D 590 15.75 -43.57 -16.98
N SER D 591 16.89 -44.15 -17.27
CA SER D 591 16.87 -45.39 -18.09
C SER D 591 17.06 -46.62 -17.17
N LEU D 592 16.65 -47.80 -17.61
CA LEU D 592 16.82 -49.01 -16.78
C LEU D 592 17.75 -50.00 -17.49
N ILE D 593 18.32 -50.96 -16.80
CA ILE D 593 19.20 -51.97 -17.44
C ILE D 593 18.41 -53.24 -17.80
N LYS D 594 18.55 -53.70 -19.06
CA LYS D 594 18.10 -55.03 -19.49
C LYS D 594 19.31 -55.87 -19.89
N TYR D 595 19.14 -57.18 -20.04
CA TYR D 595 20.26 -58.07 -20.46
C TYR D 595 19.92 -58.69 -21.82
N ASP D 596 20.90 -58.80 -22.73
CA ASP D 596 20.66 -59.58 -23.96
C ASP D 596 20.87 -61.11 -23.75
N GLU D 597 20.98 -61.89 -24.84
CA GLU D 597 21.12 -63.37 -24.79
C GLU D 597 22.48 -63.77 -24.18
N ASN D 598 23.52 -62.99 -24.47
CA ASN D 598 24.88 -63.25 -23.97
C ASN D 598 25.08 -62.62 -22.57
N GLY D 599 24.03 -62.02 -22.01
CA GLY D 599 24.07 -61.44 -20.66
C GLY D 599 24.73 -60.07 -20.64
N ASN D 600 24.86 -59.42 -21.81
CA ASN D 600 25.41 -58.06 -21.90
C ASN D 600 24.33 -57.03 -21.52
N PRO D 601 24.68 -56.11 -20.61
CA PRO D 601 23.68 -55.11 -20.17
C PRO D 601 23.45 -54.04 -21.26
N TRP D 602 22.22 -53.55 -21.41
CA TRP D 602 21.97 -52.40 -22.26
C TRP D 602 20.92 -51.47 -21.63
N SER D 603 20.98 -50.17 -21.95
CA SER D 603 20.08 -49.15 -21.39
C SER D 603 18.72 -49.14 -22.07
N ALA D 604 17.64 -49.26 -21.31
CA ALA D 604 16.28 -49.40 -21.86
C ALA D 604 15.43 -48.18 -21.51
N TYR D 605 14.41 -47.88 -22.31
CA TYR D 605 13.51 -46.80 -22.02
C TYR D 605 12.06 -47.26 -22.18
N GLY D 606 11.09 -46.34 -22.15
CA GLY D 606 9.66 -46.73 -22.18
C GLY D 606 9.32 -47.65 -23.35
N GLY D 607 8.57 -48.71 -23.07
CA GLY D 607 8.15 -49.66 -24.12
C GLY D 607 9.02 -50.91 -24.15
N ASP D 608 10.21 -50.87 -23.54
CA ASP D 608 11.14 -52.01 -23.59
C ASP D 608 10.81 -53.16 -22.62
N PHE D 609 9.71 -53.03 -21.87
CA PHE D 609 9.33 -54.07 -20.91
C PHE D 609 7.94 -54.60 -21.29
N GLY D 610 7.47 -54.29 -22.49
CA GLY D 610 6.11 -54.67 -22.94
C GLY D 610 5.03 -53.79 -22.31
N ASP D 611 5.44 -52.74 -21.59
CA ASP D 611 4.52 -51.72 -21.03
C ASP D 611 3.85 -50.92 -22.16
N THR D 612 2.54 -50.72 -22.04
CA THR D 612 1.74 -50.13 -23.13
C THR D 612 0.40 -49.59 -22.57
N PRO D 613 -0.04 -48.40 -23.00
CA PRO D 613 0.77 -47.42 -23.78
C PRO D 613 1.97 -46.87 -22.97
N ASN D 614 2.92 -46.24 -23.65
CA ASN D 614 4.14 -45.77 -23.00
C ASN D 614 4.62 -44.52 -23.74
N ASP D 615 5.58 -43.81 -23.17
CA ASP D 615 6.06 -42.61 -23.84
C ASP D 615 7.52 -42.65 -24.29
N ARG D 616 8.03 -43.85 -24.57
CA ARG D 616 9.26 -44.04 -25.37
C ARG D 616 10.46 -43.38 -24.70
N GLN D 617 11.31 -42.65 -25.44
CA GLN D 617 12.57 -42.11 -24.86
C GLN D 617 12.31 -40.87 -23.99
N PHE D 618 11.06 -40.40 -23.89
CA PHE D 618 10.80 -39.14 -23.17
C PHE D 618 11.20 -39.20 -21.69
N CYS D 619 11.64 -40.36 -21.19
CA CYS D 619 12.04 -40.49 -19.77
C CYS D 619 13.53 -40.12 -19.60
N MET D 620 14.24 -39.83 -20.69
CA MET D 620 15.69 -39.54 -20.58
C MET D 620 15.99 -38.07 -20.84
N ASN D 621 16.20 -37.32 -19.78
CA ASN D 621 16.25 -35.89 -19.91
C ASN D 621 17.45 -35.36 -19.15
N GLY D 622 18.40 -36.21 -18.75
CA GLY D 622 19.39 -35.78 -17.78
C GLY D 622 20.62 -35.12 -18.39
N LEU D 623 21.37 -34.37 -17.57
CA LEU D 623 22.76 -33.93 -17.85
C LEU D 623 23.77 -35.08 -17.67
N VAL D 624 23.41 -36.15 -16.97
CA VAL D 624 24.35 -37.29 -16.76
C VAL D 624 23.62 -38.56 -17.18
N PHE D 625 24.34 -39.59 -17.59
CA PHE D 625 23.76 -40.90 -17.91
C PHE D 625 23.32 -41.56 -16.60
N ALA D 626 22.44 -42.55 -16.67
CA ALA D 626 21.93 -43.20 -15.46
C ALA D 626 23.08 -43.76 -14.58
N ASP D 627 24.24 -44.10 -15.17
CA ASP D 627 25.40 -44.50 -14.35
C ASP D 627 26.28 -43.35 -13.78
N ARG D 628 25.88 -42.11 -14.04
CA ARG D 628 26.49 -40.86 -13.49
C ARG D 628 27.71 -40.38 -14.31
N THR D 629 27.88 -40.93 -15.51
CA THR D 629 28.81 -40.38 -16.50
C THR D 629 28.16 -39.13 -17.12
N PRO D 630 28.94 -38.04 -17.31
CA PRO D 630 28.41 -36.76 -17.88
C PRO D 630 28.08 -36.79 -19.39
N HIS D 631 26.98 -36.16 -19.77
CA HIS D 631 26.77 -35.73 -21.15
C HIS D 631 27.65 -34.51 -21.44
N PRO D 632 27.97 -34.24 -22.72
CA PRO D 632 28.73 -33.01 -23.08
C PRO D 632 28.06 -31.70 -22.64
N ALA D 633 26.73 -31.64 -22.55
CA ALA D 633 26.03 -30.43 -22.10
C ALA D 633 26.42 -30.03 -20.67
N LEU D 634 26.81 -30.99 -19.81
CA LEU D 634 27.17 -30.67 -18.41
C LEU D 634 28.30 -29.62 -18.37
N THR D 635 29.27 -29.66 -19.31
CA THR D 635 30.36 -28.67 -19.29
C THR D 635 29.82 -27.27 -19.64
N GLU D 636 28.90 -27.17 -20.60
CA GLU D 636 28.26 -25.89 -20.91
C GLU D 636 27.62 -25.28 -19.63
N ALA D 637 26.85 -26.07 -18.87
CA ALA D 637 26.25 -25.61 -17.58
C ALA D 637 27.35 -25.14 -16.59
N LYS D 638 28.41 -25.92 -16.43
CA LYS D 638 29.47 -25.54 -15.53
C LYS D 638 29.99 -24.15 -15.87
N HIS D 639 30.30 -23.89 -17.16
CA HIS D 639 30.88 -22.64 -17.59
C HIS D 639 29.90 -21.47 -17.40
N GLN D 640 28.61 -21.64 -17.70
CA GLN D 640 27.68 -20.49 -17.61
C GLN D 640 27.39 -20.16 -16.14
N GLN D 641 27.51 -21.16 -15.27
CA GLN D 641 27.19 -21.00 -13.87
C GLN D 641 28.42 -20.61 -13.04
N GLN D 642 29.61 -20.43 -13.62
CA GLN D 642 30.87 -20.11 -12.85
C GLN D 642 30.66 -18.95 -11.86
N PHE D 643 31.41 -18.97 -10.76
CA PHE D 643 31.32 -17.90 -9.74
C PHE D 643 32.33 -16.76 -9.98
N PHE D 644 33.16 -16.82 -11.02
CA PHE D 644 34.05 -15.68 -11.38
C PHE D 644 33.68 -15.22 -12.78
N GLN D 645 33.47 -13.93 -12.98
CA GLN D 645 33.28 -13.37 -14.32
C GLN D 645 34.55 -12.59 -14.70
N PHE D 646 34.89 -12.53 -15.98
CA PHE D 646 36.17 -11.91 -16.39
C PHE D 646 35.95 -10.83 -17.46
N ARG D 647 36.74 -9.76 -17.46
CA ARG D 647 36.73 -8.85 -18.62
C ARG D 647 38.17 -8.55 -19.01
N LEU D 648 38.40 -8.32 -20.30
CA LEU D 648 39.74 -7.97 -20.76
C LEU D 648 39.70 -6.55 -21.32
N SER D 649 40.64 -5.73 -20.85
CA SER D 649 40.84 -4.39 -21.39
C SER D 649 42.36 -4.19 -21.57
N GLY D 650 42.84 -4.27 -22.81
CA GLY D 650 44.28 -4.15 -23.10
C GLY D 650 45.09 -5.32 -22.54
N GLN D 651 45.87 -5.02 -21.50
CA GLN D 651 46.74 -6.02 -20.84
C GLN D 651 46.14 -6.41 -19.49
N THR D 652 44.99 -5.82 -19.16
CA THR D 652 44.40 -5.94 -17.84
C THR D 652 43.21 -6.91 -17.90
N ILE D 653 43.20 -7.85 -16.97
CA ILE D 653 42.01 -8.68 -16.70
C ILE D 653 41.35 -8.11 -15.44
N GLU D 654 40.05 -7.84 -15.51
CA GLU D 654 39.26 -7.60 -14.30
C GLU D 654 38.56 -8.92 -13.87
N VAL D 655 38.79 -9.38 -12.64
CA VAL D 655 38.08 -10.54 -12.10
C VAL D 655 36.98 -10.06 -11.13
N THR D 656 35.75 -10.48 -11.34
CA THR D 656 34.62 -10.12 -10.46
C THR D 656 34.15 -11.39 -9.74
N SER D 657 33.97 -11.32 -8.43
CA SER D 657 33.49 -12.46 -7.65
C SER D 657 31.96 -12.50 -7.63
N GLU D 658 31.36 -13.66 -7.81
CA GLU D 658 29.88 -13.74 -7.67
C GLU D 658 29.52 -14.50 -6.39
N TYR D 659 30.47 -14.69 -5.47
CA TYR D 659 30.19 -15.21 -4.14
C TYR D 659 29.49 -14.13 -3.30
N LEU D 660 28.64 -14.53 -2.38
CA LEU D 660 27.95 -13.53 -1.58
C LEU D 660 28.56 -13.45 -0.19
N PHE D 661 29.25 -14.51 0.27
CA PHE D 661 29.65 -14.62 1.65
C PHE D 661 31.15 -14.93 1.80
N ARG D 662 31.75 -15.72 0.92
CA ARG D 662 33.14 -16.12 1.17
C ARG D 662 34.12 -15.20 0.44
N HIS D 663 35.31 -15.04 1.05
CA HIS D 663 36.47 -14.42 0.41
C HIS D 663 37.13 -15.50 -0.45
N SER D 664 37.80 -15.14 -1.55
CA SER D 664 38.41 -16.17 -2.42
C SER D 664 39.75 -16.67 -1.84
N ASP D 665 39.69 -17.52 -0.82
CA ASP D 665 40.89 -17.99 -0.11
C ASP D 665 41.49 -19.33 -0.57
N ASN D 666 40.93 -19.95 -1.60
CA ASN D 666 41.42 -21.23 -2.13
C ASN D 666 41.40 -21.16 -3.66
N GLU D 667 42.04 -20.14 -4.23
CA GLU D 667 41.87 -19.81 -5.65
C GLU D 667 43.16 -19.23 -6.20
N LEU D 668 43.65 -19.79 -7.30
CA LEU D 668 44.69 -19.09 -8.03
C LEU D 668 44.45 -19.11 -9.54
N LEU D 669 44.81 -18.00 -10.18
CA LEU D 669 44.57 -17.79 -11.59
C LEU D 669 45.80 -18.21 -12.43
N HIS D 670 45.61 -19.16 -13.36
CA HIS D 670 46.61 -19.54 -14.36
C HIS D 670 46.28 -18.85 -15.69
N TRP D 671 47.22 -18.17 -16.31
CA TRP D 671 47.00 -17.61 -17.65
C TRP D 671 48.01 -18.19 -18.62
N MET D 672 47.62 -18.32 -19.89
CA MET D 672 48.50 -18.80 -20.94
C MET D 672 48.21 -18.02 -22.24
N VAL D 673 49.26 -17.67 -22.98
CA VAL D 673 49.13 -17.06 -24.32
C VAL D 673 49.65 -18.05 -25.37
N ALA D 674 48.85 -18.39 -26.38
CA ALA D 674 49.29 -19.42 -27.37
C ALA D 674 49.09 -18.87 -28.78
N LEU D 675 49.90 -19.35 -29.73
CA LEU D 675 49.78 -18.95 -31.15
C LEU D 675 49.42 -20.19 -31.94
N ASP D 676 48.20 -20.21 -32.48
CA ASP D 676 47.63 -21.41 -33.15
C ASP D 676 48.06 -22.75 -32.51
N GLY D 677 47.82 -22.88 -31.20
CA GLY D 677 48.11 -24.11 -30.45
C GLY D 677 49.44 -24.09 -29.72
N LYS D 678 50.48 -23.45 -30.29
CA LYS D 678 51.84 -23.42 -29.69
C LYS D 678 51.89 -22.41 -28.52
N PRO D 679 52.23 -22.87 -27.30
CA PRO D 679 52.44 -22.03 -26.09
C PRO D 679 53.59 -21.02 -26.24
N LEU D 680 53.41 -19.80 -25.74
CA LEU D 680 54.38 -18.71 -25.90
C LEU D 680 54.78 -18.12 -24.54
N ALA D 681 53.80 -17.95 -23.67
CA ALA D 681 53.99 -17.36 -22.33
C ALA D 681 52.92 -17.92 -21.41
N SER D 682 53.17 -17.83 -20.11
CA SER D 682 52.40 -18.48 -19.06
C SER D 682 52.68 -17.77 -17.74
N GLY D 683 51.91 -18.08 -16.71
CA GLY D 683 52.02 -17.37 -15.44
C GLY D 683 50.92 -17.77 -14.47
N GLU D 684 51.06 -17.35 -13.21
CA GLU D 684 50.02 -17.52 -12.18
C GLU D 684 50.01 -16.36 -11.19
N VAL D 685 48.83 -16.10 -10.62
CA VAL D 685 48.54 -14.99 -9.74
C VAL D 685 47.57 -15.50 -8.67
N PRO D 686 47.83 -15.24 -7.38
CA PRO D 686 46.79 -15.61 -6.37
C PRO D 686 45.56 -14.69 -6.51
N LEU D 687 44.36 -15.22 -6.25
CA LEU D 687 43.17 -14.38 -6.28
C LEU D 687 42.86 -13.90 -4.85
N ASP D 688 42.66 -12.60 -4.71
CA ASP D 688 42.36 -12.00 -3.44
C ASP D 688 41.18 -11.02 -3.65
N VAL D 689 39.97 -11.57 -3.73
CA VAL D 689 38.79 -10.78 -4.14
C VAL D 689 37.68 -11.02 -3.11
N ALA D 690 37.16 -9.92 -2.56
CA ALA D 690 36.08 -9.95 -1.58
C ALA D 690 34.77 -10.37 -2.26
N PRO D 691 33.79 -10.90 -1.48
CA PRO D 691 32.45 -11.25 -2.03
C PRO D 691 31.84 -10.03 -2.74
N GLN D 692 31.51 -10.22 -4.02
CA GLN D 692 30.91 -9.19 -4.92
C GLN D 692 31.93 -8.12 -5.32
N GLY D 693 33.23 -8.35 -5.11
CA GLY D 693 34.25 -7.33 -5.43
C GLY D 693 35.02 -7.63 -6.71
N LYS D 694 35.99 -6.75 -7.02
CA LYS D 694 36.82 -6.85 -8.23
C LYS D 694 38.30 -6.97 -7.85
N GLN D 695 39.10 -7.49 -8.77
CA GLN D 695 40.56 -7.48 -8.70
C GLN D 695 41.07 -7.19 -10.12
N LEU D 696 42.08 -6.33 -10.24
CA LEU D 696 42.70 -6.06 -11.55
C LEU D 696 44.04 -6.79 -11.62
N ILE D 697 44.18 -7.67 -12.61
CA ILE D 697 45.43 -8.37 -12.83
C ILE D 697 46.07 -7.82 -14.11
N GLU D 698 47.21 -7.16 -13.96
CA GLU D 698 47.99 -6.68 -15.09
C GLU D 698 48.87 -7.82 -15.60
N LEU D 699 48.87 -8.04 -16.92
CA LEU D 699 49.74 -9.07 -17.49
C LEU D 699 51.09 -8.44 -17.87
N PRO D 700 52.19 -9.23 -17.79
CA PRO D 700 53.53 -8.90 -18.33
C PRO D 700 53.48 -8.38 -19.78
N GLU D 701 54.56 -7.76 -20.25
CA GLU D 701 54.70 -7.44 -21.67
C GLU D 701 54.66 -8.77 -22.46
N LEU D 702 53.61 -8.91 -23.27
CA LEU D 702 53.36 -10.14 -24.02
C LEU D 702 54.29 -10.17 -25.25
N PRO D 703 54.68 -11.38 -25.71
CA PRO D 703 55.65 -11.44 -26.81
C PRO D 703 55.04 -11.07 -28.16
N GLN D 704 55.84 -10.40 -29.00
CA GLN D 704 55.49 -10.18 -30.41
C GLN D 704 56.13 -11.30 -31.23
N PRO D 705 55.30 -12.20 -31.79
CA PRO D 705 55.87 -13.26 -32.62
C PRO D 705 56.09 -12.77 -34.06
N GLU D 706 57.02 -13.43 -34.76
CA GLU D 706 57.31 -13.09 -36.15
C GLU D 706 56.19 -13.64 -37.05
N SER D 707 55.89 -14.93 -36.85
CA SER D 707 55.05 -15.72 -37.76
C SER D 707 53.59 -15.23 -37.76
N ALA D 708 52.89 -15.64 -38.82
CA ALA D 708 51.49 -15.39 -39.02
C ALA D 708 50.67 -16.20 -38.00
N GLY D 709 49.47 -15.71 -37.72
CA GLY D 709 48.48 -16.46 -36.96
C GLY D 709 47.80 -15.60 -35.91
N GLN D 710 46.77 -16.17 -35.28
CA GLN D 710 46.00 -15.50 -34.25
C GLN D 710 46.58 -15.87 -32.86
N LEU D 711 46.84 -14.87 -32.01
CA LEU D 711 47.17 -15.11 -30.58
C LEU D 711 45.88 -15.30 -29.75
N TRP D 712 45.95 -16.22 -28.79
CA TRP D 712 44.81 -16.50 -27.91
C TRP D 712 45.23 -16.39 -26.45
N LEU D 713 44.45 -15.71 -25.61
CA LEU D 713 44.75 -15.73 -24.15
C LEU D 713 43.71 -16.57 -23.41
N THR D 714 44.15 -17.47 -22.53
CA THR D 714 43.23 -18.33 -21.75
C THR D 714 43.56 -18.15 -20.27
N VAL D 715 42.55 -17.86 -19.44
CA VAL D 715 42.72 -17.85 -17.98
C VAL D 715 41.90 -19.01 -17.38
N ARG D 716 42.39 -19.62 -16.30
CA ARG D 716 41.62 -20.63 -15.56
C ARG D 716 41.84 -20.43 -14.05
N VAL D 717 40.77 -20.53 -13.27
CA VAL D 717 40.84 -20.47 -11.79
C VAL D 717 40.95 -21.90 -11.25
N VAL D 718 42.00 -22.16 -10.49
CA VAL D 718 42.31 -23.51 -9.97
C VAL D 718 42.15 -23.47 -8.45
N GLN D 719 41.52 -24.49 -7.85
CA GLN D 719 41.52 -24.63 -6.37
C GLN D 719 42.73 -25.48 -5.96
N PRO D 720 43.79 -24.85 -5.41
CA PRO D 720 45.00 -25.63 -5.03
C PRO D 720 44.79 -26.64 -3.89
N ASN D 721 43.95 -26.37 -2.88
CA ASN D 721 43.70 -27.36 -1.78
C ASN D 721 42.36 -28.10 -1.99
N ALA D 722 42.33 -29.39 -1.62
CA ALA D 722 41.10 -30.20 -1.54
C ALA D 722 40.08 -29.55 -0.58
N THR D 723 38.81 -29.78 -0.88
CA THR D 723 37.65 -29.42 -0.02
C THR D 723 36.91 -30.72 0.33
N ALA D 724 35.77 -30.59 1.02
CA ALA D 724 34.91 -31.75 1.32
C ALA D 724 34.29 -32.31 0.03
N TRP D 725 34.24 -31.48 -1.02
CA TRP D 725 33.52 -31.82 -2.24
C TRP D 725 34.45 -31.84 -3.48
N SER D 726 35.73 -31.56 -3.36
CA SER D 726 36.59 -31.54 -4.58
C SER D 726 38.04 -31.93 -4.23
N GLU D 727 38.72 -32.48 -5.23
CA GLU D 727 40.15 -32.79 -5.22
C GLU D 727 40.97 -31.51 -5.33
N ALA D 728 42.25 -31.62 -4.98
CA ALA D 728 43.25 -30.57 -5.23
C ALA D 728 43.45 -30.44 -6.75
N GLY D 729 43.48 -29.20 -7.26
CA GLY D 729 43.66 -28.95 -8.68
C GLY D 729 42.35 -28.73 -9.44
N HIS D 730 41.22 -28.80 -8.76
CA HIS D 730 39.91 -28.66 -9.37
C HIS D 730 39.83 -27.31 -10.10
N ILE D 731 39.39 -27.33 -11.37
CA ILE D 731 39.21 -26.09 -12.15
C ILE D 731 37.77 -25.59 -11.97
N SER D 732 37.60 -24.38 -11.47
CA SER D 732 36.26 -23.94 -11.16
C SER D 732 35.67 -22.94 -12.18
N ALA D 733 36.50 -22.29 -13.02
CA ALA D 733 36.09 -21.15 -13.91
C ALA D 733 37.16 -21.00 -15.00
N TRP D 734 36.79 -20.52 -16.19
CA TRP D 734 37.77 -20.27 -17.24
C TRP D 734 37.19 -19.30 -18.27
N GLN D 735 38.03 -18.75 -19.14
CA GLN D 735 37.58 -17.80 -20.18
C GLN D 735 38.71 -17.64 -21.20
N GLN D 736 38.37 -17.43 -22.48
CA GLN D 736 39.36 -17.28 -23.56
C GLN D 736 39.06 -16.02 -24.39
N TRP D 737 40.09 -15.29 -24.85
CA TRP D 737 39.92 -14.10 -25.75
C TRP D 737 40.93 -14.19 -26.89
N ARG D 738 40.60 -13.60 -28.05
CA ARG D 738 41.58 -13.32 -29.15
C ARG D 738 42.41 -12.06 -28.78
N LEU D 739 43.72 -12.14 -28.95
CA LEU D 739 44.58 -10.94 -28.85
C LEU D 739 44.95 -10.48 -30.27
N ALA D 740 46.20 -10.11 -30.54
CA ALA D 740 46.62 -9.62 -31.88
C ALA D 740 46.61 -10.74 -32.92
N GLU D 741 46.22 -10.42 -34.14
CA GLU D 741 46.33 -11.32 -35.30
C GLU D 741 47.33 -10.74 -36.31
N ASN D 742 48.19 -11.58 -36.86
CA ASN D 742 49.03 -11.24 -38.02
C ASN D 742 48.55 -12.04 -39.22
N LEU D 743 48.01 -11.37 -40.25
CA LEU D 743 47.58 -12.05 -41.50
C LEU D 743 48.79 -12.48 -42.31
N SER D 744 48.64 -13.62 -42.98
CA SER D 744 49.69 -14.27 -43.78
C SER D 744 49.76 -13.67 -45.19
N VAL D 745 50.87 -12.97 -45.49
CA VAL D 745 51.08 -12.33 -46.82
C VAL D 745 52.10 -13.14 -47.65
N THR D 746 52.38 -14.39 -47.27
CA THR D 746 53.38 -15.19 -48.02
C THR D 746 52.67 -16.08 -49.04
N LEU D 747 53.04 -15.90 -50.31
CA LEU D 747 52.52 -16.71 -51.42
C LEU D 747 53.15 -18.12 -51.36
N PRO D 748 52.37 -19.17 -51.72
CA PRO D 748 52.87 -20.56 -51.73
C PRO D 748 54.04 -20.74 -52.71
N ALA D 749 55.00 -21.60 -52.33
CA ALA D 749 56.23 -21.84 -53.11
C ALA D 749 55.89 -22.56 -54.42
N ALA D 750 56.41 -22.03 -55.52
CA ALA D 750 56.14 -22.52 -56.87
C ALA D 750 56.84 -23.87 -57.09
N SER D 751 56.04 -24.90 -57.36
CA SER D 751 56.55 -26.25 -57.62
C SER D 751 56.78 -26.44 -59.13
N HIS D 752 57.64 -27.40 -59.45
CA HIS D 752 58.11 -27.64 -60.82
C HIS D 752 57.24 -28.68 -61.52
N ALA D 753 56.59 -29.54 -60.75
CA ALA D 753 55.70 -30.59 -61.26
C ALA D 753 54.36 -29.98 -61.68
N ILE D 754 53.82 -30.49 -62.80
CA ILE D 754 52.49 -30.10 -63.29
C ILE D 754 51.59 -31.35 -63.27
N PRO D 755 50.40 -31.26 -62.66
CA PRO D 755 49.42 -32.37 -62.66
C PRO D 755 48.95 -32.67 -64.09
N HIS D 756 48.77 -33.94 -64.42
CA HIS D 756 48.41 -34.34 -65.78
C HIS D 756 46.94 -34.78 -65.85
N LEU D 757 46.19 -34.29 -66.83
CA LEU D 757 44.76 -34.64 -67.02
C LEU D 757 44.56 -35.67 -68.14
N THR D 758 43.77 -36.70 -67.84
CA THR D 758 43.36 -37.72 -68.80
C THR D 758 41.83 -37.70 -68.90
N THR D 759 41.32 -37.67 -70.13
CA THR D 759 39.89 -37.65 -70.37
C THR D 759 39.47 -38.98 -71.04
N SER D 760 38.59 -39.71 -70.35
CA SER D 760 37.86 -40.79 -70.98
C SER D 760 36.39 -40.36 -71.14
N GLU D 761 35.53 -41.27 -71.56
CA GLU D 761 34.10 -40.97 -71.70
C GLU D 761 33.47 -40.91 -70.30
N MET D 762 33.95 -41.77 -69.40
CA MET D 762 33.34 -42.00 -68.08
C MET D 762 33.97 -41.09 -67.01
N ASP D 763 35.24 -40.72 -67.18
CA ASP D 763 36.04 -40.09 -66.11
C ASP D 763 36.97 -38.95 -66.51
N PHE D 764 37.24 -38.05 -65.57
CA PHE D 764 38.46 -37.24 -65.60
C PHE D 764 39.42 -37.85 -64.57
N CYS D 765 40.67 -38.10 -64.98
CA CYS D 765 41.70 -38.57 -64.05
C CYS D 765 42.87 -37.59 -64.03
N ILE D 766 43.32 -37.22 -62.84
CA ILE D 766 44.49 -36.37 -62.65
C ILE D 766 45.56 -37.20 -61.94
N GLU D 767 46.80 -37.16 -62.43
CA GLU D 767 47.93 -37.83 -61.78
C GLU D 767 48.99 -36.77 -61.42
N LEU D 768 49.62 -36.94 -60.26
CA LEU D 768 50.80 -36.16 -59.87
C LEU D 768 51.69 -37.00 -58.94
N GLY D 769 52.78 -37.55 -59.49
CA GLY D 769 53.63 -38.48 -58.74
C GLY D 769 52.90 -39.80 -58.51
N ASN D 770 52.75 -40.16 -57.23
CA ASN D 770 52.06 -41.41 -56.86
C ASN D 770 50.57 -41.14 -56.56
N LYS D 771 50.17 -39.87 -56.52
CA LYS D 771 48.80 -39.47 -56.20
C LYS D 771 47.93 -39.47 -57.46
N ARG D 772 46.66 -39.86 -57.32
CA ARG D 772 45.71 -39.92 -58.45
C ARG D 772 44.31 -39.56 -57.93
N TRP D 773 43.58 -38.73 -58.66
CA TRP D 773 42.19 -38.40 -58.36
C TRP D 773 41.32 -38.81 -59.55
N GLN D 774 40.13 -39.34 -59.30
CA GLN D 774 39.20 -39.66 -60.39
C GLN D 774 37.82 -39.03 -60.14
N PHE D 775 37.30 -38.32 -61.15
CA PHE D 775 35.98 -37.68 -61.10
C PHE D 775 35.04 -38.39 -62.09
N ASN D 776 33.90 -38.84 -61.61
CA ASN D 776 32.93 -39.57 -62.44
C ASN D 776 32.14 -38.55 -63.27
N ARG D 777 32.11 -38.71 -64.59
CA ARG D 777 31.50 -37.70 -65.49
C ARG D 777 29.96 -37.81 -65.52
N GLN D 778 29.39 -38.90 -65.00
CA GLN D 778 27.94 -39.07 -64.99
C GLN D 778 27.33 -38.54 -63.68
N SER D 779 27.96 -38.81 -62.54
CA SER D 779 27.47 -38.32 -61.25
C SER D 779 28.03 -36.92 -60.95
N GLY D 780 29.25 -36.65 -61.43
CA GLY D 780 29.86 -35.31 -61.27
C GLY D 780 30.53 -35.13 -59.91
N PHE D 781 30.92 -36.24 -59.26
CA PHE D 781 31.59 -36.18 -57.95
C PHE D 781 32.99 -36.79 -58.04
N LEU D 782 33.86 -36.42 -57.10
CA LEU D 782 35.11 -37.14 -56.86
C LEU D 782 34.75 -38.56 -56.36
N SER D 783 35.12 -39.58 -57.14
CA SER D 783 34.69 -40.93 -56.83
C SER D 783 35.82 -41.79 -56.22
N GLN D 784 37.10 -41.47 -56.47
CA GLN D 784 38.22 -42.24 -55.90
C GLN D 784 39.51 -41.40 -55.84
N MET D 785 40.39 -41.73 -54.89
CA MET D 785 41.73 -41.13 -54.72
C MET D 785 42.71 -42.28 -54.42
N TRP D 786 43.91 -42.23 -55.01
CA TRP D 786 44.92 -43.26 -54.75
C TRP D 786 46.18 -42.60 -54.19
N ILE D 787 46.72 -43.15 -53.10
CA ILE D 787 48.11 -42.88 -52.71
C ILE D 787 48.89 -44.18 -52.94
N GLY D 788 49.84 -44.14 -53.87
CA GLY D 788 50.40 -45.36 -54.41
C GLY D 788 49.33 -46.11 -55.16
N ASP D 789 49.05 -47.33 -54.73
CA ASP D 789 47.98 -48.15 -55.33
C ASP D 789 46.88 -48.48 -54.28
N LYS D 790 46.87 -47.71 -53.20
CA LYS D 790 45.93 -47.87 -52.10
C LYS D 790 44.76 -46.88 -52.30
N LYS D 791 43.56 -47.41 -52.58
CA LYS D 791 42.31 -46.60 -52.65
C LYS D 791 42.06 -45.88 -51.30
N GLN D 792 41.55 -44.65 -51.34
CA GLN D 792 41.35 -43.87 -50.11
C GLN D 792 39.85 -43.74 -49.76
N LEU D 793 38.92 -43.97 -50.70
CA LEU D 793 37.48 -43.74 -50.43
C LEU D 793 36.66 -45.03 -50.61
N LEU D 794 35.60 -45.19 -49.81
CA LEU D 794 34.60 -46.27 -50.03
C LEU D 794 33.31 -45.69 -50.63
N THR D 795 33.04 -44.41 -50.40
CA THR D 795 31.86 -43.68 -50.93
C THR D 795 32.39 -42.38 -51.55
N PRO D 796 31.86 -41.93 -52.71
CA PRO D 796 32.24 -40.60 -53.29
C PRO D 796 32.05 -39.40 -52.32
N LEU D 797 32.77 -38.30 -52.56
CA LEU D 797 32.57 -37.04 -51.80
C LEU D 797 31.35 -36.28 -52.36
N ARG D 798 30.27 -36.13 -51.59
CA ARG D 798 28.99 -35.57 -52.10
C ARG D 798 28.46 -34.52 -51.11
N ASP D 799 27.64 -33.59 -51.60
CA ASP D 799 26.93 -32.66 -50.71
C ASP D 799 25.95 -33.32 -49.74
N GLN D 800 25.84 -32.73 -48.56
CA GLN D 800 24.88 -33.22 -47.60
C GLN D 800 24.11 -32.02 -47.03
N PHE D 801 22.79 -32.15 -46.94
CA PHE D 801 21.98 -31.07 -46.40
C PHE D 801 21.17 -31.53 -45.20
N THR D 802 21.33 -32.78 -44.73
CA THR D 802 20.44 -33.34 -43.67
C THR D 802 21.25 -33.81 -42.45
N ARG D 803 20.60 -33.99 -41.32
CA ARG D 803 21.26 -34.64 -40.16
C ARG D 803 20.34 -35.73 -39.60
N ALA D 804 20.91 -36.77 -38.99
CA ALA D 804 20.06 -37.70 -38.22
C ALA D 804 19.39 -36.88 -37.11
N PRO D 805 18.05 -36.82 -37.10
CA PRO D 805 17.39 -35.81 -36.25
C PRO D 805 17.65 -35.99 -34.74
N LEU D 806 17.81 -34.87 -34.03
CA LEU D 806 17.96 -34.87 -32.55
C LEU D 806 16.56 -34.95 -31.90
N ASP D 807 16.49 -35.32 -30.63
CA ASP D 807 15.21 -35.24 -29.89
C ASP D 807 14.49 -33.87 -30.00
N ASN D 808 15.23 -32.76 -29.91
CA ASN D 808 14.65 -31.43 -30.11
C ASN D 808 14.08 -31.27 -31.53
N ASP D 809 14.67 -31.91 -32.56
CA ASP D 809 14.13 -31.83 -33.94
C ASP D 809 12.82 -32.62 -34.04
N ILE D 810 12.69 -33.72 -33.29
CA ILE D 810 11.55 -34.66 -33.41
C ILE D 810 10.30 -34.06 -32.74
N GLY D 811 10.47 -33.44 -31.57
CA GLY D 811 9.48 -32.50 -31.04
C GLY D 811 8.22 -33.19 -30.53
N VAL D 812 8.39 -34.30 -29.82
CA VAL D 812 7.27 -35.13 -29.31
C VAL D 812 7.39 -35.29 -27.78
N SER D 813 6.34 -34.97 -27.02
CA SER D 813 6.32 -35.26 -25.54
C SER D 813 5.41 -36.45 -25.23
N GLU D 814 4.35 -36.61 -26.02
CA GLU D 814 3.42 -37.73 -25.91
C GLU D 814 3.46 -38.50 -27.22
N ALA D 815 3.69 -39.81 -27.13
CA ALA D 815 3.92 -40.71 -28.28
C ALA D 815 2.70 -40.73 -29.25
N THR D 816 1.51 -40.35 -28.78
CA THR D 816 0.26 -40.42 -29.58
C THR D 816 0.02 -39.12 -30.38
N ARG D 817 0.82 -38.08 -30.13
CA ARG D 817 0.54 -36.72 -30.63
C ARG D 817 1.73 -36.21 -31.46
N ILE D 818 1.46 -35.98 -32.76
CA ILE D 818 2.47 -35.52 -33.74
C ILE D 818 2.25 -34.02 -34.00
N ASP D 819 3.32 -33.24 -33.88
CA ASP D 819 3.33 -31.80 -34.18
C ASP D 819 3.84 -31.59 -35.62
N PRO D 820 2.98 -31.07 -36.53
CA PRO D 820 3.42 -30.82 -37.93
C PRO D 820 4.35 -29.59 -38.09
N ASN D 821 4.62 -28.87 -36.99
CA ASN D 821 5.56 -27.76 -36.99
C ASN D 821 6.99 -28.18 -36.57
N ALA D 822 7.17 -29.38 -36.02
CA ALA D 822 8.50 -29.88 -35.66
C ALA D 822 9.43 -29.86 -36.88
N TRP D 823 10.72 -29.55 -36.67
CA TRP D 823 11.69 -29.55 -37.78
C TRP D 823 11.66 -30.86 -38.58
N VAL D 824 11.61 -32.03 -37.93
CA VAL D 824 11.77 -33.28 -38.67
C VAL D 824 10.55 -33.49 -39.58
N GLU D 825 9.36 -33.05 -39.15
CA GLU D 825 8.14 -33.18 -39.96
C GLU D 825 8.25 -32.28 -41.19
N ARG D 826 8.61 -31.01 -40.99
CA ARG D 826 8.84 -30.06 -42.10
C ARG D 826 9.90 -30.59 -43.09
N TRP D 827 11.02 -31.18 -42.62
CA TRP D 827 12.08 -31.69 -43.53
C TRP D 827 11.59 -32.91 -44.30
N LYS D 828 10.82 -33.83 -43.69
CA LYS D 828 10.32 -35.02 -44.43
C LYS D 828 9.29 -34.60 -45.48
N ALA D 829 8.37 -33.70 -45.11
CA ALA D 829 7.31 -33.22 -46.02
C ALA D 829 7.90 -32.51 -47.25
N ALA D 830 9.00 -31.77 -47.08
CA ALA D 830 9.63 -30.99 -48.15
C ALA D 830 10.52 -31.89 -49.01
N GLY D 831 10.80 -33.11 -48.54
CA GLY D 831 11.58 -34.06 -49.30
C GLY D 831 13.08 -33.88 -49.16
N HIS D 832 13.58 -33.29 -48.06
CA HIS D 832 15.07 -33.15 -47.82
C HIS D 832 15.75 -34.52 -47.68
N TYR D 833 15.09 -35.54 -47.11
CA TYR D 833 15.72 -36.87 -46.92
C TYR D 833 15.69 -37.69 -48.23
N GLN D 834 14.83 -37.33 -49.18
CA GLN D 834 14.65 -38.14 -50.40
C GLN D 834 15.24 -37.43 -51.63
N ALA D 835 15.67 -36.16 -51.50
CA ALA D 835 16.10 -35.33 -52.64
C ALA D 835 17.21 -36.00 -53.45
N GLU D 836 17.05 -35.97 -54.77
CA GLU D 836 17.99 -36.61 -55.74
C GLU D 836 18.82 -35.55 -56.45
N ALA D 837 20.14 -35.78 -56.53
CA ALA D 837 21.05 -34.86 -57.25
C ALA D 837 21.02 -35.15 -58.76
N ALA D 838 20.76 -34.11 -59.54
CA ALA D 838 20.86 -34.09 -61.01
C ALA D 838 22.06 -33.23 -61.41
N LEU D 839 22.84 -33.73 -62.37
CA LEU D 839 24.05 -33.07 -62.83
C LEU D 839 23.67 -32.00 -63.88
N LEU D 840 24.17 -30.78 -63.71
CA LEU D 840 23.95 -29.71 -64.71
C LEU D 840 25.21 -29.53 -65.58
N GLN D 841 26.38 -29.63 -64.98
CA GLN D 841 27.64 -29.26 -65.64
C GLN D 841 28.80 -30.01 -64.99
N CYS D 842 29.68 -30.59 -65.82
CA CYS D 842 30.94 -31.17 -65.36
C CYS D 842 32.01 -30.95 -66.43
N THR D 843 32.99 -30.08 -66.15
CA THR D 843 34.02 -29.68 -67.15
C THR D 843 35.42 -29.71 -66.52
N ALA D 844 36.43 -30.00 -67.35
CA ALA D 844 37.83 -30.01 -66.90
C ALA D 844 38.69 -29.11 -67.80
N ASP D 845 39.64 -28.43 -67.18
CA ASP D 845 40.57 -27.51 -67.87
C ASP D 845 41.96 -27.56 -67.27
N THR D 846 42.97 -27.58 -68.14
CA THR D 846 44.38 -27.43 -67.74
C THR D 846 44.74 -25.94 -67.70
N LEU D 847 45.26 -25.48 -66.56
CA LEU D 847 45.90 -24.15 -66.45
C LEU D 847 47.42 -24.35 -66.57
N ALA D 848 48.18 -23.33 -66.19
CA ALA D 848 49.64 -23.34 -66.30
C ALA D 848 50.25 -24.34 -65.31
N ASP D 849 49.73 -24.35 -64.08
CA ASP D 849 50.31 -25.10 -62.97
C ASP D 849 49.28 -25.95 -62.17
N ALA D 850 48.09 -26.14 -62.73
CA ALA D 850 46.95 -26.73 -62.01
C ALA D 850 45.97 -27.36 -63.00
N VAL D 851 45.14 -28.28 -62.51
CA VAL D 851 43.97 -28.74 -63.26
C VAL D 851 42.73 -28.19 -62.52
N LEU D 852 41.77 -27.65 -63.27
CA LEU D 852 40.55 -27.07 -62.68
C LEU D 852 39.31 -27.87 -63.11
N ILE D 853 38.57 -28.43 -62.15
CA ILE D 853 37.32 -29.18 -62.44
C ILE D 853 36.13 -28.33 -61.98
N THR D 854 35.10 -28.19 -62.82
CA THR D 854 33.94 -27.35 -62.48
C THR D 854 32.67 -28.22 -62.54
N THR D 855 31.87 -28.21 -61.47
CA THR D 855 30.64 -29.03 -61.46
C THR D 855 29.46 -28.17 -60.97
N ALA D 856 28.24 -28.56 -61.34
CA ALA D 856 27.01 -27.97 -60.76
C ALA D 856 25.93 -29.05 -60.65
N HIS D 857 25.21 -29.06 -59.53
CA HIS D 857 24.16 -30.08 -59.29
C HIS D 857 22.89 -29.39 -58.80
N ALA D 858 21.72 -29.97 -59.07
CA ALA D 858 20.44 -29.46 -58.52
C ALA D 858 19.75 -30.59 -57.74
N TRP D 859 19.31 -30.34 -56.51
CA TRP D 859 18.58 -31.34 -55.71
C TRP D 859 17.09 -31.08 -55.85
N GLN D 860 16.37 -32.11 -56.30
CA GLN D 860 14.96 -31.94 -56.67
C GLN D 860 14.09 -33.00 -56.00
N HIS D 861 12.86 -32.62 -55.73
CA HIS D 861 11.87 -33.51 -55.17
C HIS D 861 10.51 -33.20 -55.79
N GLN D 862 10.06 -34.07 -56.70
CA GLN D 862 8.75 -33.96 -57.39
C GLN D 862 8.62 -32.60 -58.08
N GLY D 863 9.59 -32.29 -58.96
CA GLY D 863 9.50 -31.07 -59.80
C GLY D 863 10.20 -29.85 -59.20
N LYS D 864 10.05 -29.66 -57.89
CA LYS D 864 10.59 -28.49 -57.16
C LYS D 864 12.10 -28.65 -56.95
N THR D 865 12.89 -27.60 -57.24
CA THR D 865 14.35 -27.57 -56.94
C THR D 865 14.58 -26.99 -55.54
N LEU D 866 15.27 -27.74 -54.67
CA LEU D 866 15.47 -27.34 -53.27
C LEU D 866 16.79 -26.59 -53.13
N PHE D 867 17.86 -27.16 -53.68
CA PHE D 867 19.19 -26.60 -53.50
C PHE D 867 19.93 -26.70 -54.83
N ILE D 868 20.85 -25.77 -55.06
CA ILE D 868 21.80 -25.85 -56.17
C ILE D 868 23.20 -25.70 -55.58
N SER D 869 24.15 -26.44 -56.13
CA SER D 869 25.50 -26.39 -55.61
C SER D 869 26.47 -26.24 -56.78
N ARG D 870 27.30 -25.20 -56.77
CA ARG D 870 28.35 -25.00 -57.80
C ARG D 870 29.71 -25.21 -57.15
N LYS D 871 30.58 -26.01 -57.76
CA LYS D 871 31.87 -26.36 -57.11
C LYS D 871 33.03 -26.21 -58.09
N THR D 872 34.19 -25.82 -57.55
CA THR D 872 35.46 -25.94 -58.29
C THR D 872 36.45 -26.75 -57.46
N TYR D 873 37.19 -27.62 -58.13
CA TYR D 873 38.30 -28.34 -57.55
C TYR D 873 39.58 -27.90 -58.28
N ARG D 874 40.55 -27.37 -57.55
CA ARG D 874 41.77 -26.95 -58.16
C ARG D 874 42.92 -27.80 -57.58
N ILE D 875 43.49 -28.67 -58.40
CA ILE D 875 44.59 -29.55 -57.99
C ILE D 875 45.90 -28.98 -58.54
N ASP D 876 46.78 -28.51 -57.66
CA ASP D 876 48.07 -27.93 -58.08
C ASP D 876 49.28 -28.88 -57.90
N GLY D 877 50.47 -28.39 -58.22
CA GLY D 877 51.71 -29.19 -58.25
C GLY D 877 52.20 -29.62 -56.87
N SER D 878 51.76 -28.93 -55.82
CA SER D 878 52.11 -29.28 -54.44
C SER D 878 51.30 -30.48 -53.93
N GLY D 879 50.28 -30.91 -54.69
CA GLY D 879 49.42 -32.05 -54.30
C GLY D 879 48.10 -31.61 -53.66
N GLN D 880 47.99 -30.36 -53.27
CA GLN D 880 46.82 -29.90 -52.50
C GLN D 880 45.61 -29.76 -53.44
N MET D 881 44.46 -30.19 -52.96
CA MET D 881 43.23 -30.00 -53.71
C MET D 881 42.36 -28.94 -53.00
N ALA D 882 42.18 -27.81 -53.66
CA ALA D 882 41.38 -26.73 -53.09
C ALA D 882 39.93 -26.89 -53.57
N ILE D 883 38.98 -26.92 -52.64
CA ILE D 883 37.59 -27.10 -53.03
C ILE D 883 36.86 -25.80 -52.69
N THR D 884 36.11 -25.25 -53.63
CA THR D 884 35.30 -24.04 -53.38
C THR D 884 33.83 -24.41 -53.61
N VAL D 885 32.93 -24.03 -52.72
CA VAL D 885 31.55 -24.46 -52.83
C VAL D 885 30.63 -23.24 -52.74
N ASP D 886 29.68 -23.10 -53.67
CA ASP D 886 28.62 -22.08 -53.55
C ASP D 886 27.26 -22.71 -53.62
N VAL D 887 26.43 -22.47 -52.62
CA VAL D 887 25.13 -23.18 -52.54
C VAL D 887 24.01 -22.14 -52.57
N GLU D 888 22.92 -22.43 -53.28
CA GLU D 888 21.67 -21.62 -53.19
C GLU D 888 20.54 -22.47 -52.62
N VAL D 889 19.75 -21.91 -51.72
CA VAL D 889 18.67 -22.66 -51.06
C VAL D 889 17.34 -21.95 -51.38
N ALA D 890 16.35 -22.65 -51.94
CA ALA D 890 15.01 -22.04 -52.24
C ALA D 890 14.42 -21.38 -50.99
N SER D 891 13.90 -20.16 -51.11
CA SER D 891 13.49 -19.36 -49.92
C SER D 891 12.25 -19.96 -49.22
N ASP D 892 11.46 -20.76 -49.93
CA ASP D 892 10.25 -21.38 -49.34
C ASP D 892 10.36 -22.87 -48.93
N THR D 893 11.53 -23.48 -49.10
CA THR D 893 11.84 -24.76 -48.44
C THR D 893 12.17 -24.44 -46.97
N PRO D 894 11.81 -25.35 -46.02
CA PRO D 894 12.30 -25.21 -44.61
C PRO D 894 13.84 -25.10 -44.59
N HIS D 895 14.40 -24.23 -43.75
CA HIS D 895 15.84 -24.05 -43.73
C HIS D 895 16.53 -25.39 -43.49
N PRO D 896 17.60 -25.71 -44.24
CA PRO D 896 18.28 -27.03 -44.06
C PRO D 896 19.01 -27.19 -42.70
N ALA D 897 19.27 -28.43 -42.29
CA ALA D 897 19.98 -28.69 -41.03
C ALA D 897 21.49 -28.41 -41.18
N ARG D 898 22.06 -28.51 -42.38
CA ARG D 898 23.50 -28.24 -42.55
C ARG D 898 23.81 -28.02 -44.04
N ILE D 899 24.97 -27.45 -44.35
CA ILE D 899 25.47 -27.33 -45.70
C ILE D 899 26.90 -27.84 -45.69
N GLY D 900 27.14 -29.07 -46.16
CA GLY D 900 28.51 -29.56 -46.18
C GLY D 900 28.71 -30.72 -47.12
N LEU D 901 29.81 -31.45 -46.89
CA LEU D 901 30.22 -32.60 -47.69
C LEU D 901 30.30 -33.81 -46.77
N ASN D 902 30.08 -35.00 -47.32
CA ASN D 902 30.43 -36.18 -46.58
C ASN D 902 31.10 -37.19 -47.50
N CYS D 903 31.89 -38.08 -46.90
CA CYS D 903 32.37 -39.28 -47.57
C CYS D 903 32.74 -40.36 -46.54
N GLN D 904 32.91 -41.58 -47.04
CA GLN D 904 33.40 -42.69 -46.24
C GLN D 904 34.84 -43.01 -46.68
N LEU D 905 35.79 -42.67 -45.80
CA LEU D 905 37.22 -42.96 -45.97
C LEU D 905 37.45 -44.46 -45.81
N ALA D 906 38.49 -44.97 -46.46
CA ALA D 906 38.75 -46.41 -46.47
C ALA D 906 39.47 -46.84 -45.19
N GLN D 907 40.22 -45.94 -44.57
CA GLN D 907 41.09 -46.34 -43.48
C GLN D 907 40.47 -45.96 -42.11
N VAL D 908 40.82 -46.77 -41.11
CA VAL D 908 40.49 -46.53 -39.71
C VAL D 908 41.80 -46.24 -38.96
N ALA D 909 41.84 -45.10 -38.28
CA ALA D 909 43.02 -44.71 -37.50
C ALA D 909 42.66 -44.63 -36.00
N GLU D 910 43.66 -44.58 -35.13
CA GLU D 910 43.39 -44.60 -33.68
C GLU D 910 43.13 -43.18 -33.14
N ARG D 911 43.73 -42.14 -33.74
CA ARG D 911 43.69 -40.80 -33.16
C ARG D 911 43.07 -39.81 -34.14
N VAL D 912 42.55 -38.73 -33.59
CA VAL D 912 42.06 -37.59 -34.35
C VAL D 912 42.73 -36.37 -33.73
N ASN D 913 43.25 -35.48 -34.56
CA ASN D 913 43.99 -34.33 -34.06
C ASN D 913 43.42 -33.09 -34.75
N TRP D 914 43.06 -32.04 -34.03
CA TRP D 914 42.46 -30.92 -34.74
C TRP D 914 42.85 -29.60 -34.08
N LEU D 915 42.83 -28.53 -34.86
CA LEU D 915 43.02 -27.22 -34.32
C LEU D 915 41.69 -26.46 -34.33
N GLY D 916 41.07 -26.24 -33.18
CA GLY D 916 39.74 -25.68 -33.18
C GLY D 916 39.10 -25.77 -31.82
N LEU D 917 37.79 -25.55 -31.73
CA LEU D 917 37.11 -25.55 -30.41
C LEU D 917 37.02 -26.97 -29.84
N GLY D 918 37.31 -27.14 -28.54
CA GLY D 918 37.21 -28.48 -27.96
C GLY D 918 37.52 -28.45 -26.47
N PRO D 919 37.77 -29.62 -25.87
CA PRO D 919 37.84 -30.91 -26.59
C PRO D 919 36.48 -31.63 -26.72
N GLN D 920 35.44 -31.19 -26.04
CA GLN D 920 34.14 -31.93 -26.11
C GLN D 920 33.29 -31.47 -27.31
N GLU D 921 32.30 -32.28 -27.65
CA GLU D 921 31.23 -31.99 -28.67
C GLU D 921 30.72 -30.55 -28.45
N ASN D 922 30.61 -29.76 -29.51
CA ASN D 922 30.11 -28.38 -29.38
C ASN D 922 29.34 -28.00 -30.66
N TYR D 923 28.30 -27.18 -30.54
CA TYR D 923 27.38 -26.84 -31.64
C TYR D 923 27.26 -25.32 -31.68
N PRO D 924 26.85 -24.73 -32.82
CA PRO D 924 26.82 -23.24 -32.91
C PRO D 924 26.05 -22.54 -31.77
N ASP D 925 24.96 -23.13 -31.27
CA ASP D 925 24.35 -22.54 -30.08
C ASP D 925 24.75 -23.17 -28.72
N ARG D 926 25.78 -24.03 -28.71
CA ARG D 926 26.34 -24.52 -27.45
C ARG D 926 27.86 -24.63 -27.60
N LEU D 927 28.55 -23.49 -27.72
CA LEU D 927 30.02 -23.56 -27.85
C LEU D 927 30.74 -22.57 -26.92
N THR D 928 30.07 -21.93 -25.96
CA THR D 928 30.78 -20.94 -25.07
C THR D 928 31.79 -21.67 -24.14
N ALA D 929 31.49 -22.90 -23.71
CA ALA D 929 32.40 -23.68 -22.81
C ALA D 929 33.66 -24.17 -23.53
N ALA D 930 33.58 -24.34 -24.85
CA ALA D 930 34.69 -24.96 -25.61
C ALA D 930 35.81 -23.90 -25.78
N CYS D 931 37.06 -24.32 -25.90
CA CYS D 931 38.22 -23.39 -26.06
C CYS D 931 38.98 -23.74 -27.33
N PHE D 932 39.45 -22.74 -28.05
CA PHE D 932 40.30 -22.92 -29.21
C PHE D 932 41.67 -23.42 -28.75
N ASP D 933 42.15 -24.52 -29.29
CA ASP D 933 43.49 -25.01 -29.00
C ASP D 933 43.82 -26.19 -29.92
N ARG D 934 44.95 -26.87 -29.71
CA ARG D 934 45.25 -28.09 -30.44
C ARG D 934 44.83 -29.29 -29.58
N TRP D 935 43.89 -30.12 -30.09
CA TRP D 935 43.30 -31.22 -29.32
C TRP D 935 43.66 -32.54 -29.98
N ASP D 936 43.77 -33.60 -29.20
CA ASP D 936 44.13 -34.91 -29.74
C ASP D 936 43.43 -36.01 -28.93
N LEU D 937 42.52 -36.73 -29.55
CA LEU D 937 41.69 -37.71 -28.83
C LEU D 937 41.64 -39.02 -29.63
N PRO D 938 41.41 -40.15 -28.95
CA PRO D 938 41.12 -41.40 -29.67
C PRO D 938 39.80 -41.31 -30.46
N LEU D 939 39.70 -42.03 -31.59
CA LEU D 939 38.49 -41.97 -32.42
C LEU D 939 37.21 -42.19 -31.58
N SER D 940 37.21 -43.12 -30.62
CA SER D 940 36.01 -43.46 -29.81
C SER D 940 35.48 -42.27 -29.00
N ASP D 941 36.32 -41.30 -28.65
CA ASP D 941 35.86 -40.08 -27.95
C ASP D 941 35.18 -39.04 -28.83
N MET D 942 35.14 -39.26 -30.14
CA MET D 942 34.56 -38.30 -31.07
C MET D 942 33.12 -38.71 -31.39
N TYR D 943 32.63 -39.72 -30.67
CA TYR D 943 31.26 -40.23 -30.75
C TYR D 943 30.63 -40.06 -29.36
N THR D 944 29.46 -39.43 -29.27
CA THR D 944 28.76 -39.35 -27.98
C THR D 944 27.67 -40.42 -27.96
N PRO D 945 27.77 -41.36 -27.01
CA PRO D 945 26.85 -42.52 -27.10
C PRO D 945 25.47 -42.24 -26.49
N TYR D 946 24.70 -41.31 -27.04
CA TYR D 946 23.34 -41.04 -26.54
C TYR D 946 22.52 -42.34 -26.69
N VAL D 947 21.63 -42.62 -25.74
CA VAL D 947 20.92 -43.91 -25.73
C VAL D 947 19.96 -43.99 -26.93
N PHE D 948 19.28 -42.89 -27.21
CA PHE D 948 18.56 -42.74 -28.48
C PHE D 948 19.49 -42.10 -29.53
N PRO D 949 20.00 -42.85 -30.51
CA PRO D 949 21.04 -42.30 -31.46
C PRO D 949 20.57 -41.10 -32.31
N SER D 950 21.47 -40.14 -32.49
CA SER D 950 21.19 -38.96 -33.30
C SER D 950 22.52 -38.40 -33.82
N GLU D 951 22.45 -37.33 -34.59
CA GLU D 951 23.61 -36.49 -34.92
C GLU D 951 24.35 -36.20 -33.59
N ASN D 952 25.66 -36.30 -33.59
CA ASN D 952 26.42 -36.15 -32.36
C ASN D 952 27.90 -35.96 -32.72
N GLY D 953 28.69 -35.39 -31.81
CA GLY D 953 30.13 -35.37 -31.90
C GLY D 953 30.68 -34.22 -32.74
N LEU D 954 29.86 -33.22 -33.15
CA LEU D 954 30.33 -32.05 -33.91
C LEU D 954 31.41 -31.27 -33.14
N ARG D 955 32.40 -30.76 -33.87
CA ARG D 955 33.34 -29.75 -33.34
C ARG D 955 33.32 -28.52 -34.25
N CYS D 956 33.01 -27.34 -33.71
CA CYS D 956 32.93 -26.10 -34.49
C CYS D 956 34.27 -25.36 -34.48
N GLY D 957 34.32 -24.27 -35.26
CA GLY D 957 35.43 -23.29 -35.32
C GLY D 957 36.76 -23.95 -35.67
N THR D 958 36.76 -24.95 -36.52
CA THR D 958 37.97 -25.74 -36.74
C THR D 958 38.75 -25.18 -37.93
N ARG D 959 40.09 -25.11 -37.80
CA ARG D 959 40.95 -24.57 -38.88
C ARG D 959 41.77 -25.68 -39.53
N GLU D 960 42.04 -26.77 -38.82
CA GLU D 960 42.85 -27.86 -39.38
C GLU D 960 42.43 -29.19 -38.75
N LEU D 961 42.30 -30.24 -39.55
CA LEU D 961 41.91 -31.55 -39.06
C LEU D 961 42.88 -32.56 -39.64
N ASN D 962 43.45 -33.43 -38.79
CA ASN D 962 44.38 -34.45 -39.27
C ASN D 962 43.84 -35.84 -38.91
N TYR D 963 43.78 -36.75 -39.87
CA TYR D 963 43.30 -38.07 -39.58
C TYR D 963 43.98 -39.07 -40.51
N GLY D 964 44.83 -39.95 -39.96
CA GLY D 964 45.71 -40.79 -40.82
C GLY D 964 46.61 -39.91 -41.68
N PRO D 965 46.75 -40.23 -42.99
CA PRO D 965 47.58 -39.33 -43.83
C PRO D 965 46.89 -38.03 -44.28
N HIS D 966 45.60 -37.85 -44.03
CA HIS D 966 44.87 -36.71 -44.61
C HIS D 966 44.94 -35.48 -43.71
N GLN D 967 45.00 -34.30 -44.33
CA GLN D 967 44.81 -33.07 -43.63
C GLN D 967 43.78 -32.19 -44.37
N TRP D 968 42.82 -31.63 -43.64
CA TRP D 968 41.85 -30.66 -44.20
C TRP D 968 42.08 -29.31 -43.53
N ARG D 969 42.10 -28.24 -44.32
CA ARG D 969 42.27 -26.91 -43.76
C ARG D 969 41.10 -26.03 -44.23
N GLY D 970 40.74 -25.05 -43.44
CA GLY D 970 39.65 -24.17 -43.83
C GLY D 970 39.13 -23.38 -42.66
N ASP D 971 37.79 -23.29 -42.57
CA ASP D 971 37.08 -22.72 -41.43
C ASP D 971 35.72 -23.46 -41.30
N PHE D 972 35.68 -24.59 -40.60
CA PHE D 972 34.59 -25.53 -40.83
C PHE D 972 34.17 -26.19 -39.50
N GLN D 973 33.06 -26.91 -39.50
CA GLN D 973 32.68 -27.80 -38.41
C GLN D 973 32.77 -29.22 -38.94
N PHE D 974 33.10 -30.22 -38.11
CA PHE D 974 33.25 -31.59 -38.61
C PHE D 974 32.70 -32.57 -37.59
N ASN D 975 32.36 -33.77 -38.05
CA ASN D 975 32.28 -34.90 -37.14
C ASN D 975 32.82 -36.14 -37.83
N ILE D 976 33.34 -37.07 -37.04
CA ILE D 976 34.04 -38.21 -37.61
C ILE D 976 33.70 -39.43 -36.78
N SER D 977 33.33 -40.54 -37.40
CA SER D 977 32.88 -41.69 -36.62
C SER D 977 32.75 -42.92 -37.53
N ARG D 978 32.38 -44.03 -36.91
CA ARG D 978 32.17 -45.29 -37.62
C ARG D 978 30.68 -45.47 -37.95
N TYR D 979 29.80 -44.50 -37.65
CA TYR D 979 28.36 -44.68 -37.96
C TYR D 979 27.91 -43.64 -39.00
N SER D 980 27.21 -44.06 -40.05
CA SER D 980 26.67 -43.09 -41.02
C SER D 980 25.45 -42.36 -40.44
N GLN D 981 25.08 -41.21 -41.04
CA GLN D 981 23.87 -40.47 -40.65
C GLN D 981 22.64 -41.35 -40.89
N GLN D 982 22.62 -42.12 -41.97
CA GLN D 982 21.53 -43.04 -42.26
C GLN D 982 21.38 -44.12 -41.16
N GLN D 983 22.49 -44.71 -40.71
CA GLN D 983 22.41 -45.69 -39.62
C GLN D 983 21.89 -45.05 -38.32
N LEU D 984 22.39 -43.87 -37.93
CA LEU D 984 21.97 -43.22 -36.69
C LEU D 984 20.47 -42.89 -36.75
N MET D 985 19.95 -42.53 -37.92
CA MET D 985 18.54 -42.19 -38.09
C MET D 985 17.63 -43.44 -38.00
N GLU D 986 18.12 -44.61 -38.42
CA GLU D 986 17.23 -45.78 -38.48
C GLU D 986 17.24 -46.59 -37.16
N THR D 987 18.16 -46.30 -36.24
CA THR D 987 18.40 -47.20 -35.10
C THR D 987 17.83 -46.57 -33.82
N SER D 988 16.99 -47.31 -33.11
CA SER D 988 16.27 -46.74 -31.93
C SER D 988 17.10 -46.84 -30.62
N HIS D 989 18.12 -47.70 -30.56
CA HIS D 989 18.89 -47.92 -29.31
C HIS D 989 20.38 -48.00 -29.61
N ARG D 990 21.20 -47.39 -28.76
CA ARG D 990 22.65 -47.37 -29.04
C ARG D 990 23.26 -48.78 -29.10
N HIS D 991 22.70 -49.77 -28.41
CA HIS D 991 23.36 -51.11 -28.37
C HIS D 991 23.18 -51.83 -29.72
N LEU D 992 22.27 -51.36 -30.58
CA LEU D 992 21.97 -51.98 -31.89
C LEU D 992 22.81 -51.37 -33.02
N LEU D 993 23.65 -50.35 -32.74
CA LEU D 993 24.54 -49.77 -33.75
C LEU D 993 25.73 -50.71 -34.00
N HIS D 994 26.10 -50.91 -35.26
CA HIS D 994 27.34 -51.65 -35.60
C HIS D 994 28.27 -50.75 -36.43
N ALA D 995 29.55 -50.77 -36.08
CA ALA D 995 30.61 -50.05 -36.80
C ALA D 995 30.65 -50.51 -38.27
N GLU D 996 30.64 -49.53 -39.17
CA GLU D 996 30.71 -49.74 -40.63
C GLU D 996 32.18 -49.86 -41.03
N GLU D 997 32.44 -50.30 -42.26
CA GLU D 997 33.81 -50.35 -42.82
C GLU D 997 34.33 -48.91 -42.98
N GLY D 998 35.56 -48.62 -42.58
CA GLY D 998 36.09 -47.28 -42.78
C GLY D 998 35.48 -46.26 -41.81
N THR D 999 35.67 -44.97 -42.12
CA THR D 999 35.26 -43.89 -41.24
C THR D 999 34.39 -42.88 -42.01
N TRP D 1000 33.27 -42.50 -41.44
CA TRP D 1000 32.44 -41.45 -42.04
C TRP D 1000 32.94 -40.07 -41.60
N LEU D 1001 33.17 -39.20 -42.57
CA LEU D 1001 33.55 -37.84 -42.26
C LEU D 1001 32.43 -36.91 -42.76
N ASN D 1002 31.92 -36.03 -41.91
CA ASN D 1002 31.04 -34.97 -42.36
C ASN D 1002 31.79 -33.64 -42.17
N ILE D 1003 32.00 -32.85 -43.23
CA ILE D 1003 32.66 -31.53 -43.08
C ILE D 1003 31.67 -30.44 -43.46
N ASP D 1004 31.36 -29.54 -42.57
CA ASP D 1004 30.30 -28.57 -42.85
C ASP D 1004 30.89 -27.18 -42.95
N GLY D 1005 30.45 -26.42 -43.93
CA GLY D 1005 30.65 -25.01 -43.85
C GLY D 1005 29.68 -24.37 -42.85
N PHE D 1006 28.46 -24.92 -42.70
CA PHE D 1006 27.42 -24.27 -41.87
C PHE D 1006 26.55 -25.35 -41.22
N HIS D 1007 26.09 -25.10 -40.01
CA HIS D 1007 25.31 -26.11 -39.27
C HIS D 1007 24.24 -25.40 -38.46
N MET D 1008 23.01 -25.89 -38.45
CA MET D 1008 21.90 -25.27 -37.68
C MET D 1008 22.13 -25.47 -36.16
N GLY D 1009 21.59 -24.60 -35.30
CA GLY D 1009 21.60 -24.84 -33.84
C GLY D 1009 20.80 -26.08 -33.45
N ILE D 1010 20.83 -26.40 -32.16
CA ILE D 1010 20.22 -27.64 -31.67
C ILE D 1010 18.99 -27.31 -30.80
N GLY D 1011 18.85 -26.07 -30.33
CA GLY D 1011 17.67 -25.69 -29.53
C GLY D 1011 17.67 -26.33 -28.14
N GLY D 1012 16.51 -26.32 -27.50
CA GLY D 1012 16.36 -26.97 -26.21
C GLY D 1012 15.81 -26.07 -25.12
N ASP D 1013 15.20 -24.92 -25.50
CA ASP D 1013 14.29 -24.22 -24.58
C ASP D 1013 13.15 -25.13 -24.16
N ASP D 1014 12.62 -25.93 -25.09
CA ASP D 1014 11.90 -27.15 -24.74
C ASP D 1014 12.11 -28.19 -25.83
N SER D 1015 11.51 -29.38 -25.71
CA SER D 1015 11.76 -30.43 -26.70
C SER D 1015 10.46 -30.85 -27.40
N TRP D 1016 9.37 -30.07 -27.32
CA TRP D 1016 8.09 -30.52 -27.89
C TRP D 1016 7.48 -29.41 -28.77
N SER D 1017 8.29 -28.44 -29.12
CA SER D 1017 7.92 -27.35 -30.01
C SER D 1017 9.22 -26.77 -30.57
N PRO D 1018 9.22 -26.20 -31.79
CA PRO D 1018 10.47 -25.68 -32.42
C PRO D 1018 11.18 -24.68 -31.49
N SER D 1019 12.47 -24.87 -31.23
CA SER D 1019 13.10 -24.06 -30.18
C SER D 1019 14.41 -23.44 -30.66
N VAL D 1020 14.77 -23.62 -31.93
CA VAL D 1020 15.99 -22.98 -32.44
C VAL D 1020 15.68 -21.49 -32.71
N SER D 1021 16.47 -20.62 -32.13
CA SER D 1021 16.34 -19.16 -32.32
C SER D 1021 16.76 -18.77 -33.74
N ALA D 1022 16.13 -17.73 -34.29
CA ALA D 1022 16.33 -17.25 -35.68
C ALA D 1022 17.80 -16.97 -36.05
N GLU D 1023 18.67 -16.56 -35.12
CA GLU D 1023 20.10 -16.36 -35.45
C GLU D 1023 20.87 -17.69 -35.60
N PHE D 1024 20.28 -18.83 -35.28
CA PHE D 1024 20.98 -20.10 -35.51
C PHE D 1024 20.32 -20.92 -36.63
N GLN D 1025 19.38 -20.36 -37.38
CA GLN D 1025 18.79 -21.05 -38.51
C GLN D 1025 19.58 -20.69 -39.77
N LEU D 1026 19.69 -21.63 -40.73
CA LEU D 1026 20.41 -21.32 -41.97
C LEU D 1026 19.42 -20.67 -42.95
N SER D 1027 19.23 -19.35 -42.80
CA SER D 1027 18.15 -18.66 -43.56
C SER D 1027 18.70 -17.66 -44.59
N ALA D 1028 20.00 -17.64 -44.85
CA ALA D 1028 20.63 -16.59 -45.65
C ALA D 1028 20.30 -16.74 -47.15
N GLY D 1029 19.96 -17.95 -47.62
CA GLY D 1029 19.63 -18.14 -49.04
C GLY D 1029 20.84 -18.50 -49.89
N ARG D 1030 22.01 -17.89 -49.63
CA ARG D 1030 23.26 -18.19 -50.38
C ARG D 1030 24.41 -18.39 -49.40
N TYR D 1031 25.29 -19.35 -49.70
CA TYR D 1031 26.33 -19.80 -48.78
C TYR D 1031 27.61 -20.10 -49.55
N HIS D 1032 28.75 -19.76 -48.99
CA HIS D 1032 30.02 -20.01 -49.61
C HIS D 1032 30.95 -20.65 -48.58
N TYR D 1033 31.80 -21.61 -48.95
CA TYR D 1033 32.87 -22.01 -48.03
C TYR D 1033 33.97 -22.67 -48.86
N GLN D 1034 35.16 -22.82 -48.29
CA GLN D 1034 36.23 -23.48 -49.04
C GLN D 1034 37.07 -24.38 -48.13
N LEU D 1035 37.61 -25.45 -48.72
CA LEU D 1035 38.45 -26.44 -48.03
C LEU D 1035 39.73 -26.65 -48.84
N VAL D 1036 40.80 -27.01 -48.17
CA VAL D 1036 41.94 -27.61 -48.84
C VAL D 1036 42.08 -29.04 -48.31
N TRP D 1037 42.22 -30.00 -49.21
CA TRP D 1037 42.46 -31.39 -48.87
C TRP D 1037 43.86 -31.77 -49.33
N CYS D 1038 44.78 -32.08 -48.41
CA CYS D 1038 46.16 -32.50 -48.80
C CYS D 1038 46.60 -33.75 -48.03
N GLN D 1039 47.79 -34.27 -48.33
CA GLN D 1039 48.34 -35.49 -47.68
C GLN D 1039 49.61 -35.15 -46.88
N LYS D 1040 49.43 -35.01 -45.57
CA LYS D 1040 50.50 -34.77 -44.62
C LYS D 1040 51.16 -36.12 -44.24
#